data_2HU0
#
_entry.id   2HU0
#
_cell.length_a   198.083
_cell.length_b   200.576
_cell.length_c   210.417
_cell.angle_alpha   90.00
_cell.angle_beta   90.00
_cell.angle_gamma   90.00
#
_symmetry.space_group_name_H-M   'C 2 2 21'
#
loop_
_entity.id
_entity.type
_entity.pdbx_description
1 polymer Neuraminidase
2 non-polymer '(3R,4R,5S)-4-(acetylamino)-5-amino-3-(pentan-3-yloxy)cyclohex-1-ene-1-carboxylic acid'
#
_entity_poly.entity_id   1
_entity_poly.type   'polypeptide(L)'
_entity_poly.pdbx_seq_one_letter_code
;VKLAGNSSLCPINGWAVYSKDNSIRIGSKGDVFVIREPFISCSHLECRTFFLTQGALLNDKHSNGTVKDRSPHRTLMSCP
VGEAPSPYNSRFESVAWSASACHDGTSWLTIGISGPDNGAVAVLKYNGIITDTIKSWRNNILRTQESECACVNGSCFTVM
TDGPSNGQASYKIFKMEKGKVVKSVELDAPNYHYEECSCYPNAGEITCVCRDNWHGSNRPWVSFNQNLEYQIGYICSGVF
GDNPRPNDGTGSCGPVSSNGAYGVKGFSFKYGNGVWIGRTKSTNSRSGFEMIWDPNGWTETDSSFSVKQDIVAITDWSGY
SGSFVQHPELTGLDCIRPCFWVELIRGRPKESTIWTSGSSISFCGVNSDTVGWSWPDGAELPFTIDK
;
_entity_poly.pdbx_strand_id   A,B,C,D,E,F,G,H
#
loop_
_chem_comp.id
_chem_comp.type
_chem_comp.name
_chem_comp.formula
G39 non-polymer '(3R,4R,5S)-4-(acetylamino)-5-amino-3-(pentan-3-yloxy)cyclohex-1-ene-1-carboxylic acid' 'C14 H24 N2 O4'
#
# COMPACT_ATOMS: atom_id res chain seq x y z
N VAL A 1 -63.39 36.49 -53.81
CA VAL A 1 -63.61 36.87 -55.27
C VAL A 1 -64.87 36.28 -55.98
N LYS A 2 -65.70 37.12 -56.60
CA LYS A 2 -66.89 36.60 -57.27
C LYS A 2 -66.62 35.45 -58.26
N LEU A 3 -67.55 34.52 -58.37
CA LEU A 3 -67.50 33.37 -59.26
C LEU A 3 -67.86 33.75 -60.68
N ALA A 4 -66.91 33.56 -61.58
CA ALA A 4 -67.11 33.90 -62.98
C ALA A 4 -67.81 32.71 -63.56
N GLY A 5 -68.89 32.99 -64.26
CA GLY A 5 -69.58 31.85 -64.89
C GLY A 5 -69.42 31.92 -66.39
N ASN A 6 -68.22 32.31 -66.83
CA ASN A 6 -68.04 32.55 -68.23
C ASN A 6 -67.64 31.28 -69.00
N SER A 7 -67.02 30.29 -68.33
CA SER A 7 -66.67 29.05 -69.03
C SER A 7 -67.94 28.25 -69.43
N SER A 8 -67.79 27.16 -70.20
CA SER A 8 -68.91 26.24 -70.53
C SER A 8 -68.89 24.87 -69.87
N LEU A 9 -69.97 24.11 -69.95
CA LEU A 9 -69.95 22.82 -69.30
C LEU A 9 -68.81 22.01 -69.89
N CYS A 10 -68.07 21.34 -69.02
CA CYS A 10 -66.98 20.42 -69.39
C CYS A 10 -67.53 19.31 -70.22
N PRO A 11 -66.84 18.95 -71.32
CA PRO A 11 -67.25 17.78 -72.18
C PRO A 11 -67.26 16.53 -71.29
N ILE A 12 -68.24 15.64 -71.41
CA ILE A 12 -68.20 14.43 -70.55
C ILE A 12 -68.66 13.16 -71.27
N ASN A 13 -68.12 12.03 -70.82
CA ASN A 13 -68.48 10.74 -71.39
C ASN A 13 -69.39 9.95 -70.46
N GLY A 14 -69.23 10.14 -69.13
CA GLY A 14 -70.15 9.44 -68.23
C GLY A 14 -70.21 10.04 -66.82
N TRP A 15 -70.82 9.36 -65.83
CA TRP A 15 -70.91 10.00 -64.52
C TRP A 15 -70.28 9.11 -63.39
N ALA A 16 -69.36 9.66 -62.60
CA ALA A 16 -68.73 8.89 -61.58
C ALA A 16 -69.40 9.19 -60.21
N VAL A 17 -69.54 8.17 -59.36
CA VAL A 17 -70.17 8.48 -58.08
C VAL A 17 -69.34 9.46 -57.33
N TYR A 18 -70.04 10.36 -56.67
CA TYR A 18 -69.38 11.38 -55.92
C TYR A 18 -69.70 11.17 -54.46
N SER A 19 -70.94 10.86 -54.14
CA SER A 19 -71.23 10.70 -52.72
C SER A 19 -72.49 9.83 -52.45
N LYS A 20 -72.64 9.40 -51.20
CA LYS A 20 -73.79 8.63 -50.75
C LYS A 20 -73.83 8.73 -49.24
N ASP A 21 -74.86 9.34 -48.70
CA ASP A 21 -74.94 9.61 -47.29
C ASP A 21 -75.48 8.45 -46.43
N ASN A 22 -76.13 7.46 -47.08
CA ASN A 22 -76.63 6.29 -46.31
C ASN A 22 -77.51 6.70 -45.13
N SER A 23 -77.98 7.95 -45.16
CA SER A 23 -78.77 8.49 -44.04
C SER A 23 -79.86 7.59 -43.45
N ILE A 24 -80.65 6.96 -44.29
CA ILE A 24 -81.72 6.16 -43.80
C ILE A 24 -81.28 4.86 -43.12
N ARG A 25 -80.26 4.22 -43.67
CA ARG A 25 -79.72 3.06 -42.95
C ARG A 25 -79.17 3.48 -41.56
N ILE A 26 -78.38 4.56 -41.50
CA ILE A 26 -77.73 5.07 -40.30
C ILE A 26 -78.84 5.55 -39.39
N GLY A 27 -79.89 6.06 -40.01
CA GLY A 27 -80.98 6.58 -39.25
C GLY A 27 -81.72 5.57 -38.38
N SER A 28 -81.51 4.30 -38.69
CA SER A 28 -82.19 3.23 -38.00
C SER A 28 -81.84 3.34 -36.52
N LYS A 29 -80.62 3.77 -36.21
CA LYS A 29 -80.25 3.91 -34.81
C LYS A 29 -79.72 5.33 -34.57
N GLY A 30 -78.92 5.83 -35.50
CA GLY A 30 -78.40 7.18 -35.36
C GLY A 30 -79.46 8.26 -35.26
N ASP A 31 -79.01 9.50 -34.99
CA ASP A 31 -79.92 10.61 -34.86
C ASP A 31 -79.93 11.32 -36.17
N VAL A 32 -80.63 10.75 -37.11
CA VAL A 32 -80.63 11.39 -38.43
C VAL A 32 -81.96 12.06 -38.75
N PHE A 33 -81.93 13.23 -39.40
CA PHE A 33 -83.18 13.92 -39.68
C PHE A 33 -83.96 13.16 -40.72
N VAL A 34 -85.27 13.15 -40.63
CA VAL A 34 -86.06 12.65 -41.75
C VAL A 34 -86.11 13.83 -42.69
N ILE A 35 -85.67 13.62 -43.96
CA ILE A 35 -85.62 14.72 -44.95
C ILE A 35 -86.22 14.53 -46.31
N ARG A 36 -86.26 15.61 -47.07
CA ARG A 36 -86.68 15.59 -48.45
C ARG A 36 -85.76 16.55 -49.27
N GLU A 37 -85.65 16.30 -50.58
CA GLU A 37 -84.89 17.07 -51.47
C GLU A 37 -83.57 17.52 -50.91
N PRO A 38 -82.62 16.58 -50.81
CA PRO A 38 -81.29 16.93 -50.36
C PRO A 38 -80.51 17.34 -51.58
N PHE A 39 -80.64 18.57 -52.05
CA PHE A 39 -79.83 18.95 -53.20
C PHE A 39 -78.46 19.42 -52.74
N ILE A 40 -77.50 19.22 -53.62
CA ILE A 40 -76.12 19.67 -53.40
C ILE A 40 -75.90 21.01 -54.08
N SER A 41 -74.96 21.74 -53.52
CA SER A 41 -74.52 23.01 -54.02
C SER A 41 -73.11 23.25 -53.46
N CYS A 42 -72.25 23.90 -54.25
CA CYS A 42 -70.85 24.12 -53.89
C CYS A 42 -70.46 25.58 -53.93
N SER A 43 -69.36 25.86 -53.25
CA SER A 43 -68.83 27.20 -53.15
C SER A 43 -67.45 27.15 -53.77
N HIS A 44 -66.57 28.07 -53.46
CA HIS A 44 -65.28 28.03 -54.17
C HIS A 44 -64.38 27.10 -53.37
N LEU A 45 -64.88 26.62 -52.22
CA LEU A 45 -64.10 25.76 -51.35
C LEU A 45 -64.60 24.37 -51.00
N GLU A 46 -65.92 24.18 -50.99
CA GLU A 46 -66.52 22.94 -50.53
C GLU A 46 -67.93 22.78 -51.13
N CYS A 47 -68.53 21.58 -50.91
CA CYS A 47 -69.88 21.30 -51.31
C CYS A 47 -70.67 20.84 -50.14
N ARG A 48 -71.92 21.25 -50.09
CA ARG A 48 -72.73 20.92 -48.98
C ARG A 48 -74.03 20.42 -49.53
N THR A 49 -74.74 19.65 -48.71
CA THR A 49 -75.98 19.07 -49.06
C THR A 49 -76.95 19.89 -48.27
N PHE A 50 -77.93 20.44 -48.96
CA PHE A 50 -79.06 21.18 -48.35
C PHE A 50 -80.23 20.24 -48.35
N PHE A 51 -81.08 20.38 -47.34
CA PHE A 51 -82.26 19.56 -47.32
C PHE A 51 -83.33 20.21 -46.48
N LEU A 52 -84.54 19.67 -46.54
CA LEU A 52 -85.60 20.23 -45.73
C LEU A 52 -86.03 19.22 -44.66
N THR A 53 -86.27 19.66 -43.44
CA THR A 53 -86.76 18.72 -42.42
C THR A 53 -88.01 19.16 -41.78
N GLN A 54 -88.76 18.19 -41.36
CA GLN A 54 -89.96 18.46 -40.61
C GLN A 54 -89.58 18.68 -39.13
N GLY A 55 -88.28 18.53 -38.81
CA GLY A 55 -87.83 18.73 -37.46
C GLY A 55 -88.14 17.50 -36.67
N ALA A 56 -87.84 16.34 -37.25
CA ALA A 56 -88.05 15.07 -36.57
C ALA A 56 -86.98 14.10 -36.93
N LEU A 57 -86.66 13.17 -36.03
CA LEU A 57 -85.60 12.26 -36.37
C LEU A 57 -86.17 10.92 -36.82
N LEU A 58 -85.44 10.17 -37.61
CA LEU A 58 -85.93 8.86 -38.06
C LEU A 58 -86.15 7.96 -36.86
N ASN A 59 -87.11 7.10 -37.00
CA ASN A 59 -87.44 6.11 -35.95
C ASN A 59 -88.01 6.77 -34.69
N ASP A 60 -88.58 7.96 -34.85
CA ASP A 60 -89.15 8.69 -33.73
C ASP A 60 -90.62 8.98 -34.08
N LYS A 61 -91.48 8.93 -33.06
CA LYS A 61 -92.90 9.19 -33.25
C LYS A 61 -93.16 10.46 -34.06
N HIS A 62 -92.28 11.47 -34.00
CA HIS A 62 -92.62 12.71 -34.66
C HIS A 62 -92.37 12.64 -36.15
N SER A 63 -91.77 11.57 -36.67
CA SER A 63 -91.64 11.44 -38.10
C SER A 63 -92.97 10.91 -38.65
N ASN A 64 -94.06 11.06 -37.91
CA ASN A 64 -95.39 10.66 -38.35
C ASN A 64 -95.73 11.04 -39.80
N GLY A 65 -95.15 12.09 -40.37
CA GLY A 65 -95.37 12.42 -41.80
C GLY A 65 -96.84 12.46 -42.36
N THR A 66 -97.90 12.19 -41.57
CA THR A 66 -99.27 12.64 -42.01
C THR A 66 -99.46 14.20 -42.04
N VAL A 67 -98.45 14.96 -41.59
CA VAL A 67 -98.42 16.47 -41.66
C VAL A 67 -98.44 17.03 -43.10
N LYS A 68 -99.09 18.17 -43.26
CA LYS A 68 -99.18 18.84 -44.55
C LYS A 68 -97.73 18.98 -45.15
N ASP A 69 -97.50 18.95 -46.49
CA ASP A 69 -96.09 19.09 -46.94
C ASP A 69 -95.46 20.32 -46.38
N ARG A 70 -96.22 21.38 -46.46
CA ARG A 70 -95.84 22.74 -46.03
C ARG A 70 -96.33 22.99 -44.60
N SER A 71 -95.58 22.46 -43.60
CA SER A 71 -95.93 22.72 -42.20
C SER A 71 -94.99 23.84 -41.76
N PRO A 72 -95.29 24.50 -40.64
CA PRO A 72 -94.38 25.54 -40.18
C PRO A 72 -93.15 24.98 -39.45
N HIS A 73 -92.89 23.69 -39.59
CA HIS A 73 -91.73 23.10 -38.91
C HIS A 73 -90.70 22.76 -39.93
N ARG A 74 -91.04 22.93 -41.20
CA ARG A 74 -90.14 22.49 -42.23
C ARG A 74 -89.03 23.55 -42.16
N THR A 75 -87.77 23.09 -42.12
CA THR A 75 -86.69 24.02 -42.13
C THR A 75 -85.59 23.59 -43.12
N LEU A 76 -84.82 24.56 -43.63
CA LEU A 76 -83.82 24.29 -44.58
C LEU A 76 -82.53 24.25 -43.82
N MET A 77 -81.79 23.17 -44.04
CA MET A 77 -80.50 23.01 -43.39
C MET A 77 -79.45 22.41 -44.34
N SER A 78 -78.19 22.42 -43.93
CA SER A 78 -77.16 21.81 -44.74
C SER A 78 -76.08 21.16 -43.89
N CYS A 79 -75.37 20.21 -44.47
CA CYS A 79 -74.32 19.54 -43.80
C CYS A 79 -73.35 19.14 -44.90
N PRO A 80 -72.11 18.79 -44.52
CA PRO A 80 -71.18 18.37 -45.59
C PRO A 80 -71.70 17.19 -46.44
N VAL A 81 -71.28 17.19 -47.69
CA VAL A 81 -71.77 16.18 -48.63
C VAL A 81 -71.31 14.78 -48.21
N GLY A 82 -72.28 13.85 -48.26
CA GLY A 82 -71.98 12.49 -47.87
C GLY A 82 -72.24 12.14 -46.43
N GLU A 83 -72.39 13.12 -45.56
CA GLU A 83 -72.67 12.87 -44.20
C GLU A 83 -74.17 12.70 -43.93
N ALA A 84 -74.53 11.89 -42.93
CA ALA A 84 -75.96 11.74 -42.59
C ALA A 84 -76.36 13.06 -41.97
N PRO A 85 -77.47 13.68 -42.44
CA PRO A 85 -77.95 14.98 -41.84
C PRO A 85 -78.53 14.77 -40.43
N SER A 86 -77.82 15.23 -39.41
CA SER A 86 -78.25 15.06 -38.06
C SER A 86 -78.18 16.42 -37.36
N PRO A 87 -78.84 16.61 -36.26
CA PRO A 87 -78.68 17.91 -35.65
C PRO A 87 -77.34 18.09 -35.02
N TYR A 88 -76.57 17.01 -34.99
CA TYR A 88 -75.27 17.12 -34.45
C TYR A 88 -74.35 17.57 -35.51
N ASN A 89 -74.73 17.52 -36.75
CA ASN A 89 -73.77 17.88 -37.78
C ASN A 89 -74.27 18.82 -38.85
N SER A 90 -75.55 19.15 -38.82
CA SER A 90 -76.17 20.12 -39.73
C SER A 90 -76.24 21.60 -39.30
N ARG A 91 -76.17 22.48 -40.27
CA ARG A 91 -76.15 23.89 -39.98
C ARG A 91 -77.51 24.37 -40.24
N PHE A 92 -78.05 25.17 -39.32
CA PHE A 92 -79.36 25.69 -39.65
C PHE A 92 -79.26 26.73 -40.77
N GLU A 93 -80.23 26.75 -41.67
CA GLU A 93 -80.07 27.67 -42.79
C GLU A 93 -81.20 28.64 -42.83
N SER A 94 -82.41 28.07 -42.75
CA SER A 94 -83.61 28.92 -42.93
C SER A 94 -84.88 28.16 -42.59
N VAL A 95 -85.97 28.87 -42.29
CA VAL A 95 -87.28 28.21 -41.98
C VAL A 95 -88.02 28.14 -43.31
N ALA A 96 -88.29 26.95 -43.83
CA ALA A 96 -88.89 26.89 -45.13
C ALA A 96 -89.49 25.53 -45.49
N TRP A 97 -90.53 25.57 -46.28
CA TRP A 97 -91.00 24.33 -46.88
C TRP A 97 -90.74 24.30 -48.41
N SER A 98 -89.94 25.27 -48.90
CA SER A 98 -89.47 25.19 -50.26
C SER A 98 -88.24 26.09 -50.31
N ALA A 99 -87.18 25.79 -51.12
CA ALA A 99 -86.02 26.63 -51.07
C ALA A 99 -85.01 26.33 -52.13
N SER A 100 -83.94 27.14 -52.16
CA SER A 100 -82.83 26.96 -53.03
C SER A 100 -81.67 27.60 -52.27
N ALA A 101 -80.44 27.42 -52.77
CA ALA A 101 -79.25 27.97 -52.17
C ALA A 101 -78.16 27.93 -53.23
N CYS A 102 -77.25 28.88 -53.14
CA CYS A 102 -76.16 28.92 -54.07
C CYS A 102 -75.14 29.90 -53.54
N HIS A 103 -73.88 29.67 -53.88
CA HIS A 103 -72.81 30.50 -53.37
C HIS A 103 -72.27 31.30 -54.56
N ASP A 104 -71.93 32.57 -54.36
CA ASP A 104 -71.53 33.38 -55.50
C ASP A 104 -70.02 33.57 -55.59
N GLY A 105 -69.27 32.98 -54.65
CA GLY A 105 -67.78 33.16 -54.64
C GLY A 105 -67.38 33.79 -53.31
N THR A 106 -68.35 34.48 -52.69
CA THR A 106 -68.14 35.21 -51.45
C THR A 106 -68.90 34.51 -50.32
N SER A 107 -70.23 34.47 -50.45
CA SER A 107 -71.06 33.96 -49.37
C SER A 107 -72.19 33.11 -49.93
N TRP A 108 -72.89 32.42 -49.04
CA TRP A 108 -74.00 31.55 -49.47
C TRP A 108 -75.23 32.42 -49.52
N LEU A 109 -76.11 32.15 -50.50
CA LEU A 109 -77.38 32.78 -50.71
C LEU A 109 -78.31 31.71 -50.45
N THR A 110 -79.15 31.92 -49.48
CA THR A 110 -80.16 30.92 -49.27
C THR A 110 -81.52 31.52 -49.35
N ILE A 111 -82.43 30.67 -49.78
CA ILE A 111 -83.78 31.17 -50.06
C ILE A 111 -84.75 30.19 -49.53
N GLY A 112 -85.53 30.58 -48.55
CA GLY A 112 -86.43 29.66 -47.89
C GLY A 112 -87.83 30.29 -47.84
N ILE A 113 -88.82 29.57 -48.27
CA ILE A 113 -90.16 30.09 -48.27
C ILE A 113 -90.95 29.42 -47.14
N SER A 114 -91.73 30.16 -46.40
CA SER A 114 -92.58 29.58 -45.33
C SER A 114 -93.86 30.43 -45.38
N GLY A 115 -94.82 30.18 -44.47
CA GLY A 115 -96.00 31.04 -44.49
C GLY A 115 -97.15 30.23 -45.01
N PRO A 116 -98.36 30.79 -44.93
CA PRO A 116 -99.57 30.16 -45.47
C PRO A 116 -99.57 30.11 -47.00
N ASP A 117 -100.38 29.20 -47.55
CA ASP A 117 -100.45 29.05 -48.97
C ASP A 117 -101.00 30.27 -49.64
N ASN A 118 -101.85 31.05 -49.01
CA ASN A 118 -102.35 32.27 -49.67
C ASN A 118 -101.45 33.52 -49.50
N GLY A 119 -100.21 33.32 -49.06
CA GLY A 119 -99.24 34.44 -49.13
C GLY A 119 -97.88 34.11 -48.54
N ALA A 120 -97.28 33.00 -49.02
CA ALA A 120 -96.01 32.52 -48.55
C ALA A 120 -95.04 33.67 -48.85
N VAL A 121 -94.03 33.81 -47.98
CA VAL A 121 -92.99 34.80 -48.16
C VAL A 121 -91.58 34.18 -48.28
N ALA A 122 -90.86 34.51 -49.33
CA ALA A 122 -89.53 33.94 -49.48
C ALA A 122 -88.57 34.87 -48.76
N VAL A 123 -87.80 34.31 -47.81
CA VAL A 123 -86.87 35.11 -47.09
C VAL A 123 -85.52 34.78 -47.68
N LEU A 124 -84.85 35.80 -48.21
CA LEU A 124 -83.53 35.58 -48.79
C LEU A 124 -82.48 35.92 -47.74
N LYS A 125 -81.48 35.07 -47.56
CA LYS A 125 -80.38 35.39 -46.66
C LYS A 125 -79.03 35.35 -47.36
N TYR A 126 -78.12 36.25 -46.99
CA TYR A 126 -76.79 36.34 -47.52
C TYR A 126 -75.92 36.23 -46.27
N ASN A 127 -75.12 35.17 -46.27
CA ASN A 127 -74.18 34.79 -45.22
C ASN A 127 -74.92 34.68 -43.91
N GLY A 128 -76.11 34.11 -43.96
CA GLY A 128 -76.89 33.91 -42.71
C GLY A 128 -77.79 35.08 -42.30
N ILE A 129 -77.63 36.25 -42.96
CA ILE A 129 -78.42 37.40 -42.57
C ILE A 129 -79.41 37.75 -43.70
N ILE A 130 -80.65 37.94 -43.28
CA ILE A 130 -81.71 38.32 -44.18
C ILE A 130 -81.39 39.57 -44.99
N THR A 131 -81.47 39.47 -46.32
CA THR A 131 -81.15 40.57 -47.20
C THR A 131 -82.33 41.03 -48.10
N ASP A 132 -83.36 40.19 -48.21
CA ASP A 132 -84.52 40.55 -49.05
C ASP A 132 -85.65 39.62 -48.68
N THR A 133 -86.85 40.00 -49.08
CA THR A 133 -88.09 39.25 -48.89
C THR A 133 -88.90 39.32 -50.17
N ILE A 134 -89.38 38.15 -50.62
CA ILE A 134 -90.29 38.15 -51.80
C ILE A 134 -91.66 37.57 -51.45
N LYS A 135 -92.73 38.32 -51.65
CA LYS A 135 -94.11 37.83 -51.33
C LYS A 135 -94.75 37.16 -52.51
N SER A 136 -95.65 36.25 -52.23
CA SER A 136 -96.46 35.53 -53.24
C SER A 136 -97.12 36.61 -54.03
N TRP A 137 -97.25 36.45 -55.33
CA TRP A 137 -97.92 37.50 -56.12
C TRP A 137 -99.21 36.93 -56.73
N ARG A 138 -99.57 35.68 -56.35
CA ARG A 138 -100.84 35.03 -56.76
C ARG A 138 -101.58 34.48 -55.57
N ASN A 139 -100.88 34.45 -54.44
CA ASN A 139 -101.40 33.93 -53.23
C ASN A 139 -101.87 32.48 -53.44
N ASN A 140 -101.00 31.67 -54.03
CA ASN A 140 -101.33 30.28 -54.22
C ASN A 140 -100.05 29.47 -54.24
N ILE A 141 -99.51 29.22 -53.05
CA ILE A 141 -98.34 28.43 -52.86
C ILE A 141 -97.13 28.83 -53.62
N LEU A 142 -96.50 29.90 -53.19
CA LEU A 142 -95.34 30.38 -53.91
C LEU A 142 -94.26 29.33 -53.63
N ARG A 143 -93.53 28.95 -54.67
CA ARG A 143 -92.56 27.89 -54.51
C ARG A 143 -91.35 28.12 -55.41
N THR A 144 -90.23 27.45 -55.09
CA THR A 144 -89.03 27.57 -55.90
C THR A 144 -88.39 26.21 -56.25
N GLN A 145 -87.17 26.29 -56.76
CA GLN A 145 -86.36 25.17 -57.24
C GLN A 145 -86.28 23.88 -56.42
N GLU A 146 -85.99 23.99 -55.14
CA GLU A 146 -85.74 22.77 -54.35
C GLU A 146 -84.38 22.24 -54.78
N SER A 147 -83.55 23.18 -55.25
CA SER A 147 -82.19 22.88 -55.66
C SER A 147 -81.30 24.11 -55.84
N GLU A 148 -79.99 23.88 -55.98
CA GLU A 148 -78.96 24.87 -56.17
C GLU A 148 -79.46 25.96 -57.17
N CYS A 149 -79.25 27.24 -56.83
CA CYS A 149 -79.50 28.29 -57.84
C CYS A 149 -78.22 28.47 -58.58
N ALA A 150 -78.24 29.37 -59.58
CA ALA A 150 -77.07 29.65 -60.41
C ALA A 150 -76.51 31.07 -60.28
N CYS A 151 -75.20 31.19 -60.06
CA CYS A 151 -74.54 32.51 -59.97
C CYS A 151 -73.58 32.75 -61.13
N VAL A 152 -73.45 34.02 -61.57
CA VAL A 152 -72.57 34.35 -62.68
C VAL A 152 -72.12 35.77 -62.54
N ASN A 153 -70.82 36.02 -62.65
CA ASN A 153 -70.37 37.41 -62.60
C ASN A 153 -70.86 38.09 -61.31
N GLY A 154 -71.02 37.40 -60.17
CA GLY A 154 -71.49 38.06 -58.95
C GLY A 154 -72.99 38.27 -58.84
N SER A 155 -73.81 37.61 -59.65
CA SER A 155 -75.25 37.81 -59.59
C SER A 155 -75.79 36.39 -59.54
N CYS A 156 -76.82 36.16 -58.72
CA CYS A 156 -77.38 34.82 -58.69
C CYS A 156 -78.84 34.81 -59.23
N PHE A 157 -79.33 33.65 -59.72
CA PHE A 157 -80.61 33.66 -60.36
C PHE A 157 -81.39 32.48 -59.89
N THR A 158 -82.72 32.60 -59.90
CA THR A 158 -83.56 31.52 -59.47
C THR A 158 -84.91 31.73 -60.17
N VAL A 159 -85.72 30.71 -60.13
CA VAL A 159 -87.05 30.77 -60.74
C VAL A 159 -88.07 30.38 -59.71
N MET A 160 -89.16 31.14 -59.60
CA MET A 160 -90.22 30.87 -58.62
C MET A 160 -91.53 30.78 -59.33
N THR A 161 -92.49 30.05 -58.79
CA THR A 161 -93.77 29.86 -59.42
C THR A 161 -94.78 30.23 -58.34
N ASP A 162 -95.88 30.76 -58.84
CA ASP A 162 -97.00 31.12 -57.99
C ASP A 162 -98.21 30.83 -58.86
N GLY A 163 -99.21 30.15 -58.28
CA GLY A 163 -100.41 29.84 -59.01
C GLY A 163 -100.61 28.35 -58.90
N PRO A 164 -101.62 27.84 -59.62
CA PRO A 164 -101.92 26.37 -59.52
C PRO A 164 -100.83 25.33 -59.98
N SER A 165 -100.89 24.14 -59.43
CA SER A 165 -99.97 23.09 -59.83
C SER A 165 -100.69 22.25 -60.89
N ASN A 166 -101.96 22.57 -61.15
CA ASN A 166 -102.71 22.04 -62.35
C ASN A 166 -102.49 23.10 -63.44
N GLY A 167 -103.57 23.64 -64.01
CA GLY A 167 -103.45 24.60 -65.11
C GLY A 167 -102.39 25.69 -65.03
N GLN A 168 -102.51 26.66 -65.95
CA GLN A 168 -101.54 27.80 -66.09
C GLN A 168 -101.17 28.37 -64.74
N ALA A 169 -99.92 28.79 -64.58
CA ALA A 169 -99.42 29.32 -63.29
C ALA A 169 -98.60 30.51 -63.71
N SER A 170 -97.98 31.21 -62.76
CA SER A 170 -97.14 32.35 -63.07
C SER A 170 -95.72 31.98 -62.68
N TYR A 171 -94.81 32.28 -63.58
CA TYR A 171 -93.42 31.95 -63.43
C TYR A 171 -92.59 33.23 -63.50
N LYS A 172 -91.66 33.38 -62.56
CA LYS A 172 -90.77 34.51 -62.62
C LYS A 172 -89.32 34.13 -62.45
N ILE A 173 -88.43 34.88 -63.06
CA ILE A 173 -87.02 34.62 -62.90
C ILE A 173 -86.45 35.77 -62.08
N PHE A 174 -85.74 35.43 -61.02
CA PHE A 174 -85.13 36.45 -60.21
C PHE A 174 -83.66 36.56 -60.31
N LYS A 175 -83.21 37.80 -60.22
CA LYS A 175 -81.79 38.12 -60.27
C LYS A 175 -81.46 38.88 -59.03
N MET A 176 -80.53 38.33 -58.25
CA MET A 176 -80.11 39.03 -57.07
C MET A 176 -78.60 39.10 -56.94
N GLU A 177 -78.18 40.13 -56.20
CA GLU A 177 -76.77 40.36 -55.95
C GLU A 177 -76.65 40.59 -54.46
N LYS A 178 -75.87 39.76 -53.75
CA LYS A 178 -75.70 39.91 -52.31
C LYS A 178 -76.99 39.76 -51.61
N GLY A 179 -77.79 38.83 -52.08
CA GLY A 179 -79.05 38.51 -51.44
C GLY A 179 -80.21 39.44 -51.69
N LYS A 180 -80.10 40.36 -52.67
CA LYS A 180 -81.13 41.36 -52.89
C LYS A 180 -81.64 41.26 -54.29
N VAL A 181 -82.96 41.26 -54.45
CA VAL A 181 -83.45 41.19 -55.82
C VAL A 181 -83.07 42.46 -56.55
N VAL A 182 -82.40 42.39 -57.70
CA VAL A 182 -82.07 43.66 -58.37
C VAL A 182 -82.92 43.70 -59.68
N LYS A 183 -83.48 42.55 -60.13
CA LYS A 183 -84.32 42.49 -61.29
C LYS A 183 -85.11 41.21 -61.29
N SER A 184 -86.37 41.27 -61.75
CA SER A 184 -87.19 40.07 -61.84
C SER A 184 -88.00 40.19 -63.17
N VAL A 185 -88.38 39.09 -63.80
CA VAL A 185 -89.17 39.13 -65.02
C VAL A 185 -90.21 38.02 -64.95
N GLU A 186 -91.44 38.31 -65.39
CA GLU A 186 -92.44 37.25 -65.40
C GLU A 186 -92.35 36.63 -66.75
N LEU A 187 -92.28 35.32 -66.82
CA LEU A 187 -92.18 34.71 -68.12
C LEU A 187 -93.55 34.73 -68.80
N ASP A 188 -93.53 35.11 -70.06
CA ASP A 188 -94.74 35.03 -70.88
C ASP A 188 -94.76 33.61 -71.48
N ALA A 189 -95.35 32.68 -70.72
CA ALA A 189 -95.24 31.32 -71.08
C ALA A 189 -96.57 30.59 -71.07
N PRO A 190 -97.51 31.14 -71.83
CA PRO A 190 -98.81 30.52 -71.89
C PRO A 190 -98.65 29.08 -72.39
N ASN A 191 -99.40 28.14 -71.80
CA ASN A 191 -99.40 26.70 -72.12
C ASN A 191 -98.23 25.94 -71.44
N TYR A 192 -97.30 26.70 -70.79
CA TYR A 192 -96.14 26.13 -70.13
C TYR A 192 -96.42 25.93 -68.62
N HIS A 193 -95.66 25.06 -67.96
CA HIS A 193 -95.76 24.90 -66.49
C HIS A 193 -94.36 24.61 -65.99
N TYR A 194 -93.89 25.52 -65.16
CA TYR A 194 -92.59 25.38 -64.57
C TYR A 194 -92.64 25.16 -63.04
N GLU A 195 -91.95 24.14 -62.50
CA GLU A 195 -91.84 23.86 -61.07
C GLU A 195 -90.55 23.15 -60.76
N GLU A 196 -89.99 23.41 -59.56
CA GLU A 196 -88.73 22.78 -59.12
C GLU A 196 -87.63 22.78 -60.17
N CYS A 197 -87.33 23.96 -60.70
CA CYS A 197 -86.33 24.14 -61.76
C CYS A 197 -84.91 23.72 -61.34
N SER A 198 -84.24 22.99 -62.21
CA SER A 198 -82.88 22.63 -61.96
C SER A 198 -82.07 23.55 -62.84
N CYS A 199 -81.45 24.58 -62.30
CA CYS A 199 -80.68 25.53 -63.10
C CYS A 199 -79.19 25.41 -62.95
N TYR A 200 -78.46 25.84 -63.98
CA TYR A 200 -77.03 25.75 -64.00
C TYR A 200 -76.48 26.83 -64.92
N PRO A 201 -75.28 27.34 -64.58
CA PRO A 201 -74.70 28.34 -65.47
C PRO A 201 -73.96 27.68 -66.63
N ASN A 202 -73.97 28.33 -67.80
CA ASN A 202 -73.23 27.90 -68.98
C ASN A 202 -72.86 29.12 -69.79
N ALA A 203 -71.58 29.40 -69.92
CA ALA A 203 -71.14 30.51 -70.73
C ALA A 203 -71.80 31.85 -70.43
N GLY A 204 -71.85 32.22 -69.15
CA GLY A 204 -72.50 33.49 -68.79
C GLY A 204 -74.03 33.51 -68.79
N GLU A 205 -74.67 32.38 -69.03
CA GLU A 205 -76.11 32.37 -69.06
C GLU A 205 -76.63 31.19 -68.22
N ILE A 206 -77.92 31.19 -67.91
CA ILE A 206 -78.44 30.15 -67.09
C ILE A 206 -79.42 29.33 -67.92
N THR A 207 -79.45 28.02 -67.71
CA THR A 207 -80.39 27.14 -68.40
C THR A 207 -81.05 26.30 -67.32
N CYS A 208 -82.38 26.27 -67.33
CA CYS A 208 -83.05 25.53 -66.28
C CYS A 208 -83.94 24.46 -66.94
N VAL A 209 -83.93 23.26 -66.34
CA VAL A 209 -84.80 22.22 -66.83
C VAL A 209 -85.68 21.98 -65.67
N CYS A 210 -86.95 22.09 -65.90
CA CYS A 210 -87.88 21.98 -64.79
C CYS A 210 -88.92 20.82 -64.84
N ARG A 211 -89.92 20.95 -64.00
CA ARG A 211 -90.94 19.96 -63.91
C ARG A 211 -92.30 20.56 -64.33
N ASP A 212 -92.99 19.91 -65.27
CA ASP A 212 -94.33 20.35 -65.68
C ASP A 212 -95.29 19.39 -65.01
N ASN A 213 -95.91 19.89 -63.95
CA ASN A 213 -96.80 19.09 -63.12
C ASN A 213 -98.27 19.14 -63.64
N TRP A 214 -98.45 19.98 -64.60
CA TRP A 214 -99.72 20.32 -65.13
C TRP A 214 -100.13 19.39 -66.27
N HIS A 215 -99.41 19.50 -67.38
CA HIS A 215 -99.71 18.57 -68.47
C HIS A 215 -98.59 18.14 -69.42
N GLY A 216 -97.38 17.90 -68.95
CA GLY A 216 -96.29 17.46 -69.80
C GLY A 216 -95.48 16.30 -69.20
N SER A 217 -95.17 15.35 -70.08
CA SER A 217 -94.30 14.22 -69.79
C SER A 217 -92.81 14.54 -70.08
N ASN A 218 -92.55 15.53 -70.98
CA ASN A 218 -91.20 16.05 -71.25
C ASN A 218 -91.01 17.20 -70.30
N ARG A 219 -89.77 17.60 -70.10
CA ARG A 219 -89.49 18.69 -69.19
C ARG A 219 -89.41 19.97 -69.93
N PRO A 220 -90.01 21.03 -69.42
CA PRO A 220 -89.94 22.39 -70.05
C PRO A 220 -88.65 23.02 -69.67
N TRP A 221 -88.18 24.03 -70.37
CA TRP A 221 -86.96 24.69 -69.90
C TRP A 221 -86.99 26.19 -70.13
N VAL A 222 -86.06 26.91 -69.49
CA VAL A 222 -85.91 28.35 -69.67
C VAL A 222 -84.45 28.65 -69.65
N SER A 223 -84.03 29.54 -70.51
CA SER A 223 -82.67 29.99 -70.42
C SER A 223 -82.72 31.46 -70.46
N PHE A 224 -81.76 32.09 -69.81
CA PHE A 224 -81.74 33.55 -69.80
C PHE A 224 -80.37 34.17 -69.62
N ASN A 225 -80.22 35.37 -70.19
CA ASN A 225 -79.06 36.14 -70.13
C ASN A 225 -79.04 36.75 -68.75
N GLN A 226 -77.87 37.35 -68.24
CA GLN A 226 -77.79 38.10 -67.03
C GLN A 226 -78.71 39.29 -66.94
N ASN A 227 -79.43 39.66 -68.01
CA ASN A 227 -80.44 40.69 -67.92
C ASN A 227 -81.82 40.13 -67.99
N LEU A 228 -81.98 38.83 -67.74
CA LEU A 228 -83.30 38.18 -67.72
C LEU A 228 -84.01 38.18 -69.08
N GLU A 229 -83.23 38.30 -70.16
CA GLU A 229 -83.77 38.17 -71.49
C GLU A 229 -83.81 36.67 -71.65
N TYR A 230 -84.94 36.09 -72.09
CA TYR A 230 -85.04 34.65 -72.03
C TYR A 230 -85.65 33.95 -73.21
N GLN A 231 -85.61 32.63 -73.14
CA GLN A 231 -86.12 31.73 -74.13
C GLN A 231 -86.71 30.59 -73.40
N ILE A 232 -87.71 29.99 -73.98
CA ILE A 232 -88.28 28.89 -73.38
C ILE A 232 -88.67 27.81 -74.37
N GLY A 233 -89.02 26.65 -73.84
CA GLY A 233 -89.42 25.54 -74.67
C GLY A 233 -89.47 24.25 -73.87
N TYR A 234 -89.61 23.14 -74.61
CA TYR A 234 -89.69 21.84 -73.97
C TYR A 234 -88.60 20.97 -74.62
N ILE A 235 -88.01 20.03 -73.89
CA ILE A 235 -87.15 19.00 -74.45
C ILE A 235 -87.90 18.12 -75.45
N CYS A 236 -87.48 18.14 -76.71
CA CYS A 236 -88.20 17.45 -77.76
C CYS A 236 -87.96 15.94 -77.85
N SER A 237 -87.02 15.44 -77.06
CA SER A 237 -86.64 14.07 -77.21
C SER A 237 -87.81 13.18 -76.87
N GLY A 238 -87.95 12.04 -77.58
CA GLY A 238 -88.97 11.09 -77.30
C GLY A 238 -88.60 10.28 -76.09
N VAL A 239 -87.43 10.57 -75.49
CA VAL A 239 -87.01 9.91 -74.25
C VAL A 239 -87.50 10.81 -73.18
N PHE A 240 -88.79 10.64 -72.89
CA PHE A 240 -89.48 11.49 -71.93
C PHE A 240 -88.79 11.47 -70.58
N GLY A 241 -88.53 12.64 -70.02
CA GLY A 241 -87.82 12.73 -68.78
C GLY A 241 -88.58 12.87 -67.47
N ASP A 242 -89.85 13.15 -67.55
CA ASP A 242 -90.66 13.36 -66.34
C ASP A 242 -91.13 12.00 -65.86
N ASN A 243 -91.84 12.03 -64.73
CA ASN A 243 -92.41 10.85 -64.17
C ASN A 243 -93.57 11.30 -63.32
N PRO A 244 -94.75 10.73 -63.58
CA PRO A 244 -95.04 9.64 -64.60
C PRO A 244 -94.71 10.10 -66.03
N ARG A 245 -94.90 9.22 -66.99
CA ARG A 245 -94.62 9.54 -68.40
C ARG A 245 -95.10 8.34 -69.20
N PRO A 246 -95.20 8.47 -70.54
CA PRO A 246 -95.57 7.26 -71.29
C PRO A 246 -94.32 6.56 -71.76
N ASN A 247 -94.43 5.38 -72.38
CA ASN A 247 -93.23 4.74 -72.94
C ASN A 247 -92.65 5.66 -74.00
N ASP A 248 -91.34 5.59 -74.18
CA ASP A 248 -90.61 6.46 -75.10
C ASP A 248 -91.06 6.36 -76.56
N GLY A 249 -91.86 7.30 -77.08
CA GLY A 249 -92.38 7.12 -78.45
C GLY A 249 -91.89 8.32 -79.22
N THR A 250 -92.78 9.26 -79.52
CA THR A 250 -92.37 10.42 -80.30
C THR A 250 -92.66 11.65 -79.47
N GLY A 251 -91.63 12.43 -79.23
CA GLY A 251 -91.81 13.56 -78.35
C GLY A 251 -92.50 14.72 -79.06
N SER A 252 -92.15 15.94 -78.41
CA SER A 252 -92.56 17.16 -79.14
C SER A 252 -91.92 18.29 -78.39
N CYS A 253 -91.80 19.45 -79.02
CA CYS A 253 -91.21 20.60 -78.31
C CYS A 253 -92.28 21.41 -77.59
N GLY A 254 -93.50 20.82 -77.31
CA GLY A 254 -94.41 21.50 -76.38
C GLY A 254 -95.06 20.39 -75.61
N PRO A 255 -95.41 20.59 -74.35
CA PRO A 255 -95.92 19.59 -73.43
C PRO A 255 -96.54 18.34 -74.10
N VAL A 256 -95.97 17.23 -73.77
CA VAL A 256 -96.50 15.95 -74.23
C VAL A 256 -97.53 15.66 -73.16
N SER A 257 -98.81 15.53 -73.52
CA SER A 257 -99.82 15.39 -72.51
C SER A 257 -100.12 13.94 -72.15
N SER A 258 -99.75 12.95 -72.99
CA SER A 258 -99.92 11.54 -72.54
C SER A 258 -99.12 11.20 -71.32
N ASN A 259 -99.82 11.26 -70.23
CA ASN A 259 -99.42 10.60 -69.04
C ASN A 259 -98.58 11.47 -68.16
N GLY A 260 -98.39 12.70 -68.59
CA GLY A 260 -97.49 13.53 -67.83
C GLY A 260 -98.32 14.64 -67.28
N ALA A 261 -99.31 14.32 -66.46
CA ALA A 261 -99.95 15.41 -65.84
C ALA A 261 -99.67 15.38 -64.38
N TYR A 262 -98.45 15.15 -63.95
CA TYR A 262 -98.08 15.13 -62.59
C TYR A 262 -96.57 15.33 -62.71
N GLY A 263 -95.72 14.60 -61.96
CA GLY A 263 -94.29 14.76 -62.24
C GLY A 263 -93.33 14.61 -61.09
N VAL A 264 -92.07 14.94 -61.34
CA VAL A 264 -91.01 14.78 -60.34
C VAL A 264 -89.83 15.73 -60.64
N LYS A 265 -89.23 16.37 -59.63
CA LYS A 265 -88.16 17.35 -59.89
C LYS A 265 -87.07 16.54 -60.60
N GLY A 266 -86.56 17.03 -61.73
CA GLY A 266 -85.50 16.35 -62.44
C GLY A 266 -84.64 17.42 -63.09
N PHE A 267 -83.65 17.00 -63.89
CA PHE A 267 -82.69 17.90 -64.48
C PHE A 267 -82.41 17.38 -65.84
N SER A 268 -81.65 18.18 -66.60
CA SER A 268 -81.06 17.76 -67.85
C SER A 268 -79.94 18.70 -68.17
N PHE A 269 -78.91 18.22 -68.87
CA PHE A 269 -77.79 19.05 -69.27
C PHE A 269 -77.75 19.14 -70.77
N LYS A 270 -77.80 20.37 -71.28
CA LYS A 270 -77.79 20.59 -72.70
C LYS A 270 -76.42 20.77 -73.16
N TYR A 271 -76.07 20.00 -74.17
CA TYR A 271 -74.79 20.21 -74.90
C TYR A 271 -75.21 20.36 -76.36
N GLY A 272 -74.96 21.54 -76.89
CA GLY A 272 -75.29 21.77 -78.31
C GLY A 272 -76.76 21.44 -78.47
N ASN A 273 -77.03 20.55 -79.41
CA ASN A 273 -78.34 20.00 -79.64
C ASN A 273 -78.64 18.71 -78.90
N GLY A 274 -77.65 18.14 -78.20
CA GLY A 274 -77.88 16.93 -77.40
C GLY A 274 -78.28 17.21 -75.97
N VAL A 275 -78.64 16.15 -75.27
CA VAL A 275 -79.08 16.28 -73.88
C VAL A 275 -78.69 15.11 -73.00
N TRP A 276 -78.23 15.38 -71.77
CA TRP A 276 -78.08 14.26 -70.81
C TRP A 276 -79.33 14.33 -70.01
N ILE A 277 -80.19 13.36 -70.24
CA ILE A 277 -81.40 13.26 -69.49
C ILE A 277 -81.23 12.32 -68.32
N GLY A 278 -81.53 12.83 -67.13
CA GLY A 278 -81.51 12.07 -65.93
C GLY A 278 -82.97 11.74 -65.80
N ARG A 279 -83.30 10.51 -65.47
CA ARG A 279 -84.67 10.21 -65.12
C ARG A 279 -84.82 8.82 -64.49
N THR A 280 -86.06 8.47 -64.09
CA THR A 280 -86.33 7.29 -63.33
C THR A 280 -86.36 6.20 -64.35
N LYS A 281 -86.21 4.97 -63.91
CA LYS A 281 -86.26 3.84 -64.82
C LYS A 281 -87.74 3.48 -65.04
N SER A 282 -88.58 3.68 -64.08
CA SER A 282 -89.96 3.18 -64.25
C SER A 282 -90.79 4.34 -64.85
N THR A 283 -91.94 4.08 -65.48
CA THR A 283 -92.72 5.18 -66.09
C THR A 283 -93.94 5.61 -65.27
N ASN A 284 -94.18 4.87 -64.18
CA ASN A 284 -95.23 5.08 -63.22
C ASN A 284 -94.73 5.39 -61.84
N SER A 285 -93.55 4.92 -61.45
CA SER A 285 -93.10 5.12 -60.11
C SER A 285 -91.79 5.79 -60.03
N ARG A 286 -91.54 6.36 -58.85
CA ARG A 286 -90.26 6.96 -58.60
C ARG A 286 -89.31 5.83 -58.17
N SER A 287 -89.04 4.94 -59.12
CA SER A 287 -88.13 3.83 -58.95
C SER A 287 -87.06 3.77 -60.06
N GLY A 288 -85.84 3.46 -59.62
CA GLY A 288 -84.66 3.43 -60.50
C GLY A 288 -84.30 4.79 -61.03
N PHE A 289 -83.07 4.94 -61.53
CA PHE A 289 -82.69 6.20 -62.13
C PHE A 289 -81.66 5.80 -63.16
N GLU A 290 -81.52 6.64 -64.18
CA GLU A 290 -80.61 6.33 -65.28
C GLU A 290 -80.20 7.67 -65.93
N MET A 291 -79.03 7.74 -66.51
CA MET A 291 -78.62 8.87 -67.29
C MET A 291 -78.59 8.47 -68.73
N ILE A 292 -79.09 9.36 -69.55
CA ILE A 292 -79.23 9.05 -70.97
C ILE A 292 -78.73 10.13 -71.91
N TRP A 293 -77.90 9.74 -72.90
CA TRP A 293 -77.32 10.78 -73.70
C TRP A 293 -77.94 10.61 -75.07
N ASP A 294 -78.89 11.52 -75.37
CA ASP A 294 -79.55 11.57 -76.69
C ASP A 294 -78.94 12.74 -77.39
N PRO A 295 -77.92 12.51 -78.26
CA PRO A 295 -77.31 13.70 -78.93
C PRO A 295 -78.42 14.26 -79.81
N ASN A 296 -78.24 15.43 -80.39
CA ASN A 296 -79.32 15.87 -81.29
C ASN A 296 -80.75 15.31 -80.95
N GLY A 297 -81.16 15.70 -79.73
CA GLY A 297 -82.30 15.22 -78.91
C GLY A 297 -82.95 16.37 -78.07
N TRP A 298 -82.44 17.59 -78.15
CA TRP A 298 -82.95 18.67 -77.26
C TRP A 298 -83.87 19.41 -78.17
N THR A 299 -83.55 19.34 -79.47
CA THR A 299 -84.31 20.00 -80.49
C THR A 299 -85.06 19.00 -81.37
N GLU A 300 -84.71 17.72 -81.31
CA GLU A 300 -85.29 16.73 -82.19
C GLU A 300 -86.14 15.78 -81.46
N THR A 301 -87.12 15.18 -82.17
CA THR A 301 -88.04 14.21 -81.56
C THR A 301 -87.58 12.83 -81.98
N ASP A 302 -87.23 11.89 -81.08
CA ASP A 302 -86.94 10.51 -81.53
C ASP A 302 -87.17 9.67 -80.34
N SER A 303 -86.51 8.54 -80.27
CA SER A 303 -86.69 7.67 -79.13
C SER A 303 -85.32 7.18 -79.01
N SER A 304 -84.51 7.43 -80.04
CA SER A 304 -83.15 6.90 -80.08
C SER A 304 -82.17 7.85 -79.44
N PHE A 305 -81.21 7.25 -78.76
CA PHE A 305 -80.11 7.95 -78.05
C PHE A 305 -78.87 7.07 -78.16
N SER A 306 -77.69 7.56 -77.74
CA SER A 306 -76.52 6.70 -77.83
C SER A 306 -76.02 6.07 -76.56
N VAL A 307 -76.27 6.69 -75.41
CA VAL A 307 -75.79 6.00 -74.23
C VAL A 307 -76.83 5.97 -73.12
N LYS A 308 -76.70 4.88 -72.16
CA LYS A 308 -77.62 4.80 -71.06
C LYS A 308 -76.72 4.31 -69.91
N GLN A 309 -76.66 5.03 -68.80
CA GLN A 309 -75.83 4.61 -67.73
C GLN A 309 -76.79 4.40 -66.54
N ASP A 310 -76.82 3.20 -65.97
CA ASP A 310 -77.63 2.92 -64.80
C ASP A 310 -77.10 3.58 -63.51
N ILE A 311 -78.05 4.07 -62.72
CA ILE A 311 -77.70 4.63 -61.45
C ILE A 311 -78.39 3.92 -60.28
N VAL A 312 -79.68 3.66 -60.49
CA VAL A 312 -80.48 2.96 -59.50
C VAL A 312 -81.41 2.02 -60.27
N ALA A 313 -81.39 0.75 -59.86
CA ALA A 313 -82.10 -0.34 -60.52
C ALA A 313 -83.59 -0.17 -60.37
N ILE A 314 -84.33 -0.53 -61.41
CA ILE A 314 -85.79 -0.42 -61.43
C ILE A 314 -86.32 -1.02 -60.16
N THR A 315 -85.60 -1.95 -59.53
CA THR A 315 -86.11 -2.61 -58.38
C THR A 315 -86.06 -1.76 -57.13
N ASP A 316 -85.41 -0.61 -57.19
CA ASP A 316 -85.26 0.25 -55.97
C ASP A 316 -85.83 1.64 -56.12
N TRP A 317 -86.06 2.33 -55.00
CA TRP A 317 -86.77 3.55 -55.07
C TRP A 317 -85.88 4.75 -55.33
N SER A 318 -86.34 5.67 -56.18
CA SER A 318 -85.62 6.89 -56.38
C SER A 318 -86.46 8.08 -55.99
N GLY A 319 -86.43 9.21 -56.74
CA GLY A 319 -87.18 10.46 -56.32
C GLY A 319 -86.68 11.69 -56.95
N TYR A 320 -86.71 12.84 -56.26
CA TYR A 320 -86.28 14.15 -56.81
C TYR A 320 -84.85 13.92 -57.36
N SER A 321 -84.43 14.65 -58.40
CA SER A 321 -83.03 14.66 -58.73
C SER A 321 -82.79 16.10 -59.15
N GLY A 322 -81.54 16.62 -59.11
CA GLY A 322 -81.23 18.05 -59.48
C GLY A 322 -79.84 18.17 -59.90
N SER A 323 -79.47 19.27 -60.57
CA SER A 323 -78.12 19.42 -61.03
C SER A 323 -77.44 20.28 -60.00
N PHE A 324 -76.13 20.17 -59.90
CA PHE A 324 -75.35 21.18 -59.22
C PHE A 324 -74.10 21.28 -60.06
N VAL A 325 -73.38 22.36 -59.90
CA VAL A 325 -72.21 22.53 -60.68
C VAL A 325 -70.97 22.72 -59.79
N GLN A 326 -69.82 22.53 -60.41
CA GLN A 326 -68.62 22.80 -59.75
C GLN A 326 -67.88 23.75 -60.63
N HIS A 327 -67.68 24.96 -60.11
CA HIS A 327 -67.04 26.02 -60.87
C HIS A 327 -65.54 25.79 -60.84
N PRO A 328 -64.89 26.29 -61.88
CA PRO A 328 -63.45 26.23 -62.05
C PRO A 328 -62.70 26.87 -60.87
N GLU A 329 -63.34 27.82 -60.21
CA GLU A 329 -62.74 28.50 -59.10
C GLU A 329 -62.62 27.53 -57.91
N LEU A 330 -63.39 26.46 -57.94
CA LEU A 330 -63.32 25.41 -56.92
C LEU A 330 -62.43 24.32 -57.45
N THR A 331 -62.56 24.04 -58.73
CA THR A 331 -62.00 22.88 -59.39
C THR A 331 -60.61 22.96 -59.97
N GLY A 332 -60.26 24.15 -60.48
CA GLY A 332 -58.98 24.37 -61.14
C GLY A 332 -59.15 24.17 -62.62
N LEU A 333 -60.24 23.51 -62.99
CA LEU A 333 -60.59 23.25 -64.38
C LEU A 333 -60.89 24.56 -65.14
N ASP A 334 -61.06 24.46 -66.45
CA ASP A 334 -61.21 25.61 -67.32
C ASP A 334 -62.61 25.55 -67.86
N CYS A 335 -63.48 24.88 -67.11
CA CYS A 335 -64.90 24.70 -67.51
C CYS A 335 -65.77 24.36 -66.30
N ILE A 336 -67.07 24.34 -66.50
CA ILE A 336 -67.96 24.08 -65.40
C ILE A 336 -68.33 22.62 -65.34
N ARG A 337 -68.23 22.03 -64.17
CA ARG A 337 -68.55 20.65 -63.95
C ARG A 337 -70.03 20.42 -63.76
N PRO A 338 -70.61 19.60 -64.61
CA PRO A 338 -71.97 19.30 -64.40
C PRO A 338 -72.07 18.15 -63.40
N CYS A 339 -72.91 18.23 -62.38
CA CYS A 339 -73.08 17.10 -61.40
C CYS A 339 -74.62 17.00 -61.11
N PHE A 340 -75.05 15.92 -60.46
CA PHE A 340 -76.42 15.77 -60.12
C PHE A 340 -76.56 14.91 -58.92
N TRP A 341 -77.71 15.06 -58.25
CA TRP A 341 -77.94 14.29 -57.03
C TRP A 341 -79.27 13.59 -57.27
N VAL A 342 -79.48 12.49 -56.57
CA VAL A 342 -80.68 11.84 -56.67
C VAL A 342 -81.13 11.50 -55.26
N GLU A 343 -82.39 11.79 -55.02
CA GLU A 343 -82.99 11.54 -53.73
C GLU A 343 -83.61 10.11 -53.74
N LEU A 344 -83.27 9.30 -52.74
CA LEU A 344 -83.70 7.92 -52.72
C LEU A 344 -84.81 7.91 -51.67
N ILE A 345 -86.06 8.10 -52.09
CA ILE A 345 -87.20 8.09 -51.21
C ILE A 345 -87.66 6.74 -50.66
N ARG A 346 -87.74 6.67 -49.32
CA ARG A 346 -88.23 5.50 -48.62
C ARG A 346 -89.45 5.88 -47.82
N GLY A 347 -90.32 4.88 -47.66
CA GLY A 347 -91.48 4.94 -46.84
C GLY A 347 -92.71 5.31 -47.63
N ARG A 348 -93.52 6.19 -47.07
CA ARG A 348 -94.77 6.54 -47.71
C ARG A 348 -94.51 7.30 -49.00
N PRO A 349 -95.45 7.20 -49.98
CA PRO A 349 -96.71 6.42 -49.98
C PRO A 349 -96.54 4.99 -50.51
N LYS A 350 -95.37 4.64 -51.00
CA LYS A 350 -95.19 3.33 -51.66
C LYS A 350 -94.91 2.21 -50.67
N GLU A 351 -94.52 2.57 -49.44
CA GLU A 351 -94.21 1.54 -48.42
C GLU A 351 -95.09 1.66 -47.19
N SER A 352 -95.00 0.51 -46.46
CA SER A 352 -96.02 0.57 -45.38
C SER A 352 -95.41 1.03 -44.05
N THR A 353 -95.06 2.32 -43.95
CA THR A 353 -94.42 2.89 -42.77
C THR A 353 -95.31 4.06 -42.44
N ILE A 354 -94.89 4.90 -41.49
CA ILE A 354 -95.65 6.04 -41.15
C ILE A 354 -94.91 7.29 -41.51
N TRP A 355 -93.74 7.17 -42.17
CA TRP A 355 -92.90 8.33 -42.57
C TRP A 355 -92.38 8.32 -44.00
N THR A 356 -91.70 9.40 -44.41
CA THR A 356 -91.08 9.49 -45.71
C THR A 356 -89.80 10.24 -45.55
N SER A 357 -88.70 9.63 -45.93
CA SER A 357 -87.46 10.39 -45.91
C SER A 357 -86.71 9.87 -47.09
N GLY A 358 -85.62 10.50 -47.44
CA GLY A 358 -84.84 10.03 -48.55
C GLY A 358 -83.37 10.16 -48.27
N SER A 359 -82.61 9.32 -48.96
CA SER A 359 -81.16 9.33 -48.89
C SER A 359 -80.75 10.02 -50.18
N SER A 360 -79.44 10.15 -50.36
CA SER A 360 -78.92 10.94 -51.47
C SER A 360 -77.69 10.24 -51.94
N ILE A 361 -77.43 10.46 -53.24
CA ILE A 361 -76.29 9.94 -53.93
C ILE A 361 -76.08 11.06 -54.92
N SER A 362 -74.84 11.28 -55.37
CA SER A 362 -74.55 12.27 -56.36
C SER A 362 -73.44 11.76 -57.25
N PHE A 363 -73.34 12.37 -58.45
CA PHE A 363 -72.38 11.94 -59.45
C PHE A 363 -71.88 13.20 -60.09
N CYS A 364 -70.67 13.15 -60.67
CA CYS A 364 -70.14 14.30 -61.34
C CYS A 364 -69.77 13.94 -62.79
N GLY A 365 -69.73 14.96 -63.65
CA GLY A 365 -69.40 14.81 -65.03
C GLY A 365 -68.26 13.89 -65.42
N VAL A 366 -67.03 14.36 -65.63
CA VAL A 366 -65.94 13.43 -66.00
C VAL A 366 -65.62 12.98 -67.48
N ASN A 367 -64.36 13.12 -67.89
CA ASN A 367 -63.89 12.69 -69.24
C ASN A 367 -63.59 11.18 -69.24
N SER A 368 -62.92 10.69 -68.20
CA SER A 368 -62.52 9.26 -67.99
C SER A 368 -63.74 8.38 -68.10
N ASP A 369 -63.65 7.06 -67.88
CA ASP A 369 -64.94 6.36 -68.00
C ASP A 369 -65.60 5.92 -66.77
N THR A 370 -66.89 5.63 -66.85
CA THR A 370 -67.57 5.23 -65.66
C THR A 370 -68.14 3.84 -65.86
N VAL A 371 -69.11 3.48 -65.03
CA VAL A 371 -69.76 2.15 -65.09
C VAL A 371 -71.18 2.44 -64.62
N GLY A 372 -72.15 1.76 -65.20
CA GLY A 372 -73.46 1.89 -64.67
C GLY A 372 -73.56 0.87 -63.54
N TRP A 373 -74.46 1.12 -62.59
CA TRP A 373 -74.63 0.12 -61.54
C TRP A 373 -75.86 0.51 -60.76
N SER A 374 -76.00 0.08 -59.52
CA SER A 374 -77.11 0.51 -58.72
C SER A 374 -76.63 0.85 -57.29
N TRP A 375 -76.82 2.09 -56.94
CA TRP A 375 -76.48 2.58 -55.64
C TRP A 375 -77.81 2.99 -55.01
N PRO A 376 -78.61 2.02 -54.57
CA PRO A 376 -79.84 2.33 -53.88
C PRO A 376 -79.70 2.72 -52.43
N ASP A 377 -80.83 3.18 -51.88
CA ASP A 377 -80.89 3.54 -50.45
C ASP A 377 -80.40 2.43 -49.59
N GLY A 378 -80.98 1.25 -49.69
CA GLY A 378 -80.44 0.10 -48.92
C GLY A 378 -80.94 -0.13 -47.51
N ALA A 379 -81.94 0.63 -47.09
CA ALA A 379 -82.49 0.46 -45.76
C ALA A 379 -83.55 -0.65 -45.67
N GLU A 380 -83.60 -1.32 -44.52
CA GLU A 380 -84.62 -2.36 -44.35
C GLU A 380 -85.89 -1.85 -43.72
N LEU A 381 -86.98 -2.05 -44.42
CA LEU A 381 -88.20 -1.52 -43.93
C LEU A 381 -89.23 -2.62 -43.59
N PRO A 382 -90.18 -2.37 -42.70
CA PRO A 382 -90.28 -1.20 -41.89
C PRO A 382 -89.22 -1.09 -40.75
N PHE A 383 -89.24 0.08 -40.10
CA PHE A 383 -88.42 0.40 -39.00
C PHE A 383 -89.20 0.11 -37.72
N THR A 384 -88.50 0.11 -36.57
CA THR A 384 -89.16 -0.10 -35.29
C THR A 384 -90.42 0.77 -35.24
N ILE A 385 -90.57 1.66 -36.21
CA ILE A 385 -91.77 2.53 -36.44
C ILE A 385 -91.61 3.75 -35.50
N VAL B 1 -45.50 31.97 -29.65
CA VAL B 1 -44.65 32.60 -28.60
C VAL B 1 -44.76 31.94 -27.21
N LYS B 2 -43.66 31.36 -26.70
CA LYS B 2 -43.63 30.65 -25.45
C LYS B 2 -44.07 31.45 -24.24
N LEU B 3 -44.68 30.69 -23.32
CA LEU B 3 -45.36 31.15 -22.13
C LEU B 3 -44.35 31.46 -21.08
N ALA B 4 -44.36 32.69 -20.63
CA ALA B 4 -43.36 33.04 -19.62
C ALA B 4 -43.97 32.73 -18.25
N GLY B 5 -43.18 32.21 -17.35
CA GLY B 5 -43.80 31.94 -16.07
C GLY B 5 -43.17 32.80 -15.03
N ASN B 6 -42.73 33.97 -15.45
CA ASN B 6 -42.04 34.90 -14.61
C ASN B 6 -42.87 35.73 -13.63
N SER B 7 -44.20 35.79 -13.81
CA SER B 7 -45.04 36.60 -12.94
C SER B 7 -45.40 35.77 -11.69
N SER B 8 -45.98 36.42 -10.67
CA SER B 8 -46.42 35.71 -9.44
C SER B 8 -47.88 35.36 -9.47
N LEU B 9 -48.31 34.59 -8.47
CA LEU B 9 -49.73 34.25 -8.37
C LEU B 9 -50.53 35.50 -8.15
N CYS B 10 -51.66 35.64 -8.83
CA CYS B 10 -52.50 36.81 -8.53
C CYS B 10 -52.98 36.70 -7.09
N PRO B 11 -53.15 37.85 -6.43
CA PRO B 11 -53.67 37.82 -5.06
C PRO B 11 -55.17 37.59 -5.17
N ILE B 12 -55.78 36.94 -4.19
CA ILE B 12 -57.18 36.63 -4.34
C ILE B 12 -57.85 36.61 -2.98
N ASN B 13 -59.17 36.58 -3.01
CA ASN B 13 -59.94 36.51 -1.78
C ASN B 13 -60.86 35.32 -1.76
N GLY B 14 -61.26 34.84 -2.92
CA GLY B 14 -62.16 33.72 -2.93
C GLY B 14 -62.22 33.06 -4.30
N TRP B 15 -63.18 32.15 -4.50
CA TRP B 15 -63.27 31.40 -5.76
C TRP B 15 -64.64 31.49 -6.44
N ALA B 16 -64.59 31.96 -7.69
CA ALA B 16 -65.76 32.07 -8.53
C ALA B 16 -65.93 30.79 -9.35
N VAL B 17 -67.18 30.31 -9.44
CA VAL B 17 -67.44 29.09 -10.28
C VAL B 17 -67.05 29.36 -11.71
N TYR B 18 -66.35 28.40 -12.32
CA TYR B 18 -65.89 28.57 -13.68
C TYR B 18 -66.65 27.59 -14.56
N SER B 19 -66.83 26.34 -14.14
CA SER B 19 -67.53 25.39 -15.02
C SER B 19 -68.14 24.20 -14.30
N LYS B 20 -69.14 23.54 -14.91
CA LYS B 20 -69.74 22.34 -14.35
C LYS B 20 -70.21 21.54 -15.55
N ASP B 21 -69.79 20.30 -15.72
CA ASP B 21 -70.10 19.62 -17.00
C ASP B 21 -71.36 18.78 -16.92
N ASN B 22 -71.76 18.42 -15.70
CA ASN B 22 -72.94 17.58 -15.55
C ASN B 22 -72.91 16.31 -16.38
N SER B 23 -71.68 15.85 -16.68
CA SER B 23 -71.53 14.72 -17.54
C SER B 23 -72.35 13.51 -17.06
N ILE B 24 -72.32 13.18 -15.77
CA ILE B 24 -73.15 12.04 -15.27
C ILE B 24 -74.66 12.19 -15.50
N ARG B 25 -75.16 13.36 -15.23
CA ARG B 25 -76.59 13.61 -15.35
C ARG B 25 -76.98 13.44 -16.81
N ILE B 26 -76.14 13.99 -17.68
CA ILE B 26 -76.31 13.91 -19.13
C ILE B 26 -76.09 12.52 -19.65
N GLY B 27 -74.99 11.87 -19.20
CA GLY B 27 -74.68 10.53 -19.67
C GLY B 27 -75.86 9.57 -19.37
N SER B 28 -76.77 9.99 -18.48
CA SER B 28 -77.87 9.10 -18.17
C SER B 28 -78.67 8.67 -19.44
N LYS B 29 -78.64 9.51 -20.47
CA LYS B 29 -79.26 9.18 -21.74
C LYS B 29 -78.27 9.42 -22.89
N GLY B 30 -77.53 10.52 -22.80
CA GLY B 30 -76.54 10.88 -23.81
C GLY B 30 -75.33 9.95 -23.80
N ASP B 31 -74.54 10.01 -24.87
CA ASP B 31 -73.45 9.11 -25.00
C ASP B 31 -72.30 9.87 -24.40
N VAL B 32 -72.05 9.74 -23.11
CA VAL B 32 -70.88 10.34 -22.42
C VAL B 32 -69.99 9.29 -21.88
N PHE B 33 -68.73 9.57 -22.02
CA PHE B 33 -67.66 8.69 -21.54
C PHE B 33 -67.70 8.55 -20.05
N VAL B 34 -67.50 7.33 -19.57
CA VAL B 34 -67.30 7.20 -18.11
C VAL B 34 -65.85 7.55 -17.87
N ILE B 35 -65.64 8.57 -17.06
CA ILE B 35 -64.28 9.11 -16.89
C ILE B 35 -63.79 9.12 -15.45
N ARG B 36 -62.55 9.55 -15.23
CA ARG B 36 -61.94 9.70 -13.93
C ARG B 36 -60.90 10.85 -14.10
N GLU B 37 -60.54 11.55 -13.02
CA GLU B 37 -59.53 12.58 -13.08
C GLU B 37 -59.64 13.51 -14.27
N PRO B 38 -60.74 14.27 -14.33
CA PRO B 38 -60.89 15.23 -15.37
C PRO B 38 -60.09 16.51 -15.13
N PHE B 39 -58.76 16.53 -15.22
CA PHE B 39 -58.11 17.82 -14.95
C PHE B 39 -58.24 18.83 -16.06
N ILE B 40 -58.22 20.10 -15.69
CA ILE B 40 -58.26 21.16 -16.64
C ILE B 40 -56.87 21.75 -16.90
N SER B 41 -56.58 22.12 -18.14
CA SER B 41 -55.31 22.77 -18.41
C SER B 41 -55.57 23.73 -19.55
N CYS B 42 -54.90 24.86 -19.58
CA CYS B 42 -55.16 25.89 -20.57
C CYS B 42 -53.94 26.24 -21.40
N SER B 43 -54.18 26.85 -22.57
CA SER B 43 -53.15 27.35 -23.42
C SER B 43 -53.26 28.85 -23.31
N HIS B 44 -52.74 29.48 -24.33
CA HIS B 44 -52.76 30.94 -24.46
C HIS B 44 -54.07 31.37 -25.15
N LEU B 45 -54.92 30.40 -25.49
CA LEU B 45 -56.13 30.73 -26.17
C LEU B 45 -57.38 30.05 -25.55
N GLU B 46 -57.25 28.86 -24.98
CA GLU B 46 -58.43 28.15 -24.53
C GLU B 46 -58.08 27.23 -23.36
N CYS B 47 -59.09 26.77 -22.64
CA CYS B 47 -58.89 25.84 -21.65
C CYS B 47 -59.62 24.56 -21.98
N ARG B 48 -58.99 23.40 -21.88
CA ARG B 48 -59.69 22.14 -22.14
C ARG B 48 -59.72 21.26 -20.92
N THR B 49 -60.58 20.26 -20.99
CA THR B 49 -60.68 19.30 -19.93
C THR B 49 -60.05 18.02 -20.48
N PHE B 50 -59.00 17.55 -19.82
CA PHE B 50 -58.42 16.27 -20.15
C PHE B 50 -59.01 15.29 -19.13
N PHE B 51 -59.23 14.08 -19.61
CA PHE B 51 -59.67 13.06 -18.68
C PHE B 51 -59.20 11.73 -19.17
N LEU B 52 -59.46 10.71 -18.39
CA LEU B 52 -59.02 9.38 -18.73
C LEU B 52 -60.31 8.54 -18.84
N THR B 53 -60.36 7.67 -19.84
CA THR B 53 -61.58 6.84 -19.99
C THR B 53 -61.26 5.41 -20.25
N GLN B 54 -62.22 4.56 -19.91
CA GLN B 54 -62.04 3.14 -20.07
C GLN B 54 -62.52 2.76 -21.45
N GLY B 55 -62.89 3.72 -22.28
CA GLY B 55 -63.46 3.35 -23.57
C GLY B 55 -64.89 2.89 -23.48
N ALA B 56 -65.64 3.37 -22.50
CA ALA B 56 -67.01 2.97 -22.37
C ALA B 56 -67.90 4.16 -22.08
N LEU B 57 -69.17 4.02 -22.42
CA LEU B 57 -70.07 5.08 -22.17
C LEU B 57 -70.94 4.78 -20.97
N LEU B 58 -71.45 5.82 -20.31
CA LEU B 58 -72.34 5.62 -19.17
C LEU B 58 -73.55 4.83 -19.63
N ASN B 59 -74.14 4.09 -18.72
CA ASN B 59 -75.34 3.29 -18.93
C ASN B 59 -75.18 2.21 -19.99
N ASP B 60 -73.96 1.80 -20.30
CA ASP B 60 -73.69 0.70 -21.20
C ASP B 60 -72.92 -0.37 -20.42
N LYS B 61 -73.09 -1.63 -20.81
CA LYS B 61 -72.43 -2.71 -20.13
C LYS B 61 -70.92 -2.62 -20.08
N HIS B 62 -70.29 -1.94 -21.01
CA HIS B 62 -68.86 -1.85 -20.94
C HIS B 62 -68.34 -1.00 -19.81
N SER B 63 -69.19 -0.32 -19.03
CA SER B 63 -68.74 0.49 -17.90
C SER B 63 -68.68 -0.34 -16.68
N ASN B 64 -68.85 -1.64 -16.87
CA ASN B 64 -68.88 -2.69 -15.81
C ASN B 64 -67.85 -2.44 -14.74
N GLY B 65 -66.73 -1.86 -15.04
CA GLY B 65 -65.91 -1.26 -13.98
C GLY B 65 -65.18 -2.20 -13.02
N THR B 66 -65.50 -3.50 -13.06
CA THR B 66 -64.76 -4.53 -12.24
C THR B 66 -63.29 -4.61 -12.78
N VAL B 67 -63.08 -4.10 -14.00
CA VAL B 67 -61.75 -3.92 -14.67
C VAL B 67 -60.60 -3.28 -13.76
N LYS B 68 -59.38 -3.82 -13.84
CA LYS B 68 -58.25 -3.16 -13.20
C LYS B 68 -58.28 -1.64 -13.58
N ASP B 69 -57.93 -0.71 -12.63
CA ASP B 69 -57.76 0.74 -12.99
C ASP B 69 -56.87 0.90 -14.20
N ARG B 70 -55.81 0.12 -14.19
CA ARG B 70 -54.79 0.23 -15.25
C ARG B 70 -55.01 -0.76 -16.41
N SER B 71 -55.97 -0.45 -17.31
CA SER B 71 -56.30 -1.41 -18.37
C SER B 71 -55.70 -0.86 -19.61
N PRO B 72 -55.58 -1.67 -20.65
CA PRO B 72 -55.05 -1.15 -21.90
C PRO B 72 -56.04 -0.38 -22.67
N HIS B 73 -57.22 -0.20 -22.15
CA HIS B 73 -58.29 0.53 -22.89
C HIS B 73 -58.36 1.97 -22.37
N ARG B 74 -57.61 2.21 -21.30
CA ARG B 74 -57.68 3.48 -20.68
C ARG B 74 -57.02 4.53 -21.61
N THR B 75 -57.71 5.62 -21.92
CA THR B 75 -57.12 6.59 -22.83
C THR B 75 -57.21 8.01 -22.37
N LEU B 76 -56.29 8.85 -22.80
CA LEU B 76 -56.36 10.22 -22.42
C LEU B 76 -57.00 11.01 -23.56
N MET B 77 -58.00 11.79 -23.23
CA MET B 77 -58.73 12.63 -24.19
C MET B 77 -59.05 13.96 -23.59
N SER B 78 -59.50 14.84 -24.47
CA SER B 78 -59.80 16.17 -24.03
C SER B 78 -60.96 16.74 -24.80
N CYS B 79 -61.63 17.66 -24.17
CA CYS B 79 -62.71 18.35 -24.81
C CYS B 79 -62.88 19.71 -24.19
N PRO B 80 -63.56 20.64 -24.86
CA PRO B 80 -63.63 21.96 -24.19
C PRO B 80 -64.20 21.93 -22.80
N VAL B 81 -63.69 22.86 -22.02
CA VAL B 81 -64.13 22.96 -20.64
C VAL B 81 -65.67 23.14 -20.44
N GLY B 82 -66.25 22.38 -19.52
CA GLY B 82 -67.63 22.58 -19.19
C GLY B 82 -68.52 21.73 -20.08
N GLU B 83 -67.94 21.09 -21.11
CA GLU B 83 -68.73 20.18 -21.95
C GLU B 83 -68.69 18.76 -21.43
N ALA B 84 -69.77 18.04 -21.63
CA ALA B 84 -69.76 16.62 -21.20
C ALA B 84 -68.85 15.77 -22.12
N PRO B 85 -67.84 15.02 -21.58
CA PRO B 85 -66.99 14.25 -22.51
C PRO B 85 -67.77 13.10 -23.24
N SER B 86 -67.85 13.20 -24.56
CA SER B 86 -68.47 12.20 -25.35
C SER B 86 -67.61 11.98 -26.57
N PRO B 87 -67.77 10.83 -27.26
CA PRO B 87 -66.92 10.55 -28.41
C PRO B 87 -67.17 11.53 -29.52
N TYR B 88 -68.27 12.21 -29.41
CA TYR B 88 -68.59 13.24 -30.39
C TYR B 88 -68.04 14.60 -30.18
N ASN B 89 -67.44 14.82 -29.02
CA ASN B 89 -66.86 16.15 -28.74
C ASN B 89 -65.45 16.05 -28.20
N SER B 90 -64.94 14.84 -28.00
CA SER B 90 -63.60 14.75 -27.40
C SER B 90 -62.49 14.43 -28.37
N ARG B 91 -61.30 14.97 -28.17
CA ARG B 91 -60.13 14.76 -29.06
C ARG B 91 -59.34 13.60 -28.42
N PHE B 92 -58.68 12.78 -29.26
CA PHE B 92 -57.88 11.70 -28.69
C PHE B 92 -56.53 12.24 -28.32
N GLU B 93 -56.07 12.05 -27.10
CA GLU B 93 -54.79 12.55 -26.76
C GLU B 93 -53.78 11.42 -26.76
N SER B 94 -54.02 10.42 -25.92
CA SER B 94 -53.01 9.33 -25.74
C SER B 94 -53.53 8.10 -25.06
N VAL B 95 -52.85 6.98 -25.29
CA VAL B 95 -53.28 5.73 -24.64
C VAL B 95 -52.69 5.78 -23.26
N ALA B 96 -53.49 5.69 -22.20
CA ALA B 96 -52.91 5.99 -20.91
C ALA B 96 -53.79 5.64 -19.76
N TRP B 97 -53.18 5.04 -18.75
CA TRP B 97 -53.93 4.80 -17.55
C TRP B 97 -53.36 5.74 -16.48
N SER B 98 -52.51 6.69 -16.92
CA SER B 98 -52.09 7.76 -16.03
C SER B 98 -51.47 8.78 -16.89
N ALA B 99 -51.69 10.07 -16.64
CA ALA B 99 -51.26 11.13 -17.63
C ALA B 99 -51.16 12.51 -17.01
N SER B 100 -50.67 13.48 -17.80
CA SER B 100 -50.68 14.90 -17.46
C SER B 100 -50.58 15.65 -18.74
N ALA B 101 -50.86 16.93 -18.70
CA ALA B 101 -50.82 17.70 -19.91
C ALA B 101 -50.58 19.19 -19.58
N CYS B 102 -50.01 19.93 -20.53
CA CYS B 102 -49.74 21.33 -20.36
C CYS B 102 -49.42 21.91 -21.74
N HIS B 103 -49.61 23.21 -21.92
CA HIS B 103 -49.31 23.91 -23.16
C HIS B 103 -48.18 24.90 -22.83
N ASP B 104 -47.14 24.94 -23.66
CA ASP B 104 -46.05 25.79 -23.38
C ASP B 104 -46.12 27.16 -24.04
N GLY B 105 -47.33 27.56 -24.47
CA GLY B 105 -47.56 28.80 -25.23
C GLY B 105 -47.51 28.61 -26.76
N THR B 106 -46.94 27.49 -27.19
CA THR B 106 -46.84 27.15 -28.61
C THR B 106 -47.71 25.93 -28.92
N SER B 107 -47.40 24.76 -28.36
CA SER B 107 -48.20 23.60 -28.66
C SER B 107 -48.51 22.81 -27.33
N TRP B 108 -49.37 21.78 -27.39
CA TRP B 108 -49.66 21.05 -26.14
C TRP B 108 -48.68 19.90 -25.93
N LEU B 109 -48.32 19.59 -24.67
CA LEU B 109 -47.53 18.45 -24.40
C LEU B 109 -48.39 17.53 -23.59
N THR B 110 -48.54 16.28 -24.03
CA THR B 110 -49.33 15.31 -23.29
C THR B 110 -48.45 14.18 -22.88
N ILE B 111 -48.67 13.62 -21.70
CA ILE B 111 -47.81 12.63 -21.21
C ILE B 111 -48.76 11.51 -20.85
N GLY B 112 -48.65 10.37 -21.53
CA GLY B 112 -49.59 9.35 -21.26
C GLY B 112 -48.73 8.10 -20.99
N ILE B 113 -49.05 7.37 -19.93
CA ILE B 113 -48.34 6.25 -19.55
C ILE B 113 -49.32 5.09 -19.70
N SER B 114 -48.81 4.08 -20.31
CA SER B 114 -49.54 2.88 -20.50
C SER B 114 -48.56 1.72 -20.38
N GLY B 115 -49.00 0.48 -20.63
CA GLY B 115 -48.10 -0.59 -20.45
C GLY B 115 -48.35 -1.43 -19.21
N PRO B 116 -47.53 -2.43 -18.98
CA PRO B 116 -47.76 -3.26 -17.74
C PRO B 116 -47.10 -2.66 -16.46
N ASP B 117 -47.66 -3.05 -15.31
CA ASP B 117 -47.09 -2.62 -14.02
C ASP B 117 -45.62 -2.85 -13.88
N ASN B 118 -45.06 -3.98 -14.28
CA ASN B 118 -43.60 -4.10 -14.16
C ASN B 118 -42.79 -3.37 -15.21
N GLY B 119 -43.36 -2.39 -15.93
CA GLY B 119 -42.48 -1.68 -16.86
C GLY B 119 -43.22 -0.75 -17.82
N ALA B 120 -44.11 0.04 -17.25
CA ALA B 120 -44.91 0.95 -17.99
C ALA B 120 -44.04 1.99 -18.63
N VAL B 121 -44.58 2.63 -19.66
CA VAL B 121 -43.81 3.65 -20.34
C VAL B 121 -44.61 4.92 -20.64
N ALA B 122 -44.01 6.05 -20.31
CA ALA B 122 -44.64 7.35 -20.47
C ALA B 122 -44.33 7.78 -21.87
N VAL B 123 -45.38 7.89 -22.67
CA VAL B 123 -45.23 8.38 -24.00
C VAL B 123 -45.42 9.89 -24.06
N LEU B 124 -44.40 10.64 -24.46
CA LEU B 124 -44.56 12.08 -24.56
C LEU B 124 -44.90 12.48 -25.96
N LYS B 125 -45.92 13.34 -26.06
CA LYS B 125 -46.35 13.93 -27.38
C LYS B 125 -46.34 15.43 -27.35
N TYR B 126 -45.83 16.03 -28.42
CA TYR B 126 -45.83 17.45 -28.57
C TYR B 126 -46.59 17.76 -29.87
N ASN B 127 -47.77 18.34 -29.66
CA ASN B 127 -48.66 18.78 -30.73
C ASN B 127 -49.10 17.52 -31.45
N GLY B 128 -49.48 16.52 -30.69
CA GLY B 128 -50.03 15.27 -31.22
C GLY B 128 -49.05 14.22 -31.74
N ILE B 129 -47.78 14.61 -31.88
CA ILE B 129 -46.76 13.70 -32.32
C ILE B 129 -45.68 13.35 -31.25
N ILE B 130 -45.47 12.04 -31.12
CA ILE B 130 -44.57 11.44 -30.07
C ILE B 130 -43.26 12.06 -30.17
N THR B 131 -42.73 12.53 -29.05
CA THR B 131 -41.43 13.22 -29.06
C THR B 131 -40.40 12.62 -28.11
N ASP B 132 -40.83 11.72 -27.20
CA ASP B 132 -39.89 11.04 -26.30
C ASP B 132 -40.56 9.91 -25.57
N THR B 133 -39.79 9.11 -24.82
CA THR B 133 -40.36 8.02 -24.03
C THR B 133 -39.63 8.00 -22.68
N ILE B 134 -40.31 7.61 -21.58
CA ILE B 134 -39.62 7.46 -20.32
C ILE B 134 -40.07 6.09 -19.74
N LYS B 135 -39.14 5.17 -19.47
CA LYS B 135 -39.54 3.87 -18.92
C LYS B 135 -39.46 3.78 -17.41
N SER B 136 -40.29 2.92 -16.86
CA SER B 136 -40.36 2.74 -15.41
C SER B 136 -38.94 2.42 -14.97
N TRP B 137 -38.44 3.03 -13.91
CA TRP B 137 -37.04 2.82 -13.53
C TRP B 137 -36.99 1.99 -12.29
N ARG B 138 -38.17 1.59 -11.84
CA ARG B 138 -38.38 0.71 -10.65
C ARG B 138 -39.33 -0.45 -10.93
N ASN B 139 -39.84 -0.54 -12.14
CA ASN B 139 -40.73 -1.60 -12.57
C ASN B 139 -41.86 -1.80 -11.59
N ASN B 140 -42.36 -0.73 -10.99
CA ASN B 140 -43.46 -0.90 -10.04
C ASN B 140 -44.45 0.25 -10.18
N ILE B 141 -45.19 0.20 -11.28
CA ILE B 141 -46.23 1.18 -11.67
C ILE B 141 -45.77 2.63 -11.80
N LEU B 142 -45.09 2.95 -12.90
CA LEU B 142 -44.75 4.33 -13.19
C LEU B 142 -46.04 5.12 -13.30
N ARG B 143 -46.08 6.29 -12.65
CA ARG B 143 -47.27 7.10 -12.60
C ARG B 143 -47.00 8.58 -12.53
N THR B 144 -47.91 9.41 -13.01
CA THR B 144 -47.67 10.84 -13.01
C THR B 144 -48.83 11.61 -12.34
N GLN B 145 -48.93 12.90 -12.61
CA GLN B 145 -49.87 13.80 -11.96
C GLN B 145 -51.40 13.57 -11.98
N GLU B 146 -51.99 13.20 -13.15
CA GLU B 146 -53.42 13.16 -13.24
C GLU B 146 -53.94 14.56 -13.15
N SER B 147 -53.11 15.50 -13.59
CA SER B 147 -53.37 16.98 -13.53
C SER B 147 -52.34 17.69 -14.39
N GLU B 148 -52.60 18.97 -14.69
CA GLU B 148 -51.75 19.83 -15.55
C GLU B 148 -50.29 19.89 -15.06
N CYS B 149 -49.33 19.78 -16.00
CA CYS B 149 -47.94 20.03 -15.68
C CYS B 149 -47.69 21.54 -15.81
N ALA B 150 -46.56 22.05 -15.27
CA ALA B 150 -46.23 23.47 -15.24
C ALA B 150 -45.19 23.84 -16.31
N CYS B 151 -45.47 24.91 -17.06
CA CYS B 151 -44.54 25.37 -18.07
C CYS B 151 -44.00 26.74 -17.71
N VAL B 152 -42.69 26.99 -17.94
CA VAL B 152 -42.07 28.29 -17.69
C VAL B 152 -41.05 28.57 -18.75
N ASN B 153 -41.09 29.75 -19.37
CA ASN B 153 -40.02 30.15 -20.30
C ASN B 153 -39.73 29.05 -21.35
N GLY B 154 -40.71 28.23 -21.72
CA GLY B 154 -40.48 27.25 -22.81
C GLY B 154 -40.01 25.89 -22.38
N SER B 155 -40.21 25.55 -21.13
CA SER B 155 -39.77 24.27 -20.61
C SER B 155 -41.00 23.95 -19.77
N CYS B 156 -41.41 22.68 -19.78
CA CYS B 156 -42.54 22.26 -18.97
C CYS B 156 -42.00 21.23 -17.98
N PHE B 157 -42.63 21.11 -16.81
CA PHE B 157 -42.17 20.13 -15.79
C PHE B 157 -43.21 19.24 -15.25
N THR B 158 -42.79 18.07 -14.87
CA THR B 158 -43.78 17.12 -14.36
C THR B 158 -43.14 16.27 -13.30
N VAL B 159 -43.96 15.59 -12.53
CA VAL B 159 -43.40 14.74 -11.51
C VAL B 159 -43.94 13.35 -11.61
N MET B 160 -43.06 12.37 -11.59
CA MET B 160 -43.53 10.98 -11.69
C MET B 160 -43.05 10.16 -10.57
N THR B 161 -43.72 9.06 -10.29
CA THR B 161 -43.37 8.25 -9.15
C THR B 161 -43.26 6.83 -9.64
N ASP B 162 -42.40 6.07 -9.01
CA ASP B 162 -42.31 4.64 -9.35
C ASP B 162 -41.98 3.93 -8.05
N GLY B 163 -42.67 2.85 -7.74
CA GLY B 163 -42.37 2.19 -6.50
C GLY B 163 -43.67 1.83 -5.86
N PRO B 164 -43.60 1.35 -4.62
CA PRO B 164 -44.85 1.02 -3.91
C PRO B 164 -45.68 2.25 -3.54
N SER B 165 -46.97 2.07 -3.44
CA SER B 165 -47.82 3.17 -2.99
C SER B 165 -48.01 3.06 -1.44
N ASN B 166 -47.22 2.21 -0.77
CA ASN B 166 -47.06 2.20 0.69
C ASN B 166 -45.63 2.73 0.91
N GLY B 167 -44.78 1.94 1.57
CA GLY B 167 -43.37 2.39 1.85
C GLY B 167 -42.65 3.32 0.91
N GLN B 168 -41.42 3.63 1.26
CA GLN B 168 -40.57 4.41 0.38
C GLN B 168 -40.84 4.06 -1.07
N ALA B 169 -40.96 5.08 -1.91
CA ALA B 169 -41.00 4.87 -3.34
C ALA B 169 -39.96 5.76 -3.93
N SER B 170 -39.86 5.79 -5.25
CA SER B 170 -38.86 6.65 -5.93
C SER B 170 -39.61 7.80 -6.61
N TYR B 171 -39.03 9.00 -6.57
CA TYR B 171 -39.73 10.18 -7.10
C TYR B 171 -38.80 11.02 -7.93
N LYS B 172 -39.20 11.38 -9.15
CA LYS B 172 -38.29 12.14 -10.03
C LYS B 172 -39.04 13.34 -10.68
N ILE B 173 -38.30 14.39 -10.98
CA ILE B 173 -38.88 15.58 -11.53
C ILE B 173 -38.26 15.59 -12.92
N PHE B 174 -39.06 15.98 -13.90
CA PHE B 174 -38.57 15.98 -15.28
C PHE B 174 -38.79 17.36 -15.91
N LYS B 175 -37.85 17.79 -16.75
CA LYS B 175 -37.96 19.07 -17.43
C LYS B 175 -37.96 18.77 -18.89
N MET B 176 -39.02 19.15 -19.58
CA MET B 176 -38.99 18.93 -21.01
C MET B 176 -39.18 20.15 -21.89
N GLU B 177 -38.58 20.03 -23.07
CA GLU B 177 -38.66 21.08 -24.05
C GLU B 177 -39.10 20.52 -25.38
N LYS B 178 -40.24 21.01 -25.89
CA LYS B 178 -40.83 20.49 -27.11
C LYS B 178 -41.12 19.02 -26.94
N GLY B 179 -41.61 18.64 -25.77
CA GLY B 179 -41.93 17.21 -25.48
C GLY B 179 -40.74 16.25 -25.34
N LYS B 180 -39.51 16.85 -25.30
CA LYS B 180 -38.31 16.07 -25.06
C LYS B 180 -37.70 16.27 -23.68
N VAL B 181 -37.46 15.18 -22.96
CA VAL B 181 -36.90 15.29 -21.65
C VAL B 181 -35.49 15.83 -21.83
N VAL B 182 -35.18 16.95 -21.18
CA VAL B 182 -33.83 17.45 -21.30
C VAL B 182 -33.07 17.35 -19.99
N LYS B 183 -33.74 16.99 -18.93
CA LYS B 183 -33.10 16.90 -17.62
C LYS B 183 -34.06 16.28 -16.63
N SER B 184 -33.55 15.39 -15.79
CA SER B 184 -34.40 14.79 -14.79
C SER B 184 -33.62 14.70 -13.50
N VAL B 185 -34.30 14.64 -12.38
CA VAL B 185 -33.61 14.56 -11.10
C VAL B 185 -34.42 13.78 -10.16
N GLU B 186 -33.75 12.86 -9.49
CA GLU B 186 -34.45 12.03 -8.48
C GLU B 186 -34.43 12.81 -7.15
N LEU B 187 -35.58 12.90 -6.48
CA LEU B 187 -35.62 13.59 -5.22
C LEU B 187 -35.03 12.70 -4.16
N ASP B 188 -34.24 13.31 -3.32
CA ASP B 188 -33.71 12.64 -2.17
C ASP B 188 -34.69 12.84 -1.02
N ALA B 189 -35.79 12.11 -1.10
CA ALA B 189 -36.84 12.22 -0.12
C ALA B 189 -37.09 10.98 0.80
N PRO B 190 -36.09 10.57 1.57
CA PRO B 190 -36.41 9.45 2.45
C PRO B 190 -37.46 9.91 3.40
N ASN B 191 -38.36 9.01 3.68
CA ASN B 191 -39.52 9.17 4.58
C ASN B 191 -40.68 9.96 3.93
N TYR B 192 -40.53 10.41 2.66
CA TYR B 192 -41.57 11.23 2.01
C TYR B 192 -42.32 10.29 1.08
N HIS B 193 -43.52 10.66 0.65
CA HIS B 193 -44.21 9.89 -0.37
C HIS B 193 -44.93 10.83 -1.31
N TYR B 194 -44.49 10.91 -2.56
CA TYR B 194 -45.15 11.76 -3.57
C TYR B 194 -45.99 10.93 -4.55
N GLU B 195 -47.22 11.37 -4.82
CA GLU B 195 -48.15 10.81 -5.84
C GLU B 195 -49.08 11.86 -6.35
N GLU B 196 -49.49 11.71 -7.60
CA GLU B 196 -50.48 12.63 -8.24
C GLU B 196 -50.26 14.10 -7.87
N CYS B 197 -49.11 14.64 -8.23
CA CYS B 197 -48.77 15.99 -7.87
C CYS B 197 -49.57 17.00 -8.61
N SER B 198 -50.04 18.04 -7.90
CA SER B 198 -50.69 19.25 -8.54
C SER B 198 -49.62 20.31 -8.56
N CYS B 199 -49.12 20.67 -9.73
CA CYS B 199 -48.01 21.65 -9.79
C CYS B 199 -48.46 22.94 -10.48
N TYR B 200 -47.68 23.99 -10.31
CA TYR B 200 -48.06 25.25 -10.92
C TYR B 200 -46.85 26.16 -10.89
N PRO B 201 -46.69 27.03 -11.91
CA PRO B 201 -45.56 27.92 -11.95
C PRO B 201 -45.85 29.17 -11.14
N ASN B 202 -44.79 29.74 -10.57
CA ASN B 202 -44.89 30.96 -9.74
C ASN B 202 -43.54 31.65 -9.86
N ALA B 203 -43.51 32.84 -10.40
CA ALA B 203 -42.24 33.54 -10.39
C ALA B 203 -41.08 32.67 -10.86
N GLY B 204 -41.25 32.18 -12.09
CA GLY B 204 -40.29 31.34 -12.78
C GLY B 204 -39.93 30.03 -12.10
N GLU B 205 -40.59 29.70 -10.98
CA GLU B 205 -40.30 28.45 -10.25
C GLU B 205 -41.55 27.58 -10.17
N ILE B 206 -41.42 26.27 -10.04
CA ILE B 206 -42.62 25.46 -9.94
C ILE B 206 -42.89 25.00 -8.52
N THR B 207 -44.15 24.86 -8.13
CA THR B 207 -44.46 24.38 -6.80
C THR B 207 -45.50 23.24 -6.93
N CYS B 208 -45.26 22.10 -6.29
CA CYS B 208 -46.21 21.05 -6.41
C CYS B 208 -46.65 20.58 -5.05
N VAL B 209 -47.94 20.30 -4.90
CA VAL B 209 -48.45 19.84 -3.65
C VAL B 209 -49.12 18.49 -4.05
N CYS B 210 -48.74 17.41 -3.37
CA CYS B 210 -49.09 16.10 -3.84
C CYS B 210 -49.87 15.23 -2.85
N ARG B 211 -49.95 13.95 -3.17
CA ARG B 211 -50.58 12.97 -2.33
C ARG B 211 -49.59 11.99 -1.66
N ASP B 212 -49.77 11.82 -0.33
CA ASP B 212 -48.98 10.85 0.40
C ASP B 212 -49.91 9.78 0.77
N ASN B 213 -49.73 8.69 0.05
CA ASN B 213 -50.61 7.54 0.08
C ASN B 213 -50.03 6.54 1.03
N TRP B 214 -48.81 6.77 1.47
CA TRP B 214 -48.11 5.86 2.38
C TRP B 214 -48.49 6.06 3.85
N HIS B 215 -48.06 7.18 4.46
CA HIS B 215 -48.19 7.37 5.91
C HIS B 215 -48.37 8.86 6.33
N GLY B 216 -48.92 9.65 5.41
CA GLY B 216 -49.21 11.11 5.63
C GLY B 216 -50.67 11.60 5.46
N SER B 217 -51.15 12.31 6.48
CA SER B 217 -52.43 13.01 6.46
C SER B 217 -52.32 14.44 5.94
N ASN B 218 -51.12 15.03 6.00
CA ASN B 218 -50.88 16.37 5.44
C ASN B 218 -50.33 16.13 4.02
N ARG B 219 -50.22 17.16 3.21
CA ARG B 219 -49.76 16.89 1.89
C ARG B 219 -48.34 17.33 1.79
N PRO B 220 -47.52 16.55 1.06
CA PRO B 220 -46.12 16.78 0.79
C PRO B 220 -45.99 17.72 -0.39
N TRP B 221 -44.91 18.46 -0.48
CA TRP B 221 -44.72 19.37 -1.58
C TRP B 221 -43.28 19.35 -2.08
N VAL B 222 -43.05 19.86 -3.29
CA VAL B 222 -41.72 19.95 -3.89
C VAL B 222 -41.77 21.28 -4.65
N SER B 223 -40.75 22.14 -4.51
CA SER B 223 -40.71 23.33 -5.30
C SER B 223 -39.35 23.29 -5.94
N PHE B 224 -39.26 23.69 -7.19
CA PHE B 224 -37.95 23.64 -7.88
C PHE B 224 -37.77 24.74 -8.91
N ASN B 225 -36.53 25.11 -9.17
CA ASN B 225 -36.21 26.13 -10.13
C ASN B 225 -36.15 25.51 -11.52
N GLN B 226 -35.94 26.11 -12.57
CA GLN B 226 -35.70 25.67 -13.93
C GLN B 226 -34.52 24.72 -14.14
N ASN B 227 -33.62 24.56 -13.14
CA ASN B 227 -32.50 23.59 -13.20
C ASN B 227 -32.74 22.39 -12.29
N LEU B 228 -34.00 22.24 -11.88
CA LEU B 228 -34.44 21.13 -11.10
C LEU B 228 -33.70 21.09 -9.75
N GLU B 229 -33.24 22.26 -9.30
CA GLU B 229 -32.62 22.40 -8.02
C GLU B 229 -33.94 22.51 -7.17
N TYR B 230 -34.09 21.76 -6.10
CA TYR B 230 -35.34 21.70 -5.42
C TYR B 230 -35.32 21.76 -3.91
N GLN B 231 -36.53 21.63 -3.34
CA GLN B 231 -36.70 21.55 -1.92
C GLN B 231 -37.95 20.75 -1.69
N ILE B 232 -38.09 20.20 -0.51
CA ILE B 232 -39.22 19.37 -0.22
C ILE B 232 -39.75 19.62 1.18
N GLY B 233 -40.94 19.08 1.47
CA GLY B 233 -41.43 19.15 2.85
C GLY B 233 -42.89 18.79 2.89
N TYR B 234 -43.56 19.17 3.96
CA TYR B 234 -44.98 18.92 4.05
C TYR B 234 -45.62 20.26 4.52
N ILE B 235 -46.93 20.43 4.25
CA ILE B 235 -47.71 21.58 4.68
C ILE B 235 -47.85 21.40 6.15
N CYS B 236 -47.30 22.34 6.91
CA CYS B 236 -47.29 22.14 8.35
C CYS B 236 -48.63 22.30 9.05
N SER B 237 -49.54 22.99 8.35
CA SER B 237 -50.80 23.38 8.97
C SER B 237 -51.56 22.22 9.59
N GLY B 238 -52.33 22.49 10.66
CA GLY B 238 -53.07 21.40 11.32
C GLY B 238 -54.40 21.27 10.66
N VAL B 239 -54.59 22.09 9.60
CA VAL B 239 -55.73 21.92 8.73
C VAL B 239 -55.35 20.86 7.70
N PHE B 240 -55.37 19.58 8.12
CA PHE B 240 -54.94 18.45 7.31
C PHE B 240 -55.60 18.45 5.97
N GLY B 241 -54.82 18.29 4.93
CA GLY B 241 -55.35 18.49 3.60
C GLY B 241 -55.71 17.22 2.82
N ASP B 242 -55.30 16.07 3.32
CA ASP B 242 -55.55 14.79 2.61
C ASP B 242 -56.88 14.20 3.10
N ASN B 243 -57.19 13.05 2.53
CA ASN B 243 -58.39 12.31 2.86
C ASN B 243 -58.17 10.87 2.53
N PRO B 244 -58.29 10.03 3.55
CA PRO B 244 -58.68 10.26 4.98
C PRO B 244 -57.69 11.16 5.70
N ARG B 245 -58.03 11.54 6.94
CA ARG B 245 -57.17 12.42 7.74
C ARG B 245 -57.78 12.48 9.11
N PRO B 246 -57.03 12.97 10.11
CA PRO B 246 -57.76 13.01 11.39
C PRO B 246 -58.51 14.37 11.57
N ASN B 247 -59.22 14.59 12.69
CA ASN B 247 -59.82 15.88 12.91
C ASN B 247 -58.67 16.90 13.01
N ASP B 248 -58.91 18.13 12.57
CA ASP B 248 -57.91 19.12 12.52
C ASP B 248 -57.26 19.42 13.84
N GLY B 249 -56.06 18.91 14.06
CA GLY B 249 -55.39 19.12 15.34
C GLY B 249 -54.11 19.91 15.09
N THR B 250 -53.01 19.47 15.71
CA THR B 250 -51.70 20.07 15.50
C THR B 250 -50.94 19.26 14.44
N GLY B 251 -50.42 19.93 13.41
CA GLY B 251 -49.79 19.22 12.36
C GLY B 251 -48.30 19.29 12.51
N SER B 252 -47.52 19.01 11.28
CA SER B 252 -46.08 18.99 11.44
C SER B 252 -45.55 19.16 10.04
N CYS B 253 -44.30 19.58 9.89
CA CYS B 253 -43.80 19.71 8.53
C CYS B 253 -43.29 18.39 7.96
N GLY B 254 -43.74 17.26 8.81
CA GLY B 254 -43.32 16.03 8.13
C GLY B 254 -44.53 15.10 8.28
N PRO B 255 -44.71 14.11 7.42
CA PRO B 255 -45.86 13.28 7.37
C PRO B 255 -46.66 13.02 8.70
N VAL B 256 -47.93 13.38 8.73
CA VAL B 256 -48.72 13.21 9.90
C VAL B 256 -49.26 11.76 9.74
N SER B 257 -48.92 10.85 10.67
CA SER B 257 -49.29 9.47 10.47
C SER B 257 -50.72 9.15 10.83
N SER B 258 -51.31 9.92 11.77
CA SER B 258 -52.64 9.54 12.29
C SER B 258 -53.74 9.50 11.24
N ASN B 259 -53.93 8.33 10.61
CA ASN B 259 -55.00 8.23 9.66
C ASN B 259 -54.62 8.56 8.29
N GLY B 260 -53.48 9.13 8.09
CA GLY B 260 -53.16 9.37 6.66
C GLY B 260 -52.37 8.21 6.07
N ALA B 261 -52.93 7.02 6.18
CA ALA B 261 -52.32 5.86 5.61
C ALA B 261 -53.02 5.51 4.27
N TYR B 262 -53.54 6.48 3.52
CA TYR B 262 -54.05 6.26 2.18
C TYR B 262 -54.13 7.67 1.59
N GLY B 263 -55.24 7.97 0.92
CA GLY B 263 -55.38 9.36 0.49
C GLY B 263 -56.22 9.74 -0.72
N VAL B 264 -55.97 10.93 -1.24
CA VAL B 264 -56.72 11.44 -2.41
C VAL B 264 -55.96 12.59 -3.03
N LYS B 265 -56.05 12.73 -4.34
CA LYS B 265 -55.26 13.73 -5.04
C LYS B 265 -55.79 15.11 -4.69
N GLY B 266 -54.91 16.14 -4.54
CA GLY B 266 -55.37 17.43 -4.04
C GLY B 266 -54.42 18.48 -4.43
N PHE B 267 -54.61 19.71 -3.95
CA PHE B 267 -53.74 20.77 -4.27
C PHE B 267 -53.75 21.75 -3.13
N SER B 268 -52.86 22.73 -3.22
CA SER B 268 -52.90 23.93 -2.39
C SER B 268 -52.05 24.97 -3.04
N PHE B 269 -52.42 26.23 -2.83
CA PHE B 269 -51.67 27.36 -3.43
C PHE B 269 -50.91 28.03 -2.30
N LYS B 270 -49.63 28.22 -2.49
CA LYS B 270 -48.79 28.84 -1.50
C LYS B 270 -48.74 30.33 -1.71
N TYR B 271 -49.02 31.11 -0.67
CA TYR B 271 -48.85 32.57 -0.76
C TYR B 271 -48.11 33.02 0.49
N GLY B 272 -46.82 33.36 0.35
CA GLY B 272 -45.98 33.70 1.50
C GLY B 272 -45.92 32.46 2.35
N ASN B 273 -46.25 32.62 3.64
CA ASN B 273 -46.28 31.51 4.57
C ASN B 273 -47.70 31.02 4.67
N GLY B 274 -48.58 31.65 3.88
CA GLY B 274 -49.95 31.19 3.93
C GLY B 274 -50.29 30.10 2.92
N VAL B 275 -51.44 29.46 3.08
CA VAL B 275 -51.80 28.48 2.09
C VAL B 275 -53.31 28.37 1.87
N TRP B 276 -53.67 28.36 0.58
CA TRP B 276 -55.03 28.08 0.22
C TRP B 276 -55.07 26.57 0.14
N ILE B 277 -55.97 26.00 0.91
CA ILE B 277 -56.04 24.55 0.99
C ILE B 277 -57.39 24.05 0.47
N GLY B 278 -57.33 23.09 -0.44
CA GLY B 278 -58.57 22.60 -1.02
C GLY B 278 -58.61 21.20 -0.46
N ARG B 279 -59.75 20.85 0.06
CA ARG B 279 -59.89 19.61 0.65
C ARG B 279 -61.37 19.16 0.80
N THR B 280 -61.56 17.85 1.09
CA THR B 280 -62.88 17.28 1.18
C THR B 280 -63.37 17.75 2.56
N LYS B 281 -64.67 17.59 2.82
CA LYS B 281 -65.18 18.04 4.09
C LYS B 281 -65.21 16.95 5.13
N SER B 282 -65.37 15.72 4.68
CA SER B 282 -65.41 14.52 5.54
C SER B 282 -63.96 14.10 5.78
N THR B 283 -63.70 13.38 6.88
CA THR B 283 -62.33 12.95 7.16
C THR B 283 -62.12 11.50 6.73
N ASN B 284 -63.23 10.86 6.34
CA ASN B 284 -63.21 9.48 5.94
C ASN B 284 -63.59 9.22 4.50
N SER B 285 -64.48 10.02 3.93
CA SER B 285 -64.91 9.73 2.61
C SER B 285 -64.49 10.83 1.72
N ARG B 286 -64.55 10.58 0.41
CA ARG B 286 -64.36 11.62 -0.54
C ARG B 286 -65.72 12.28 -0.70
N SER B 287 -66.08 13.03 0.31
CA SER B 287 -67.34 13.81 0.25
C SER B 287 -67.16 15.25 0.65
N GLY B 288 -67.94 16.08 -0.03
CA GLY B 288 -67.91 17.49 0.16
C GLY B 288 -66.58 18.08 -0.23
N PHE B 289 -66.49 19.42 -0.31
CA PHE B 289 -65.23 20.03 -0.65
C PHE B 289 -65.35 21.44 -0.13
N GLU B 290 -64.19 22.08 0.13
CA GLU B 290 -64.12 23.42 0.74
C GLU B 290 -62.72 24.03 0.53
N MET B 291 -62.64 25.35 0.39
CA MET B 291 -61.39 26.00 0.26
C MET B 291 -61.13 26.71 1.55
N ILE B 292 -59.99 26.44 2.17
CA ILE B 292 -59.58 27.13 3.39
C ILE B 292 -58.29 27.95 3.21
N TRP B 293 -58.30 29.18 3.70
CA TRP B 293 -57.13 30.06 3.64
C TRP B 293 -56.53 30.09 5.02
N ASP B 294 -55.40 29.40 5.16
CA ASP B 294 -54.72 29.43 6.44
C ASP B 294 -53.54 30.33 6.28
N PRO B 295 -53.66 31.62 6.66
CA PRO B 295 -52.43 32.43 6.36
C PRO B 295 -51.38 31.77 7.26
N ASN B 296 -50.12 32.13 7.11
CA ASN B 296 -49.13 31.51 8.06
C ASN B 296 -49.51 30.15 8.58
N GLY B 297 -49.70 29.27 7.61
CA GLY B 297 -50.06 27.91 7.84
C GLY B 297 -49.33 26.97 6.85
N TRP B 298 -48.40 27.48 6.04
CA TRP B 298 -47.60 26.59 5.20
C TRP B 298 -46.35 26.20 5.94
N THR B 299 -45.95 27.03 6.90
CA THR B 299 -44.76 26.86 7.73
C THR B 299 -45.07 26.66 9.18
N GLU B 300 -46.32 26.83 9.56
CA GLU B 300 -46.70 26.82 10.96
C GLU B 300 -47.72 25.72 11.27
N THR B 301 -47.87 25.34 12.55
CA THR B 301 -48.87 24.32 12.87
C THR B 301 -50.02 24.88 13.68
N ASP B 302 -51.25 24.86 13.21
CA ASP B 302 -52.34 25.40 13.99
C ASP B 302 -53.56 24.61 13.66
N SER B 303 -54.73 25.03 14.10
CA SER B 303 -55.92 24.43 13.62
C SER B 303 -56.68 25.66 13.22
N SER B 304 -56.02 26.81 13.29
CA SER B 304 -56.72 28.10 13.03
C SER B 304 -56.36 28.67 11.68
N PHE B 305 -57.38 29.25 11.07
CA PHE B 305 -57.31 29.75 9.72
C PHE B 305 -58.26 30.91 9.67
N SER B 306 -58.29 31.68 8.59
CA SER B 306 -59.24 32.79 8.54
C SER B 306 -60.51 32.62 7.69
N VAL B 307 -60.40 32.00 6.51
CA VAL B 307 -61.55 31.81 5.66
C VAL B 307 -61.79 30.38 5.26
N LYS B 308 -63.24 30.10 5.06
CA LYS B 308 -63.58 28.75 4.70
C LYS B 308 -64.65 28.98 3.65
N GLN B 309 -64.44 28.58 2.39
CA GLN B 309 -65.49 28.71 1.39
C GLN B 309 -66.02 27.34 0.96
N ASP B 310 -67.32 27.07 1.14
CA ASP B 310 -67.86 25.80 0.73
C ASP B 310 -67.97 25.60 -0.77
N ILE B 311 -67.77 24.36 -1.23
CA ILE B 311 -67.80 24.08 -2.66
C ILE B 311 -68.75 22.91 -2.93
N VAL B 312 -68.74 21.97 -2.00
CA VAL B 312 -69.63 20.83 -2.16
C VAL B 312 -70.06 20.41 -0.76
N ALA B 313 -71.35 20.26 -0.53
CA ALA B 313 -71.82 19.90 0.77
C ALA B 313 -71.28 18.53 1.24
N ILE B 314 -71.13 18.41 2.55
CA ILE B 314 -70.68 17.12 3.10
C ILE B 314 -71.57 16.03 2.66
N THR B 315 -72.83 16.36 2.43
CA THR B 315 -73.77 15.40 1.99
C THR B 315 -73.66 14.84 0.57
N ASP B 316 -72.73 15.34 -0.24
CA ASP B 316 -72.58 14.86 -1.65
C ASP B 316 -71.16 14.37 -1.87
N TRP B 317 -70.93 13.67 -3.00
CA TRP B 317 -69.64 13.10 -3.25
C TRP B 317 -68.73 14.02 -3.94
N SER B 318 -67.41 13.87 -3.78
CA SER B 318 -66.37 14.68 -4.47
C SER B 318 -65.24 13.75 -4.88
N GLY B 319 -63.89 14.01 -4.74
CA GLY B 319 -62.88 13.13 -5.51
C GLY B 319 -61.61 13.85 -5.72
N TYR B 320 -60.91 13.63 -6.88
CA TYR B 320 -59.61 14.21 -7.07
C TYR B 320 -59.89 15.78 -7.11
N SER B 321 -58.88 16.67 -6.91
CA SER B 321 -59.06 18.08 -7.26
C SER B 321 -57.66 18.42 -7.69
N GLY B 322 -57.45 19.45 -8.55
CA GLY B 322 -56.07 19.86 -8.94
C GLY B 322 -56.08 21.26 -9.26
N SER B 323 -54.89 21.83 -9.23
CA SER B 323 -54.71 23.18 -9.58
C SER B 323 -54.51 23.17 -11.13
N PHE B 324 -55.02 24.22 -11.77
CA PHE B 324 -54.58 24.58 -13.05
C PHE B 324 -54.33 26.06 -12.96
N VAL B 325 -53.71 26.55 -13.99
CA VAL B 325 -53.33 27.95 -14.08
C VAL B 325 -53.73 28.53 -15.42
N GLN B 326 -53.93 29.83 -15.38
CA GLN B 326 -54.26 30.75 -16.46
C GLN B 326 -53.02 31.66 -16.53
N HIS B 327 -52.43 31.75 -17.63
CA HIS B 327 -51.33 32.67 -17.76
C HIS B 327 -51.76 34.05 -18.25
N PRO B 328 -50.90 35.07 -18.01
CA PRO B 328 -51.09 36.44 -18.52
C PRO B 328 -51.18 36.37 -20.00
N GLU B 329 -50.52 35.43 -20.69
CA GLU B 329 -50.61 35.48 -22.17
C GLU B 329 -52.00 35.10 -22.67
N LEU B 330 -52.80 34.72 -21.72
CA LEU B 330 -54.13 34.25 -22.05
C LEU B 330 -55.16 35.19 -21.43
N THR B 331 -54.80 35.74 -20.29
CA THR B 331 -55.71 36.50 -19.46
C THR B 331 -55.60 38.03 -19.63
N GLY B 332 -54.39 38.45 -19.98
CA GLY B 332 -54.14 39.84 -20.15
C GLY B 332 -53.77 40.41 -18.79
N LEU B 333 -53.98 39.62 -17.76
CA LEU B 333 -53.58 40.02 -16.47
C LEU B 333 -52.07 40.14 -16.34
N ASP B 334 -51.57 40.67 -15.25
CA ASP B 334 -50.10 40.80 -15.03
C ASP B 334 -49.56 39.79 -14.00
N CYS B 335 -50.36 38.75 -13.74
CA CYS B 335 -50.03 37.75 -12.74
C CYS B 335 -50.65 36.42 -13.15
N ILE B 336 -50.24 35.33 -12.54
CA ILE B 336 -50.72 34.00 -12.91
C ILE B 336 -51.96 33.74 -12.08
N ARG B 337 -53.04 33.33 -12.74
CA ARG B 337 -54.30 33.07 -12.11
C ARG B 337 -54.46 31.64 -11.65
N PRO B 338 -54.63 31.41 -10.35
CA PRO B 338 -54.77 30.02 -9.85
C PRO B 338 -56.21 29.58 -9.92
N CYS B 339 -56.43 28.31 -10.31
CA CYS B 339 -57.79 27.80 -10.42
C CYS B 339 -57.71 26.37 -9.96
N PHE B 340 -58.86 25.73 -9.69
CA PHE B 340 -58.82 24.37 -9.40
C PHE B 340 -60.00 23.68 -9.94
N TRP B 341 -59.91 22.36 -10.02
CA TRP B 341 -61.10 21.63 -10.55
C TRP B 341 -61.37 20.62 -9.52
N VAL B 342 -62.62 20.24 -9.46
CA VAL B 342 -62.96 19.22 -8.55
C VAL B 342 -63.66 18.05 -9.24
N GLU B 343 -63.23 16.84 -8.87
CA GLU B 343 -63.82 15.67 -9.45
C GLU B 343 -64.96 15.15 -8.54
N LEU B 344 -66.14 14.96 -9.13
CA LEU B 344 -67.26 14.48 -8.35
C LEU B 344 -67.54 13.06 -8.71
N ILE B 345 -66.98 12.13 -7.93
CA ILE B 345 -67.09 10.68 -8.23
C ILE B 345 -68.44 10.07 -7.82
N ARG B 346 -69.12 9.38 -8.76
CA ARG B 346 -70.34 8.64 -8.46
C ARG B 346 -70.09 7.17 -8.72
N GLY B 347 -70.94 6.34 -8.14
CA GLY B 347 -70.85 4.92 -8.30
C GLY B 347 -69.96 4.25 -7.27
N ARG B 348 -69.21 3.27 -7.77
CA ARG B 348 -68.43 2.45 -6.89
C ARG B 348 -67.25 3.26 -6.34
N PRO B 349 -66.74 2.91 -5.15
CA PRO B 349 -67.22 1.87 -4.27
C PRO B 349 -68.34 2.35 -3.36
N LYS B 350 -68.67 3.61 -3.32
CA LYS B 350 -69.60 4.13 -2.30
C LYS B 350 -71.04 3.89 -2.60
N GLU B 351 -71.39 3.91 -3.89
CA GLU B 351 -72.77 3.63 -4.28
C GLU B 351 -72.99 2.26 -4.89
N SER B 352 -74.37 1.90 -4.97
CA SER B 352 -74.52 0.47 -5.41
C SER B 352 -74.76 0.40 -6.95
N THR B 353 -73.70 0.48 -7.72
CA THR B 353 -73.77 0.37 -9.16
C THR B 353 -72.64 -0.52 -9.60
N ILE B 354 -72.49 -0.62 -10.91
CA ILE B 354 -71.48 -1.46 -11.41
C ILE B 354 -70.40 -0.60 -11.99
N TRP B 355 -70.55 0.75 -11.99
CA TRP B 355 -69.52 1.64 -12.59
C TRP B 355 -69.05 2.76 -11.71
N THR B 356 -68.10 3.56 -12.17
CA THR B 356 -67.56 4.69 -11.44
C THR B 356 -67.22 5.70 -12.49
N SER B 357 -67.65 6.94 -12.30
CA SER B 357 -67.33 8.01 -13.22
C SER B 357 -67.44 9.26 -12.43
N GLY B 358 -66.81 10.33 -12.94
CA GLY B 358 -66.92 11.58 -12.29
C GLY B 358 -67.35 12.71 -13.16
N SER B 359 -68.10 13.66 -12.59
CA SER B 359 -68.36 14.97 -13.18
C SER B 359 -67.26 15.91 -12.72
N SER B 360 -67.31 17.15 -13.18
CA SER B 360 -66.26 18.08 -12.76
C SER B 360 -66.87 19.44 -12.55
N ILE B 361 -66.16 20.21 -11.74
CA ILE B 361 -66.59 21.54 -11.43
C ILE B 361 -65.30 22.27 -11.35
N SER B 362 -65.28 23.57 -11.59
CA SER B 362 -64.04 24.31 -11.40
C SER B 362 -64.28 25.72 -11.02
N PHE B 363 -63.26 26.31 -10.42
CA PHE B 363 -63.31 27.67 -9.82
C PHE B 363 -61.99 28.38 -10.09
N CYS B 364 -62.04 29.70 -10.18
CA CYS B 364 -60.83 30.41 -10.37
C CYS B 364 -60.65 31.48 -9.30
N GLY B 365 -59.38 31.94 -9.21
CA GLY B 365 -58.84 32.89 -8.23
C GLY B 365 -59.73 34.04 -7.94
N VAL B 366 -59.45 35.22 -8.46
CA VAL B 366 -60.40 36.31 -8.21
C VAL B 366 -60.28 37.23 -7.00
N ASN B 367 -60.35 38.54 -7.24
CA ASN B 367 -60.18 39.54 -6.18
C ASN B 367 -61.53 40.01 -5.64
N SER B 368 -62.54 40.06 -6.53
CA SER B 368 -63.89 40.45 -6.17
C SER B 368 -64.37 39.41 -5.18
N ASP B 369 -65.61 39.46 -4.70
CA ASP B 369 -65.98 38.40 -3.80
C ASP B 369 -66.80 37.32 -4.36
N THR B 370 -66.91 36.23 -3.60
CA THR B 370 -67.64 35.06 -4.03
C THR B 370 -68.56 34.62 -2.96
N VAL B 371 -69.02 33.39 -3.09
CA VAL B 371 -69.90 32.80 -2.11
C VAL B 371 -69.62 31.33 -2.00
N GLY B 372 -69.82 30.80 -0.79
CA GLY B 372 -69.67 29.37 -0.59
C GLY B 372 -71.01 28.81 -1.00
N TRP B 373 -71.05 27.63 -1.59
CA TRP B 373 -72.32 26.99 -1.85
C TRP B 373 -72.01 25.54 -2.13
N SER B 374 -72.93 24.77 -2.68
CA SER B 374 -72.68 23.37 -3.04
C SER B 374 -73.06 23.16 -4.52
N TRP B 375 -72.17 22.57 -5.29
CA TRP B 375 -72.38 22.32 -6.65
C TRP B 375 -72.09 20.86 -6.84
N PRO B 376 -72.93 19.95 -6.28
CA PRO B 376 -72.69 18.50 -6.36
C PRO B 376 -72.92 17.99 -7.73
N ASP B 377 -72.59 16.72 -7.95
CA ASP B 377 -72.86 16.06 -9.22
C ASP B 377 -74.36 16.11 -9.65
N GLY B 378 -75.28 15.81 -8.72
CA GLY B 378 -76.71 15.80 -9.03
C GLY B 378 -77.25 14.67 -9.85
N ALA B 379 -76.53 13.59 -10.03
CA ALA B 379 -77.11 12.44 -10.73
C ALA B 379 -77.88 11.50 -9.83
N GLU B 380 -78.94 10.86 -10.33
CA GLU B 380 -79.73 9.93 -9.48
C GLU B 380 -79.36 8.50 -9.75
N LEU B 381 -78.66 7.87 -8.80
CA LEU B 381 -78.21 6.50 -8.99
C LEU B 381 -79.21 5.61 -8.22
N PRO B 382 -79.30 4.31 -8.57
CA PRO B 382 -78.48 3.70 -9.67
C PRO B 382 -79.02 4.05 -11.06
N PHE B 383 -78.25 3.81 -12.14
CA PHE B 383 -78.75 4.16 -13.48
C PHE B 383 -79.48 2.92 -13.96
N THR B 384 -80.00 2.96 -15.18
CA THR B 384 -80.72 1.79 -15.73
C THR B 384 -79.72 0.64 -15.65
N ILE B 385 -78.53 0.99 -15.21
CA ILE B 385 -77.41 0.05 -14.96
C ILE B 385 -76.88 -0.26 -16.37
N VAL C 1 -47.21 23.82 -49.57
CA VAL C 1 -45.87 23.22 -50.08
C VAL C 1 -45.71 21.63 -50.09
N LYS C 2 -45.38 21.07 -51.27
CA LYS C 2 -45.29 19.58 -51.49
C LYS C 2 -44.35 18.86 -50.56
N LEU C 3 -44.83 17.71 -50.08
CA LEU C 3 -44.05 16.85 -49.20
C LEU C 3 -42.85 16.33 -49.98
N ALA C 4 -41.66 16.54 -49.44
CA ALA C 4 -40.43 16.02 -50.04
C ALA C 4 -40.21 14.68 -49.40
N GLY C 5 -40.08 13.64 -50.21
CA GLY C 5 -39.90 12.33 -49.60
C GLY C 5 -38.46 11.89 -49.80
N ASN C 6 -37.49 12.81 -49.61
CA ASN C 6 -36.09 12.51 -49.94
C ASN C 6 -35.31 11.89 -48.77
N SER C 7 -35.74 12.17 -47.53
CA SER C 7 -35.06 11.65 -46.33
C SER C 7 -35.38 10.15 -46.22
N SER C 8 -34.78 9.48 -45.19
CA SER C 8 -34.84 8.04 -45.02
C SER C 8 -35.65 7.64 -43.77
N LEU C 9 -35.97 6.35 -43.62
CA LEU C 9 -36.64 6.04 -42.39
C LEU C 9 -35.75 6.36 -41.23
N CYS C 10 -36.34 6.85 -40.16
CA CYS C 10 -35.61 7.08 -38.89
C CYS C 10 -35.19 5.76 -38.24
N PRO C 11 -33.98 5.76 -37.61
CA PRO C 11 -33.54 4.51 -36.96
C PRO C 11 -34.47 4.30 -35.75
N ILE C 12 -34.85 3.05 -35.45
CA ILE C 12 -35.72 2.89 -34.28
C ILE C 12 -35.37 1.64 -33.42
N ASN C 13 -35.74 1.64 -32.14
CA ASN C 13 -35.55 0.51 -31.26
C ASN C 13 -36.86 -0.21 -30.94
N GLY C 14 -38.01 0.45 -31.11
CA GLY C 14 -39.23 -0.30 -30.77
C GLY C 14 -40.40 0.58 -31.12
N TRP C 15 -41.60 0.32 -30.57
CA TRP C 15 -42.76 1.08 -31.04
C TRP C 15 -43.53 1.63 -29.88
N ALA C 16 -43.78 2.93 -29.84
CA ALA C 16 -44.52 3.46 -28.74
C ALA C 16 -46.01 3.56 -29.13
N VAL C 17 -46.92 3.21 -28.22
CA VAL C 17 -48.34 3.36 -28.60
C VAL C 17 -48.70 4.78 -29.03
N TYR C 18 -49.48 4.87 -30.09
CA TYR C 18 -49.86 6.17 -30.60
C TYR C 18 -51.36 6.48 -30.34
N SER C 19 -52.19 5.45 -30.53
CA SER C 19 -53.58 5.57 -30.36
C SER C 19 -54.34 4.28 -30.29
N LYS C 20 -55.61 4.44 -29.95
CA LYS C 20 -56.55 3.34 -29.67
C LYS C 20 -57.92 3.94 -29.59
N ASP C 21 -58.81 3.53 -30.49
CA ASP C 21 -60.11 4.24 -30.55
C ASP C 21 -61.30 3.61 -29.75
N ASN C 22 -61.19 2.35 -29.36
CA ASN C 22 -62.20 1.76 -28.52
C ASN C 22 -63.58 1.68 -29.17
N SER C 23 -63.57 1.89 -30.49
CA SER C 23 -64.81 2.06 -31.23
C SER C 23 -65.88 1.05 -30.87
N ILE C 24 -65.55 -0.22 -30.93
CA ILE C 24 -66.52 -1.24 -30.63
C ILE C 24 -67.02 -1.19 -29.24
N ARG C 25 -66.13 -1.04 -28.26
CA ARG C 25 -66.65 -0.92 -26.91
C ARG C 25 -67.58 0.32 -26.85
N ILE C 26 -67.14 1.47 -27.34
CA ILE C 26 -67.98 2.67 -27.33
C ILE C 26 -69.23 2.40 -28.14
N GLY C 27 -69.04 1.64 -29.19
CA GLY C 27 -70.15 1.36 -30.07
C GLY C 27 -71.31 0.53 -29.55
N SER C 28 -71.20 0.03 -28.32
CA SER C 28 -72.24 -0.76 -27.71
C SER C 28 -73.46 0.13 -27.46
N LYS C 29 -73.24 1.42 -27.13
CA LYS C 29 -74.30 2.39 -26.92
C LYS C 29 -74.22 3.56 -27.87
N GLY C 30 -73.02 4.09 -28.13
CA GLY C 30 -72.86 5.27 -28.95
C GLY C 30 -73.08 4.96 -30.42
N ASP C 31 -73.25 5.99 -31.24
CA ASP C 31 -73.50 5.77 -32.63
C ASP C 31 -72.20 5.70 -33.41
N VAL C 32 -71.72 4.49 -33.47
CA VAL C 32 -70.49 4.18 -34.07
C VAL C 32 -70.60 3.31 -35.31
N PHE C 33 -69.89 3.71 -36.35
CA PHE C 33 -69.96 2.96 -37.59
C PHE C 33 -69.39 1.59 -37.44
N VAL C 34 -70.00 0.66 -38.11
CA VAL C 34 -69.42 -0.65 -38.14
C VAL C 34 -68.45 -0.49 -39.29
N ILE C 35 -67.16 -0.79 -39.11
CA ILE C 35 -66.18 -0.49 -40.17
C ILE C 35 -65.24 -1.67 -40.43
N ARG C 36 -64.28 -1.48 -41.32
CA ARG C 36 -63.23 -2.42 -41.67
C ARG C 36 -62.14 -1.54 -42.18
N GLU C 37 -60.94 -2.09 -42.08
CA GLU C 37 -59.68 -1.47 -42.51
C GLU C 37 -59.58 0.02 -42.25
N PRO C 38 -59.43 0.39 -41.00
CA PRO C 38 -59.26 1.75 -40.56
C PRO C 38 -57.79 2.14 -40.63
N PHE C 39 -57.26 2.38 -41.82
CA PHE C 39 -55.91 2.74 -41.91
C PHE C 39 -55.74 4.21 -41.61
N ILE C 40 -54.57 4.56 -41.12
CA ILE C 40 -54.27 5.92 -40.71
C ILE C 40 -53.39 6.54 -41.77
N SER C 41 -53.50 7.83 -42.00
CA SER C 41 -52.62 8.51 -42.92
C SER C 41 -52.46 9.96 -42.44
N CYS C 42 -51.35 10.62 -42.68
CA CYS C 42 -51.13 11.94 -42.09
C CYS C 42 -50.86 12.97 -43.13
N SER C 43 -51.07 14.24 -42.79
CA SER C 43 -50.74 15.29 -43.73
C SER C 43 -49.53 16.01 -43.16
N HIS C 44 -49.39 17.29 -43.49
CA HIS C 44 -48.28 18.04 -42.93
C HIS C 44 -48.70 18.66 -41.61
N LEU C 45 -49.97 18.47 -41.28
CA LEU C 45 -50.54 19.12 -40.12
C LEU C 45 -51.30 18.19 -39.12
N GLU C 46 -52.00 17.16 -39.61
CA GLU C 46 -52.76 16.28 -38.73
C GLU C 46 -52.65 14.84 -39.27
N CYS C 47 -53.00 13.88 -38.43
CA CYS C 47 -53.14 12.50 -38.86
C CYS C 47 -54.61 12.14 -38.74
N ARG C 48 -55.07 11.28 -39.63
CA ARG C 48 -56.49 10.96 -39.72
C ARG C 48 -56.60 9.49 -39.93
N THR C 49 -57.73 8.98 -39.47
CA THR C 49 -58.01 7.58 -39.66
C THR C 49 -59.08 7.40 -40.75
N PHE C 50 -58.72 6.67 -41.79
CA PHE C 50 -59.70 6.42 -42.89
C PHE C 50 -60.23 5.05 -42.63
N PHE C 51 -61.41 4.77 -43.09
CA PHE C 51 -61.96 3.48 -42.87
C PHE C 51 -63.18 3.32 -43.82
N LEU C 52 -63.61 2.06 -43.99
CA LEU C 52 -64.72 1.77 -44.92
C LEU C 52 -65.89 1.31 -44.10
N THR C 53 -67.08 1.77 -44.40
CA THR C 53 -68.22 1.44 -43.57
C THR C 53 -69.29 0.94 -44.52
N GLN C 54 -70.17 0.10 -43.98
CA GLN C 54 -71.27 -0.45 -44.74
C GLN C 54 -72.46 0.49 -44.62
N GLY C 55 -72.24 1.65 -44.03
CA GLY C 55 -73.33 2.61 -43.97
C GLY C 55 -74.27 2.17 -42.86
N ALA C 56 -73.71 1.65 -41.77
CA ALA C 56 -74.51 1.05 -40.69
C ALA C 56 -73.92 1.27 -39.31
N LEU C 57 -74.70 1.18 -38.23
CA LEU C 57 -74.08 1.43 -36.95
C LEU C 57 -74.03 0.18 -36.07
N LEU C 58 -73.06 0.11 -35.18
CA LEU C 58 -73.00 -1.06 -34.29
C LEU C 58 -74.33 -1.20 -33.54
N ASN C 59 -74.80 -2.43 -33.37
CA ASN C 59 -76.03 -2.70 -32.64
C ASN C 59 -77.31 -2.22 -33.32
N ASP C 60 -77.26 -2.01 -34.65
CA ASP C 60 -78.50 -1.79 -35.37
C ASP C 60 -78.69 -2.91 -36.38
N LYS C 61 -79.93 -3.20 -36.74
CA LYS C 61 -80.21 -4.28 -37.71
C LYS C 61 -79.44 -4.19 -39.00
N HIS C 62 -79.09 -2.98 -39.43
CA HIS C 62 -78.39 -2.91 -40.69
C HIS C 62 -76.96 -3.36 -40.61
N SER C 63 -76.42 -3.67 -39.41
CA SER C 63 -75.10 -4.23 -39.30
C SER C 63 -75.17 -5.70 -39.60
N ASN C 64 -76.31 -6.11 -40.12
CA ASN C 64 -76.62 -7.53 -40.36
C ASN C 64 -75.47 -8.19 -41.09
N GLY C 65 -74.83 -7.45 -42.01
CA GLY C 65 -73.45 -7.91 -42.35
C GLY C 65 -73.35 -9.15 -43.26
N THR C 66 -74.42 -10.00 -43.32
CA THR C 66 -74.51 -11.05 -44.39
C THR C 66 -74.35 -10.44 -45.83
N VAL C 67 -74.56 -9.10 -45.98
CA VAL C 67 -74.32 -8.33 -47.24
C VAL C 67 -72.95 -8.74 -47.90
N LYS C 68 -72.91 -8.76 -49.24
CA LYS C 68 -71.61 -8.96 -49.95
C LYS C 68 -70.55 -7.91 -49.40
N ASP C 69 -69.22 -8.29 -49.40
CA ASP C 69 -68.15 -7.30 -49.00
C ASP C 69 -68.16 -6.07 -49.83
N ARG C 70 -68.55 -6.26 -51.05
CA ARG C 70 -68.57 -5.18 -51.96
C ARG C 70 -70.05 -4.77 -52.30
N SER C 71 -70.63 -3.96 -51.38
CA SER C 71 -72.02 -3.46 -51.56
C SER C 71 -71.94 -2.05 -52.04
N PRO C 72 -72.99 -1.56 -52.70
CA PRO C 72 -73.03 -0.14 -53.07
C PRO C 72 -73.20 0.84 -51.89
N HIS C 73 -73.33 0.36 -50.67
CA HIS C 73 -73.44 1.22 -49.54
C HIS C 73 -72.15 1.48 -48.90
N ARG C 74 -71.14 0.70 -49.29
CA ARG C 74 -69.82 0.86 -48.68
C ARG C 74 -69.23 2.25 -48.94
N THR C 75 -68.78 3.03 -47.93
CA THR C 75 -68.17 4.33 -48.26
C THR C 75 -66.88 4.53 -47.55
N LEU C 76 -65.98 5.26 -48.18
CA LEU C 76 -64.76 5.62 -47.55
C LEU C 76 -64.91 6.90 -46.74
N MET C 77 -64.54 6.88 -45.44
CA MET C 77 -64.54 8.09 -44.62
C MET C 77 -63.39 8.24 -43.66
N SER C 78 -63.34 9.36 -42.93
CA SER C 78 -62.26 9.56 -42.05
C SER C 78 -62.62 10.43 -40.88
N CYS C 79 -61.97 10.16 -39.73
CA CYS C 79 -62.16 11.01 -38.61
C CYS C 79 -60.83 11.09 -38.03
N PRO C 80 -60.66 11.99 -37.06
CA PRO C 80 -59.35 12.15 -36.44
C PRO C 80 -58.90 10.89 -35.78
N VAL C 81 -57.60 10.67 -35.76
CA VAL C 81 -56.99 9.51 -35.02
C VAL C 81 -57.44 9.30 -33.57
N GLY C 82 -57.82 8.08 -33.22
CA GLY C 82 -58.07 7.86 -31.81
C GLY C 82 -59.55 8.06 -31.46
N GLU C 83 -60.32 8.61 -32.39
CA GLU C 83 -61.73 8.86 -32.17
C GLU C 83 -62.53 7.75 -32.74
N ALA C 84 -63.63 7.43 -32.11
CA ALA C 84 -64.48 6.34 -32.64
C ALA C 84 -65.21 6.85 -33.87
N PRO C 85 -65.20 6.08 -34.95
CA PRO C 85 -65.86 6.60 -36.15
C PRO C 85 -67.39 6.67 -36.07
N SER C 86 -67.97 7.86 -35.99
CA SER C 86 -69.37 8.00 -35.94
C SER C 86 -69.82 8.96 -37.05
N PRO C 87 -71.12 8.91 -37.39
CA PRO C 87 -71.64 9.82 -38.43
C PRO C 87 -71.63 11.28 -37.92
N TYR C 88 -71.15 11.47 -36.66
CA TYR C 88 -71.11 12.80 -36.13
C TYR C 88 -69.75 13.47 -36.09
N ASN C 89 -68.70 12.65 -36.22
CA ASN C 89 -67.36 13.21 -36.36
C ASN C 89 -66.58 12.81 -37.61
N SER C 90 -67.16 12.05 -38.55
CA SER C 90 -66.45 11.52 -39.73
C SER C 90 -66.71 12.38 -40.93
N ARG C 91 -65.67 12.61 -41.75
CA ARG C 91 -65.84 13.31 -43.01
C ARG C 91 -66.10 12.25 -44.05
N PHE C 92 -67.01 12.59 -44.96
CA PHE C 92 -67.26 11.71 -46.10
C PHE C 92 -66.13 11.85 -47.10
N GLU C 93 -65.61 10.74 -47.63
CA GLU C 93 -64.48 10.82 -48.60
C GLU C 93 -64.88 10.36 -50.01
N SER C 94 -65.50 9.17 -50.04
CA SER C 94 -65.93 8.61 -51.32
C SER C 94 -66.82 7.38 -51.20
N VAL C 95 -67.55 7.03 -52.24
CA VAL C 95 -68.39 5.80 -52.24
C VAL C 95 -67.39 4.72 -52.59
N ALA C 96 -67.22 3.74 -51.71
CA ALA C 96 -66.15 2.76 -52.03
C ALA C 96 -66.12 1.47 -51.23
N TRP C 97 -65.79 0.39 -51.91
CA TRP C 97 -65.58 -0.86 -51.18
C TRP C 97 -64.10 -1.28 -51.20
N SER C 98 -63.21 -0.39 -51.69
CA SER C 98 -61.80 -0.64 -51.62
C SER C 98 -61.19 0.74 -51.71
N ALA C 99 -60.10 1.04 -50.99
CA ALA C 99 -59.68 2.42 -51.04
C ALA C 99 -58.28 2.68 -50.60
N SER C 100 -57.79 3.93 -50.83
CA SER C 100 -56.52 4.34 -50.25
C SER C 100 -56.51 5.84 -50.26
N ALA C 101 -55.62 6.44 -49.50
CA ALA C 101 -55.59 7.88 -49.42
C ALA C 101 -54.23 8.28 -48.94
N CYS C 102 -53.87 9.50 -49.26
CA CYS C 102 -52.60 10.02 -48.82
C CYS C 102 -52.54 11.51 -49.21
N HIS C 103 -51.81 12.28 -48.45
CA HIS C 103 -51.72 13.68 -48.63
C HIS C 103 -50.35 14.01 -49.18
N ASP C 104 -50.31 14.95 -50.12
CA ASP C 104 -49.06 15.27 -50.77
C ASP C 104 -48.37 16.54 -50.19
N GLY C 105 -48.94 17.13 -49.14
CA GLY C 105 -48.33 18.28 -48.54
C GLY C 105 -49.23 19.49 -48.81
N THR C 106 -50.02 19.38 -49.88
CA THR C 106 -51.01 20.36 -50.29
C THR C 106 -52.48 19.90 -50.00
N SER C 107 -52.94 18.81 -50.61
CA SER C 107 -54.32 18.37 -50.48
C SER C 107 -54.39 16.87 -50.33
N TRP C 108 -55.55 16.36 -49.94
CA TRP C 108 -55.69 14.92 -49.77
C TRP C 108 -56.04 14.24 -51.06
N LEU C 109 -55.48 13.05 -51.24
CA LEU C 109 -55.75 12.24 -52.43
C LEU C 109 -56.45 11.09 -51.84
N THR C 110 -57.64 10.80 -52.33
CA THR C 110 -58.39 9.59 -51.90
C THR C 110 -58.74 8.85 -53.18
N ILE C 111 -58.80 7.53 -53.07
CA ILE C 111 -59.12 6.64 -54.19
C ILE C 111 -60.12 5.66 -53.67
N GLY C 112 -61.30 5.71 -54.23
CA GLY C 112 -62.36 4.87 -53.79
C GLY C 112 -62.90 4.07 -54.97
N ILE C 113 -62.92 2.75 -54.87
CA ILE C 113 -63.34 1.95 -55.99
C ILE C 113 -64.75 1.48 -55.64
N SER C 114 -65.67 1.56 -56.63
CA SER C 114 -67.04 1.06 -56.45
C SER C 114 -67.48 0.50 -57.82
N GLY C 115 -68.70 -0.06 -57.91
CA GLY C 115 -69.15 -0.61 -59.15
C GLY C 115 -69.23 -2.13 -58.98
N PRO C 116 -69.72 -2.82 -60.01
CA PRO C 116 -69.83 -4.30 -60.04
C PRO C 116 -68.45 -4.98 -60.09
N ASP C 117 -68.38 -6.31 -59.87
CA ASP C 117 -67.11 -6.97 -59.81
C ASP C 117 -66.50 -6.98 -61.23
N ASN C 118 -67.34 -7.18 -62.25
CA ASN C 118 -66.82 -7.19 -63.65
C ASN C 118 -66.54 -5.86 -64.25
N GLY C 119 -66.58 -4.83 -63.44
CA GLY C 119 -66.21 -3.56 -63.99
C GLY C 119 -66.12 -2.39 -63.04
N ALA C 120 -65.56 -2.66 -61.88
CA ALA C 120 -65.35 -1.60 -60.92
C ALA C 120 -64.56 -0.40 -61.42
N VAL C 121 -64.77 0.77 -60.84
CA VAL C 121 -64.03 1.97 -61.22
C VAL C 121 -63.60 2.72 -60.01
N ALA C 122 -62.35 3.13 -60.10
CA ALA C 122 -61.68 3.81 -59.00
C ALA C 122 -61.85 5.32 -59.24
N VAL C 123 -62.48 6.00 -58.28
CA VAL C 123 -62.65 7.43 -58.39
C VAL C 123 -61.52 8.13 -57.61
N LEU C 124 -60.74 9.03 -58.23
CA LEU C 124 -59.69 9.71 -57.49
C LEU C 124 -60.16 11.10 -57.21
N LYS C 125 -59.89 11.55 -55.99
CA LYS C 125 -60.31 12.87 -55.60
C LYS C 125 -59.16 13.61 -55.00
N TYR C 126 -58.98 14.84 -55.48
CA TYR C 126 -57.95 15.68 -54.98
C TYR C 126 -58.65 16.85 -54.33
N ASN C 127 -58.53 16.97 -53.02
CA ASN C 127 -59.26 17.91 -52.19
C ASN C 127 -60.73 17.68 -52.27
N GLY C 128 -61.19 16.46 -52.48
CA GLY C 128 -62.61 16.17 -52.51
C GLY C 128 -63.26 16.37 -53.87
N ILE C 129 -62.52 16.86 -54.84
CA ILE C 129 -63.22 16.93 -56.11
C ILE C 129 -62.58 15.92 -57.03
N ILE C 130 -63.38 15.24 -57.81
CA ILE C 130 -62.87 14.22 -58.73
C ILE C 130 -61.84 14.74 -59.77
N THR C 131 -60.73 14.03 -59.92
CA THR C 131 -59.70 14.47 -60.82
C THR C 131 -59.32 13.42 -61.81
N ASP C 132 -59.67 12.18 -61.52
CA ASP C 132 -59.46 11.10 -62.45
C ASP C 132 -60.36 9.91 -62.14
N THR C 133 -60.21 8.91 -62.99
CA THR C 133 -60.98 7.65 -62.96
C THR C 133 -60.11 6.59 -63.59
N ILE C 134 -60.15 5.38 -63.04
CA ILE C 134 -59.44 4.21 -63.57
C ILE C 134 -60.44 3.05 -63.55
N LYS C 135 -60.76 2.43 -64.70
CA LYS C 135 -61.67 1.22 -64.78
C LYS C 135 -60.89 -0.06 -64.71
N SER C 136 -61.58 -1.09 -64.25
CA SER C 136 -61.06 -2.44 -64.15
C SER C 136 -60.46 -2.78 -65.51
N TRP C 137 -59.26 -3.35 -65.60
CA TRP C 137 -58.77 -3.74 -66.91
C TRP C 137 -58.78 -5.25 -67.10
N ARG C 138 -59.26 -5.98 -66.12
CA ARG C 138 -59.40 -7.45 -66.24
C ARG C 138 -60.86 -7.84 -65.93
N ASN C 139 -61.65 -6.87 -65.50
CA ASN C 139 -63.02 -7.06 -65.12
C ASN C 139 -63.11 -8.14 -64.04
N ASN C 140 -62.29 -8.04 -63.01
CA ASN C 140 -62.36 -9.03 -61.93
C ASN C 140 -61.89 -8.43 -60.64
N ILE C 141 -62.75 -7.63 -60.07
CA ILE C 141 -62.57 -7.00 -58.80
C ILE C 141 -61.36 -6.11 -58.71
N LEU C 142 -61.39 -5.03 -59.45
CA LEU C 142 -60.32 -4.03 -59.33
C LEU C 142 -60.19 -3.63 -57.87
N ARG C 143 -58.98 -3.61 -57.33
CA ARG C 143 -58.93 -3.29 -55.91
C ARG C 143 -57.60 -2.67 -55.48
N THR C 144 -57.54 -2.02 -54.29
CA THR C 144 -56.34 -1.31 -53.95
C THR C 144 -55.87 -1.57 -52.55
N GLN C 145 -54.88 -0.79 -52.16
CA GLN C 145 -54.19 -0.96 -50.89
C GLN C 145 -55.04 -1.15 -49.61
N GLU C 146 -56.05 -0.31 -49.37
CA GLU C 146 -56.69 -0.32 -48.00
C GLU C 146 -55.73 0.17 -46.94
N SER C 147 -54.92 1.18 -47.34
CA SER C 147 -53.92 1.77 -46.50
C SER C 147 -53.33 2.98 -47.21
N GLU C 148 -52.59 3.84 -46.50
CA GLU C 148 -52.01 5.12 -47.02
C GLU C 148 -51.25 4.86 -48.36
N CYS C 149 -51.40 5.71 -49.39
CA CYS C 149 -50.53 5.61 -50.53
C CYS C 149 -49.27 6.40 -50.15
N ALA C 150 -48.28 6.48 -51.06
CA ALA C 150 -47.10 7.22 -50.72
C ALA C 150 -46.80 8.40 -51.62
N CYS C 151 -46.53 9.55 -51.01
CA CYS C 151 -46.25 10.70 -51.89
C CYS C 151 -44.80 11.07 -51.74
N VAL C 152 -44.16 11.46 -52.83
CA VAL C 152 -42.77 11.93 -52.82
C VAL C 152 -42.69 13.02 -53.89
N ASN C 153 -42.08 14.14 -53.55
CA ASN C 153 -41.83 15.15 -54.60
C ASN C 153 -43.08 15.54 -55.32
N GLY C 154 -44.19 15.63 -54.60
CA GLY C 154 -45.46 16.06 -55.24
C GLY C 154 -46.13 15.07 -56.19
N SER C 155 -45.68 13.83 -56.08
CA SER C 155 -46.35 12.80 -56.83
C SER C 155 -46.76 11.72 -55.84
N CYS C 156 -47.97 11.21 -55.94
CA CYS C 156 -48.35 10.15 -55.03
C CYS C 156 -48.42 8.88 -55.81
N PHE C 157 -48.20 7.77 -55.14
CA PHE C 157 -48.24 6.46 -55.83
C PHE C 157 -49.05 5.42 -55.11
N THR C 158 -49.66 4.57 -55.88
CA THR C 158 -50.41 3.45 -55.31
C THR C 158 -50.35 2.19 -56.20
N VAL C 159 -50.78 1.06 -55.69
CA VAL C 159 -50.73 -0.19 -56.40
C VAL C 159 -52.11 -0.76 -56.35
N MET C 160 -52.64 -1.06 -57.52
CA MET C 160 -53.94 -1.71 -57.62
C MET C 160 -53.81 -3.07 -58.30
N THR C 161 -54.76 -3.99 -58.10
CA THR C 161 -54.69 -5.29 -58.72
C THR C 161 -56.04 -5.54 -59.31
N ASP C 162 -56.04 -6.33 -60.36
CA ASP C 162 -57.28 -6.70 -61.02
C ASP C 162 -57.09 -8.15 -61.49
N GLY C 163 -58.12 -9.01 -61.37
CA GLY C 163 -57.89 -10.41 -61.68
C GLY C 163 -58.24 -11.23 -60.46
N PRO C 164 -58.12 -12.54 -60.56
CA PRO C 164 -58.41 -13.45 -59.45
C PRO C 164 -57.64 -13.25 -58.17
N SER C 165 -58.21 -13.78 -57.08
CA SER C 165 -57.56 -13.78 -55.76
C SER C 165 -56.93 -15.13 -55.43
N ASN C 166 -57.01 -16.10 -56.39
CA ASN C 166 -56.22 -17.36 -56.42
C ASN C 166 -55.08 -17.10 -57.37
N GLY C 167 -55.04 -17.88 -58.47
CA GLY C 167 -53.95 -17.74 -59.48
C GLY C 167 -53.45 -16.33 -59.90
N GLN C 168 -52.57 -16.29 -60.92
CA GLN C 168 -52.02 -15.01 -61.39
C GLN C 168 -53.06 -13.99 -61.49
N ALA C 169 -52.71 -12.83 -61.02
CA ALA C 169 -53.53 -11.70 -61.29
C ALA C 169 -52.71 -10.62 -62.05
N SER C 170 -53.26 -9.43 -62.16
CA SER C 170 -52.60 -8.36 -62.78
C SER C 170 -52.26 -7.23 -61.78
N TYR C 171 -51.04 -6.72 -61.84
CA TYR C 171 -50.68 -5.71 -60.86
C TYR C 171 -50.17 -4.43 -61.47
N LYS C 172 -50.71 -3.28 -61.06
CA LYS C 172 -50.29 -2.01 -61.66
C LYS C 172 -49.87 -0.95 -60.67
N ILE C 173 -48.86 -0.15 -61.04
CA ILE C 173 -48.38 0.91 -60.16
C ILE C 173 -48.82 2.22 -60.82
N PHE C 174 -49.56 3.03 -60.08
CA PHE C 174 -50.02 4.31 -60.61
C PHE C 174 -49.28 5.51 -60.02
N LYS C 175 -48.79 6.38 -60.88
CA LYS C 175 -48.16 7.59 -60.42
C LYS C 175 -49.19 8.69 -60.72
N MET C 176 -49.62 9.37 -59.69
CA MET C 176 -50.54 10.47 -59.94
C MET C 176 -50.13 11.78 -59.32
N GLU C 177 -50.59 12.88 -59.90
CA GLU C 177 -50.27 14.19 -59.35
C GLU C 177 -51.48 15.01 -59.35
N LYS C 178 -51.75 15.68 -58.26
CA LYS C 178 -52.97 16.42 -58.17
C LYS C 178 -54.08 15.46 -58.57
N GLY C 179 -53.94 14.23 -58.12
CA GLY C 179 -54.98 13.28 -58.37
C GLY C 179 -55.22 12.79 -59.75
N LYS C 180 -54.29 13.05 -60.67
CA LYS C 180 -54.50 12.66 -62.08
C LYS C 180 -53.41 11.65 -62.36
N VAL C 181 -53.78 10.53 -62.89
CA VAL C 181 -52.78 9.50 -63.15
C VAL C 181 -51.85 9.98 -64.25
N VAL C 182 -50.61 10.27 -63.94
CA VAL C 182 -49.74 10.74 -65.00
C VAL C 182 -48.89 9.60 -65.60
N LYS C 183 -48.84 8.42 -64.95
CA LYS C 183 -48.14 7.28 -65.52
C LYS C 183 -48.57 6.07 -64.75
N SER C 184 -48.51 4.90 -65.41
CA SER C 184 -48.86 3.63 -64.78
C SER C 184 -48.00 2.59 -65.44
N VAL C 185 -47.79 1.47 -64.75
CA VAL C 185 -47.03 0.31 -65.22
C VAL C 185 -47.60 -0.91 -64.64
N GLU C 186 -47.79 -1.91 -65.47
CA GLU C 186 -48.21 -3.23 -65.02
C GLU C 186 -46.93 -3.98 -64.59
N LEU C 187 -46.86 -4.40 -63.34
CA LEU C 187 -45.74 -5.23 -62.93
C LEU C 187 -45.62 -6.49 -63.78
N ASP C 188 -44.43 -6.83 -64.17
CA ASP C 188 -44.22 -8.05 -64.83
C ASP C 188 -43.78 -9.05 -63.74
N ALA C 189 -44.75 -9.64 -63.06
CA ALA C 189 -44.49 -10.47 -61.93
C ALA C 189 -45.13 -11.84 -62.04
N PRO C 190 -44.63 -12.69 -62.96
CA PRO C 190 -45.17 -14.03 -63.04
C PRO C 190 -44.88 -14.74 -61.73
N ASN C 191 -45.86 -15.49 -61.22
CA ASN C 191 -45.80 -16.25 -60.01
C ASN C 191 -45.94 -15.36 -58.77
N TYR C 192 -46.03 -14.03 -58.93
CA TYR C 192 -46.19 -13.19 -57.83
C TYR C 192 -47.65 -12.96 -57.63
N HIS C 193 -48.05 -12.42 -56.51
CA HIS C 193 -49.45 -12.09 -56.22
C HIS C 193 -49.52 -10.86 -55.29
N TYR C 194 -50.09 -9.76 -55.76
CA TYR C 194 -50.15 -8.61 -54.95
C TYR C 194 -51.55 -8.12 -54.68
N GLU C 195 -51.83 -7.92 -53.37
CA GLU C 195 -53.13 -7.39 -52.83
C GLU C 195 -52.83 -6.64 -51.52
N GLU C 196 -53.70 -5.69 -51.23
CA GLU C 196 -53.56 -4.85 -50.06
C GLU C 196 -52.14 -4.39 -49.68
N CYS C 197 -51.46 -3.62 -50.54
CA CYS C 197 -50.06 -3.31 -50.29
C CYS C 197 -49.97 -2.24 -49.23
N SER C 198 -48.89 -2.23 -48.46
CA SER C 198 -48.65 -1.17 -47.54
C SER C 198 -47.42 -0.51 -48.04
N CYS C 199 -47.57 0.68 -48.56
CA CYS C 199 -46.45 1.34 -49.24
C CYS C 199 -45.99 2.49 -48.37
N TYR C 200 -44.72 2.85 -48.47
CA TYR C 200 -44.17 3.98 -47.76
C TYR C 200 -42.97 4.55 -48.54
N PRO C 201 -42.76 5.87 -48.44
CA PRO C 201 -41.62 6.51 -49.09
C PRO C 201 -40.34 6.35 -48.20
N ASN C 202 -39.17 6.41 -48.85
CA ASN C 202 -37.88 6.29 -48.23
C ASN C 202 -36.89 6.74 -49.30
N ALA C 203 -36.06 7.72 -48.96
CA ALA C 203 -34.99 8.17 -49.86
C ALA C 203 -35.51 8.37 -51.29
N GLY C 204 -36.65 9.02 -51.42
CA GLY C 204 -37.16 9.35 -52.70
C GLY C 204 -37.81 8.24 -53.50
N GLU C 205 -37.93 7.06 -52.86
CA GLU C 205 -38.53 5.96 -53.51
C GLU C 205 -39.61 5.35 -52.68
N ILE C 206 -40.44 4.57 -53.36
CA ILE C 206 -41.51 3.87 -52.67
C ILE C 206 -41.28 2.38 -52.52
N THR C 207 -41.56 1.82 -51.35
CA THR C 207 -41.47 0.38 -51.11
C THR C 207 -42.82 -0.04 -50.55
N CYS C 208 -43.32 -1.14 -51.07
CA CYS C 208 -44.57 -1.66 -50.64
C CYS C 208 -44.48 -3.16 -50.25
N VAL C 209 -45.00 -3.49 -49.08
CA VAL C 209 -44.94 -4.83 -48.59
C VAL C 209 -46.43 -5.23 -48.59
N CYS C 210 -46.77 -6.25 -49.39
CA CYS C 210 -48.17 -6.59 -49.61
C CYS C 210 -48.67 -7.93 -49.07
N ARG C 211 -49.73 -8.44 -49.72
CA ARG C 211 -50.32 -9.68 -49.33
C ARG C 211 -50.48 -10.58 -50.50
N ASP C 212 -50.03 -11.82 -50.35
CA ASP C 212 -50.13 -12.82 -51.40
C ASP C 212 -51.20 -13.74 -50.89
N ASN C 213 -52.37 -13.58 -51.53
CA ASN C 213 -53.58 -14.37 -51.20
C ASN C 213 -53.66 -15.71 -51.92
N TRP C 214 -52.79 -15.84 -52.86
CA TRP C 214 -52.83 -17.01 -53.76
C TRP C 214 -51.98 -18.23 -53.28
N HIS C 215 -50.65 -18.00 -53.14
CA HIS C 215 -49.79 -19.02 -52.60
C HIS C 215 -48.55 -18.65 -51.80
N GLY C 216 -48.69 -17.65 -50.96
CA GLY C 216 -47.54 -17.22 -50.13
C GLY C 216 -47.89 -16.98 -48.70
N SER C 217 -46.96 -17.46 -47.87
CA SER C 217 -47.07 -17.28 -46.45
C SER C 217 -46.12 -16.16 -46.11
N ASN C 218 -45.16 -15.86 -47.00
CA ASN C 218 -44.24 -14.74 -46.83
C ASN C 218 -44.86 -13.57 -47.61
N ARG C 219 -44.55 -12.32 -47.30
CA ARG C 219 -45.08 -11.20 -48.03
C ARG C 219 -44.21 -10.81 -49.25
N PRO C 220 -44.87 -10.54 -50.36
CA PRO C 220 -44.24 -10.07 -51.55
C PRO C 220 -44.07 -8.57 -51.40
N TRP C 221 -43.09 -7.99 -52.11
CA TRP C 221 -42.85 -6.57 -52.09
C TRP C 221 -42.54 -6.01 -53.47
N VAL C 222 -42.68 -4.69 -53.61
CA VAL C 222 -42.38 -3.99 -54.81
C VAL C 222 -41.77 -2.69 -54.41
N SER C 223 -40.71 -2.25 -55.10
CA SER C 223 -40.18 -0.95 -54.78
C SER C 223 -39.89 -0.35 -56.09
N PHE C 224 -40.16 0.93 -56.14
CA PHE C 224 -39.98 1.65 -57.40
C PHE C 224 -39.53 3.09 -57.18
N ASN C 225 -39.05 3.65 -58.26
CA ASN C 225 -38.53 5.00 -58.29
C ASN C 225 -39.72 5.88 -58.61
N GLN C 226 -39.52 7.23 -58.90
CA GLN C 226 -40.54 8.16 -59.34
C GLN C 226 -40.87 7.96 -60.83
N ASN C 227 -40.04 7.21 -61.57
CA ASN C 227 -40.39 6.87 -62.94
C ASN C 227 -40.99 5.52 -63.09
N LEU C 228 -41.46 4.99 -61.95
CA LEU C 228 -42.09 3.66 -61.95
C LEU C 228 -41.14 2.55 -62.47
N GLU C 229 -39.81 2.71 -62.32
CA GLU C 229 -38.91 1.62 -62.69
C GLU C 229 -38.86 0.85 -61.38
N TYR C 230 -39.30 -0.40 -61.41
CA TYR C 230 -39.38 -1.14 -60.14
C TYR C 230 -38.56 -2.43 -59.99
N GLN C 231 -38.52 -2.98 -58.78
CA GLN C 231 -37.92 -4.31 -58.54
C GLN C 231 -38.94 -5.05 -57.68
N ILE C 232 -38.86 -6.37 -57.65
CA ILE C 232 -39.83 -7.11 -56.87
C ILE C 232 -39.23 -8.29 -56.15
N GLY C 233 -40.00 -8.97 -55.31
CA GLY C 233 -39.47 -10.08 -54.53
C GLY C 233 -40.40 -10.39 -53.35
N TYR C 234 -39.93 -11.28 -52.45
CA TYR C 234 -40.63 -11.72 -51.23
C TYR C 234 -39.66 -11.52 -50.09
N ILE C 235 -40.15 -11.21 -48.90
CA ILE C 235 -39.30 -11.13 -47.72
C ILE C 235 -38.80 -12.55 -47.54
N CYS C 236 -37.50 -12.72 -47.53
CA CYS C 236 -36.91 -14.07 -47.44
C CYS C 236 -36.87 -14.69 -46.04
N SER C 237 -36.87 -13.84 -45.01
CA SER C 237 -36.95 -14.26 -43.64
C SER C 237 -37.86 -15.46 -43.36
N GLY C 238 -37.38 -16.41 -42.57
CA GLY C 238 -38.20 -17.54 -42.16
C GLY C 238 -39.16 -17.20 -41.06
N VAL C 239 -39.29 -15.90 -40.75
CA VAL C 239 -40.20 -15.45 -39.70
C VAL C 239 -41.34 -15.03 -40.62
N PHE C 240 -42.15 -16.02 -41.00
CA PHE C 240 -43.16 -15.74 -42.00
C PHE C 240 -44.22 -14.71 -41.57
N GLY C 241 -44.51 -13.70 -42.40
CA GLY C 241 -45.40 -12.61 -41.91
C GLY C 241 -46.89 -12.65 -42.28
N ASP C 242 -47.24 -13.59 -43.15
CA ASP C 242 -48.59 -13.62 -43.59
C ASP C 242 -49.34 -14.42 -42.56
N ASN C 243 -50.63 -14.45 -42.79
CA ASN C 243 -51.48 -15.22 -41.87
C ASN C 243 -52.65 -15.68 -42.74
N PRO C 244 -52.90 -16.98 -42.79
CA PRO C 244 -52.24 -18.14 -42.16
C PRO C 244 -50.79 -18.30 -42.60
N ARG C 245 -50.08 -19.25 -42.01
CA ARG C 245 -48.68 -19.42 -42.32
C ARG C 245 -48.23 -20.66 -41.61
N PRO C 246 -47.00 -21.13 -41.86
CA PRO C 246 -46.52 -22.29 -41.10
C PRO C 246 -45.77 -21.81 -39.81
N ASN C 247 -45.25 -22.74 -39.00
CA ASN C 247 -44.40 -22.36 -37.89
C ASN C 247 -43.14 -21.84 -38.55
N ASP C 248 -42.47 -20.88 -37.93
CA ASP C 248 -41.25 -20.29 -38.55
C ASP C 248 -40.18 -21.32 -38.79
N GLY C 249 -40.00 -21.69 -40.07
CA GLY C 249 -39.02 -22.72 -40.51
C GLY C 249 -38.03 -21.97 -41.35
N THR C 250 -37.93 -22.33 -42.63
CA THR C 250 -36.92 -21.73 -43.48
C THR C 250 -37.79 -21.03 -44.49
N GLY C 251 -37.40 -19.79 -44.71
CA GLY C 251 -38.09 -18.95 -45.69
C GLY C 251 -37.43 -19.04 -47.05
N SER C 252 -38.00 -18.24 -47.97
CA SER C 252 -37.44 -18.28 -49.34
C SER C 252 -37.81 -16.94 -49.93
N CYS C 253 -36.98 -16.51 -50.87
CA CYS C 253 -37.21 -15.23 -51.55
C CYS C 253 -38.27 -15.33 -52.64
N GLY C 254 -38.91 -16.71 -52.76
CA GLY C 254 -40.20 -16.51 -53.61
C GLY C 254 -41.29 -17.29 -52.84
N PRO C 255 -42.58 -17.10 -53.15
CA PRO C 255 -43.66 -17.58 -52.42
C PRO C 255 -43.44 -18.96 -51.70
N VAL C 256 -43.72 -18.93 -50.40
CA VAL C 256 -43.67 -20.07 -49.55
C VAL C 256 -45.10 -20.64 -49.63
N SER C 257 -45.27 -21.70 -50.38
CA SER C 257 -46.61 -22.20 -50.58
C SER C 257 -47.29 -22.75 -49.35
N SER C 258 -46.63 -23.65 -48.70
CA SER C 258 -47.19 -24.23 -47.52
C SER C 258 -47.92 -23.15 -46.69
N ASN C 259 -49.17 -23.55 -46.55
CA ASN C 259 -50.08 -22.89 -45.71
C ASN C 259 -50.26 -21.50 -46.11
N GLY C 260 -49.53 -21.11 -47.13
CA GLY C 260 -49.72 -19.74 -47.59
C GLY C 260 -50.82 -19.42 -48.59
N ALA C 261 -51.86 -20.21 -48.65
CA ALA C 261 -52.85 -19.96 -49.63
C ALA C 261 -54.03 -19.01 -49.33
N TYR C 262 -53.92 -18.04 -48.40
CA TYR C 262 -54.98 -17.05 -48.15
C TYR C 262 -54.19 -15.80 -47.66
N GLY C 263 -54.60 -15.06 -46.60
CA GLY C 263 -53.72 -14.02 -45.93
C GLY C 263 -54.46 -12.87 -45.21
N VAL C 264 -53.78 -11.70 -44.94
CA VAL C 264 -54.27 -10.51 -44.20
C VAL C 264 -53.42 -9.27 -44.62
N LYS C 265 -53.98 -8.03 -44.74
CA LYS C 265 -53.24 -6.77 -45.12
C LYS C 265 -52.18 -6.84 -43.95
N GLY C 266 -50.85 -6.80 -44.33
CA GLY C 266 -49.75 -6.56 -43.36
C GLY C 266 -48.81 -5.56 -43.97
N PHE C 267 -47.69 -5.33 -43.23
CA PHE C 267 -46.69 -4.35 -43.59
C PHE C 267 -45.34 -4.85 -43.10
N SER C 268 -44.26 -4.14 -43.42
CA SER C 268 -42.96 -4.45 -42.96
C SER C 268 -42.12 -3.21 -43.29
N PHE C 269 -41.09 -2.91 -42.49
CA PHE C 269 -40.18 -1.80 -42.81
C PHE C 269 -38.82 -2.37 -43.14
N LYS C 270 -38.25 -2.03 -44.30
CA LYS C 270 -36.93 -2.51 -44.63
C LYS C 270 -35.93 -1.49 -44.15
N TYR C 271 -34.83 -1.95 -43.58
CA TYR C 271 -33.71 -1.10 -43.14
C TYR C 271 -32.47 -1.86 -43.57
N GLY C 272 -31.81 -1.38 -44.60
CA GLY C 272 -30.70 -2.14 -45.14
C GLY C 272 -31.16 -3.57 -45.50
N ASN C 273 -30.52 -4.61 -44.99
CA ASN C 273 -30.99 -5.97 -45.24
C ASN C 273 -31.89 -6.48 -44.17
N GLY C 274 -32.23 -5.63 -43.19
CA GLY C 274 -33.08 -6.12 -42.13
C GLY C 274 -34.54 -5.71 -42.32
N VAL C 275 -35.45 -6.30 -41.51
CA VAL C 275 -36.88 -5.99 -41.60
C VAL C 275 -37.52 -5.87 -40.27
N TRP C 276 -38.42 -4.91 -40.18
CA TRP C 276 -39.20 -4.87 -38.99
C TRP C 276 -40.52 -5.51 -39.50
N ILE C 277 -40.83 -6.70 -39.02
CA ILE C 277 -42.01 -7.38 -39.41
C ILE C 277 -43.10 -7.36 -38.38
N GLY C 278 -44.32 -7.10 -38.84
CA GLY C 278 -45.43 -7.00 -37.93
C GLY C 278 -46.23 -8.19 -38.40
N ARG C 279 -46.76 -8.97 -37.49
CA ARG C 279 -47.56 -10.07 -37.88
C ARG C 279 -48.43 -10.49 -36.73
N THR C 280 -49.39 -11.39 -37.04
CA THR C 280 -50.32 -11.86 -36.01
C THR C 280 -49.54 -12.85 -35.23
N LYS C 281 -50.06 -13.33 -34.09
CA LYS C 281 -49.21 -14.22 -33.29
C LYS C 281 -49.60 -15.64 -33.65
N SER C 282 -50.88 -15.85 -33.90
CA SER C 282 -51.38 -17.17 -34.28
C SER C 282 -50.99 -17.44 -35.73
N THR C 283 -50.96 -18.68 -36.13
CA THR C 283 -50.58 -19.01 -37.48
C THR C 283 -51.78 -19.47 -38.30
N ASN C 284 -52.92 -19.66 -37.62
CA ASN C 284 -54.15 -20.02 -38.30
C ASN C 284 -55.19 -18.95 -38.18
N SER C 285 -55.06 -17.96 -37.28
CA SER C 285 -56.13 -16.99 -37.11
C SER C 285 -55.68 -15.63 -36.98
N ARG C 286 -56.64 -14.71 -37.01
CA ARG C 286 -56.18 -13.35 -36.87
C ARG C 286 -56.28 -13.00 -35.43
N SER C 287 -55.29 -13.41 -34.69
CA SER C 287 -55.28 -13.15 -33.29
C SER C 287 -53.85 -12.85 -32.79
N GLY C 288 -53.68 -11.81 -31.95
CA GLY C 288 -52.38 -11.37 -31.48
C GLY C 288 -51.62 -10.59 -32.52
N PHE C 289 -50.56 -9.84 -32.13
CA PHE C 289 -49.78 -9.09 -33.08
C PHE C 289 -48.51 -8.90 -32.33
N GLU C 290 -47.38 -8.81 -33.07
CA GLU C 290 -46.09 -8.65 -32.48
C GLU C 290 -45.26 -7.99 -33.55
N MET C 291 -44.29 -7.17 -33.13
CA MET C 291 -43.36 -6.53 -34.05
C MET C 291 -42.10 -7.35 -33.76
N ILE C 292 -41.49 -7.79 -34.86
CA ILE C 292 -40.28 -8.59 -34.81
C ILE C 292 -39.21 -7.90 -35.63
N TRP C 293 -37.99 -7.82 -35.07
CA TRP C 293 -36.83 -7.23 -35.71
C TRP C 293 -35.81 -8.27 -36.04
N ASP C 294 -35.81 -8.69 -37.30
CA ASP C 294 -34.89 -9.69 -37.84
C ASP C 294 -33.96 -8.95 -38.72
N PRO C 295 -32.81 -8.63 -38.15
CA PRO C 295 -31.82 -7.93 -38.96
C PRO C 295 -31.55 -8.88 -40.10
N ASN C 296 -30.78 -8.45 -41.06
CA ASN C 296 -30.36 -9.46 -42.09
C ASN C 296 -31.31 -10.63 -42.26
N GLY C 297 -32.52 -10.29 -42.73
CA GLY C 297 -33.74 -11.08 -42.76
C GLY C 297 -34.60 -10.71 -44.00
N TRP C 298 -34.31 -9.65 -44.73
CA TRP C 298 -35.18 -9.26 -45.86
C TRP C 298 -34.56 -9.99 -47.02
N THR C 299 -33.26 -10.29 -46.88
CA THR C 299 -32.54 -11.00 -47.94
C THR C 299 -32.08 -12.40 -47.52
N GLU C 300 -32.26 -12.78 -46.26
CA GLU C 300 -31.75 -14.02 -45.80
C GLU C 300 -32.91 -14.92 -45.36
N THR C 301 -32.61 -16.20 -45.16
CA THR C 301 -33.65 -17.14 -44.75
C THR C 301 -33.30 -17.66 -43.36
N ASP C 302 -34.05 -17.36 -42.31
CA ASP C 302 -33.62 -17.75 -40.96
C ASP C 302 -34.86 -18.02 -40.27
N SER C 303 -34.76 -18.14 -38.95
CA SER C 303 -35.98 -18.28 -38.14
C SER C 303 -35.55 -17.41 -37.01
N SER C 304 -34.35 -16.84 -37.13
CA SER C 304 -33.84 -16.15 -35.97
C SER C 304 -33.87 -14.66 -36.23
N PHE C 305 -34.20 -13.94 -35.17
CA PHE C 305 -34.28 -12.52 -35.18
C PHE C 305 -33.82 -12.05 -33.80
N SER C 306 -33.54 -10.76 -33.63
CA SER C 306 -33.06 -10.27 -32.32
C SER C 306 -34.11 -9.71 -31.36
N VAL C 307 -35.22 -9.16 -31.88
CA VAL C 307 -36.24 -8.51 -31.03
C VAL C 307 -37.64 -8.87 -31.44
N LYS C 308 -38.53 -8.88 -30.30
CA LYS C 308 -39.95 -9.26 -30.44
C LYS C 308 -40.62 -8.35 -29.44
N GLN C 309 -41.59 -7.61 -29.93
CA GLN C 309 -42.33 -6.70 -29.10
C GLN C 309 -43.80 -7.08 -29.29
N ASP C 310 -44.38 -7.69 -28.25
CA ASP C 310 -45.81 -8.05 -28.30
C ASP C 310 -46.66 -6.80 -28.39
N ILE C 311 -47.75 -6.93 -29.06
CA ILE C 311 -48.63 -5.83 -29.21
C ILE C 311 -50.08 -6.22 -28.88
N VAL C 312 -50.49 -7.38 -29.37
CA VAL C 312 -51.76 -7.93 -28.99
C VAL C 312 -51.54 -9.39 -28.64
N ALA C 313 -52.11 -9.82 -27.53
CA ALA C 313 -51.93 -11.18 -27.04
C ALA C 313 -52.59 -12.24 -27.94
N ILE C 314 -52.08 -13.48 -27.90
CA ILE C 314 -52.63 -14.49 -28.79
C ILE C 314 -54.03 -14.73 -28.40
N THR C 315 -54.40 -14.35 -27.16
CA THR C 315 -55.79 -14.71 -26.70
C THR C 315 -56.74 -13.65 -27.20
N ASP C 316 -56.28 -12.66 -27.96
CA ASP C 316 -57.20 -11.63 -28.47
C ASP C 316 -57.11 -11.44 -29.99
N TRP C 317 -58.26 -11.07 -30.56
CA TRP C 317 -58.34 -10.87 -31.98
C TRP C 317 -57.60 -9.66 -32.53
N SER C 318 -57.01 -9.84 -33.72
CA SER C 318 -56.43 -8.73 -34.45
C SER C 318 -57.03 -8.72 -35.87
N GLY C 319 -56.19 -8.50 -36.90
CA GLY C 319 -56.73 -8.35 -38.27
C GLY C 319 -55.76 -7.69 -39.18
N TYR C 320 -56.25 -6.86 -40.08
CA TYR C 320 -55.40 -6.08 -40.94
C TYR C 320 -54.43 -5.22 -40.19
N SER C 321 -53.28 -4.88 -40.81
CA SER C 321 -52.38 -3.91 -40.19
C SER C 321 -51.75 -3.25 -41.42
N GLY C 322 -51.23 -1.99 -41.38
CA GLY C 322 -50.54 -1.40 -42.50
C GLY C 322 -49.63 -0.37 -41.96
N SER C 323 -48.85 0.25 -42.85
CA SER C 323 -47.89 1.22 -42.40
C SER C 323 -48.45 2.56 -42.75
N PHE C 324 -48.12 3.53 -41.93
CA PHE C 324 -48.33 4.88 -42.32
C PHE C 324 -47.11 5.62 -41.85
N VAL C 325 -46.92 6.79 -42.40
CA VAL C 325 -45.63 7.55 -42.30
C VAL C 325 -45.95 8.92 -41.71
N GLN C 326 -44.99 9.50 -41.08
CA GLN C 326 -45.02 10.85 -40.50
C GLN C 326 -44.53 12.01 -41.32
N HIS C 327 -43.99 12.16 -42.37
CA HIS C 327 -42.98 13.07 -42.92
C HIS C 327 -42.36 14.18 -42.07
N PRO C 328 -41.07 14.44 -42.36
CA PRO C 328 -40.34 15.48 -41.64
C PRO C 328 -41.06 16.81 -41.76
N GLU C 329 -42.02 16.97 -42.66
CA GLU C 329 -42.68 18.27 -42.68
C GLU C 329 -43.70 18.34 -41.57
N LEU C 330 -44.22 17.23 -41.03
CA LEU C 330 -45.21 17.38 -39.99
C LEU C 330 -44.58 17.26 -38.64
N THR C 331 -43.46 16.55 -38.60
CA THR C 331 -42.66 16.23 -37.40
C THR C 331 -41.54 17.17 -37.03
N GLY C 332 -40.78 17.64 -38.00
CA GLY C 332 -39.64 18.49 -37.67
C GLY C 332 -38.42 17.63 -37.60
N LEU C 333 -38.59 16.32 -37.60
CA LEU C 333 -37.48 15.35 -37.65
C LEU C 333 -36.76 15.49 -39.01
N ASP C 334 -35.58 14.91 -39.15
CA ASP C 334 -34.82 14.98 -40.38
C ASP C 334 -34.95 13.66 -41.14
N CYS C 335 -35.90 12.84 -40.71
CA CYS C 335 -36.17 11.57 -41.37
C CYS C 335 -37.67 11.28 -41.38
N ILE C 336 -38.05 10.14 -41.94
CA ILE C 336 -39.44 9.78 -42.06
C ILE C 336 -39.83 8.83 -40.96
N ARG C 337 -40.95 9.14 -40.28
CA ARG C 337 -41.21 8.36 -39.10
C ARG C 337 -42.06 7.16 -39.49
N PRO C 338 -41.53 5.94 -39.30
CA PRO C 338 -42.37 4.84 -39.69
C PRO C 338 -43.32 4.57 -38.53
N CYS C 339 -44.57 4.38 -38.84
CA CYS C 339 -45.59 4.01 -37.86
C CYS C 339 -46.37 2.93 -38.49
N PHE C 340 -47.25 2.37 -37.71
CA PHE C 340 -48.17 1.38 -38.19
C PHE C 340 -49.41 1.35 -37.35
N TRP C 341 -50.40 0.71 -37.90
CA TRP C 341 -51.68 0.58 -37.24
C TRP C 341 -52.17 -0.83 -37.40
N VAL C 342 -53.02 -1.31 -36.49
CA VAL C 342 -53.47 -2.68 -36.50
C VAL C 342 -54.95 -2.66 -36.27
N GLU C 343 -55.64 -3.44 -37.07
CA GLU C 343 -57.10 -3.55 -37.05
C GLU C 343 -57.53 -4.71 -36.08
N LEU C 344 -58.40 -4.44 -35.11
CA LEU C 344 -58.82 -5.48 -34.17
C LEU C 344 -60.20 -5.85 -34.62
N ILE C 345 -60.33 -7.01 -35.25
CA ILE C 345 -61.61 -7.39 -35.82
C ILE C 345 -62.43 -8.25 -34.86
N ARG C 346 -63.70 -7.86 -34.65
CA ARG C 346 -64.57 -8.62 -33.74
C ARG C 346 -65.83 -8.97 -34.50
N GLY C 347 -66.40 -10.13 -34.14
CA GLY C 347 -67.64 -10.57 -34.74
C GLY C 347 -67.42 -11.74 -35.67
N ARG C 348 -68.08 -11.77 -36.79
CA ARG C 348 -67.90 -12.87 -37.71
C ARG C 348 -66.60 -12.72 -38.48
N PRO C 349 -66.02 -13.83 -38.94
CA PRO C 349 -66.61 -15.17 -38.85
C PRO C 349 -66.20 -15.90 -37.55
N LYS C 350 -65.30 -15.33 -36.72
CA LYS C 350 -64.83 -16.07 -35.51
C LYS C 350 -65.78 -16.06 -34.30
N GLU C 351 -66.68 -15.08 -34.26
CA GLU C 351 -67.50 -14.89 -33.14
C GLU C 351 -68.97 -15.05 -33.49
N SER C 352 -69.84 -15.39 -32.50
CA SER C 352 -71.25 -15.68 -32.80
C SER C 352 -72.08 -14.42 -32.75
N THR C 353 -71.95 -13.57 -33.77
CA THR C 353 -72.70 -12.33 -33.85
C THR C 353 -73.27 -12.21 -35.27
N ILE C 354 -73.94 -11.08 -35.58
CA ILE C 354 -74.47 -10.95 -36.90
C ILE C 354 -73.65 -10.01 -37.74
N TRP C 355 -72.69 -9.32 -37.11
CA TRP C 355 -71.88 -8.28 -37.76
C TRP C 355 -70.41 -8.58 -37.67
N THR C 356 -69.56 -7.71 -38.27
CA THR C 356 -68.12 -7.72 -38.20
C THR C 356 -67.75 -6.26 -38.19
N SER C 357 -66.88 -5.86 -37.30
CA SER C 357 -66.38 -4.50 -37.33
C SER C 357 -65.05 -4.61 -36.71
N GLY C 358 -64.22 -3.56 -36.77
CA GLY C 358 -62.97 -3.62 -36.00
C GLY C 358 -62.62 -2.31 -35.35
N SER C 359 -61.71 -2.35 -34.36
CA SER C 359 -61.23 -1.19 -33.62
C SER C 359 -59.85 -0.96 -34.18
N SER C 360 -59.18 0.10 -33.72
CA SER C 360 -57.84 0.35 -34.20
C SER C 360 -56.94 0.74 -33.06
N ILE C 361 -55.67 0.39 -33.22
CA ILE C 361 -54.58 0.76 -32.29
C ILE C 361 -53.46 1.12 -33.29
N SER C 362 -52.53 2.02 -32.91
CA SER C 362 -51.47 2.44 -33.74
C SER C 362 -50.26 2.68 -32.89
N PHE C 363 -49.09 2.50 -33.52
CA PHE C 363 -47.83 2.73 -32.84
C PHE C 363 -46.86 3.43 -33.78
N CYS C 364 -45.83 4.10 -33.26
CA CYS C 364 -44.91 4.71 -34.14
C CYS C 364 -43.50 4.34 -33.82
N GLY C 365 -42.66 4.45 -34.82
CA GLY C 365 -41.19 4.34 -34.71
C GLY C 365 -40.46 4.54 -33.40
N VAL C 366 -39.80 5.68 -33.16
CA VAL C 366 -39.18 5.91 -31.81
C VAL C 366 -37.84 5.31 -31.43
N ASN C 367 -36.94 6.21 -31.07
CA ASN C 367 -35.57 5.87 -30.68
C ASN C 367 -35.47 5.40 -29.26
N SER C 368 -36.24 6.05 -28.36
CA SER C 368 -36.29 5.74 -26.90
C SER C 368 -36.79 4.31 -26.68
N ASP C 369 -36.77 3.74 -25.50
CA ASP C 369 -37.25 2.36 -25.51
C ASP C 369 -38.70 2.23 -25.10
N THR C 370 -39.36 1.17 -25.55
CA THR C 370 -40.74 0.98 -25.27
C THR C 370 -40.98 -0.27 -24.41
N VAL C 371 -42.19 -0.83 -24.45
CA VAL C 371 -42.53 -2.01 -23.69
C VAL C 371 -43.52 -2.81 -24.57
N GLY C 372 -43.37 -4.12 -24.63
CA GLY C 372 -44.38 -4.91 -25.29
C GLY C 372 -45.50 -5.07 -24.30
N TRP C 373 -46.70 -5.23 -24.82
CA TRP C 373 -47.85 -5.42 -23.95
C TRP C 373 -48.97 -6.01 -24.83
N SER C 374 -50.21 -5.91 -24.34
CA SER C 374 -51.35 -6.27 -25.18
C SER C 374 -52.49 -5.22 -25.15
N TRP C 375 -52.84 -4.66 -26.28
CA TRP C 375 -53.82 -3.57 -26.35
C TRP C 375 -54.94 -4.11 -27.24
N PRO C 376 -55.69 -5.08 -26.72
CA PRO C 376 -56.80 -5.64 -27.46
C PRO C 376 -58.01 -4.73 -27.61
N ASP C 377 -58.98 -5.18 -28.43
CA ASP C 377 -60.22 -4.47 -28.69
C ASP C 377 -60.97 -4.20 -27.40
N GLY C 378 -61.20 -5.26 -26.62
CA GLY C 378 -61.83 -5.11 -25.28
C GLY C 378 -63.37 -5.05 -25.19
N ALA C 379 -64.07 -5.35 -26.27
CA ALA C 379 -65.52 -5.38 -26.26
C ALA C 379 -66.07 -6.72 -25.77
N GLU C 380 -67.20 -6.70 -25.10
CA GLU C 380 -67.80 -7.95 -24.66
C GLU C 380 -68.86 -8.42 -25.64
N LEU C 381 -68.60 -9.46 -26.40
CA LEU C 381 -69.64 -9.93 -27.26
C LEU C 381 -70.36 -11.14 -26.64
N PRO C 382 -71.55 -11.43 -27.15
CA PRO C 382 -72.22 -10.72 -28.23
C PRO C 382 -72.93 -9.48 -27.74
N PHE C 383 -73.39 -8.68 -28.71
CA PHE C 383 -74.05 -7.40 -28.41
C PHE C 383 -75.54 -7.58 -28.28
N THR C 384 -76.29 -6.53 -27.97
CA THR C 384 -77.76 -6.65 -27.99
C THR C 384 -78.26 -7.17 -29.34
N ILE C 385 -77.33 -7.33 -30.26
CA ILE C 385 -77.53 -7.92 -31.58
C ILE C 385 -78.22 -6.81 -32.41
N VAL D 1 -62.26 44.80 -33.85
CA VAL D 1 -62.85 46.17 -33.82
C VAL D 1 -64.17 46.35 -33.09
N LYS D 2 -64.21 47.24 -32.10
CA LYS D 2 -65.43 47.52 -31.30
C LYS D 2 -66.68 47.92 -32.11
N LEU D 3 -67.83 47.43 -31.66
CA LEU D 3 -69.14 47.62 -32.26
C LEU D 3 -69.64 49.03 -31.95
N ALA D 4 -69.82 49.83 -32.99
CA ALA D 4 -70.28 51.19 -32.79
C ALA D 4 -71.79 51.07 -32.62
N GLY D 5 -72.35 51.83 -31.74
CA GLY D 5 -73.75 51.71 -31.58
C GLY D 5 -74.41 53.01 -31.95
N ASN D 6 -73.81 53.75 -32.90
CA ASN D 6 -74.29 55.08 -33.15
C ASN D 6 -75.49 55.15 -34.08
N SER D 7 -75.71 54.10 -34.88
CA SER D 7 -76.83 54.15 -35.83
C SER D 7 -78.18 53.88 -35.13
N SER D 8 -79.27 53.94 -35.90
CA SER D 8 -80.62 53.80 -35.38
C SER D 8 -81.32 52.50 -35.81
N LEU D 9 -82.37 52.12 -35.09
CA LEU D 9 -83.11 51.00 -35.50
C LEU D 9 -83.56 51.20 -36.95
N CYS D 10 -83.38 50.18 -37.75
CA CYS D 10 -83.92 50.24 -39.07
C CYS D 10 -85.41 50.35 -39.08
N PRO D 11 -85.93 51.01 -40.11
CA PRO D 11 -87.38 51.17 -40.29
C PRO D 11 -87.97 49.86 -40.81
N ILE D 12 -89.09 49.41 -40.28
CA ILE D 12 -89.54 48.13 -40.75
C ILE D 12 -91.02 48.17 -41.03
N ASN D 13 -91.55 47.08 -41.58
CA ASN D 13 -93.00 46.97 -41.77
C ASN D 13 -93.49 45.63 -41.22
N GLY D 14 -92.57 44.66 -40.98
CA GLY D 14 -92.93 43.38 -40.42
C GLY D 14 -91.76 42.54 -39.97
N TRP D 15 -92.01 41.23 -39.78
CA TRP D 15 -91.00 40.35 -39.27
C TRP D 15 -91.01 39.11 -40.07
N ALA D 16 -89.82 38.77 -40.52
CA ALA D 16 -89.57 37.57 -41.30
C ALA D 16 -89.00 36.45 -40.40
N VAL D 17 -89.42 35.22 -40.63
CA VAL D 17 -88.87 34.09 -39.83
C VAL D 17 -87.41 33.98 -40.04
N TYR D 18 -86.69 33.90 -38.95
CA TYR D 18 -85.27 33.82 -39.06
C TYR D 18 -84.81 32.43 -38.66
N SER D 19 -85.44 31.78 -37.67
CA SER D 19 -84.97 30.47 -37.20
C SER D 19 -86.00 29.70 -36.37
N LYS D 20 -85.89 28.37 -36.35
CA LYS D 20 -86.82 27.52 -35.58
C LYS D 20 -86.01 26.28 -35.26
N ASP D 21 -85.81 25.94 -34.00
CA ASP D 21 -84.82 24.87 -33.69
C ASP D 21 -85.43 23.47 -33.57
N ASN D 22 -86.76 23.40 -33.34
CA ASN D 22 -87.50 22.12 -33.20
C ASN D 22 -86.88 21.30 -32.15
N SER D 23 -86.26 21.97 -31.17
CA SER D 23 -85.51 21.21 -30.13
C SER D 23 -86.35 20.07 -29.52
N ILE D 24 -87.54 20.40 -29.12
CA ILE D 24 -88.31 19.41 -28.42
C ILE D 24 -88.81 18.26 -29.29
N ARG D 25 -89.26 18.57 -30.51
CA ARG D 25 -89.56 17.50 -31.44
C ARG D 25 -88.29 16.65 -31.68
N ILE D 26 -87.14 17.26 -31.96
CA ILE D 26 -85.88 16.55 -32.22
C ILE D 26 -85.53 15.78 -30.97
N GLY D 27 -85.84 16.36 -29.82
CA GLY D 27 -85.36 15.84 -28.53
C GLY D 27 -86.09 14.58 -28.05
N SER D 28 -87.21 14.29 -28.68
CA SER D 28 -87.96 13.03 -28.42
C SER D 28 -87.03 11.84 -28.55
N LYS D 29 -86.15 11.86 -29.56
CA LYS D 29 -85.21 10.80 -29.71
C LYS D 29 -83.78 11.26 -29.57
N GLY D 30 -83.46 12.47 -30.03
CA GLY D 30 -82.09 12.97 -29.97
C GLY D 30 -81.63 13.42 -28.60
N ASP D 31 -80.32 13.70 -28.46
CA ASP D 31 -79.72 13.99 -27.21
C ASP D 31 -79.85 15.52 -27.17
N VAL D 32 -81.07 15.96 -26.89
CA VAL D 32 -81.25 17.40 -26.75
C VAL D 32 -81.40 17.89 -25.35
N PHE D 33 -80.83 19.08 -25.08
CA PHE D 33 -80.86 19.48 -23.64
C PHE D 33 -82.26 19.96 -23.24
N VAL D 34 -82.68 19.74 -22.02
CA VAL D 34 -84.00 20.33 -21.64
C VAL D 34 -83.64 21.73 -21.25
N ILE D 35 -84.29 22.74 -21.81
CA ILE D 35 -83.81 24.11 -21.59
C ILE D 35 -84.93 25.13 -21.36
N ARG D 36 -84.50 26.35 -21.06
CA ARG D 36 -85.35 27.49 -20.75
C ARG D 36 -84.59 28.75 -21.23
N GLU D 37 -85.38 29.80 -21.49
CA GLU D 37 -84.96 31.09 -21.95
C GLU D 37 -83.81 30.99 -22.92
N PRO D 38 -84.12 30.55 -24.10
CA PRO D 38 -83.19 30.43 -25.21
C PRO D 38 -83.04 31.78 -25.98
N PHE D 39 -82.23 32.68 -25.44
CA PHE D 39 -82.15 33.93 -26.12
C PHE D 39 -81.02 33.96 -27.15
N ILE D 40 -81.18 34.83 -28.14
CA ILE D 40 -80.16 34.88 -29.18
C ILE D 40 -79.35 36.13 -29.03
N SER D 41 -78.08 36.13 -29.42
CA SER D 41 -77.25 37.30 -29.38
C SER D 41 -76.24 37.14 -30.50
N CYS D 42 -75.85 38.20 -31.18
CA CYS D 42 -74.97 38.08 -32.27
C CYS D 42 -73.60 38.79 -32.06
N SER D 43 -72.55 38.41 -32.84
CA SER D 43 -71.25 39.01 -32.80
C SER D 43 -71.18 39.78 -34.09
N HIS D 44 -69.95 40.12 -34.48
CA HIS D 44 -69.75 40.84 -35.74
C HIS D 44 -69.71 39.83 -36.89
N LEU D 45 -69.83 38.55 -36.54
CA LEU D 45 -69.69 37.47 -37.51
C LEU D 45 -70.74 36.36 -37.48
N GLU D 46 -71.32 36.04 -36.34
CA GLU D 46 -72.30 34.95 -36.31
C GLU D 46 -73.35 35.20 -35.23
N CYS D 47 -74.41 34.39 -35.19
CA CYS D 47 -75.31 34.57 -34.11
C CYS D 47 -75.48 33.27 -33.37
N ARG D 48 -75.71 33.35 -32.07
CA ARG D 48 -75.76 32.15 -31.29
C ARG D 48 -77.02 32.19 -30.48
N THR D 49 -77.52 31.00 -30.07
CA THR D 49 -78.64 30.87 -29.15
C THR D 49 -78.02 30.51 -27.85
N PHE D 50 -78.25 31.33 -26.84
CA PHE D 50 -77.81 30.99 -25.47
C PHE D 50 -79.03 30.40 -24.78
N PHE D 51 -78.81 29.63 -23.74
CA PHE D 51 -79.91 29.04 -23.03
C PHE D 51 -79.33 28.52 -21.75
N LEU D 52 -80.25 28.16 -20.85
CA LEU D 52 -79.87 27.69 -19.59
C LEU D 52 -80.41 26.34 -19.46
N THR D 53 -79.63 25.43 -18.90
CA THR D 53 -80.03 24.01 -18.82
C THR D 53 -79.80 23.44 -17.45
N GLN D 54 -80.67 22.52 -17.09
CA GLN D 54 -80.63 21.93 -15.80
C GLN D 54 -79.61 20.82 -15.91
N GLY D 55 -78.89 20.76 -17.01
CA GLY D 55 -77.88 19.70 -17.14
C GLY D 55 -78.52 18.32 -17.39
N ALA D 56 -79.63 18.32 -18.08
CA ALA D 56 -80.38 17.09 -18.31
C ALA D 56 -80.97 17.02 -19.74
N LEU D 57 -81.14 15.83 -20.28
CA LEU D 57 -81.69 15.70 -21.63
C LEU D 57 -83.18 15.31 -21.60
N LEU D 58 -83.90 15.72 -22.65
CA LEU D 58 -85.29 15.38 -22.78
C LEU D 58 -85.45 13.88 -22.81
N ASN D 59 -86.54 13.37 -22.26
CA ASN D 59 -86.79 11.92 -22.19
C ASN D 59 -85.92 11.13 -21.28
N ASP D 60 -85.14 11.79 -20.44
CA ASP D 60 -84.33 11.12 -19.42
C ASP D 60 -84.93 11.44 -18.02
N LYS D 61 -84.76 10.53 -17.04
CA LYS D 61 -85.32 10.65 -15.71
C LYS D 61 -84.90 12.00 -15.14
N HIS D 62 -83.69 12.38 -15.51
CA HIS D 62 -83.15 13.58 -14.96
C HIS D 62 -83.82 14.84 -15.37
N SER D 63 -84.77 14.77 -16.29
CA SER D 63 -85.61 15.94 -16.64
C SER D 63 -86.72 16.20 -15.67
N ASN D 64 -86.71 15.41 -14.57
CA ASN D 64 -87.75 15.41 -13.51
C ASN D 64 -88.34 16.78 -13.15
N GLY D 65 -87.56 17.85 -13.33
CA GLY D 65 -88.09 19.22 -13.29
C GLY D 65 -88.79 19.66 -12.00
N THR D 66 -88.94 18.79 -10.99
CA THR D 66 -89.54 19.20 -9.67
C THR D 66 -88.48 20.07 -8.93
N VAL D 67 -87.19 19.81 -9.24
CA VAL D 67 -86.07 20.68 -8.78
C VAL D 67 -86.47 22.20 -8.76
N LYS D 68 -86.01 22.84 -7.67
CA LYS D 68 -86.04 24.32 -7.60
C LYS D 68 -85.54 25.01 -8.93
N ASP D 69 -86.17 26.11 -9.36
CA ASP D 69 -85.64 26.81 -10.53
C ASP D 69 -84.13 27.06 -10.54
N ARG D 70 -83.64 27.44 -9.38
CA ARG D 70 -82.30 27.90 -9.24
C ARG D 70 -81.42 26.81 -8.63
N SER D 71 -81.04 25.82 -9.46
CA SER D 71 -80.26 24.75 -8.89
C SER D 71 -78.81 24.95 -9.20
N PRO D 72 -77.92 24.30 -8.42
CA PRO D 72 -76.50 24.44 -8.77
C PRO D 72 -76.16 23.70 -10.05
N HIS D 73 -77.09 22.98 -10.65
CA HIS D 73 -76.81 22.28 -11.88
C HIS D 73 -77.14 23.10 -13.14
N ARG D 74 -77.70 24.28 -12.92
CA ARG D 74 -78.03 25.11 -14.05
C ARG D 74 -76.80 25.74 -14.71
N THR D 75 -76.74 25.70 -16.05
CA THR D 75 -75.55 26.26 -16.73
C THR D 75 -76.00 27.04 -17.91
N LEU D 76 -75.22 28.07 -18.25
CA LEU D 76 -75.46 28.87 -19.42
C LEU D 76 -74.64 28.21 -20.48
N MET D 77 -75.24 27.98 -21.65
CA MET D 77 -74.47 27.49 -22.80
C MET D 77 -75.01 28.12 -24.06
N SER D 78 -74.36 27.87 -25.19
CA SER D 78 -74.79 28.41 -26.45
C SER D 78 -74.39 27.47 -27.57
N CYS D 79 -75.20 27.63 -28.63
CA CYS D 79 -75.02 26.91 -29.86
C CYS D 79 -75.47 27.81 -31.04
N PRO D 80 -75.13 27.39 -32.29
CA PRO D 80 -75.54 28.19 -33.40
C PRO D 80 -77.02 28.23 -33.57
N VAL D 81 -77.52 29.40 -33.91
CA VAL D 81 -78.95 29.61 -34.15
C VAL D 81 -79.56 28.59 -35.05
N GLY D 82 -80.73 28.22 -34.59
CA GLY D 82 -81.55 27.26 -35.26
C GLY D 82 -81.20 25.79 -35.03
N GLU D 83 -80.12 25.49 -34.28
CA GLU D 83 -79.74 24.17 -34.01
C GLU D 83 -80.33 23.70 -32.67
N ALA D 84 -80.71 22.43 -32.58
CA ALA D 84 -81.21 21.93 -31.33
C ALA D 84 -80.08 21.83 -30.35
N PRO D 85 -80.24 22.46 -29.18
CA PRO D 85 -79.12 22.55 -28.23
C PRO D 85 -78.85 21.16 -27.65
N SER D 86 -77.68 20.56 -27.98
CA SER D 86 -77.39 19.25 -27.42
C SER D 86 -76.04 19.26 -26.77
N PRO D 87 -75.66 18.21 -26.05
CA PRO D 87 -74.31 18.30 -25.49
C PRO D 87 -73.23 18.23 -26.55
N TYR D 88 -73.62 17.85 -27.76
CA TYR D 88 -72.70 17.73 -28.91
C TYR D 88 -72.46 18.96 -29.77
N ASN D 89 -73.28 19.97 -29.61
CA ASN D 89 -73.13 21.16 -30.40
C ASN D 89 -73.14 22.44 -29.53
N SER D 90 -73.13 22.29 -28.19
CA SER D 90 -73.18 23.45 -27.32
C SER D 90 -71.88 23.78 -26.66
N ARG D 91 -71.55 25.07 -26.56
CA ARG D 91 -70.25 25.50 -25.96
C ARG D 91 -70.64 25.83 -24.52
N PHE D 92 -69.83 25.46 -23.53
CA PHE D 92 -70.15 25.80 -22.18
C PHE D 92 -69.87 27.26 -21.97
N GLU D 93 -70.77 27.98 -21.34
CA GLU D 93 -70.54 29.44 -21.16
C GLU D 93 -70.30 29.75 -19.67
N SER D 94 -71.22 29.35 -18.80
CA SER D 94 -70.99 29.68 -17.42
C SER D 94 -71.93 28.89 -16.53
N VAL D 95 -71.60 28.78 -15.25
CA VAL D 95 -72.51 28.01 -14.36
C VAL D 95 -73.51 29.06 -13.90
N ALA D 96 -74.82 28.90 -14.11
CA ALA D 96 -75.74 29.95 -13.67
C ALA D 96 -77.22 29.56 -13.71
N TRP D 97 -78.05 30.28 -12.98
CA TRP D 97 -79.46 30.00 -13.03
C TRP D 97 -80.20 31.25 -13.54
N SER D 98 -79.43 32.32 -13.91
CA SER D 98 -79.93 33.54 -14.55
C SER D 98 -78.76 34.17 -15.36
N ALA D 99 -78.98 34.79 -16.52
CA ALA D 99 -77.78 35.17 -17.26
C ALA D 99 -78.03 36.09 -18.40
N SER D 100 -76.94 36.67 -18.95
CA SER D 100 -77.10 37.39 -20.18
C SER D 100 -75.82 37.32 -20.93
N ALA D 101 -75.83 37.81 -22.16
CA ALA D 101 -74.63 37.73 -22.94
C ALA D 101 -74.74 38.69 -24.06
N CYS D 102 -73.58 39.12 -24.54
CA CYS D 102 -73.54 40.04 -25.66
C CYS D 102 -72.11 40.09 -26.09
N HIS D 103 -71.87 40.64 -27.27
CA HIS D 103 -70.58 40.71 -27.88
C HIS D 103 -70.25 42.19 -28.12
N ASP D 104 -69.06 42.64 -27.72
CA ASP D 104 -68.73 44.02 -27.98
C ASP D 104 -68.17 44.30 -29.38
N GLY D 105 -68.10 43.27 -30.22
CA GLY D 105 -67.45 43.38 -31.49
C GLY D 105 -66.07 42.73 -31.46
N THR D 106 -65.53 42.56 -30.25
CA THR D 106 -64.25 41.93 -30.02
C THR D 106 -64.41 40.56 -29.41
N SER D 107 -65.05 40.47 -28.24
CA SER D 107 -65.16 39.18 -27.58
C SER D 107 -66.58 39.01 -26.92
N TRP D 108 -66.92 37.78 -26.54
CA TRP D 108 -68.15 37.55 -25.84
C TRP D 108 -68.06 37.89 -24.41
N LEU D 109 -69.05 38.60 -23.95
CA LEU D 109 -69.19 38.87 -22.52
C LEU D 109 -70.37 38.02 -22.09
N THR D 110 -70.15 37.14 -21.13
CA THR D 110 -71.25 36.36 -20.59
C THR D 110 -71.39 36.72 -19.12
N ILE D 111 -72.58 36.59 -18.60
CA ILE D 111 -72.80 36.99 -17.24
C ILE D 111 -73.70 35.94 -16.62
N GLY D 112 -73.14 35.09 -15.74
CA GLY D 112 -73.85 33.93 -15.19
C GLY D 112 -73.95 34.15 -13.69
N ILE D 113 -75.15 34.06 -13.19
CA ILE D 113 -75.36 34.38 -11.82
C ILE D 113 -75.64 33.01 -11.19
N SER D 114 -75.02 32.70 -10.04
CA SER D 114 -75.26 31.47 -9.33
C SER D 114 -74.98 31.64 -7.84
N GLY D 115 -75.25 30.57 -7.07
CA GLY D 115 -75.01 30.63 -5.65
C GLY D 115 -76.33 30.58 -4.85
N PRO D 116 -76.28 30.88 -3.54
CA PRO D 116 -77.57 30.80 -2.80
C PRO D 116 -78.42 32.05 -3.00
N ASP D 117 -79.73 31.88 -2.84
CA ASP D 117 -80.66 33.02 -2.94
C ASP D 117 -80.29 34.19 -2.05
N ASN D 118 -79.60 33.94 -0.92
CA ASN D 118 -79.30 35.04 -0.05
C ASN D 118 -77.92 35.56 -0.23
N GLY D 119 -77.23 35.13 -1.29
CA GLY D 119 -75.87 35.56 -1.52
C GLY D 119 -75.38 35.25 -2.89
N ALA D 120 -76.30 35.18 -3.84
CA ALA D 120 -75.95 34.90 -5.23
C ALA D 120 -74.89 35.82 -5.81
N VAL D 121 -74.09 35.32 -6.73
CA VAL D 121 -73.04 36.15 -7.28
C VAL D 121 -72.97 36.01 -8.78
N ALA D 122 -72.83 37.15 -9.45
CA ALA D 122 -72.75 37.18 -10.90
C ALA D 122 -71.31 37.08 -11.38
N VAL D 123 -70.98 36.04 -12.17
CA VAL D 123 -69.64 35.92 -12.68
C VAL D 123 -69.60 36.49 -14.11
N LEU D 124 -68.72 37.45 -14.42
CA LEU D 124 -68.66 37.97 -15.76
C LEU D 124 -67.48 37.37 -16.46
N LYS D 125 -67.67 36.99 -17.73
CA LYS D 125 -66.59 36.40 -18.50
C LYS D 125 -66.50 37.03 -19.85
N TYR D 126 -65.29 37.54 -20.10
CA TYR D 126 -64.88 38.14 -21.36
C TYR D 126 -64.06 37.03 -21.98
N ASN D 127 -64.30 36.77 -23.28
CA ASN D 127 -63.71 35.60 -23.95
C ASN D 127 -63.57 34.32 -23.06
N GLY D 128 -64.59 34.01 -22.26
CA GLY D 128 -64.52 32.82 -21.43
C GLY D 128 -63.65 32.86 -20.20
N ILE D 129 -62.91 33.95 -19.96
CA ILE D 129 -62.06 34.05 -18.78
C ILE D 129 -62.68 35.06 -17.84
N ILE D 130 -62.98 34.61 -16.61
CA ILE D 130 -63.59 35.46 -15.59
C ILE D 130 -62.85 36.79 -15.50
N THR D 131 -63.61 37.90 -15.50
CA THR D 131 -63.06 39.23 -15.60
C THR D 131 -63.54 40.13 -14.48
N ASP D 132 -64.63 39.72 -13.82
CA ASP D 132 -65.12 40.50 -12.68
C ASP D 132 -66.19 39.65 -12.00
N THR D 133 -66.66 40.07 -10.82
CA THR D 133 -67.75 39.37 -10.10
C THR D 133 -68.72 40.37 -9.49
N ILE D 134 -70.00 40.07 -9.36
CA ILE D 134 -70.89 41.02 -8.72
C ILE D 134 -71.66 40.26 -7.70
N LYS D 135 -71.74 40.77 -6.46
CA LYS D 135 -72.49 40.13 -5.39
C LYS D 135 -73.88 40.73 -5.13
N SER D 136 -74.78 39.87 -4.63
CA SER D 136 -76.13 40.28 -4.30
C SER D 136 -75.98 41.45 -3.33
N TRP D 137 -76.64 42.56 -3.59
CA TRP D 137 -76.56 43.68 -2.62
C TRP D 137 -77.78 43.81 -1.69
N ARG D 138 -78.71 42.86 -1.82
CA ARG D 138 -79.99 42.81 -1.03
C ARG D 138 -80.18 41.44 -0.50
N ASN D 139 -79.37 40.48 -0.97
CA ASN D 139 -79.39 39.10 -0.42
C ASN D 139 -80.74 38.50 -0.67
N ASN D 140 -81.35 38.86 -1.77
CA ASN D 140 -82.67 38.34 -2.08
C ASN D 140 -82.78 38.07 -3.60
N ILE D 141 -82.10 37.01 -4.06
CA ILE D 141 -82.16 36.60 -5.44
C ILE D 141 -81.65 37.55 -6.56
N LEU D 142 -80.36 37.84 -6.53
CA LEU D 142 -79.78 38.64 -7.58
C LEU D 142 -80.09 37.96 -8.92
N ARG D 143 -80.57 38.74 -9.90
CA ARG D 143 -80.94 38.17 -11.19
C ARG D 143 -80.87 39.20 -12.33
N THR D 144 -80.83 38.70 -13.59
CA THR D 144 -80.58 39.52 -14.70
C THR D 144 -81.56 39.25 -15.82
N GLN D 145 -81.15 39.72 -16.99
CA GLN D 145 -81.97 39.74 -18.19
C GLN D 145 -82.58 38.46 -18.75
N GLU D 146 -81.76 37.40 -18.83
CA GLU D 146 -82.22 36.19 -19.54
C GLU D 146 -82.41 36.57 -20.99
N SER D 147 -81.58 37.50 -21.49
CA SER D 147 -81.49 37.81 -22.88
C SER D 147 -80.23 38.68 -23.10
N GLU D 148 -79.85 38.85 -24.37
CA GLU D 148 -78.71 39.69 -24.79
C GLU D 148 -78.57 41.02 -24.01
N CYS D 149 -77.34 41.32 -23.65
CA CYS D 149 -77.04 42.59 -23.05
C CYS D 149 -76.69 43.42 -24.26
N ALA D 150 -76.55 44.74 -24.07
CA ALA D 150 -76.36 45.61 -25.21
C ALA D 150 -75.03 46.28 -25.23
N CYS D 151 -74.33 46.32 -26.37
CA CYS D 151 -73.02 46.98 -26.37
C CYS D 151 -73.06 48.23 -27.25
N VAL D 152 -72.25 49.22 -26.88
CA VAL D 152 -72.10 50.44 -27.66
C VAL D 152 -70.70 50.98 -27.49
N ASN D 153 -70.02 51.36 -28.57
CA ASN D 153 -68.76 52.15 -28.42
C ASN D 153 -67.79 51.42 -27.47
N GLY D 154 -67.76 50.10 -27.49
CA GLY D 154 -66.80 49.38 -26.65
C GLY D 154 -67.18 49.21 -25.21
N SER D 155 -68.47 49.40 -24.92
CA SER D 155 -68.97 49.22 -23.59
C SER D 155 -70.29 48.52 -23.67
N CYS D 156 -70.46 47.56 -22.78
CA CYS D 156 -71.69 46.82 -22.77
C CYS D 156 -72.44 47.11 -21.46
N PHE D 157 -73.75 46.97 -21.50
CA PHE D 157 -74.58 47.26 -20.36
C PHE D 157 -75.65 46.20 -20.14
N THR D 158 -76.04 46.06 -18.87
CA THR D 158 -77.03 45.10 -18.43
C THR D 158 -77.81 45.67 -17.24
N VAL D 159 -78.93 45.03 -16.85
CA VAL D 159 -79.72 45.45 -15.74
C VAL D 159 -79.87 44.26 -14.81
N MET D 160 -79.73 44.49 -13.51
CA MET D 160 -79.81 43.41 -12.61
C MET D 160 -80.79 43.84 -11.53
N THR D 161 -81.46 42.87 -10.93
CA THR D 161 -82.37 43.18 -9.87
C THR D 161 -82.10 42.31 -8.67
N ASP D 162 -82.38 42.85 -7.49
CA ASP D 162 -82.18 42.06 -6.30
C ASP D 162 -83.37 42.47 -5.44
N GLY D 163 -84.02 41.54 -4.75
CA GLY D 163 -85.16 41.90 -3.94
C GLY D 163 -86.40 41.07 -4.28
N PRO D 164 -87.51 41.38 -3.63
CA PRO D 164 -88.74 40.66 -3.85
C PRO D 164 -89.26 40.69 -5.29
N SER D 165 -89.87 39.60 -5.72
CA SER D 165 -90.58 39.60 -6.97
C SER D 165 -92.05 40.06 -6.82
N ASN D 166 -92.46 40.44 -5.61
CA ASN D 166 -93.73 41.18 -5.28
C ASN D 166 -93.22 42.61 -5.14
N GLY D 167 -93.66 43.30 -4.09
CA GLY D 167 -93.29 44.75 -3.90
C GLY D 167 -91.96 45.29 -4.42
N GLN D 168 -91.71 46.55 -4.11
CA GLN D 168 -90.43 47.16 -4.53
C GLN D 168 -89.23 46.23 -4.46
N ALA D 169 -88.36 46.36 -5.41
CA ALA D 169 -87.12 45.66 -5.35
C ALA D 169 -86.12 46.71 -5.72
N SER D 170 -84.86 46.34 -5.80
CA SER D 170 -83.78 47.21 -6.22
C SER D 170 -83.35 46.90 -7.63
N TYR D 171 -83.02 47.97 -8.35
CA TYR D 171 -82.57 47.82 -9.73
C TYR D 171 -81.29 48.57 -9.97
N LYS D 172 -80.29 47.88 -10.55
CA LYS D 172 -79.07 48.58 -10.95
C LYS D 172 -78.77 48.31 -12.38
N ILE D 173 -78.26 49.31 -13.07
CA ILE D 173 -77.79 49.18 -14.41
C ILE D 173 -76.28 49.16 -14.33
N PHE D 174 -75.64 48.29 -15.10
CA PHE D 174 -74.20 48.18 -15.03
C PHE D 174 -73.52 48.49 -16.31
N LYS D 175 -72.38 49.15 -16.21
CA LYS D 175 -71.58 49.50 -17.45
C LYS D 175 -70.24 48.78 -17.38
N MET D 176 -69.95 47.94 -18.35
CA MET D 176 -68.73 47.19 -18.26
C MET D 176 -67.93 47.18 -19.53
N GLU D 177 -66.64 47.21 -19.37
CA GLU D 177 -65.76 47.17 -20.52
C GLU D 177 -64.85 45.99 -20.33
N LYS D 178 -64.63 45.23 -21.40
CA LYS D 178 -63.81 44.02 -21.28
C LYS D 178 -64.19 43.25 -20.02
N GLY D 179 -65.49 43.13 -19.81
CA GLY D 179 -66.02 42.25 -18.77
C GLY D 179 -65.83 42.73 -17.37
N LYS D 180 -65.45 44.00 -17.22
CA LYS D 180 -65.21 44.59 -15.92
C LYS D 180 -66.18 45.72 -15.69
N VAL D 181 -66.83 45.65 -14.56
CA VAL D 181 -67.70 46.74 -14.20
C VAL D 181 -66.94 48.02 -13.92
N VAL D 182 -67.04 49.03 -14.80
CA VAL D 182 -66.41 50.28 -14.55
C VAL D 182 -67.33 51.25 -13.85
N LYS D 183 -68.61 50.97 -13.93
CA LYS D 183 -69.61 51.88 -13.34
C LYS D 183 -70.96 51.21 -13.16
N SER D 184 -71.66 51.64 -12.11
CA SER D 184 -73.00 51.14 -11.91
C SER D 184 -73.87 52.12 -11.18
N VAL D 185 -75.20 52.08 -11.48
CA VAL D 185 -76.17 53.00 -10.89
C VAL D 185 -77.37 52.25 -10.48
N GLU D 186 -77.96 52.65 -9.36
CA GLU D 186 -79.15 51.99 -8.84
C GLU D 186 -80.27 52.94 -9.29
N LEU D 187 -81.23 52.44 -10.05
CA LEU D 187 -82.34 53.28 -10.46
C LEU D 187 -83.22 53.70 -9.25
N ASP D 188 -83.66 54.97 -9.27
CA ASP D 188 -84.47 55.49 -8.23
C ASP D 188 -85.83 55.28 -8.85
N ALA D 189 -86.40 54.06 -8.77
CA ALA D 189 -87.66 53.73 -9.44
C ALA D 189 -88.73 53.25 -8.53
N PRO D 190 -89.08 54.07 -7.57
CA PRO D 190 -90.17 53.68 -6.62
C PRO D 190 -91.53 53.44 -7.33
N ASN D 191 -92.26 52.37 -6.96
CA ASN D 191 -93.50 51.90 -7.55
C ASN D 191 -93.21 51.19 -8.89
N TYR D 192 -91.92 51.07 -9.26
CA TYR D 192 -91.57 50.38 -10.50
C TYR D 192 -91.12 49.01 -10.11
N HIS D 193 -91.12 48.06 -11.05
CA HIS D 193 -90.60 46.69 -10.82
C HIS D 193 -89.93 46.21 -12.09
N TYR D 194 -88.64 45.85 -12.04
CA TYR D 194 -87.90 45.45 -13.24
C TYR D 194 -87.42 44.04 -13.08
N GLU D 195 -87.65 43.25 -14.14
CA GLU D 195 -87.19 41.88 -14.18
C GLU D 195 -86.98 41.46 -15.63
N GLU D 196 -86.05 40.52 -15.84
CA GLU D 196 -85.74 40.02 -17.13
C GLU D 196 -85.83 41.09 -18.23
N CYS D 197 -85.00 42.12 -18.16
CA CYS D 197 -85.08 43.19 -19.18
C CYS D 197 -84.55 42.77 -20.59
N SER D 198 -85.27 43.24 -21.61
CA SER D 198 -84.80 43.06 -22.96
C SER D 198 -84.33 44.43 -23.42
N CYS D 199 -83.00 44.58 -23.52
CA CYS D 199 -82.33 45.76 -23.87
C CYS D 199 -81.73 45.73 -25.27
N TYR D 200 -81.63 46.91 -25.89
CA TYR D 200 -81.02 47.01 -27.20
C TYR D 200 -80.45 48.40 -27.41
N PRO D 201 -79.39 48.53 -28.23
CA PRO D 201 -78.74 49.80 -28.48
C PRO D 201 -79.51 50.57 -29.55
N ASN D 202 -79.42 51.88 -29.58
CA ASN D 202 -80.17 52.66 -30.60
C ASN D 202 -79.52 54.09 -30.52
N ALA D 203 -78.68 54.49 -31.51
CA ALA D 203 -78.20 55.85 -31.56
C ALA D 203 -77.45 56.16 -30.28
N GLY D 204 -76.59 55.21 -29.91
CA GLY D 204 -75.62 55.44 -28.84
C GLY D 204 -76.24 55.41 -27.45
N GLU D 205 -77.51 55.04 -27.35
CA GLU D 205 -78.06 54.83 -26.06
C GLU D 205 -78.69 53.44 -25.99
N ILE D 206 -79.05 53.01 -24.76
CA ILE D 206 -79.69 51.73 -24.57
C ILE D 206 -81.14 51.92 -24.10
N THR D 207 -82.00 51.08 -24.62
CA THR D 207 -83.36 51.00 -24.16
C THR D 207 -83.75 49.55 -23.73
N CYS D 208 -84.44 49.43 -22.63
CA CYS D 208 -84.87 48.13 -22.11
C CYS D 208 -86.36 48.09 -21.80
N VAL D 209 -87.06 47.11 -22.35
CA VAL D 209 -88.45 46.95 -22.01
C VAL D 209 -88.47 45.73 -21.15
N CYS D 210 -89.09 45.81 -19.96
CA CYS D 210 -88.93 44.69 -19.01
C CYS D 210 -90.20 44.00 -18.58
N ARG D 211 -90.16 43.17 -17.53
CA ARG D 211 -91.30 42.48 -16.95
C ARG D 211 -91.55 43.01 -15.54
N ASP D 212 -92.77 43.40 -15.28
CA ASP D 212 -93.22 43.87 -13.97
C ASP D 212 -94.11 42.78 -13.43
N ASN D 213 -93.46 42.06 -12.52
CA ASN D 213 -94.03 40.84 -11.88
C ASN D 213 -94.74 41.17 -10.57
N TRP D 214 -94.60 42.40 -10.13
CA TRP D 214 -95.20 42.84 -8.93
C TRP D 214 -96.62 43.31 -9.16
N HIS D 215 -96.78 44.40 -9.90
CA HIS D 215 -98.15 44.96 -10.09
C HIS D 215 -98.51 45.71 -11.42
N GLY D 216 -98.05 45.20 -12.57
CA GLY D 216 -98.28 45.86 -13.83
C GLY D 216 -98.58 44.93 -15.01
N SER D 217 -99.68 45.19 -15.73
CA SER D 217 -99.96 44.43 -16.89
C SER D 217 -99.26 44.97 -18.12
N ASN D 218 -98.80 46.23 -18.06
CA ASN D 218 -98.10 46.91 -19.15
C ASN D 218 -96.63 46.70 -18.79
N ARG D 219 -95.68 47.00 -19.66
CA ARG D 219 -94.27 46.87 -19.28
C ARG D 219 -93.54 48.15 -19.01
N PRO D 220 -92.70 48.11 -18.01
CA PRO D 220 -91.83 49.19 -17.58
C PRO D 220 -90.63 49.25 -18.51
N TRP D 221 -89.97 50.40 -18.69
CA TRP D 221 -88.80 50.47 -19.57
C TRP D 221 -87.76 51.35 -18.89
N VAL D 222 -86.50 51.37 -19.39
CA VAL D 222 -85.47 52.24 -18.82
C VAL D 222 -84.58 52.51 -20.00
N SER D 223 -84.07 53.76 -20.16
CA SER D 223 -83.18 53.98 -21.25
C SER D 223 -82.18 54.86 -20.64
N PHE D 224 -80.95 54.57 -21.00
CA PHE D 224 -79.86 55.28 -20.45
C PHE D 224 -78.79 55.50 -21.47
N ASN D 225 -77.95 56.45 -21.15
CA ASN D 225 -76.86 56.89 -21.99
C ASN D 225 -75.63 56.14 -21.52
N GLN D 226 -74.58 56.16 -22.34
CA GLN D 226 -73.29 55.53 -21.90
C GLN D 226 -72.78 55.98 -20.52
N ASN D 227 -73.25 57.13 -19.94
CA ASN D 227 -72.83 57.43 -18.56
C ASN D 227 -73.83 56.99 -17.50
N LEU D 228 -74.86 56.22 -17.89
CA LEU D 228 -75.83 55.68 -16.93
C LEU D 228 -76.75 56.73 -16.39
N GLU D 229 -76.91 57.75 -17.21
CA GLU D 229 -77.93 58.77 -16.96
C GLU D 229 -79.18 58.18 -17.61
N TYR D 230 -80.24 58.00 -16.81
CA TYR D 230 -81.40 57.32 -17.29
C TYR D 230 -82.72 58.00 -17.24
N GLN D 231 -83.73 57.29 -17.73
CA GLN D 231 -85.08 57.77 -17.66
C GLN D 231 -85.87 56.49 -17.50
N ILE D 232 -87.05 56.58 -16.86
CA ILE D 232 -87.89 55.38 -16.74
C ILE D 232 -89.33 55.66 -17.00
N GLY D 233 -90.09 54.64 -17.26
CA GLY D 233 -91.57 54.81 -17.46
C GLY D 233 -92.21 53.47 -17.78
N TYR D 234 -93.45 53.53 -18.28
CA TYR D 234 -94.21 52.29 -18.67
C TYR D 234 -94.81 52.49 -20.10
N ILE D 235 -94.76 51.46 -20.93
CA ILE D 235 -95.44 51.55 -22.20
C ILE D 235 -96.88 51.90 -21.87
N CYS D 236 -97.30 53.09 -22.31
CA CYS D 236 -98.67 53.54 -22.03
C CYS D 236 -99.77 52.95 -22.88
N SER D 237 -99.35 52.15 -23.84
CA SER D 237 -100.28 51.62 -24.77
C SER D 237 -101.35 50.69 -24.16
N GLY D 238 -102.60 50.95 -24.51
CA GLY D 238 -103.61 50.09 -23.99
C GLY D 238 -103.53 48.68 -24.58
N VAL D 239 -102.58 48.40 -25.48
CA VAL D 239 -102.43 47.05 -25.98
C VAL D 239 -101.43 46.54 -24.95
N PHE D 240 -101.96 45.91 -23.92
CA PHE D 240 -101.06 45.59 -22.82
C PHE D 240 -100.12 44.52 -23.23
N GLY D 241 -98.87 44.67 -22.86
CA GLY D 241 -97.83 43.65 -23.18
C GLY D 241 -97.56 42.45 -22.30
N ASP D 242 -97.90 42.54 -21.01
CA ASP D 242 -97.52 41.54 -20.11
C ASP D 242 -98.51 40.43 -20.27
N ASN D 243 -98.25 39.32 -19.60
CA ASN D 243 -99.16 38.18 -19.58
C ASN D 243 -98.93 37.55 -18.19
N PRO D 244 -99.98 37.44 -17.36
CA PRO D 244 -101.40 37.77 -17.57
C PRO D 244 -101.58 39.28 -17.76
N ARG D 245 -102.78 39.66 -18.20
CA ARG D 245 -103.14 41.03 -18.39
C ARG D 245 -104.67 41.12 -18.52
N PRO D 246 -105.21 42.33 -18.50
CA PRO D 246 -106.65 42.52 -18.75
C PRO D 246 -106.93 42.62 -20.24
N ASN D 247 -108.20 42.81 -20.63
CA ASN D 247 -108.46 42.92 -22.09
C ASN D 247 -107.96 44.26 -22.49
N ASP D 248 -107.49 44.41 -23.72
CA ASP D 248 -106.98 45.71 -24.18
C ASP D 248 -107.99 46.84 -23.99
N GLY D 249 -107.80 47.67 -22.96
CA GLY D 249 -108.74 48.80 -22.71
C GLY D 249 -107.92 50.07 -22.75
N THR D 250 -107.96 50.80 -21.64
CA THR D 250 -107.23 52.07 -21.58
C THR D 250 -105.95 51.83 -20.82
N GLY D 251 -104.84 52.27 -21.38
CA GLY D 251 -103.52 51.97 -20.81
C GLY D 251 -103.18 52.97 -19.68
N SER D 252 -101.81 53.12 -19.38
CA SER D 252 -101.38 54.29 -18.54
C SER D 252 -99.86 54.22 -18.49
N CYS D 253 -99.22 55.33 -18.13
CA CYS D 253 -97.72 55.36 -18.03
C CYS D 253 -97.13 54.97 -16.68
N GLY D 254 -98.10 54.43 -15.77
CA GLY D 254 -97.38 53.74 -14.68
C GLY D 254 -98.15 52.45 -14.40
N PRO D 255 -97.50 51.43 -13.82
CA PRO D 255 -98.10 50.11 -13.53
C PRO D 255 -99.68 50.00 -13.54
N VAL D 256 -100.16 49.16 -14.43
CA VAL D 256 -101.56 48.94 -14.60
C VAL D 256 -101.76 47.78 -13.67
N SER D 257 -102.66 47.95 -12.73
CA SER D 257 -102.70 46.95 -11.67
C SER D 257 -103.64 45.81 -11.96
N SER D 258 -104.66 46.06 -12.77
CA SER D 258 -105.63 44.97 -13.05
C SER D 258 -105.02 43.83 -13.86
N ASN D 259 -104.80 42.75 -13.11
CA ASN D 259 -104.31 41.51 -13.65
C ASN D 259 -102.81 41.50 -13.77
N GLY D 260 -102.17 42.61 -13.62
CA GLY D 260 -100.72 42.54 -13.80
C GLY D 260 -99.82 42.11 -12.67
N ALA D 261 -100.38 41.29 -11.82
CA ALA D 261 -99.61 40.85 -10.69
C ALA D 261 -98.80 39.56 -10.90
N TYR D 262 -98.19 39.31 -12.06
CA TYR D 262 -97.29 38.18 -12.30
C TYR D 262 -96.62 38.57 -13.62
N GLY D 263 -96.45 37.65 -14.56
CA GLY D 263 -95.80 38.01 -15.85
C GLY D 263 -94.99 37.07 -16.72
N VAL D 264 -94.25 37.62 -17.71
CA VAL D 264 -93.43 36.85 -18.71
C VAL D 264 -92.45 37.81 -19.29
N LYS D 265 -91.24 37.31 -19.50
CA LYS D 265 -90.15 38.10 -20.10
C LYS D 265 -90.70 38.50 -21.51
N GLY D 266 -90.63 39.78 -21.80
CA GLY D 266 -90.99 40.20 -23.09
C GLY D 266 -90.17 41.38 -23.56
N PHE D 267 -90.53 41.87 -24.74
CA PHE D 267 -89.76 42.99 -25.21
C PHE D 267 -90.71 43.93 -25.93
N SER D 268 -90.16 45.02 -26.45
CA SER D 268 -90.92 45.96 -27.21
C SER D 268 -89.87 46.83 -27.90
N PHE D 269 -90.17 47.32 -29.10
CA PHE D 269 -89.18 48.19 -29.76
C PHE D 269 -89.80 49.57 -29.91
N LYS D 270 -89.09 50.59 -29.44
CA LYS D 270 -89.61 51.94 -29.49
C LYS D 270 -89.25 52.60 -30.82
N TYR D 271 -90.26 53.12 -31.52
CA TYR D 271 -90.06 53.97 -32.71
C TYR D 271 -90.72 55.30 -32.54
N GLY D 272 -89.92 56.31 -32.32
CA GLY D 272 -90.48 57.61 -32.10
C GLY D 272 -91.47 57.49 -30.93
N ASN D 273 -92.73 57.91 -31.07
CA ASN D 273 -93.67 57.64 -29.99
C ASN D 273 -94.42 56.33 -30.14
N GLY D 274 -94.08 55.57 -31.17
CA GLY D 274 -94.79 54.36 -31.42
C GLY D 274 -94.18 53.16 -30.76
N VAL D 275 -94.84 52.00 -30.85
CA VAL D 275 -94.20 50.79 -30.28
C VAL D 275 -94.47 49.57 -31.11
N TRP D 276 -93.46 48.69 -31.22
CA TRP D 276 -93.75 47.38 -31.81
C TRP D 276 -93.83 46.53 -30.55
N ILE D 277 -94.98 45.91 -30.32
CA ILE D 277 -95.07 45.13 -29.13
C ILE D 277 -95.19 43.64 -29.44
N GLY D 278 -94.45 42.76 -28.76
CA GLY D 278 -94.60 41.33 -29.02
C GLY D 278 -95.41 40.96 -27.78
N ARG D 279 -96.36 40.01 -27.87
CA ARG D 279 -97.04 39.58 -26.70
C ARG D 279 -97.77 38.27 -26.96
N THR D 280 -98.19 37.61 -25.90
CA THR D 280 -98.90 36.40 -26.08
C THR D 280 -100.26 36.75 -26.59
N LYS D 281 -100.91 35.83 -27.30
CA LYS D 281 -102.28 36.11 -27.76
C LYS D 281 -103.25 35.97 -26.58
N SER D 282 -103.05 35.03 -25.71
CA SER D 282 -103.98 34.83 -24.61
C SER D 282 -103.73 35.88 -23.54
N THR D 283 -104.71 36.19 -22.70
CA THR D 283 -104.50 37.07 -21.59
C THR D 283 -104.25 36.38 -20.26
N ASN D 284 -104.34 35.05 -20.24
CA ASN D 284 -104.15 34.23 -19.05
C ASN D 284 -102.92 33.32 -19.13
N SER D 285 -102.73 32.66 -20.29
CA SER D 285 -101.66 31.68 -20.50
C SER D 285 -100.50 32.18 -21.34
N ARG D 286 -99.40 31.43 -21.38
CA ARG D 286 -98.29 31.81 -22.22
C ARG D 286 -98.55 31.04 -23.48
N SER D 287 -99.67 31.39 -24.09
CA SER D 287 -100.12 30.75 -25.33
C SER D 287 -100.26 31.79 -26.46
N GLY D 288 -99.76 31.43 -27.64
CA GLY D 288 -99.83 32.33 -28.82
C GLY D 288 -98.86 33.46 -28.74
N PHE D 289 -98.62 34.15 -29.85
CA PHE D 289 -97.69 35.29 -29.83
C PHE D 289 -98.02 36.07 -31.09
N GLU D 290 -97.95 37.40 -30.98
CA GLU D 290 -98.29 38.28 -32.09
C GLU D 290 -97.44 39.53 -31.97
N MET D 291 -97.19 40.21 -33.10
CA MET D 291 -96.46 41.44 -33.05
C MET D 291 -97.52 42.47 -33.34
N ILE D 292 -97.46 43.52 -32.58
CA ILE D 292 -98.40 44.61 -32.78
C ILE D 292 -97.74 45.98 -32.96
N TRP D 293 -98.13 46.71 -33.99
CA TRP D 293 -97.53 47.97 -34.23
C TRP D 293 -98.53 49.04 -33.91
N ASP D 294 -98.29 49.67 -32.78
CA ASP D 294 -99.16 50.76 -32.29
C ASP D 294 -98.36 52.01 -32.47
N PRO D 295 -98.54 52.68 -33.57
CA PRO D 295 -97.76 53.89 -33.76
C PRO D 295 -98.11 54.84 -32.63
N ASN D 296 -97.14 55.36 -31.97
CA ASN D 296 -97.53 56.30 -30.92
C ASN D 296 -98.49 55.79 -29.86
N GLY D 297 -97.93 54.79 -29.20
CA GLY D 297 -98.53 54.07 -28.13
C GLY D 297 -97.50 53.88 -27.02
N TRP D 298 -96.33 54.49 -27.16
CA TRP D 298 -95.28 54.26 -26.21
C TRP D 298 -95.54 55.36 -25.22
N THR D 299 -96.14 56.44 -25.71
CA THR D 299 -96.54 57.62 -24.92
C THR D 299 -98.07 57.83 -24.78
N GLU D 300 -98.88 57.29 -25.68
CA GLU D 300 -100.33 57.57 -25.66
C GLU D 300 -101.08 56.37 -25.15
N THR D 301 -102.27 56.60 -24.61
CA THR D 301 -103.05 55.49 -24.09
C THR D 301 -104.23 55.19 -25.02
N ASP D 302 -104.20 54.04 -25.72
CA ASP D 302 -105.32 53.67 -26.64
C ASP D 302 -105.58 52.23 -26.50
N SER D 303 -106.24 51.63 -27.46
CA SER D 303 -106.44 50.20 -27.50
C SER D 303 -106.20 50.03 -28.98
N SER D 304 -106.13 51.13 -29.71
CA SER D 304 -105.95 50.99 -31.15
C SER D 304 -104.48 51.10 -31.58
N PHE D 305 -104.27 50.37 -32.69
CA PHE D 305 -102.98 50.18 -33.32
C PHE D 305 -103.29 50.04 -34.77
N SER D 306 -102.30 49.92 -35.63
CA SER D 306 -102.57 49.76 -37.06
C SER D 306 -102.19 48.43 -37.67
N VAL D 307 -101.23 47.72 -37.09
CA VAL D 307 -100.84 46.42 -37.69
C VAL D 307 -100.70 45.30 -36.72
N LYS D 308 -101.13 43.99 -37.11
CA LYS D 308 -100.99 42.92 -36.18
C LYS D 308 -100.43 41.81 -37.03
N GLN D 309 -99.25 41.33 -36.67
CA GLN D 309 -98.66 40.22 -37.36
C GLN D 309 -98.63 38.98 -36.49
N ASP D 310 -99.42 37.99 -36.86
CA ASP D 310 -99.49 36.73 -36.06
C ASP D 310 -98.17 35.99 -36.09
N ILE D 311 -97.85 35.30 -35.02
CA ILE D 311 -96.61 34.53 -34.93
C ILE D 311 -96.86 33.11 -34.45
N VAL D 312 -97.68 33.00 -33.39
CA VAL D 312 -98.07 31.70 -32.92
C VAL D 312 -99.54 31.77 -32.57
N ALA D 313 -100.30 30.81 -33.09
CA ALA D 313 -101.77 30.74 -32.82
C ALA D 313 -102.07 30.60 -31.33
N ILE D 314 -103.21 31.14 -30.90
CA ILE D 314 -103.64 31.10 -29.50
C ILE D 314 -103.73 29.66 -29.09
N THR D 315 -103.91 28.77 -30.06
CA THR D 315 -104.03 27.36 -29.73
C THR D 315 -102.74 26.68 -29.41
N ASP D 316 -101.62 27.37 -29.50
CA ASP D 316 -100.32 26.74 -29.23
C ASP D 316 -99.54 27.51 -28.17
N TRP D 317 -98.66 26.81 -27.42
CA TRP D 317 -98.00 27.49 -26.30
C TRP D 317 -96.88 28.37 -26.76
N SER D 318 -96.63 29.47 -26.02
CA SER D 318 -95.48 30.31 -26.22
C SER D 318 -94.75 30.38 -24.88
N GLY D 319 -94.29 31.56 -24.48
CA GLY D 319 -93.59 31.78 -23.24
C GLY D 319 -92.70 33.03 -23.24
N TYR D 320 -91.46 32.91 -22.75
CA TYR D 320 -90.53 34.03 -22.81
C TYR D 320 -90.31 34.43 -24.27
N SER D 321 -90.09 35.73 -24.41
CA SER D 321 -89.68 36.28 -25.66
C SER D 321 -88.74 37.37 -25.32
N GLY D 322 -87.75 37.59 -26.17
CA GLY D 322 -86.87 38.75 -25.90
C GLY D 322 -86.37 39.29 -27.20
N SER D 323 -85.65 40.39 -27.14
CA SER D 323 -85.18 41.01 -28.32
C SER D 323 -83.68 40.80 -28.55
N PHE D 324 -83.22 40.94 -29.79
CA PHE D 324 -81.83 40.86 -30.05
C PHE D 324 -81.54 41.71 -31.25
N VAL D 325 -80.31 42.12 -31.39
CA VAL D 325 -79.83 43.06 -32.40
C VAL D 325 -78.77 42.51 -33.38
N GLN D 326 -78.97 43.07 -34.69
CA GLN D 326 -77.85 42.85 -35.58
C GLN D 326 -77.23 44.19 -35.86
N HIS D 327 -75.99 44.41 -35.50
CA HIS D 327 -75.25 45.60 -35.82
C HIS D 327 -74.79 45.72 -37.25
N PRO D 328 -74.68 46.95 -37.74
CA PRO D 328 -74.21 47.15 -39.11
C PRO D 328 -72.93 46.41 -39.41
N GLU D 329 -72.15 46.14 -38.39
CA GLU D 329 -70.83 45.55 -38.59
C GLU D 329 -70.90 44.08 -38.90
N LEU D 330 -72.07 43.53 -38.71
CA LEU D 330 -72.37 42.14 -39.01
C LEU D 330 -73.16 42.07 -40.31
N THR D 331 -73.99 43.11 -40.53
CA THR D 331 -74.95 43.20 -41.63
C THR D 331 -74.51 43.92 -42.88
N GLY D 332 -73.76 45.00 -42.66
CA GLY D 332 -73.28 45.83 -43.74
C GLY D 332 -74.28 46.98 -43.86
N LEU D 333 -75.40 46.85 -43.19
CA LEU D 333 -76.44 47.85 -43.15
C LEU D 333 -75.99 49.16 -42.54
N ASP D 334 -76.80 50.21 -42.62
CA ASP D 334 -76.39 51.49 -42.04
C ASP D 334 -77.32 51.82 -40.86
N CYS D 335 -77.91 50.76 -40.29
CA CYS D 335 -78.81 50.85 -39.13
C CYS D 335 -78.71 49.57 -38.33
N ILE D 336 -79.46 49.48 -37.21
CA ILE D 336 -79.47 48.30 -36.36
C ILE D 336 -80.72 47.55 -36.56
N ARG D 337 -80.59 46.25 -36.80
CA ARG D 337 -81.72 45.39 -37.00
C ARG D 337 -82.45 44.98 -35.73
N PRO D 338 -83.75 45.30 -35.62
CA PRO D 338 -84.31 44.74 -34.46
C PRO D 338 -84.78 43.35 -34.82
N CYS D 339 -84.62 42.38 -33.92
CA CYS D 339 -84.99 40.97 -34.14
C CYS D 339 -85.54 40.55 -32.77
N PHE D 340 -86.27 39.44 -32.72
CA PHE D 340 -86.74 38.94 -31.49
C PHE D 340 -86.83 37.41 -31.55
N TRP D 341 -86.80 36.76 -30.40
CA TRP D 341 -86.91 35.33 -30.34
C TRP D 341 -88.07 34.99 -29.37
N VAL D 342 -88.77 33.88 -29.61
CA VAL D 342 -89.84 33.46 -28.77
C VAL D 342 -89.54 32.02 -28.31
N GLU D 343 -89.83 31.81 -27.04
CA GLU D 343 -89.62 30.56 -26.35
C GLU D 343 -90.99 29.84 -26.37
N LEU D 344 -91.03 28.63 -26.94
CA LEU D 344 -92.26 27.86 -27.00
C LEU D 344 -92.16 26.86 -25.91
N ILE D 345 -92.82 27.15 -24.81
CA ILE D 345 -92.59 26.30 -23.62
C ILE D 345 -93.49 25.08 -23.58
N ARG D 346 -92.92 23.89 -23.35
CA ARG D 346 -93.75 22.66 -23.25
C ARG D 346 -93.59 21.94 -21.96
N GLY D 347 -94.64 21.23 -21.55
CA GLY D 347 -94.62 20.46 -20.31
C GLY D 347 -95.28 21.14 -19.12
N ARG D 348 -94.60 21.12 -17.99
CA ARG D 348 -95.22 21.69 -16.81
C ARG D 348 -95.09 23.20 -16.92
N PRO D 349 -96.02 23.91 -16.26
CA PRO D 349 -97.04 23.24 -15.51
C PRO D 349 -98.32 23.05 -16.32
N LYS D 350 -98.45 23.60 -17.52
CA LYS D 350 -99.69 23.42 -18.25
C LYS D 350 -99.92 22.03 -18.83
N GLU D 351 -98.86 21.26 -19.05
CA GLU D 351 -99.06 19.97 -19.61
C GLU D 351 -98.78 18.84 -18.66
N SER D 352 -99.56 17.64 -18.88
CA SER D 352 -99.19 16.62 -17.86
C SER D 352 -97.91 15.82 -18.14
N THR D 353 -96.76 16.38 -17.75
CA THR D 353 -95.45 15.75 -17.97
C THR D 353 -94.65 15.92 -16.70
N ILE D 354 -93.43 15.36 -16.63
CA ILE D 354 -92.60 15.56 -15.42
C ILE D 354 -91.57 16.66 -15.72
N TRP D 355 -91.52 17.14 -16.96
CA TRP D 355 -90.53 18.08 -17.34
C TRP D 355 -91.10 19.31 -17.94
N THR D 356 -90.22 20.31 -18.19
CA THR D 356 -90.55 21.55 -18.89
C THR D 356 -89.37 22.02 -19.68
N SER D 357 -89.48 22.29 -20.99
CA SER D 357 -88.35 22.78 -21.80
C SER D 357 -88.97 23.73 -22.83
N GLY D 358 -88.17 24.31 -23.73
CA GLY D 358 -88.75 25.15 -24.77
C GLY D 358 -88.03 25.12 -26.08
N SER D 359 -88.75 25.46 -27.18
CA SER D 359 -88.20 25.61 -28.53
C SER D 359 -88.10 27.11 -28.76
N SER D 360 -87.31 27.51 -29.75
CA SER D 360 -87.22 28.88 -30.10
C SER D 360 -87.54 29.00 -31.56
N ILE D 361 -87.99 30.23 -31.84
CA ILE D 361 -88.26 30.75 -33.15
C ILE D 361 -87.80 32.19 -32.94
N SER D 362 -87.35 32.83 -34.01
CA SER D 362 -86.85 34.16 -34.00
C SER D 362 -87.20 34.78 -35.33
N PHE D 363 -87.34 36.07 -35.27
CA PHE D 363 -87.70 36.84 -36.43
C PHE D 363 -86.82 38.12 -36.48
N CYS D 364 -86.75 38.74 -37.65
CA CYS D 364 -85.96 39.92 -37.82
C CYS D 364 -86.74 40.98 -38.55
N GLY D 365 -86.46 42.22 -38.13
CA GLY D 365 -86.86 43.47 -38.74
C GLY D 365 -87.30 43.52 -40.17
N VAL D 366 -86.55 44.06 -41.11
CA VAL D 366 -87.08 44.01 -42.51
C VAL D 366 -88.12 45.06 -43.01
N ASN D 367 -87.77 45.70 -44.13
CA ASN D 367 -88.70 46.65 -44.80
C ASN D 367 -89.69 45.96 -45.74
N SER D 368 -89.25 44.94 -46.46
CA SER D 368 -90.06 44.21 -47.48
C SER D 368 -91.27 43.59 -46.78
N ASP D 369 -92.22 42.96 -47.46
CA ASP D 369 -93.31 42.50 -46.60
C ASP D 369 -93.18 41.11 -45.98
N THR D 370 -94.06 40.85 -44.97
CA THR D 370 -94.06 39.59 -44.32
C THR D 370 -95.40 38.99 -44.35
N VAL D 371 -95.61 37.96 -43.53
CA VAL D 371 -96.96 37.41 -43.41
C VAL D 371 -97.13 36.97 -42.00
N GLY D 372 -98.35 36.89 -41.51
CA GLY D 372 -98.52 36.32 -40.17
C GLY D 372 -98.71 34.87 -40.43
N TRP D 373 -98.48 34.06 -39.40
CA TRP D 373 -98.71 32.62 -39.51
C TRP D 373 -98.57 32.05 -38.10
N SER D 374 -98.41 30.76 -38.00
CA SER D 374 -98.21 30.16 -36.73
C SER D 374 -97.05 29.19 -36.87
N TRP D 375 -96.03 29.46 -36.09
CA TRP D 375 -94.93 28.61 -35.96
C TRP D 375 -94.82 28.14 -34.51
N PRO D 376 -95.69 27.17 -34.10
CA PRO D 376 -95.68 26.57 -32.81
C PRO D 376 -94.48 25.63 -32.62
N ASP D 377 -94.33 25.07 -31.37
CA ASP D 377 -93.29 24.10 -31.08
C ASP D 377 -93.53 22.80 -31.89
N GLY D 378 -94.75 22.26 -31.92
CA GLY D 378 -95.03 21.08 -32.72
C GLY D 378 -94.66 19.70 -32.15
N ALA D 379 -94.33 19.63 -30.86
CA ALA D 379 -94.14 18.32 -30.24
C ALA D 379 -95.40 17.66 -29.71
N GLU D 380 -95.48 16.35 -29.90
CA GLU D 380 -96.58 15.57 -29.31
C GLU D 380 -96.29 15.13 -27.88
N LEU D 381 -97.02 15.70 -26.93
CA LEU D 381 -96.83 15.33 -25.50
C LEU D 381 -97.93 14.33 -25.08
N PRO D 382 -97.69 13.52 -24.04
CA PRO D 382 -96.42 13.46 -23.31
C PRO D 382 -95.40 12.58 -24.02
N PHE D 383 -94.19 12.53 -23.48
CA PHE D 383 -93.11 11.79 -24.15
C PHE D 383 -93.04 10.44 -23.49
N THR D 384 -92.07 9.60 -23.90
CA THR D 384 -91.94 8.27 -23.35
C THR D 384 -91.83 8.53 -21.80
N ILE D 385 -91.76 9.82 -21.46
CA ILE D 385 -91.62 10.33 -20.08
C ILE D 385 -90.14 10.20 -19.72
N VAL E 1 79.72 -43.36 29.79
CA VAL E 1 80.26 -44.62 30.54
C VAL E 1 79.88 -44.79 32.01
N LYS E 2 79.58 -46.02 32.42
CA LYS E 2 79.10 -46.26 33.78
C LYS E 2 80.15 -46.11 34.90
N LEU E 3 79.78 -45.33 35.90
CA LEU E 3 80.61 -45.10 37.04
C LEU E 3 81.05 -46.42 37.62
N ALA E 4 82.35 -46.68 37.68
CA ALA E 4 82.78 -47.92 38.32
C ALA E 4 82.87 -47.57 39.78
N GLY E 5 82.54 -48.51 40.63
CA GLY E 5 82.56 -48.20 42.02
C GLY E 5 83.47 -49.17 42.72
N ASN E 6 84.57 -49.56 42.04
CA ASN E 6 85.47 -50.56 42.61
C ASN E 6 86.63 -50.07 43.50
N SER E 7 86.95 -48.78 43.53
CA SER E 7 87.98 -48.28 44.44
C SER E 7 87.50 -48.10 45.86
N SER E 8 88.41 -47.80 46.80
CA SER E 8 88.02 -47.63 48.20
C SER E 8 87.95 -46.18 48.59
N LEU E 9 87.32 -45.83 49.70
CA LEU E 9 87.33 -44.44 50.15
C LEU E 9 88.76 -43.99 50.25
N CYS E 10 89.04 -42.75 49.82
CA CYS E 10 90.39 -42.19 49.94
C CYS E 10 90.70 -42.03 51.40
N PRO E 11 92.00 -42.14 51.79
CA PRO E 11 92.37 -41.97 53.23
C PRO E 11 92.36 -40.47 53.48
N ILE E 12 91.89 -40.06 54.66
CA ILE E 12 91.73 -38.60 54.84
C ILE E 12 92.28 -38.17 56.17
N ASN E 13 92.43 -36.87 56.38
CA ASN E 13 92.85 -36.46 57.70
C ASN E 13 91.85 -35.53 58.31
N GLY E 14 91.09 -34.83 57.49
CA GLY E 14 90.09 -33.90 58.01
C GLY E 14 89.08 -33.54 56.92
N TRP E 15 88.33 -32.45 57.09
CA TRP E 15 87.34 -32.16 56.09
C TRP E 15 87.50 -30.70 55.63
N ALA E 16 87.37 -30.41 54.34
CA ALA E 16 87.50 -29.05 53.90
C ALA E 16 86.16 -28.55 53.48
N VAL E 17 85.90 -27.29 53.79
CA VAL E 17 84.63 -26.66 53.31
C VAL E 17 84.57 -26.68 51.82
N TYR E 18 83.39 -26.98 51.37
CA TYR E 18 83.13 -27.16 49.97
C TYR E 18 82.08 -26.20 49.42
N SER E 19 80.95 -26.11 50.14
CA SER E 19 79.95 -25.15 49.79
C SER E 19 79.19 -24.60 50.99
N LYS E 20 78.51 -23.51 50.75
CA LYS E 20 77.60 -22.90 51.66
C LYS E 20 76.67 -22.06 50.78
N ASP E 21 75.37 -22.19 50.92
CA ASP E 21 74.46 -21.54 49.98
C ASP E 21 73.87 -20.23 50.55
N ASN E 22 73.80 -20.14 51.87
CA ASN E 22 73.19 -18.98 52.52
C ASN E 22 71.74 -18.71 52.01
N SER E 23 71.07 -19.78 51.55
CA SER E 23 69.78 -19.64 50.90
C SER E 23 68.79 -18.96 51.79
N ILE E 24 68.91 -19.12 53.10
CA ILE E 24 67.89 -18.50 53.95
C ILE E 24 68.24 -17.00 54.16
N ARG E 25 69.53 -16.69 54.26
CA ARG E 25 69.90 -15.30 54.35
C ARG E 25 69.52 -14.57 53.05
N ILE E 26 69.79 -15.18 51.87
CA ILE E 26 69.46 -14.61 50.58
C ILE E 26 67.93 -14.49 50.41
N GLY E 27 67.24 -15.45 50.98
CA GLY E 27 65.79 -15.55 50.80
C GLY E 27 64.99 -14.47 51.50
N SER E 28 65.64 -13.75 52.41
CA SER E 28 64.96 -12.75 53.12
C SER E 28 64.46 -11.70 52.16
N LYS E 29 65.01 -11.71 50.94
CA LYS E 29 64.58 -10.73 49.94
C LYS E 29 64.48 -11.40 48.59
N GLY E 30 65.21 -12.48 48.42
CA GLY E 30 65.25 -13.11 47.13
C GLY E 30 64.20 -14.13 46.98
N ASP E 31 64.04 -14.68 45.78
CA ASP E 31 63.01 -15.65 45.54
C ASP E 31 63.63 -17.02 45.71
N VAL E 32 63.75 -17.37 46.98
CA VAL E 32 64.32 -18.66 47.38
C VAL E 32 63.24 -19.62 47.87
N PHE E 33 63.40 -20.89 47.57
CA PHE E 33 62.43 -21.86 48.02
C PHE E 33 62.64 -22.19 49.47
N VAL E 34 61.56 -22.34 50.17
CA VAL E 34 61.65 -22.86 51.51
C VAL E 34 61.89 -24.34 51.31
N ILE E 35 62.89 -24.92 51.92
CA ILE E 35 63.21 -26.32 51.65
C ILE E 35 63.61 -27.12 52.89
N ARG E 36 63.67 -28.45 52.72
CA ARG E 36 64.18 -29.32 53.73
C ARG E 36 65.03 -30.35 53.05
N GLU E 37 65.91 -30.96 53.86
CA GLU E 37 66.84 -32.07 53.45
C GLU E 37 67.48 -31.86 52.08
N PRO E 38 68.40 -30.94 52.06
CA PRO E 38 69.03 -30.60 50.83
C PRO E 38 70.26 -31.42 50.57
N PHE E 39 70.08 -32.67 50.20
CA PHE E 39 71.22 -33.49 49.95
C PHE E 39 71.92 -33.24 48.60
N ILE E 40 73.25 -33.36 48.62
CA ILE E 40 74.11 -33.24 47.43
C ILE E 40 74.42 -34.59 46.74
N SER E 41 74.43 -34.63 45.41
CA SER E 41 74.82 -35.82 44.71
C SER E 41 75.58 -35.41 43.48
N CYS E 42 76.63 -36.14 43.11
CA CYS E 42 77.43 -35.69 41.95
C CYS E 42 77.31 -36.63 40.81
N SER E 43 77.50 -36.06 39.62
CA SER E 43 77.60 -36.89 38.43
C SER E 43 79.09 -37.08 38.10
N HIS E 44 79.44 -37.42 36.88
CA HIS E 44 80.82 -37.54 36.48
C HIS E 44 81.19 -36.23 35.81
N LEU E 45 80.53 -35.15 36.17
CA LEU E 45 80.83 -33.85 35.58
C LEU E 45 80.48 -32.69 36.50
N GLU E 46 79.51 -32.88 37.40
CA GLU E 46 79.09 -31.80 38.30
C GLU E 46 78.46 -32.37 39.59
N CYS E 47 78.31 -31.48 40.57
CA CYS E 47 77.58 -31.78 41.75
C CYS E 47 76.40 -30.88 41.81
N ARG E 48 75.27 -31.50 42.18
CA ARG E 48 73.98 -30.80 42.36
C ARG E 48 73.45 -31.01 43.74
N THR E 49 72.70 -30.02 44.21
CA THR E 49 72.03 -30.11 45.49
C THR E 49 70.55 -30.36 45.21
N PHE E 50 70.03 -31.48 45.66
CA PHE E 50 68.60 -31.82 45.54
C PHE E 50 67.94 -31.39 46.83
N PHE E 51 66.64 -31.18 46.76
CA PHE E 51 65.86 -30.85 47.98
C PHE E 51 64.32 -31.05 47.73
N LEU E 52 63.57 -30.95 48.81
CA LEU E 52 62.20 -30.99 48.76
C LEU E 52 61.65 -29.62 49.08
N THR E 53 60.70 -29.14 48.29
CA THR E 53 60.06 -27.84 48.56
C THR E 53 58.58 -27.97 48.72
N GLN E 54 57.99 -27.03 49.43
CA GLN E 54 56.57 -27.10 49.65
C GLN E 54 55.95 -26.26 48.53
N GLY E 55 56.73 -26.01 47.48
CA GLY E 55 56.23 -25.10 46.49
C GLY E 55 56.09 -23.67 46.96
N ALA E 56 56.88 -23.26 47.92
CA ALA E 56 56.69 -21.89 48.44
C ALA E 56 58.04 -21.19 48.56
N LEU E 57 58.02 -19.89 48.75
CA LEU E 57 59.24 -19.14 48.83
C LEU E 57 59.30 -18.51 50.19
N LEU E 58 60.51 -18.20 50.61
CA LEU E 58 60.71 -17.56 51.88
C LEU E 58 60.08 -16.19 51.95
N ASN E 59 59.64 -15.83 53.13
CA ASN E 59 59.07 -14.52 53.38
C ASN E 59 57.79 -14.29 52.57
N ASP E 60 57.07 -15.36 52.27
CA ASP E 60 55.73 -15.35 51.60
C ASP E 60 54.74 -16.23 52.37
N LYS E 61 53.51 -15.78 52.50
CA LYS E 61 52.50 -16.58 53.19
C LYS E 61 52.48 -18.09 52.94
N HIS E 62 52.64 -18.53 51.71
CA HIS E 62 52.60 -19.95 51.46
C HIS E 62 53.70 -20.72 52.17
N SER E 63 54.61 -20.05 52.87
CA SER E 63 55.66 -20.76 53.63
C SER E 63 55.10 -21.14 55.03
N ASN E 64 53.76 -20.93 55.19
CA ASN E 64 53.04 -21.06 56.47
C ASN E 64 53.42 -22.34 57.22
N GLY E 65 53.86 -23.37 56.50
CA GLY E 65 54.54 -24.53 57.10
C GLY E 65 53.74 -25.30 58.15
N THR E 66 52.46 -24.92 58.38
CA THR E 66 51.56 -25.71 59.31
C THR E 66 50.94 -26.99 58.60
N VAL E 67 51.17 -27.05 57.27
CA VAL E 67 50.79 -28.13 56.36
C VAL E 67 51.59 -29.43 56.72
N LYS E 68 50.91 -30.55 56.60
CA LYS E 68 51.56 -31.86 56.79
C LYS E 68 52.93 -31.96 56.11
N ASP E 69 53.91 -32.65 56.74
CA ASP E 69 55.26 -32.84 56.10
C ASP E 69 55.10 -33.44 54.73
N ARG E 70 54.23 -34.44 54.64
CA ARG E 70 53.97 -35.15 53.41
C ARG E 70 52.78 -34.55 52.68
N SER E 71 52.96 -33.39 52.10
CA SER E 71 51.88 -32.78 51.37
C SER E 71 51.94 -33.18 49.90
N PRO E 72 50.88 -32.91 49.12
CA PRO E 72 50.95 -33.20 47.67
C PRO E 72 51.56 -32.07 46.86
N HIS E 73 52.04 -31.03 47.51
CA HIS E 73 52.77 -30.00 46.81
C HIS E 73 54.30 -30.17 46.90
N ARG E 74 54.75 -31.03 47.81
CA ARG E 74 56.15 -31.32 48.00
C ARG E 74 56.75 -31.93 46.72
N THR E 75 57.80 -31.31 46.17
CA THR E 75 58.42 -31.79 44.94
C THR E 75 59.91 -31.80 45.11
N LEU E 76 60.55 -32.76 44.47
CA LEU E 76 61.96 -32.85 44.43
C LEU E 76 62.53 -31.98 43.36
N MET E 77 63.46 -31.12 43.73
CA MET E 77 64.18 -30.27 42.73
C MET E 77 65.66 -30.26 42.98
N SER E 78 66.36 -29.69 42.03
CA SER E 78 67.84 -29.60 42.14
C SER E 78 68.40 -28.33 41.50
N CYS E 79 69.47 -27.83 42.06
CA CYS E 79 70.16 -26.62 41.53
C CYS E 79 71.67 -26.82 41.75
N PRO E 80 72.51 -26.12 41.01
CA PRO E 80 73.94 -26.40 41.21
C PRO E 80 74.41 -26.11 42.63
N VAL E 81 75.23 -27.00 43.17
CA VAL E 81 75.77 -26.81 44.54
C VAL E 81 76.22 -25.38 44.84
N GLY E 82 75.89 -24.91 46.04
CA GLY E 82 76.33 -23.60 46.52
C GLY E 82 75.39 -22.48 46.18
N GLU E 83 74.44 -22.74 45.29
CA GLU E 83 73.46 -21.76 44.86
C GLU E 83 72.20 -21.81 45.69
N ALA E 84 71.66 -20.66 46.03
CA ALA E 84 70.44 -20.62 46.80
C ALA E 84 69.32 -21.22 45.93
N PRO E 85 68.63 -22.23 46.42
CA PRO E 85 67.58 -22.76 45.58
C PRO E 85 66.38 -21.83 45.39
N SER E 86 66.09 -21.57 44.13
CA SER E 86 64.98 -20.76 43.72
C SER E 86 64.44 -21.29 42.40
N PRO E 87 63.23 -20.84 42.03
CA PRO E 87 62.51 -21.19 40.82
C PRO E 87 63.24 -20.69 39.63
N TYR E 88 64.23 -19.84 39.86
CA TYR E 88 64.97 -19.32 38.71
C TYR E 88 66.21 -20.13 38.30
N ASN E 89 66.75 -20.93 39.19
CA ASN E 89 67.97 -21.66 38.92
C ASN E 89 67.76 -23.15 39.21
N SER E 90 66.51 -23.53 39.57
CA SER E 90 66.23 -24.92 40.03
C SER E 90 65.49 -25.75 39.02
N ARG E 91 66.01 -26.94 38.74
CA ARG E 91 65.42 -27.90 37.83
C ARG E 91 64.37 -28.71 38.55
N PHE E 92 63.31 -29.08 37.84
CA PHE E 92 62.26 -29.84 38.48
C PHE E 92 62.58 -31.32 38.37
N GLU E 93 62.61 -32.05 39.49
CA GLU E 93 63.06 -33.44 39.42
C GLU E 93 61.85 -34.42 39.54
N SER E 94 60.98 -34.20 40.52
CA SER E 94 59.87 -35.14 40.68
C SER E 94 58.91 -34.63 41.73
N VAL E 95 57.68 -35.17 41.70
CA VAL E 95 56.72 -34.89 42.78
C VAL E 95 56.90 -35.89 43.89
N ALA E 96 57.21 -35.39 45.09
CA ALA E 96 57.61 -36.25 46.22
C ALA E 96 57.65 -35.62 47.59
N TRP E 97 57.43 -36.43 48.61
CA TRP E 97 57.59 -35.93 49.98
C TRP E 97 58.69 -36.69 50.70
N SER E 98 59.39 -37.50 49.92
CA SER E 98 60.53 -38.29 50.37
C SER E 98 61.30 -38.66 49.13
N ALA E 99 62.62 -38.71 49.17
CA ALA E 99 63.34 -38.95 47.92
C ALA E 99 64.80 -39.27 48.07
N SER E 100 65.37 -39.64 46.94
CA SER E 100 66.79 -39.87 46.80
C SER E 100 67.08 -39.70 45.31
N ALA E 101 68.37 -39.62 44.95
CA ALA E 101 68.79 -39.43 43.59
C ALA E 101 70.23 -39.92 43.49
N CYS E 102 70.72 -40.20 42.28
CA CYS E 102 72.09 -40.59 42.07
C CYS E 102 72.36 -40.71 40.60
N HIS E 103 73.61 -40.49 40.22
CA HIS E 103 74.07 -40.58 38.84
C HIS E 103 74.93 -41.84 38.70
N ASP E 104 74.70 -42.57 37.59
CA ASP E 104 75.41 -43.84 37.37
C ASP E 104 76.63 -43.65 36.45
N GLY E 105 76.88 -42.41 36.10
CA GLY E 105 77.89 -42.12 35.11
C GLY E 105 77.29 -41.82 33.76
N THR E 106 76.02 -42.19 33.54
CA THR E 106 75.28 -41.88 32.30
C THR E 106 74.15 -40.85 32.45
N SER E 107 73.19 -41.18 33.33
CA SER E 107 72.04 -40.31 33.55
C SER E 107 71.64 -40.37 35.01
N TRP E 108 70.87 -39.38 35.37
CA TRP E 108 70.48 -39.21 36.73
C TRP E 108 69.30 -40.05 36.99
N LEU E 109 69.34 -40.67 38.17
CA LEU E 109 68.26 -41.51 38.68
C LEU E 109 67.66 -40.68 39.80
N THR E 110 66.34 -40.49 39.75
CA THR E 110 65.67 -39.76 40.83
C THR E 110 64.55 -40.59 41.36
N ILE E 111 64.41 -40.62 42.69
CA ILE E 111 63.41 -41.42 43.34
C ILE E 111 62.52 -40.49 44.14
N GLY E 112 61.31 -40.29 43.65
CA GLY E 112 60.40 -39.52 44.43
C GLY E 112 59.09 -40.21 44.77
N ILE E 113 58.90 -40.33 46.07
CA ILE E 113 57.70 -40.94 46.68
C ILE E 113 56.63 -39.89 46.97
N SER E 114 55.48 -40.10 46.40
CA SER E 114 54.32 -39.28 46.70
C SER E 114 53.08 -40.16 46.86
N GLY E 115 52.01 -39.55 47.31
CA GLY E 115 50.73 -40.17 47.47
C GLY E 115 50.28 -40.23 48.93
N PRO E 116 49.16 -40.95 49.19
CA PRO E 116 48.58 -41.16 50.54
C PRO E 116 49.51 -41.96 51.48
N ASP E 117 49.35 -41.81 52.78
CA ASP E 117 50.27 -42.53 53.68
C ASP E 117 50.01 -44.06 53.65
N ASN E 118 48.74 -44.40 53.33
CA ASN E 118 48.32 -45.81 53.25
C ASN E 118 48.61 -46.48 51.88
N GLY E 119 49.29 -45.77 50.98
CA GLY E 119 49.60 -46.33 49.66
C GLY E 119 50.55 -45.54 48.81
N ALA E 120 51.54 -44.97 49.48
CA ALA E 120 52.46 -44.10 48.83
C ALA E 120 53.13 -44.92 47.71
N VAL E 121 53.50 -44.26 46.65
CA VAL E 121 54.15 -44.93 45.53
C VAL E 121 55.38 -44.10 45.16
N ALA E 122 56.48 -44.79 44.92
CA ALA E 122 57.72 -44.14 44.55
C ALA E 122 57.85 -44.15 43.04
N VAL E 123 58.00 -42.97 42.44
CA VAL E 123 58.17 -42.87 41.00
C VAL E 123 59.66 -42.79 40.69
N LEU E 124 60.16 -43.75 39.94
CA LEU E 124 61.56 -43.68 39.59
C LEU E 124 61.73 -43.13 38.18
N LYS E 125 62.63 -42.14 38.04
CA LYS E 125 62.93 -41.50 36.75
C LYS E 125 64.37 -41.72 36.35
N TYR E 126 64.61 -41.92 35.05
CA TYR E 126 65.96 -42.06 34.52
C TYR E 126 66.08 -41.05 33.44
N ASN E 127 66.93 -40.08 33.72
CA ASN E 127 67.09 -38.97 32.82
C ASN E 127 65.75 -38.20 32.67
N GLY E 128 64.97 -38.20 33.75
CA GLY E 128 63.67 -37.49 33.78
C GLY E 128 62.45 -38.19 33.22
N ILE E 129 62.60 -39.42 32.73
CA ILE E 129 61.47 -40.19 32.17
C ILE E 129 61.17 -41.29 33.11
N ILE E 130 59.90 -41.49 33.40
CA ILE E 130 59.55 -42.51 34.38
C ILE E 130 59.96 -43.89 33.87
N THR E 131 60.79 -44.53 34.68
CA THR E 131 61.21 -45.89 34.35
C THR E 131 60.67 -47.06 35.20
N ASP E 132 60.09 -46.74 36.33
CA ASP E 132 59.58 -47.77 37.18
C ASP E 132 58.75 -47.14 38.27
N THR E 133 58.14 -47.98 39.10
CA THR E 133 57.29 -47.54 40.19
C THR E 133 57.41 -48.57 41.29
N ILE E 134 57.28 -48.14 42.55
CA ILE E 134 57.36 -49.02 43.71
C ILE E 134 56.28 -48.67 44.72
N LYS E 135 55.24 -49.52 44.84
CA LYS E 135 54.14 -49.27 45.77
C LYS E 135 54.50 -49.68 47.15
N SER E 136 53.93 -48.99 48.10
CA SER E 136 54.07 -49.26 49.54
C SER E 136 53.60 -50.68 49.79
N TRP E 137 54.37 -51.42 50.55
CA TRP E 137 54.02 -52.80 50.80
C TRP E 137 53.50 -52.96 52.23
N ARG E 138 53.56 -51.91 53.05
CA ARG E 138 52.92 -52.03 54.33
C ARG E 138 51.90 -50.97 54.50
N ASN E 139 51.61 -50.27 53.43
CA ASN E 139 50.64 -49.20 53.51
C ASN E 139 50.85 -48.32 54.75
N ASN E 140 52.10 -48.02 55.15
CA ASN E 140 52.40 -47.12 56.26
C ASN E 140 53.58 -46.23 56.02
N ILE E 141 53.35 -45.18 55.25
CA ILE E 141 54.35 -44.15 54.92
C ILE E 141 55.63 -44.68 54.24
N LEU E 142 55.51 -45.25 53.05
CA LEU E 142 56.75 -45.62 52.33
C LEU E 142 57.69 -44.44 52.28
N ARG E 143 58.94 -44.68 52.64
CA ARG E 143 59.88 -43.60 52.67
C ARG E 143 61.26 -44.10 52.35
N THR E 144 62.14 -43.14 52.02
CA THR E 144 63.51 -43.47 51.63
C THR E 144 64.58 -42.50 52.15
N GLN E 145 65.78 -42.59 51.61
CA GLN E 145 66.94 -41.90 52.08
C GLN E 145 66.90 -40.41 52.41
N GLU E 146 66.28 -39.58 51.56
CA GLU E 146 66.35 -38.12 51.78
C GLU E 146 67.79 -37.79 51.54
N SER E 147 68.50 -38.65 50.78
CA SER E 147 69.89 -38.38 50.31
C SER E 147 70.27 -39.25 49.12
N GLU E 148 71.50 -39.02 48.63
CA GLU E 148 72.11 -39.70 47.53
C GLU E 148 72.11 -41.18 47.73
N CYS E 149 71.66 -41.89 46.68
CA CYS E 149 71.80 -43.34 46.62
C CYS E 149 73.18 -43.67 46.13
N ALA E 150 73.45 -44.95 45.91
CA ALA E 150 74.81 -45.33 45.52
C ALA E 150 74.78 -46.17 44.24
N CYS E 151 75.64 -45.83 43.28
CA CYS E 151 75.74 -46.58 42.04
C CYS E 151 77.09 -47.27 41.99
N VAL E 152 77.10 -48.50 41.49
CA VAL E 152 78.32 -49.28 41.35
C VAL E 152 78.18 -50.12 40.10
N ASN E 153 79.28 -50.30 39.35
CA ASN E 153 79.33 -51.08 38.13
C ASN E 153 77.98 -51.03 37.38
N GLY E 154 77.24 -49.90 37.41
CA GLY E 154 76.06 -49.82 36.52
C GLY E 154 74.71 -49.90 37.17
N SER E 155 74.75 -50.26 38.45
CA SER E 155 73.57 -50.43 39.25
C SER E 155 73.53 -49.37 40.34
N CYS E 156 72.35 -48.87 40.63
CA CYS E 156 72.23 -47.99 41.74
C CYS E 156 71.36 -48.60 42.84
N PHE E 157 71.82 -48.38 44.06
CA PHE E 157 71.22 -49.00 45.22
C PHE E 157 70.64 -47.99 46.19
N THR E 158 69.42 -48.27 46.69
CA THR E 158 68.77 -47.44 47.68
C THR E 158 68.08 -48.30 48.69
N VAL E 159 67.75 -47.71 49.83
CA VAL E 159 67.06 -48.35 50.92
C VAL E 159 65.75 -47.61 51.26
N MET E 160 64.67 -48.37 51.41
CA MET E 160 63.31 -47.82 51.71
C MET E 160 62.76 -48.49 52.96
N THR E 161 61.85 -47.80 53.63
CA THR E 161 61.20 -48.24 54.87
C THR E 161 59.71 -48.04 54.73
N ASP E 162 58.99 -48.95 55.35
CA ASP E 162 57.55 -48.92 55.25
C ASP E 162 57.09 -49.54 56.56
N GLY E 163 56.31 -48.84 57.36
CA GLY E 163 56.03 -49.35 58.67
C GLY E 163 56.08 -48.26 59.70
N PRO E 164 55.81 -48.59 60.95
CA PRO E 164 55.76 -47.53 61.98
C PRO E 164 57.12 -46.90 62.31
N SER E 165 57.12 -45.62 62.68
CA SER E 165 58.37 -44.93 62.98
C SER E 165 58.71 -45.09 64.46
N ASN E 166 57.90 -45.92 65.15
CA ASN E 166 58.14 -46.43 66.53
C ASN E 166 58.71 -47.83 66.39
N GLY E 167 57.98 -48.79 66.93
CA GLY E 167 58.38 -50.21 66.86
C GLY E 167 58.91 -50.78 65.55
N GLN E 168 59.04 -52.10 65.47
CA GLN E 168 59.45 -52.77 64.26
C GLN E 168 58.87 -52.12 62.98
N ALA E 169 59.71 -52.00 61.93
CA ALA E 169 59.25 -51.58 60.62
C ALA E 169 59.83 -52.60 59.65
N SER E 170 59.55 -52.41 58.37
CA SER E 170 60.09 -53.31 57.36
C SER E 170 61.08 -52.53 56.50
N TYR E 171 62.28 -53.06 56.30
CA TYR E 171 63.30 -52.36 55.52
C TYR E 171 63.64 -53.17 54.33
N LYS E 172 63.66 -52.51 53.18
CA LYS E 172 63.97 -53.13 51.88
C LYS E 172 65.12 -52.40 51.20
N ILE E 173 66.03 -53.18 50.62
CA ILE E 173 67.15 -52.71 49.81
C ILE E 173 66.80 -52.89 48.33
N PHE E 174 66.97 -51.84 47.53
CA PHE E 174 66.66 -52.01 46.14
C PHE E 174 67.87 -51.93 45.28
N LYS E 175 67.87 -52.62 44.14
CA LYS E 175 68.94 -52.52 43.12
C LYS E 175 68.23 -52.24 41.83
N MET E 176 68.58 -51.14 41.20
CA MET E 176 67.91 -50.81 39.95
C MET E 176 68.93 -50.37 38.86
N GLU E 177 68.59 -50.61 37.58
CA GLU E 177 69.44 -50.31 36.45
C GLU E 177 68.54 -49.59 35.50
N LYS E 178 69.07 -48.51 34.95
CA LYS E 178 68.34 -47.66 34.06
C LYS E 178 67.02 -47.30 34.70
N GLY E 179 67.10 -47.02 35.99
CA GLY E 179 65.86 -46.74 36.74
C GLY E 179 64.77 -47.81 36.85
N LYS E 180 65.06 -49.06 36.49
CA LYS E 180 64.12 -50.16 36.68
C LYS E 180 64.65 -51.06 37.81
N VAL E 181 63.80 -51.36 38.79
CA VAL E 181 64.19 -52.28 39.85
C VAL E 181 64.48 -53.66 39.24
N VAL E 182 65.63 -54.25 39.52
CA VAL E 182 65.92 -55.56 38.98
C VAL E 182 66.02 -56.62 40.11
N LYS E 183 66.13 -56.16 41.35
CA LYS E 183 66.17 -57.07 42.48
C LYS E 183 65.86 -56.30 43.76
N SER E 184 65.29 -56.98 44.75
CA SER E 184 65.09 -56.29 46.00
C SER E 184 65.08 -57.30 47.12
N VAL E 185 65.46 -56.84 48.28
CA VAL E 185 65.57 -57.78 49.37
C VAL E 185 65.07 -57.17 50.64
N GLU E 186 64.29 -57.90 51.41
CA GLU E 186 63.84 -57.30 52.62
C GLU E 186 64.76 -57.71 53.76
N LEU E 187 65.22 -56.75 54.52
CA LEU E 187 66.16 -57.10 55.60
C LEU E 187 65.43 -57.81 56.75
N ASP E 188 66.10 -58.83 57.24
CA ASP E 188 65.57 -59.59 58.31
C ASP E 188 66.26 -59.02 59.52
N ALA E 189 65.69 -57.92 59.99
CA ALA E 189 66.30 -57.19 61.11
C ALA E 189 65.39 -56.93 62.30
N PRO E 190 65.01 -58.02 62.96
CA PRO E 190 64.10 -57.92 64.12
C PRO E 190 64.85 -57.08 65.20
N ASN E 191 64.22 -56.04 65.74
CA ASN E 191 64.89 -55.23 66.77
C ASN E 191 65.72 -54.04 66.27
N TYR E 192 65.80 -53.92 64.95
CA TYR E 192 66.51 -52.80 64.32
C TYR E 192 65.48 -51.83 63.80
N HIS E 193 65.93 -50.58 63.58
CA HIS E 193 65.11 -49.57 62.97
C HIS E 193 65.93 -48.84 61.99
N TYR E 194 65.48 -48.71 60.75
CA TYR E 194 66.23 -47.94 59.75
C TYR E 194 65.34 -46.89 59.12
N GLU E 195 65.82 -45.64 59.07
CA GLU E 195 65.14 -44.55 58.32
C GLU E 195 66.20 -43.63 57.79
N GLU E 196 65.86 -42.91 56.72
CA GLU E 196 66.70 -41.83 56.17
C GLU E 196 68.15 -42.30 56.06
N CYS E 197 68.38 -43.37 55.28
CA CYS E 197 69.73 -43.94 55.21
C CYS E 197 70.74 -43.12 54.39
N SER E 198 71.96 -43.09 54.88
CA SER E 198 73.02 -42.43 54.14
C SER E 198 73.88 -43.54 53.51
N CYS E 199 73.84 -43.70 52.18
CA CYS E 199 74.57 -44.82 51.62
C CYS E 199 75.71 -44.31 50.74
N TYR E 200 76.85 -44.98 50.75
CA TYR E 200 77.96 -44.64 49.88
C TYR E 200 78.64 -45.90 49.32
N PRO E 201 79.29 -45.79 48.15
CA PRO E 201 79.95 -47.00 47.66
C PRO E 201 81.40 -47.09 48.17
N ASN E 202 81.89 -48.31 48.34
CA ASN E 202 83.24 -48.53 48.76
C ASN E 202 83.70 -49.90 48.34
N ALA E 203 84.60 -49.94 47.37
CA ALA E 203 85.17 -51.19 46.94
C ALA E 203 84.10 -52.12 46.47
N GLY E 204 83.22 -51.71 45.55
CA GLY E 204 82.25 -52.65 45.02
C GLY E 204 80.96 -52.89 45.81
N GLU E 205 80.97 -52.53 47.07
CA GLU E 205 79.85 -52.80 47.94
C GLU E 205 79.29 -51.49 48.48
N ILE E 206 78.11 -51.50 49.12
CA ILE E 206 77.50 -50.26 49.62
C ILE E 206 77.41 -50.32 51.12
N THR E 207 77.53 -49.17 51.78
CA THR E 207 77.43 -49.13 53.24
C THR E 207 76.49 -48.00 53.54
N CYS E 208 75.54 -48.29 54.42
CA CYS E 208 74.52 -47.30 54.77
C CYS E 208 74.55 -47.14 56.25
N VAL E 209 74.76 -45.91 56.74
CA VAL E 209 74.67 -45.62 58.18
C VAL E 209 73.37 -44.85 58.32
N CYS E 210 72.40 -45.30 59.12
CA CYS E 210 71.08 -44.69 59.09
C CYS E 210 70.61 -44.19 60.43
N ARG E 211 69.33 -43.98 60.54
CA ARG E 211 68.69 -43.43 61.73
C ARG E 211 67.72 -44.48 62.34
N ASP E 212 67.89 -44.74 63.65
CA ASP E 212 67.00 -45.59 64.42
C ASP E 212 66.15 -44.65 65.23
N ASN E 213 64.93 -44.55 64.76
CA ASN E 213 63.98 -43.60 65.31
C ASN E 213 63.17 -44.25 66.41
N TRP E 214 63.39 -45.54 66.52
CA TRP E 214 62.71 -46.40 67.50
C TRP E 214 63.35 -46.44 68.89
N HIS E 215 64.56 -46.98 69.00
CA HIS E 215 65.12 -47.09 70.30
C HIS E 215 66.65 -47.21 70.29
N GLY E 216 67.28 -46.41 69.42
CA GLY E 216 68.73 -46.37 69.27
C GLY E 216 69.27 -44.98 69.17
N SER E 217 70.29 -44.82 70.03
CA SER E 217 71.05 -43.59 70.17
C SER E 217 72.20 -43.74 69.17
N ASN E 218 72.76 -44.97 69.04
CA ASN E 218 73.78 -45.19 68.07
C ASN E 218 73.08 -45.39 66.74
N ARG E 219 73.88 -45.34 65.69
CA ARG E 219 73.32 -45.54 64.33
C ARG E 219 73.45 -46.92 63.77
N PRO E 220 72.34 -47.43 63.19
CA PRO E 220 72.38 -48.77 62.60
C PRO E 220 72.95 -48.69 61.24
N TRP E 221 73.43 -49.81 60.72
CA TRP E 221 74.05 -49.77 59.40
C TRP E 221 73.73 -51.04 58.61
N VAL E 222 73.92 -50.98 57.30
CA VAL E 222 73.66 -52.07 56.41
C VAL E 222 74.69 -51.90 55.33
N SER E 223 75.38 -52.99 55.06
CA SER E 223 76.31 -53.08 53.99
C SER E 223 75.85 -54.26 53.12
N PHE E 224 76.04 -54.14 51.81
CA PHE E 224 75.65 -55.19 50.90
C PHE E 224 76.37 -55.15 49.59
N ASN E 225 76.39 -56.29 48.93
CA ASN E 225 77.10 -56.44 47.70
C ASN E 225 76.10 -56.16 46.57
N GLN E 226 76.34 -56.22 45.33
CA GLN E 226 75.57 -56.00 44.15
C GLN E 226 74.51 -57.04 43.97
N ASN E 227 74.57 -58.15 44.72
CA ASN E 227 73.49 -59.14 44.68
C ASN E 227 72.66 -59.12 45.95
N LEU E 228 72.58 -57.93 46.52
CA LEU E 228 71.90 -57.68 47.76
C LEU E 228 72.15 -58.63 48.92
N GLU E 229 73.29 -59.29 48.94
CA GLU E 229 73.58 -60.13 50.08
C GLU E 229 74.14 -59.10 51.07
N TYR E 230 73.58 -59.09 52.28
CA TYR E 230 73.90 -58.04 53.21
C TYR E 230 74.27 -58.49 54.60
N GLN E 231 74.72 -57.49 55.38
CA GLN E 231 75.09 -57.67 56.77
C GLN E 231 74.52 -56.47 57.52
N ILE E 232 74.16 -56.69 58.82
CA ILE E 232 73.61 -55.59 59.62
C ILE E 232 74.23 -55.44 60.96
N GLY E 233 73.98 -54.27 61.56
CA GLY E 233 74.49 -53.96 62.91
C GLY E 233 74.34 -52.50 63.30
N TYR E 234 75.16 -52.15 64.28
CA TYR E 234 75.19 -50.81 64.86
C TYR E 234 76.57 -50.32 65.13
N ILE E 235 76.80 -49.03 64.96
CA ILE E 235 78.11 -48.50 65.26
C ILE E 235 78.32 -48.67 66.77
N CYS E 236 79.41 -49.35 67.18
CA CYS E 236 79.53 -49.68 68.61
C CYS E 236 80.18 -48.60 69.50
N SER E 237 80.64 -47.52 68.89
CA SER E 237 81.35 -46.50 69.63
C SER E 237 80.43 -45.86 70.64
N GLY E 238 81.01 -45.45 71.78
CA GLY E 238 80.29 -44.81 72.84
C GLY E 238 80.19 -43.35 72.48
N VAL E 239 80.69 -43.02 71.29
CA VAL E 239 80.54 -41.69 70.77
C VAL E 239 79.23 -41.79 69.98
N PHE E 240 78.12 -41.53 70.63
CA PHE E 240 76.85 -41.75 69.95
C PHE E 240 76.63 -40.72 68.89
N GLY E 241 76.12 -41.22 67.76
CA GLY E 241 75.94 -40.39 66.61
C GLY E 241 74.56 -39.85 66.34
N ASP E 242 73.54 -40.31 67.07
CA ASP E 242 72.20 -39.87 66.73
C ASP E 242 71.87 -38.69 67.60
N ASN E 243 70.72 -38.08 67.29
CA ASN E 243 70.27 -36.95 68.08
C ASN E 243 68.79 -37.08 68.16
N PRO E 244 68.23 -37.11 69.39
CA PRO E 244 68.93 -37.06 70.71
C PRO E 244 69.77 -38.26 71.00
N ARG E 245 70.38 -38.26 72.17
CA ARG E 245 71.35 -39.26 72.58
C ARG E 245 71.82 -38.90 73.98
N PRO E 246 72.42 -39.90 74.65
CA PRO E 246 72.99 -39.71 75.99
C PRO E 246 74.40 -39.22 75.85
N ASN E 247 75.02 -38.82 76.96
CA ASN E 247 76.40 -38.29 76.87
C ASN E 247 77.26 -39.48 76.56
N ASP E 248 78.44 -39.23 76.06
CA ASP E 248 79.28 -40.33 75.65
C ASP E 248 79.72 -41.24 76.79
N GLY E 249 79.17 -42.43 76.74
CA GLY E 249 79.49 -43.41 77.72
C GLY E 249 80.09 -44.67 77.08
N THR E 250 79.49 -45.82 77.44
CA THR E 250 79.90 -47.11 76.88
C THR E 250 78.73 -47.52 75.98
N GLY E 251 79.07 -47.75 74.76
CA GLY E 251 78.08 -48.06 73.72
C GLY E 251 77.82 -49.53 73.57
N SER E 252 77.17 -50.12 72.32
CA SER E 252 77.07 -51.54 72.09
C SER E 252 76.87 -51.66 70.60
N CYS E 253 76.82 -52.89 70.13
CA CYS E 253 76.54 -53.13 68.74
C CYS E 253 75.10 -53.54 68.61
N GLY E 254 74.24 -52.88 69.52
CA GLY E 254 72.85 -53.32 69.42
C GLY E 254 72.14 -52.15 70.06
N PRO E 255 71.36 -51.43 69.31
CA PRO E 255 70.70 -50.17 69.60
C PRO E 255 70.78 -49.83 71.10
N VAL E 256 71.38 -48.68 71.39
CA VAL E 256 71.48 -48.15 72.74
C VAL E 256 70.10 -47.52 72.98
N SER E 257 69.35 -48.06 73.94
CA SER E 257 68.02 -47.59 74.17
C SER E 257 67.97 -46.28 74.89
N SER E 258 69.13 -45.83 75.39
CA SER E 258 69.06 -44.66 76.27
C SER E 258 69.02 -43.39 75.54
N ASN E 259 67.80 -42.96 75.35
CA ASN E 259 67.57 -41.65 74.85
C ASN E 259 67.40 -41.67 73.37
N GLY E 260 67.92 -42.71 72.72
CA GLY E 260 67.70 -42.79 71.30
C GLY E 260 66.32 -43.16 70.86
N ALA E 261 65.34 -42.60 71.52
CA ALA E 261 63.97 -42.92 71.17
C ALA E 261 63.47 -42.02 70.07
N TYR E 262 64.35 -41.36 69.29
CA TYR E 262 63.87 -40.55 68.18
C TYR E 262 65.11 -40.37 67.26
N GLY E 263 65.44 -39.16 66.78
CA GLY E 263 66.62 -39.03 65.93
C GLY E 263 66.79 -37.96 64.85
N VAL E 264 67.80 -38.14 64.00
CA VAL E 264 68.13 -37.22 62.89
C VAL E 264 68.89 -37.93 61.80
N LYS E 265 68.55 -37.66 60.56
CA LYS E 265 69.28 -38.27 59.46
C LYS E 265 70.77 -37.96 59.75
N GLY E 266 71.62 -39.02 59.86
CA GLY E 266 73.09 -38.78 59.96
C GLY E 266 73.87 -39.72 59.10
N PHE E 267 75.20 -39.66 59.14
CA PHE E 267 75.96 -40.63 58.35
C PHE E 267 77.22 -40.99 59.10
N SER E 268 78.06 -41.83 58.48
CA SER E 268 79.38 -42.05 59.10
C SER E 268 80.17 -42.79 58.05
N PHE E 269 81.49 -42.71 58.12
CA PHE E 269 82.34 -43.40 57.13
C PHE E 269 83.22 -44.39 57.81
N LYS E 270 83.06 -45.65 57.44
CA LYS E 270 83.79 -46.72 58.03
C LYS E 270 85.17 -46.84 57.37
N TYR E 271 86.21 -46.81 58.17
CA TYR E 271 87.49 -47.07 57.60
C TYR E 271 88.17 -48.18 58.40
N GLY E 272 88.15 -49.43 57.96
CA GLY E 272 88.80 -50.47 58.78
C GLY E 272 87.93 -50.69 60.03
N ASN E 273 88.48 -50.57 61.23
CA ASN E 273 87.65 -50.61 62.40
C ASN E 273 87.29 -49.23 62.91
N GLY E 274 87.72 -48.22 62.22
CA GLY E 274 87.46 -46.83 62.64
C GLY E 274 86.23 -46.22 61.98
N VAL E 275 85.80 -45.07 62.49
CA VAL E 275 84.69 -44.39 61.91
C VAL E 275 84.85 -42.90 61.97
N TRP E 276 84.25 -42.24 60.99
CA TRP E 276 84.24 -40.83 61.00
C TRP E 276 82.79 -40.59 61.31
N ILE E 277 82.53 -40.09 62.50
CA ILE E 277 81.20 -39.73 62.88
C ILE E 277 80.82 -38.26 62.77
N GLY E 278 79.73 -37.96 62.07
CA GLY E 278 79.21 -36.56 61.97
C GLY E 278 78.01 -36.53 62.93
N ARG E 279 78.04 -35.67 63.95
CA ARG E 279 76.86 -35.57 64.82
C ARG E 279 76.71 -34.15 65.34
N THR E 280 75.51 -33.83 65.81
CA THR E 280 75.27 -32.52 66.28
C THR E 280 76.08 -32.45 67.55
N LYS E 281 76.42 -31.24 67.99
CA LYS E 281 77.19 -31.12 69.24
C LYS E 281 76.34 -31.28 70.47
N SER E 282 75.05 -30.96 70.35
CA SER E 282 74.13 -31.05 71.50
C SER E 282 73.62 -32.47 71.61
N THR E 283 73.17 -32.90 72.79
CA THR E 283 72.66 -34.27 72.89
C THR E 283 71.15 -34.21 72.90
N ASN E 284 70.61 -33.00 72.80
CA ASN E 284 69.15 -32.82 72.91
C ASN E 284 68.46 -32.12 71.78
N SER E 285 69.22 -31.30 71.03
CA SER E 285 68.63 -30.39 70.02
C SER E 285 69.45 -30.53 68.78
N ARG E 286 68.84 -30.27 67.62
CA ARG E 286 69.60 -30.37 66.39
C ARG E 286 70.40 -29.08 66.28
N SER E 287 71.32 -28.91 67.21
CA SER E 287 72.23 -27.76 67.21
C SER E 287 73.73 -28.08 67.21
N GLY E 288 74.51 -27.31 66.48
CA GLY E 288 75.94 -27.61 66.31
C GLY E 288 76.17 -28.83 65.45
N PHE E 289 77.41 -29.03 65.07
CA PHE E 289 77.80 -30.20 64.29
C PHE E 289 79.30 -30.38 64.37
N GLU E 290 79.77 -31.62 64.27
CA GLU E 290 81.18 -31.95 64.42
C GLU E 290 81.55 -33.27 63.77
N MET E 291 82.80 -33.37 63.38
CA MET E 291 83.29 -34.59 62.79
C MET E 291 84.24 -35.26 63.78
N ILE E 292 83.96 -36.52 64.10
CA ILE E 292 84.84 -37.21 64.98
C ILE E 292 85.44 -38.44 64.38
N TRP E 293 86.71 -38.62 64.56
CA TRP E 293 87.42 -39.81 64.08
C TRP E 293 87.69 -40.69 65.30
N ASP E 294 86.92 -41.77 65.44
CA ASP E 294 87.18 -42.77 66.52
C ASP E 294 87.79 -43.96 65.84
N PRO E 295 89.15 -44.13 65.85
CA PRO E 295 89.67 -45.34 65.18
C PRO E 295 89.16 -46.53 65.97
N ASN E 296 89.07 -47.66 65.31
CA ASN E 296 88.61 -48.83 66.17
C ASN E 296 87.45 -48.48 67.08
N GLY E 297 86.37 -48.04 66.41
CA GLY E 297 85.24 -47.48 67.06
C GLY E 297 84.03 -47.87 66.27
N TRP E 298 84.28 -48.54 65.15
CA TRP E 298 83.18 -49.13 64.41
C TRP E 298 82.84 -50.46 65.04
N THR E 299 83.80 -51.16 65.63
CA THR E 299 83.58 -52.45 66.24
C THR E 299 83.84 -52.50 67.75
N GLU E 300 84.55 -51.51 68.29
CA GLU E 300 84.81 -51.47 69.73
C GLU E 300 83.83 -50.57 70.49
N THR E 301 83.74 -50.71 71.80
CA THR E 301 82.92 -49.78 72.58
C THR E 301 83.74 -48.80 73.44
N ASP E 302 83.71 -47.51 73.16
CA ASP E 302 84.52 -46.51 73.90
C ASP E 302 83.83 -45.19 73.98
N SER E 303 84.53 -44.20 74.51
CA SER E 303 84.04 -42.84 74.60
C SER E 303 85.18 -42.15 74.02
N SER E 304 86.30 -42.89 73.92
CA SER E 304 87.51 -42.33 73.35
C SER E 304 87.63 -42.43 71.82
N PHE E 305 88.19 -41.34 71.31
CA PHE E 305 88.46 -41.11 69.93
C PHE E 305 89.70 -40.20 69.79
N SER E 306 90.28 -40.09 68.59
CA SER E 306 91.48 -39.23 68.43
C SER E 306 91.32 -37.81 67.85
N VAL E 307 90.36 -37.61 66.95
CA VAL E 307 90.21 -36.30 66.33
C VAL E 307 88.80 -35.79 66.32
N LYS E 308 88.71 -34.39 66.70
CA LYS E 308 87.35 -33.85 66.67
C LYS E 308 87.53 -32.61 65.84
N GLN E 309 86.65 -32.38 64.86
CA GLN E 309 86.77 -31.19 64.04
C GLN E 309 85.45 -30.48 64.07
N ASP E 310 85.46 -29.21 64.51
CA ASP E 310 84.23 -28.43 64.61
C ASP E 310 83.64 -28.02 63.25
N ILE E 311 82.32 -27.95 63.16
CA ILE E 311 81.65 -27.61 61.92
C ILE E 311 80.62 -26.55 62.13
N VAL E 312 79.84 -26.74 63.17
CA VAL E 312 78.86 -25.75 63.55
C VAL E 312 78.82 -25.69 65.10
N ALA E 313 79.10 -24.51 65.68
CA ALA E 313 79.09 -24.30 67.12
C ALA E 313 77.76 -24.74 67.75
N ILE E 314 77.83 -25.26 69.00
CA ILE E 314 76.61 -25.67 69.76
C ILE E 314 75.58 -24.59 69.87
N THR E 315 75.97 -23.33 69.69
CA THR E 315 75.07 -22.20 69.91
C THR E 315 74.25 -22.01 68.63
N ASP E 316 74.65 -22.66 67.51
CA ASP E 316 73.94 -22.52 66.22
C ASP E 316 73.12 -23.75 65.79
N TRP E 317 72.05 -23.56 65.02
CA TRP E 317 71.22 -24.68 64.62
C TRP E 317 71.80 -25.51 63.51
N SER E 318 71.56 -26.82 63.52
CA SER E 318 72.00 -27.67 62.45
C SER E 318 70.80 -28.45 62.02
N GLY E 319 70.98 -29.74 61.82
CA GLY E 319 69.89 -30.61 61.35
C GLY E 319 70.26 -31.89 60.65
N TYR E 320 69.51 -32.24 59.60
CA TYR E 320 69.81 -33.42 58.85
C TYR E 320 71.22 -33.25 58.29
N SER E 321 71.92 -34.37 58.17
CA SER E 321 73.24 -34.41 57.55
C SER E 321 73.26 -35.70 56.76
N GLY E 322 73.97 -35.71 55.66
CA GLY E 322 74.11 -36.94 54.94
C GLY E 322 75.42 -36.97 54.23
N SER E 323 75.73 -38.12 53.66
CA SER E 323 76.99 -38.30 52.98
C SER E 323 76.76 -38.27 51.53
N PHE E 324 77.78 -37.87 50.80
CA PHE E 324 77.74 -37.91 49.36
C PHE E 324 79.12 -38.21 48.85
N VAL E 325 79.21 -38.64 47.66
CA VAL E 325 80.39 -39.31 47.17
C VAL E 325 80.94 -38.61 45.92
N GLN E 326 82.29 -38.82 45.75
CA GLN E 326 82.89 -38.18 44.57
C GLN E 326 83.14 -39.00 43.33
N HIS E 327 83.00 -40.17 43.08
CA HIS E 327 83.77 -41.02 42.21
C HIS E 327 85.04 -40.55 41.50
N PRO E 328 85.96 -41.45 41.35
CA PRO E 328 87.15 -41.22 40.55
C PRO E 328 86.80 -40.82 39.14
N GLU E 329 85.59 -41.07 38.68
CA GLU E 329 85.37 -40.62 37.28
C GLU E 329 85.09 -39.14 37.22
N LEU E 330 84.99 -38.52 38.36
CA LEU E 330 84.72 -37.09 38.37
C LEU E 330 85.97 -36.32 38.85
N THR E 331 86.80 -37.01 39.62
CA THR E 331 87.95 -36.44 40.27
C THR E 331 89.31 -36.67 39.64
N GLY E 332 89.47 -37.84 39.05
CA GLY E 332 90.68 -38.26 38.38
C GLY E 332 91.49 -38.87 39.49
N LEU E 333 90.84 -38.97 40.66
CA LEU E 333 91.46 -39.54 41.84
C LEU E 333 91.43 -41.03 41.64
N ASP E 334 92.28 -41.79 42.30
CA ASP E 334 92.16 -43.27 42.19
C ASP E 334 91.41 -43.85 43.41
N CYS E 335 90.47 -43.10 43.95
CA CYS E 335 89.67 -43.60 45.07
C CYS E 335 88.43 -42.76 45.12
N ILE E 336 87.51 -43.16 45.96
CA ILE E 336 86.27 -42.46 46.07
C ILE E 336 86.31 -41.43 47.19
N ARG E 337 86.06 -40.16 46.89
CA ARG E 337 86.09 -39.12 47.89
C ARG E 337 84.91 -39.10 48.86
N PRO E 338 85.14 -39.20 50.18
CA PRO E 338 84.00 -39.02 51.03
C PRO E 338 83.78 -37.54 51.29
N CYS E 339 82.52 -37.13 51.19
CA CYS E 339 82.08 -35.73 51.34
C CYS E 339 80.85 -35.87 52.20
N PHE E 340 80.36 -34.79 52.75
CA PHE E 340 79.08 -34.81 53.44
C PHE E 340 78.50 -33.40 53.44
N TRP E 341 77.18 -33.35 53.66
CA TRP E 341 76.44 -32.07 53.66
C TRP E 341 75.71 -32.00 55.00
N VAL E 342 75.53 -30.78 55.48
CA VAL E 342 74.77 -30.61 56.69
C VAL E 342 73.65 -29.61 56.38
N GLU E 343 72.52 -29.80 57.06
CA GLU E 343 71.38 -28.96 56.79
C GLU E 343 71.20 -28.04 57.96
N LEU E 344 71.09 -26.77 57.73
CA LEU E 344 70.96 -25.87 58.87
C LEU E 344 69.52 -25.41 58.98
N ILE E 345 68.71 -26.08 59.83
CA ILE E 345 67.33 -25.77 59.97
C ILE E 345 67.00 -24.53 60.76
N ARG E 346 66.11 -23.68 60.22
CA ARG E 346 65.68 -22.48 60.92
C ARG E 346 64.18 -22.44 60.96
N GLY E 347 63.67 -21.77 62.00
CA GLY E 347 62.24 -21.61 62.20
C GLY E 347 61.72 -22.66 63.13
N ARG E 348 60.49 -23.02 62.96
CA ARG E 348 59.93 -24.06 63.79
C ARG E 348 60.63 -25.41 63.74
N PRO E 349 60.54 -26.15 64.84
CA PRO E 349 59.84 -25.76 66.05
C PRO E 349 60.65 -25.01 67.08
N LYS E 350 61.93 -24.75 66.78
CA LYS E 350 62.83 -24.07 67.73
C LYS E 350 62.84 -22.53 67.77
N GLU E 351 62.34 -21.89 66.74
CA GLU E 351 62.36 -20.50 66.77
C GLU E 351 60.95 -20.03 66.46
N SER E 352 60.53 -18.87 66.87
CA SER E 352 59.18 -18.33 66.77
C SER E 352 58.87 -17.77 65.39
N THR E 353 58.86 -18.65 64.39
CA THR E 353 58.46 -18.23 63.06
C THR E 353 57.27 -19.02 62.62
N ILE E 354 56.79 -18.74 61.42
CA ILE E 354 55.69 -19.55 60.92
C ILE E 354 56.13 -20.61 59.93
N TRP E 355 57.46 -20.68 59.77
CA TRP E 355 58.03 -21.58 58.76
C TRP E 355 59.23 -22.32 59.25
N THR E 356 59.57 -23.32 58.45
CA THR E 356 60.77 -24.13 58.66
C THR E 356 61.46 -24.30 57.30
N SER E 357 62.75 -24.05 57.28
CA SER E 357 63.55 -24.19 56.04
C SER E 357 65.00 -24.39 56.37
N GLY E 358 65.76 -24.98 55.45
CA GLY E 358 67.19 -25.17 55.74
C GLY E 358 68.15 -24.74 54.71
N SER E 359 69.30 -24.33 55.19
CA SER E 359 70.51 -23.92 54.37
C SER E 359 71.41 -25.11 54.37
N SER E 360 72.35 -25.18 53.45
CA SER E 360 73.26 -26.31 53.40
C SER E 360 74.68 -25.77 53.43
N ILE E 361 75.59 -26.56 53.98
CA ILE E 361 77.04 -26.29 53.95
C ILE E 361 77.64 -27.67 53.67
N SER E 362 78.69 -27.81 52.87
CA SER E 362 79.24 -29.15 52.66
C SER E 362 80.74 -29.18 52.83
N PHE E 363 81.28 -30.36 53.03
CA PHE E 363 82.72 -30.51 53.13
C PHE E 363 83.13 -31.79 52.43
N CYS E 364 84.43 -31.95 52.20
CA CYS E 364 85.02 -33.08 51.56
C CYS E 364 86.29 -33.58 52.26
N GLY E 365 86.46 -34.89 52.16
CA GLY E 365 87.59 -35.64 52.68
C GLY E 365 88.89 -34.97 52.73
N VAL E 366 89.75 -35.05 51.71
CA VAL E 366 91.06 -34.32 51.74
C VAL E 366 92.19 -34.92 52.58
N ASN E 367 93.33 -35.13 51.95
CA ASN E 367 94.59 -35.56 52.63
C ASN E 367 95.30 -34.48 53.44
N SER E 368 95.28 -33.26 52.92
CA SER E 368 95.86 -32.07 53.55
C SER E 368 95.20 -31.72 54.86
N ASP E 369 95.56 -30.58 55.44
CA ASP E 369 94.81 -30.39 56.71
C ASP E 369 93.83 -29.31 56.59
N THR E 370 92.95 -29.24 57.56
CA THR E 370 91.90 -28.25 57.60
C THR E 370 91.83 -27.73 58.99
N VAL E 371 90.65 -27.25 59.37
CA VAL E 371 90.44 -26.61 60.64
C VAL E 371 89.00 -26.67 60.98
N GLY E 372 88.78 -26.79 62.25
CA GLY E 372 87.42 -26.79 62.76
C GLY E 372 87.02 -25.32 62.85
N TRP E 373 85.72 -25.03 62.85
CA TRP E 373 85.21 -23.67 62.91
C TRP E 373 83.70 -23.81 62.94
N SER E 374 82.99 -22.74 62.62
CA SER E 374 81.56 -22.80 62.68
C SER E 374 81.07 -22.14 61.44
N TRP E 375 80.32 -22.86 60.63
CA TRP E 375 79.71 -22.27 59.42
C TRP E 375 78.20 -22.34 59.55
N PRO E 376 77.65 -21.59 60.52
CA PRO E 376 76.23 -21.50 60.76
C PRO E 376 75.42 -20.96 59.58
N ASP E 377 74.09 -21.01 59.71
CA ASP E 377 73.18 -20.54 58.68
C ASP E 377 73.38 -19.05 58.46
N GLY E 378 73.34 -18.31 59.58
CA GLY E 378 73.45 -16.88 59.54
C GLY E 378 72.23 -16.01 59.34
N ALA E 379 71.02 -16.54 59.22
CA ALA E 379 69.87 -15.63 59.08
C ALA E 379 69.43 -15.02 60.42
N GLU E 380 68.91 -13.78 60.42
CA GLU E 380 68.32 -13.20 61.67
C GLU E 380 66.81 -13.46 61.66
N LEU E 381 66.31 -14.26 62.62
CA LEU E 381 64.87 -14.47 62.72
C LEU E 381 64.29 -13.67 63.87
N PRO E 382 62.98 -13.37 63.81
CA PRO E 382 62.08 -13.72 62.72
C PRO E 382 62.16 -12.85 61.47
N PHE E 383 61.57 -13.37 60.40
CA PHE E 383 61.48 -12.64 59.11
C PHE E 383 60.26 -11.73 59.09
N THR E 384 60.07 -11.01 57.97
CA THR E 384 58.94 -10.06 57.85
C THR E 384 57.67 -10.91 58.09
N ILE E 385 57.91 -12.20 58.10
CA ILE E 385 56.94 -13.24 58.42
C ILE E 385 56.23 -13.56 57.11
N VAL F 1 81.18 -20.31 9.56
CA VAL F 1 81.19 -19.98 8.10
C VAL F 1 80.59 -18.56 7.77
N LYS F 2 81.37 -17.67 7.13
CA LYS F 2 80.95 -16.27 7.01
C LYS F 2 79.54 -16.17 6.37
N LEU F 3 78.83 -15.08 6.65
CA LEU F 3 77.44 -14.93 6.20
C LEU F 3 77.57 -14.22 4.86
N ALA F 4 77.24 -14.91 3.75
CA ALA F 4 77.33 -14.34 2.39
C ALA F 4 76.09 -13.50 2.17
N GLY F 5 76.20 -12.25 1.78
CA GLY F 5 75.01 -11.46 1.63
C GLY F 5 74.75 -11.25 0.15
N ASN F 6 74.88 -12.29 -0.66
CA ASN F 6 74.78 -12.12 -2.13
C ASN F 6 73.36 -12.21 -2.67
N SER F 7 72.44 -12.83 -1.93
CA SER F 7 71.04 -12.91 -2.39
C SER F 7 70.26 -11.60 -2.18
N SER F 8 69.03 -11.51 -2.71
CA SER F 8 68.26 -10.24 -2.66
C SER F 8 67.09 -10.33 -1.71
N LEU F 9 66.46 -9.20 -1.40
CA LEU F 9 65.39 -9.22 -0.42
C LEU F 9 64.30 -10.14 -0.91
N CYS F 10 63.74 -11.02 -0.05
CA CYS F 10 62.52 -11.85 -0.39
C CYS F 10 61.31 -11.08 -0.85
N PRO F 11 60.69 -11.52 -1.92
CA PRO F 11 59.49 -10.72 -2.31
C PRO F 11 58.45 -11.08 -1.26
N ILE F 12 57.74 -10.07 -0.75
CA ILE F 12 56.71 -10.26 0.30
C ILE F 12 55.42 -9.57 -0.05
N ASN F 13 54.38 -9.86 0.73
CA ASN F 13 53.04 -9.29 0.58
C ASN F 13 52.57 -8.54 1.79
N GLY F 14 53.02 -9.02 2.94
CA GLY F 14 52.69 -8.36 4.21
C GLY F 14 53.66 -8.71 5.33
N TRP F 15 53.32 -8.29 6.55
CA TRP F 15 54.18 -8.56 7.71
C TRP F 15 53.48 -9.36 8.78
N ALA F 16 54.15 -10.41 9.25
CA ALA F 16 53.56 -11.28 10.28
C ALA F 16 54.18 -11.01 11.63
N VAL F 17 53.38 -11.02 12.71
CA VAL F 17 53.95 -10.72 14.02
C VAL F 17 55.02 -11.74 14.35
N TYR F 18 56.17 -11.30 14.85
CA TYR F 18 57.27 -12.18 15.18
C TYR F 18 57.49 -12.24 16.65
N SER F 19 57.32 -11.09 17.34
CA SER F 19 57.40 -11.06 18.78
C SER F 19 56.84 -9.82 19.46
N LYS F 20 56.69 -9.94 20.76
CA LYS F 20 56.28 -8.88 21.61
C LYS F 20 56.80 -9.25 23.02
N ASP F 21 57.64 -8.37 23.60
CA ASP F 21 58.22 -8.61 24.93
C ASP F 21 57.32 -8.25 26.15
N ASN F 22 56.39 -7.31 26.03
CA ASN F 22 55.54 -6.95 27.18
C ASN F 22 56.39 -6.44 28.34
N SER F 23 57.65 -6.14 28.03
CA SER F 23 58.60 -5.75 29.05
C SER F 23 58.10 -4.75 30.11
N ILE F 24 57.41 -3.67 29.69
CA ILE F 24 56.95 -2.68 30.63
C ILE F 24 55.84 -3.22 31.49
N ARG F 25 54.96 -4.00 30.88
CA ARG F 25 53.91 -4.70 31.71
C ARG F 25 54.51 -5.66 32.73
N ILE F 26 55.46 -6.48 32.30
CA ILE F 26 56.11 -7.41 33.22
C ILE F 26 56.88 -6.65 34.31
N GLY F 27 57.48 -5.53 33.92
CA GLY F 27 58.29 -4.81 34.85
C GLY F 27 57.51 -4.15 35.96
N SER F 28 56.20 -4.17 35.85
CA SER F 28 55.41 -3.55 36.88
C SER F 28 55.75 -4.19 38.25
N LYS F 29 56.01 -5.48 38.23
CA LYS F 29 56.45 -6.25 39.42
C LYS F 29 57.86 -6.78 39.20
N GLY F 30 58.09 -7.36 38.05
CA GLY F 30 59.37 -7.97 37.80
C GLY F 30 60.59 -7.08 37.68
N ASP F 31 61.75 -7.71 37.54
CA ASP F 31 62.93 -6.91 37.56
C ASP F 31 63.42 -6.74 36.12
N VAL F 32 62.81 -5.79 35.45
CA VAL F 32 63.05 -5.56 34.04
C VAL F 32 63.70 -4.17 33.88
N PHE F 33 64.72 -4.11 33.05
CA PHE F 33 65.48 -2.90 32.80
C PHE F 33 64.66 -1.87 32.12
N VAL F 34 64.96 -0.61 32.44
CA VAL F 34 64.30 0.50 31.79
C VAL F 34 65.26 0.68 30.60
N ILE F 35 64.71 0.54 29.40
CA ILE F 35 65.52 0.56 28.17
C ILE F 35 65.02 1.54 27.07
N ARG F 36 65.88 1.70 26.07
CA ARG F 36 65.59 2.47 24.92
C ARG F 36 66.18 1.76 23.73
N GLU F 37 65.60 1.98 22.56
CA GLU F 37 66.09 1.37 21.30
C GLU F 37 66.42 -0.10 21.39
N PRO F 38 65.38 -0.88 21.50
CA PRO F 38 65.41 -2.32 21.57
C PRO F 38 65.54 -2.91 20.16
N PHE F 39 66.60 -2.62 19.43
CA PHE F 39 66.69 -3.27 18.12
C PHE F 39 67.00 -4.74 18.12
N ILE F 40 66.57 -5.40 17.05
CA ILE F 40 66.81 -6.83 16.92
C ILE F 40 67.92 -7.05 15.92
N SER F 41 68.62 -8.16 16.06
CA SER F 41 69.61 -8.58 15.08
C SER F 41 69.77 -10.09 15.24
N CYS F 42 69.97 -10.78 14.12
CA CYS F 42 70.03 -12.23 14.18
C CYS F 42 71.39 -12.72 13.74
N SER F 43 71.78 -13.89 14.16
CA SER F 43 73.00 -14.50 13.70
C SER F 43 72.63 -15.58 12.73
N HIS F 44 73.50 -16.58 12.63
CA HIS F 44 73.19 -17.72 11.83
C HIS F 44 72.38 -18.80 12.59
N LEU F 45 72.12 -18.58 13.87
CA LEU F 45 71.48 -19.60 14.73
C LEU F 45 70.37 -19.00 15.55
N GLU F 46 70.44 -17.73 15.90
CA GLU F 46 69.43 -17.14 16.75
C GLU F 46 69.23 -15.64 16.53
N CYS F 47 68.12 -15.11 17.03
CA CYS F 47 67.81 -13.71 16.93
C CYS F 47 67.82 -13.16 18.33
N ARG F 48 68.62 -12.11 18.53
CA ARG F 48 68.66 -11.46 19.86
C ARG F 48 68.11 -10.02 19.79
N THR F 49 67.70 -9.51 20.95
CA THR F 49 67.28 -8.10 21.09
C THR F 49 68.32 -7.31 21.90
N PHE F 50 68.89 -6.32 21.24
CA PHE F 50 69.86 -5.44 21.88
C PHE F 50 69.11 -4.24 22.35
N PHE F 51 69.65 -3.64 23.38
CA PHE F 51 69.09 -2.42 23.91
C PHE F 51 70.05 -1.73 24.82
N LEU F 52 69.70 -0.50 25.10
CA LEU F 52 70.49 0.39 25.93
C LEU F 52 69.78 0.63 27.22
N THR F 53 70.49 0.53 28.32
CA THR F 53 69.88 0.75 29.61
C THR F 53 70.53 1.83 30.42
N GLN F 54 69.73 2.48 31.26
CA GLN F 54 70.31 3.43 32.15
C GLN F 54 70.85 2.71 33.43
N GLY F 55 70.84 1.38 33.40
CA GLY F 55 71.34 0.61 34.53
C GLY F 55 70.34 0.70 35.64
N ALA F 56 69.04 0.60 35.29
CA ALA F 56 68.00 0.72 36.31
C ALA F 56 66.76 -0.11 36.02
N LEU F 57 66.04 -0.47 37.08
CA LEU F 57 64.90 -1.31 36.89
C LEU F 57 63.64 -0.48 36.93
N LEU F 58 62.62 -0.86 36.18
CA LEU F 58 61.37 -0.16 36.23
C LEU F 58 60.83 -0.20 37.62
N ASN F 59 60.10 0.86 37.96
CA ASN F 59 59.42 1.00 39.30
C ASN F 59 60.42 1.24 40.46
N ASP F 60 61.70 1.51 40.11
CA ASP F 60 62.72 1.79 41.10
C ASP F 60 63.08 3.26 41.02
N LYS F 61 63.54 3.85 42.13
CA LYS F 61 63.87 5.24 42.13
C LYS F 61 64.97 5.55 41.10
N HIS F 62 65.82 4.60 40.74
CA HIS F 62 66.89 4.85 39.80
C HIS F 62 66.47 5.11 38.37
N SER F 63 65.18 4.98 38.10
CA SER F 63 64.71 5.09 36.70
C SER F 63 64.31 6.52 36.44
N ASN F 64 64.59 7.32 37.49
CA ASN F 64 64.29 8.71 37.58
C ASN F 64 64.46 9.42 36.21
N GLY F 65 65.39 8.99 35.38
CA GLY F 65 65.31 9.41 33.99
C GLY F 65 65.48 10.87 33.68
N THR F 66 65.57 11.79 34.67
CA THR F 66 65.91 13.24 34.39
C THR F 66 67.37 13.40 33.93
N VAL F 67 68.22 12.40 34.30
CA VAL F 67 69.60 12.22 33.74
C VAL F 67 69.73 12.55 32.19
N LYS F 68 70.90 13.08 31.83
CA LYS F 68 71.28 13.20 30.40
C LYS F 68 71.10 11.83 29.66
N ASP F 69 70.76 11.86 28.36
CA ASP F 69 70.63 10.63 27.55
C ASP F 69 71.95 9.93 27.56
N ARG F 70 73.00 10.69 27.36
CA ARG F 70 74.25 10.04 27.24
C ARG F 70 74.97 10.07 28.57
N SER F 71 74.57 9.19 29.49
CA SER F 71 75.18 9.10 30.81
C SER F 71 76.31 8.05 30.79
N PRO F 72 77.17 8.06 31.80
CA PRO F 72 78.17 7.02 31.84
C PRO F 72 77.61 5.67 32.30
N HIS F 73 76.34 5.58 32.70
CA HIS F 73 75.80 4.31 33.21
C HIS F 73 75.08 3.59 32.11
N ARG F 74 74.97 4.22 30.95
CA ARG F 74 74.26 3.64 29.84
C ARG F 74 75.05 2.45 29.25
N THR F 75 74.36 1.35 28.99
CA THR F 75 75.06 0.13 28.51
C THR F 75 74.30 -0.60 27.45
N LEU F 76 75.05 -1.24 26.56
CA LEU F 76 74.45 -2.06 25.56
C LEU F 76 74.43 -3.48 26.04
N MET F 77 73.23 -4.05 26.06
CA MET F 77 73.06 -5.42 26.55
C MET F 77 72.15 -6.19 25.61
N SER F 78 71.97 -7.49 25.84
CA SER F 78 71.13 -8.24 24.92
C SER F 78 70.48 -9.45 25.51
N CYS F 79 69.26 -9.76 25.08
CA CYS F 79 68.56 -10.95 25.58
C CYS F 79 67.87 -11.59 24.39
N PRO F 80 67.39 -12.87 24.51
CA PRO F 80 66.71 -13.52 23.39
C PRO F 80 65.40 -12.83 23.04
N VAL F 81 65.16 -12.62 21.73
CA VAL F 81 64.01 -11.87 21.29
C VAL F 81 62.74 -12.30 21.99
N GLY F 82 61.92 -11.35 22.34
CA GLY F 82 60.64 -11.69 22.89
C GLY F 82 60.62 -11.71 24.41
N GLU F 83 61.80 -11.80 25.04
CA GLU F 83 61.86 -11.90 26.51
C GLU F 83 61.99 -10.54 27.12
N ALA F 84 61.41 -10.33 28.27
CA ALA F 84 61.57 -9.04 28.96
C ALA F 84 63.05 -8.87 29.37
N PRO F 85 63.68 -7.77 28.96
CA PRO F 85 65.09 -7.58 29.34
C PRO F 85 65.25 -7.38 30.84
N SER F 86 66.00 -8.30 31.43
CA SER F 86 66.29 -8.17 32.80
C SER F 86 67.73 -8.52 33.17
N PRO F 87 68.15 -8.11 34.37
CA PRO F 87 69.48 -8.41 34.84
C PRO F 87 69.70 -9.93 34.98
N TYR F 88 68.66 -10.73 34.77
CA TYR F 88 68.72 -12.16 34.97
C TYR F 88 68.77 -12.96 33.67
N ASN F 89 68.33 -12.34 32.58
CA ASN F 89 68.31 -12.94 31.23
C ASN F 89 69.16 -12.20 30.16
N SER F 90 69.76 -11.08 30.56
CA SER F 90 70.46 -10.21 29.65
C SER F 90 71.95 -10.34 29.80
N ARG F 91 72.60 -10.45 28.65
CA ARG F 91 74.05 -10.53 28.50
C ARG F 91 74.59 -9.10 28.38
N PHE F 92 75.76 -8.81 28.96
CA PHE F 92 76.37 -7.52 28.89
C PHE F 92 77.15 -7.52 27.60
N GLU F 93 77.04 -6.42 26.88
CA GLU F 93 77.67 -6.31 25.59
C GLU F 93 78.71 -5.22 25.61
N SER F 94 78.33 -4.03 26.08
CA SER F 94 79.25 -2.90 25.98
C SER F 94 78.77 -1.70 26.77
N VAL F 95 79.70 -0.81 27.13
CA VAL F 95 79.34 0.39 27.84
C VAL F 95 79.04 1.39 26.75
N ALA F 96 77.80 1.89 26.66
CA ALA F 96 77.51 2.77 25.55
C ALA F 96 76.21 3.55 25.70
N TRP F 97 76.18 4.77 25.18
CA TRP F 97 74.97 5.55 25.14
C TRP F 97 74.51 5.70 23.68
N SER F 98 75.09 4.94 22.78
CA SER F 98 74.65 4.88 21.40
C SER F 98 75.30 3.61 20.88
N ALA F 99 74.69 2.89 19.93
CA ALA F 99 75.26 1.62 19.57
C ALA F 99 74.67 0.99 18.37
N SER F 100 75.32 -0.08 17.99
CA SER F 100 74.78 -0.97 16.99
C SER F 100 75.56 -2.28 17.04
N ALA F 101 74.96 -3.27 16.34
CA ALA F 101 75.42 -4.66 16.42
C ALA F 101 74.88 -5.48 15.24
N CYS F 102 75.66 -6.51 14.90
CA CYS F 102 75.42 -7.39 13.77
C CYS F 102 76.29 -8.61 13.91
N HIS F 103 75.83 -9.74 13.35
CA HIS F 103 76.59 -10.94 13.39
C HIS F 103 77.03 -11.25 11.97
N ASP F 104 78.28 -11.63 11.78
CA ASP F 104 78.81 -11.95 10.45
C ASP F 104 78.74 -13.46 10.04
N GLY F 105 78.26 -14.30 10.96
CA GLY F 105 78.18 -15.74 10.74
C GLY F 105 79.21 -16.43 11.62
N THR F 106 80.25 -15.72 12.04
CA THR F 106 81.19 -16.33 12.96
C THR F 106 80.93 -15.80 14.38
N SER F 107 80.99 -14.49 14.55
CA SER F 107 80.84 -13.88 15.88
C SER F 107 80.08 -12.62 15.83
N TRP F 108 79.79 -12.12 17.04
CA TRP F 108 79.05 -10.88 17.18
C TRP F 108 79.97 -9.63 17.14
N LEU F 109 79.44 -8.62 16.51
CA LEU F 109 80.13 -7.37 16.44
C LEU F 109 79.23 -6.36 17.15
N THR F 110 79.81 -5.80 18.22
CA THR F 110 79.07 -4.78 18.90
C THR F 110 79.79 -3.46 18.85
N ILE F 111 79.08 -2.37 18.69
CA ILE F 111 79.73 -1.10 18.69
C ILE F 111 79.11 -0.22 19.76
N GLY F 112 79.88 0.08 20.75
CA GLY F 112 79.39 0.91 21.82
C GLY F 112 80.17 2.20 21.97
N ILE F 113 79.46 3.33 21.86
CA ILE F 113 80.06 4.66 21.96
C ILE F 113 79.79 5.26 23.31
N SER F 114 80.88 5.53 24.02
CA SER F 114 80.75 6.07 25.37
C SER F 114 81.72 7.21 25.48
N GLY F 115 81.69 7.95 26.57
CA GLY F 115 82.62 9.06 26.68
C GLY F 115 81.93 10.41 26.70
N PRO F 116 82.73 11.49 26.67
CA PRO F 116 82.27 12.93 26.74
C PRO F 116 81.72 13.41 25.39
N ASP F 117 80.70 14.26 25.41
CA ASP F 117 80.13 14.70 24.12
C ASP F 117 81.21 15.22 23.13
N ASN F 118 82.23 15.90 23.64
CA ASN F 118 83.22 16.56 22.80
C ASN F 118 84.41 15.62 22.55
N GLY F 119 84.23 14.35 22.81
CA GLY F 119 85.29 13.45 22.31
C GLY F 119 85.00 11.97 22.57
N ALA F 120 83.69 11.59 22.50
CA ALA F 120 83.25 10.16 22.48
C ALA F 120 84.22 9.27 21.68
N VAL F 121 84.12 7.99 21.98
CA VAL F 121 84.86 7.01 21.31
C VAL F 121 84.03 5.75 21.20
N ALA F 122 84.07 5.14 20.03
CA ALA F 122 83.25 3.94 19.80
C ALA F 122 84.18 2.77 20.02
N VAL F 123 83.75 1.87 20.88
CA VAL F 123 84.59 0.72 21.20
C VAL F 123 84.01 -0.41 20.42
N LEU F 124 84.78 -1.07 19.58
CA LEU F 124 84.24 -2.21 18.79
C LEU F 124 84.79 -3.50 19.36
N LYS F 125 83.83 -4.37 19.61
CA LYS F 125 84.05 -5.68 20.17
C LYS F 125 83.61 -6.75 19.16
N TYR F 126 84.43 -7.77 19.08
CA TYR F 126 84.17 -8.92 18.26
C TYR F 126 84.22 -10.13 19.17
N ASN F 127 83.09 -10.83 19.26
CA ASN F 127 82.93 -11.96 20.16
C ASN F 127 83.32 -11.51 21.57
N GLY F 128 82.91 -10.32 21.99
CA GLY F 128 83.17 -9.78 23.35
C GLY F 128 84.54 -9.15 23.71
N ILE F 129 85.57 -9.33 22.86
CA ILE F 129 86.90 -8.74 23.10
C ILE F 129 87.09 -7.52 22.20
N ILE F 130 87.62 -6.43 22.78
CA ILE F 130 87.78 -5.17 22.01
C ILE F 130 88.75 -5.44 20.87
N THR F 131 88.36 -4.99 19.68
CA THR F 131 89.19 -5.25 18.53
C THR F 131 89.60 -3.96 17.81
N ASP F 132 88.85 -2.87 18.04
CA ASP F 132 89.24 -1.57 17.45
C ASP F 132 88.50 -0.46 18.19
N THR F 133 88.86 0.80 17.90
CA THR F 133 88.24 1.95 18.57
C THR F 133 88.04 3.07 17.53
N ILE F 134 87.01 3.93 17.70
CA ILE F 134 86.89 5.07 16.76
C ILE F 134 86.66 6.38 17.53
N LYS F 135 87.56 7.37 17.38
CA LYS F 135 87.46 8.61 18.17
C LYS F 135 86.54 9.62 17.46
N SER F 136 85.76 10.41 18.24
CA SER F 136 84.92 11.48 17.61
C SER F 136 85.89 12.33 16.73
N TRP F 137 85.47 12.73 15.51
CA TRP F 137 86.36 13.47 14.63
C TRP F 137 85.85 14.92 14.47
N ARG F 138 84.66 15.17 14.99
CA ARG F 138 84.13 16.50 14.96
C ARG F 138 83.95 16.97 16.42
N ASN F 139 84.31 16.10 17.37
CA ASN F 139 84.19 16.46 18.77
C ASN F 139 82.78 16.93 19.09
N ASN F 140 81.73 16.28 18.56
CA ASN F 140 80.36 16.75 18.83
C ASN F 140 79.36 15.63 18.75
N ILE F 141 79.32 14.80 19.80
CA ILE F 141 78.37 13.71 20.08
C ILE F 141 78.38 12.69 18.99
N LEU F 142 79.54 12.07 18.79
CA LEU F 142 79.68 10.95 17.88
C LEU F 142 78.54 9.96 18.14
N ARG F 143 77.88 9.52 17.06
CA ARG F 143 76.76 8.64 17.27
C ARG F 143 76.56 7.61 16.14
N THR F 144 75.73 6.58 16.37
CA THR F 144 75.54 5.56 15.36
C THR F 144 74.12 5.08 15.13
N GLN F 145 73.96 3.96 14.41
CA GLN F 145 72.63 3.39 14.04
C GLN F 145 71.51 3.27 15.04
N GLU F 146 71.77 2.57 16.14
CA GLU F 146 70.79 2.26 17.19
C GLU F 146 69.93 1.14 16.66
N SER F 147 70.52 0.32 15.77
CA SER F 147 69.86 -0.80 15.10
C SER F 147 71.03 -1.53 14.42
N GLU F 148 70.72 -2.69 13.88
CA GLU F 148 71.62 -3.63 13.39
C GLU F 148 72.45 -3.03 12.27
N CYS F 149 73.79 -3.28 12.33
CA CYS F 149 74.64 -3.02 11.21
C CYS F 149 74.46 -4.17 10.20
N ALA F 150 75.12 -4.07 9.01
CA ALA F 150 74.89 -5.02 7.94
C ALA F 150 76.18 -5.66 7.54
N CYS F 151 76.10 -6.97 7.40
CA CYS F 151 77.30 -7.67 7.00
C CYS F 151 77.16 -8.43 5.68
N VAL F 152 78.29 -8.55 4.95
CA VAL F 152 78.35 -9.25 3.68
C VAL F 152 79.74 -9.82 3.38
N ASN F 153 79.78 -11.06 2.89
CA ASN F 153 81.03 -11.73 2.44
C ASN F 153 82.08 -11.52 3.54
N GLY F 154 81.60 -11.50 4.79
CA GLY F 154 82.50 -11.39 5.97
C GLY F 154 82.92 -9.95 6.31
N SER F 155 82.15 -8.97 5.89
CA SER F 155 82.43 -7.59 6.16
C SER F 155 81.19 -6.98 6.71
N CYS F 156 81.35 -6.20 7.76
CA CYS F 156 80.17 -5.54 8.34
C CYS F 156 80.31 -4.06 8.17
N PHE F 157 79.17 -3.45 7.87
CA PHE F 157 79.15 -2.03 7.73
C PHE F 157 78.17 -1.33 8.63
N THR F 158 78.57 -0.13 8.99
CA THR F 158 77.77 0.75 9.82
C THR F 158 77.99 2.18 9.38
N VAL F 159 77.08 3.06 9.78
CA VAL F 159 77.17 4.50 9.52
C VAL F 159 77.26 5.25 10.84
N MET F 160 78.03 6.33 10.86
CA MET F 160 78.22 7.13 12.09
C MET F 160 78.16 8.59 11.73
N THR F 161 77.63 9.41 12.64
CA THR F 161 77.52 10.86 12.43
C THR F 161 78.25 11.56 13.55
N ASP F 162 78.77 12.76 13.26
CA ASP F 162 79.49 13.52 14.23
C ASP F 162 79.35 15.00 13.90
N GLY F 163 78.88 15.79 14.86
CA GLY F 163 78.61 17.18 14.57
C GLY F 163 77.20 17.46 15.03
N PRO F 164 76.64 18.67 14.70
CA PRO F 164 75.32 19.10 15.20
C PRO F 164 74.14 18.27 14.75
N SER F 165 73.11 18.31 15.57
CA SER F 165 71.91 17.60 15.27
C SER F 165 70.97 18.56 14.54
N ASN F 166 71.46 19.78 14.28
CA ASN F 166 70.75 20.78 13.38
C ASN F 166 71.55 20.85 12.06
N GLY F 167 72.02 22.02 11.67
CA GLY F 167 72.78 22.10 10.40
C GLY F 167 73.67 20.92 9.97
N GLN F 168 74.31 21.13 8.84
CA GLN F 168 75.34 20.23 8.40
C GLN F 168 76.05 19.52 9.59
N ALA F 169 76.20 18.21 9.41
CA ALA F 169 77.03 17.40 10.28
C ALA F 169 77.86 16.54 9.36
N SER F 170 78.79 15.85 9.96
CA SER F 170 79.63 14.97 9.16
C SER F 170 79.16 13.49 9.21
N TYR F 171 79.31 12.71 8.12
CA TYR F 171 78.74 11.33 8.18
C TYR F 171 79.72 10.36 7.55
N LYS F 172 79.96 9.22 8.19
CA LYS F 172 80.96 8.31 7.65
C LYS F 172 80.45 6.89 7.51
N ILE F 173 81.06 6.16 6.58
CA ILE F 173 80.61 4.81 6.33
C ILE F 173 81.73 3.95 6.77
N PHE F 174 81.46 2.98 7.63
CA PHE F 174 82.58 2.15 8.04
C PHE F 174 82.54 0.78 7.51
N LYS F 175 83.68 0.19 7.25
CA LYS F 175 83.74 -1.19 6.76
C LYS F 175 84.68 -1.88 7.70
N MET F 176 84.21 -2.90 8.40
CA MET F 176 85.11 -3.62 9.28
C MET F 176 85.00 -5.12 9.15
N GLU F 177 86.04 -5.76 9.63
CA GLU F 177 86.19 -7.17 9.45
C GLU F 177 86.75 -7.64 10.80
N LYS F 178 86.14 -8.67 11.42
CA LYS F 178 86.62 -9.19 12.71
C LYS F 178 86.73 -8.04 13.68
N GLY F 179 85.74 -7.15 13.54
CA GLY F 179 85.64 -5.95 14.39
C GLY F 179 86.73 -4.90 14.29
N LYS F 180 87.59 -4.98 13.27
CA LYS F 180 88.54 -3.93 12.96
C LYS F 180 88.08 -3.11 11.71
N VAL F 181 88.05 -1.78 11.83
CA VAL F 181 87.81 -0.90 10.67
C VAL F 181 88.90 -1.18 9.61
N VAL F 182 88.46 -1.41 8.36
CA VAL F 182 89.45 -1.70 7.32
C VAL F 182 89.39 -0.62 6.27
N LYS F 183 88.37 0.24 6.42
CA LYS F 183 88.18 1.32 5.48
C LYS F 183 86.95 2.13 5.88
N SER F 184 87.04 3.46 5.76
CA SER F 184 85.91 4.33 6.07
C SER F 184 85.91 5.40 5.00
N VAL F 185 84.77 6.05 4.83
CA VAL F 185 84.64 7.06 3.83
C VAL F 185 83.71 8.12 4.32
N GLU F 186 84.12 9.39 4.26
CA GLU F 186 83.16 10.42 4.64
C GLU F 186 82.23 10.67 3.44
N LEU F 187 80.94 10.75 3.69
CA LEU F 187 79.98 11.03 2.62
C LEU F 187 79.98 12.50 2.31
N ASP F 188 80.11 12.80 1.01
CA ASP F 188 80.08 14.20 0.54
C ASP F 188 78.61 14.52 0.34
N ALA F 189 77.91 14.71 1.46
CA ALA F 189 76.47 14.96 1.39
C ALA F 189 76.09 16.38 1.83
N PRO F 190 76.47 17.36 1.06
CA PRO F 190 76.06 18.75 1.43
C PRO F 190 74.52 18.91 1.34
N ASN F 191 73.94 19.58 2.35
CA ASN F 191 72.48 19.78 2.47
C ASN F 191 71.68 18.57 2.92
N TYR F 192 72.35 17.45 3.07
CA TYR F 192 71.70 16.24 3.62
C TYR F 192 71.94 16.11 5.13
N HIS F 193 71.45 15.03 5.72
CA HIS F 193 71.56 14.85 7.16
C HIS F 193 71.13 13.46 7.55
N TYR F 194 72.07 12.71 8.09
CA TYR F 194 71.78 11.34 8.49
C TYR F 194 72.02 11.06 10.01
N GLU F 195 71.07 10.31 10.57
CA GLU F 195 71.21 9.82 11.94
C GLU F 195 70.45 8.47 12.09
N GLU F 196 70.77 7.72 13.16
CA GLU F 196 70.08 6.46 13.45
C GLU F 196 69.76 5.68 12.15
N CYS F 197 70.81 5.38 11.37
CA CYS F 197 70.67 4.59 10.13
C CYS F 197 70.25 3.16 10.31
N SER F 198 69.15 2.84 9.65
CA SER F 198 68.73 1.47 9.64
C SER F 198 69.24 0.94 8.31
N CYS F 199 70.13 0.00 8.33
CA CYS F 199 70.73 -0.49 7.11
C CYS F 199 70.53 -1.96 7.01
N TYR F 200 70.56 -2.47 5.78
CA TYR F 200 70.37 -3.89 5.50
C TYR F 200 71.05 -4.32 4.21
N PRO F 201 71.56 -5.56 4.16
CA PRO F 201 72.14 -6.02 2.92
C PRO F 201 71.11 -6.42 1.93
N ASN F 202 71.57 -6.48 0.69
CA ASN F 202 70.73 -6.82 -0.44
C ASN F 202 71.54 -6.96 -1.72
N ALA F 203 71.82 -8.22 -2.07
CA ALA F 203 72.58 -8.56 -3.31
C ALA F 203 73.96 -7.96 -3.22
N GLY F 204 74.66 -8.23 -2.13
CA GLY F 204 76.02 -7.71 -1.98
C GLY F 204 76.22 -6.24 -1.71
N GLU F 205 75.14 -5.51 -1.48
CA GLU F 205 75.17 -4.08 -1.24
C GLU F 205 74.33 -3.67 -0.03
N ILE F 206 74.70 -2.59 0.64
CA ILE F 206 73.95 -2.11 1.79
C ILE F 206 73.11 -0.95 1.38
N THR F 207 71.93 -0.83 1.96
CA THR F 207 71.05 0.32 1.81
C THR F 207 70.70 0.79 3.24
N CYS F 208 70.81 2.09 3.52
CA CYS F 208 70.43 2.57 4.81
C CYS F 208 69.40 3.63 4.66
N VAL F 209 68.35 3.51 5.44
CA VAL F 209 67.39 4.60 5.46
C VAL F 209 67.49 5.17 6.87
N CYS F 210 67.83 6.44 6.92
CA CYS F 210 68.06 7.13 8.17
C CYS F 210 67.03 8.19 8.53
N ARG F 211 67.47 9.09 9.38
CA ARG F 211 66.64 10.16 9.93
C ARG F 211 67.32 11.50 9.69
N ASP F 212 66.54 12.39 9.07
CA ASP F 212 66.99 13.74 8.86
C ASP F 212 66.42 14.54 10.04
N ASN F 213 67.26 14.82 11.03
CA ASN F 213 66.80 15.58 12.19
C ASN F 213 66.92 17.08 11.94
N TRP F 214 67.62 17.43 10.87
CA TRP F 214 67.86 18.82 10.52
C TRP F 214 66.61 19.49 9.87
N HIS F 215 66.34 19.18 8.60
CA HIS F 215 65.26 19.80 7.85
C HIS F 215 64.65 18.87 6.83
N GLY F 216 64.38 17.63 7.24
CA GLY F 216 63.76 16.67 6.33
C GLY F 216 62.60 15.83 6.88
N SER F 217 61.43 15.90 6.21
CA SER F 217 60.30 15.05 6.65
C SER F 217 60.28 13.67 5.98
N ASN F 218 60.94 13.56 4.81
CA ASN F 218 61.07 12.29 4.10
C ASN F 218 62.40 11.73 4.68
N ARG F 219 62.66 10.45 4.54
CA ARG F 219 63.94 9.96 5.08
C ARG F 219 65.02 9.99 4.03
N PRO F 220 66.23 10.34 4.41
CA PRO F 220 67.41 10.29 3.55
C PRO F 220 67.92 8.87 3.45
N TRP F 221 68.64 8.60 2.38
CA TRP F 221 69.19 7.25 2.27
C TRP F 221 70.65 7.16 1.76
N VAL F 222 71.35 6.09 2.13
CA VAL F 222 72.62 5.90 1.50
C VAL F 222 72.80 4.47 1.12
N SER F 223 73.31 4.26 -0.08
CA SER F 223 73.56 2.90 -0.55
C SER F 223 75.03 2.75 -0.96
N PHE F 224 75.64 1.60 -0.66
CA PHE F 224 77.03 1.52 -1.07
C PHE F 224 77.58 0.10 -1.36
N ASN F 225 78.68 0.04 -2.11
CA ASN F 225 79.30 -1.18 -2.46
C ASN F 225 80.06 -1.75 -1.23
N GLN F 226 80.77 -2.99 -1.18
CA GLN F 226 81.75 -3.52 -0.29
C GLN F 226 83.06 -2.77 -0.34
N ASN F 227 83.13 -1.77 -1.22
CA ASN F 227 84.33 -0.89 -1.29
C ASN F 227 83.96 0.51 -1.00
N LEU F 228 82.85 0.64 -0.29
CA LEU F 228 82.36 1.92 0.17
C LEU F 228 82.10 2.97 -0.86
N GLU F 229 81.94 2.53 -2.14
CA GLU F 229 81.55 3.46 -3.24
C GLU F 229 80.07 3.66 -3.01
N TYR F 230 79.54 4.90 -3.06
CA TYR F 230 78.14 5.09 -2.61
C TYR F 230 77.24 6.02 -3.42
N GLN F 231 75.97 6.13 -2.98
CA GLN F 231 75.02 7.04 -3.63
C GLN F 231 74.11 7.51 -2.54
N ILE F 232 73.49 8.69 -2.73
CA ILE F 232 72.61 9.22 -1.66
C ILE F 232 71.40 9.88 -2.24
N GLY F 233 70.31 9.99 -1.48
CA GLY F 233 69.15 10.60 -2.04
C GLY F 233 68.24 10.62 -0.87
N TYR F 234 66.98 10.92 -1.12
CA TYR F 234 65.97 10.91 -0.11
C TYR F 234 64.80 10.13 -0.75
N ILE F 235 63.95 9.58 0.10
CA ILE F 235 62.84 8.81 -0.42
C ILE F 235 61.85 9.87 -0.95
N CYS F 236 61.68 9.90 -2.29
CA CYS F 236 60.83 10.89 -2.91
C CYS F 236 59.36 10.72 -2.64
N SER F 237 58.93 9.59 -2.12
CA SER F 237 57.45 9.37 -2.03
C SER F 237 56.77 10.46 -1.22
N GLY F 238 55.58 10.88 -1.65
CA GLY F 238 54.83 11.88 -0.92
C GLY F 238 54.12 11.29 0.29
N VAL F 239 54.43 10.04 0.58
CA VAL F 239 53.99 9.36 1.82
C VAL F 239 55.24 9.54 2.74
N PHE F 240 55.20 10.61 3.55
CA PHE F 240 56.42 10.96 4.25
C PHE F 240 56.68 9.97 5.42
N GLY F 241 57.93 9.55 5.63
CA GLY F 241 58.22 8.53 6.61
C GLY F 241 58.65 8.97 7.98
N ASP F 242 59.12 10.19 8.07
CA ASP F 242 59.57 10.76 9.35
C ASP F 242 58.39 11.24 10.20
N ASN F 243 58.74 11.55 11.45
CA ASN F 243 57.78 12.03 12.42
C ASN F 243 58.57 13.02 13.30
N PRO F 244 58.12 14.30 13.33
CA PRO F 244 56.88 14.79 12.65
C PRO F 244 57.03 14.97 11.15
N ARG F 245 55.91 15.11 10.50
CA ARG F 245 55.86 15.37 9.08
C ARG F 245 54.56 16.11 8.74
N PRO F 246 54.44 16.51 7.49
CA PRO F 246 53.22 17.15 7.08
C PRO F 246 52.25 16.11 6.55
N ASN F 247 50.96 16.42 6.43
CA ASN F 247 50.03 15.47 5.78
C ASN F 247 50.62 15.04 4.46
N ASP F 248 50.19 13.87 3.97
CA ASP F 248 50.77 13.34 2.72
C ASP F 248 50.43 14.19 1.46
N GLY F 249 51.38 14.95 0.90
CA GLY F 249 51.04 15.86 -0.17
C GLY F 249 51.98 15.49 -1.30
N THR F 250 52.91 16.39 -1.64
CA THR F 250 53.85 16.09 -2.70
C THR F 250 55.28 16.05 -2.14
N GLY F 251 55.91 14.88 -2.28
CA GLY F 251 57.33 14.76 -1.93
C GLY F 251 58.29 15.13 -3.06
N SER F 252 59.72 14.97 -2.60
CA SER F 252 60.73 15.21 -3.55
C SER F 252 61.83 14.32 -3.12
N CYS F 253 62.93 14.33 -3.88
CA CYS F 253 64.09 13.49 -3.57
C CYS F 253 65.14 14.27 -2.81
N GLY F 254 64.50 15.32 -2.07
CA GLY F 254 65.40 16.35 -1.52
C GLY F 254 64.62 16.90 -0.37
N PRO F 255 65.12 16.73 0.84
CA PRO F 255 64.59 17.10 2.12
C PRO F 255 63.39 17.99 2.03
N VAL F 256 62.26 17.44 2.48
CA VAL F 256 61.01 18.14 2.58
C VAL F 256 61.11 18.85 3.91
N SER F 257 61.41 20.14 3.81
CA SER F 257 61.64 21.01 4.95
C SER F 257 60.41 21.23 5.86
N SER F 258 59.26 21.39 5.23
CA SER F 258 57.97 21.56 5.97
C SER F 258 57.67 20.61 7.10
N ASN F 259 57.98 21.06 8.32
CA ASN F 259 57.68 20.29 9.51
C ASN F 259 58.67 19.18 9.77
N GLY F 260 59.70 19.03 8.91
CA GLY F 260 60.64 17.90 9.00
C GLY F 260 61.80 18.41 9.78
N ALA F 261 61.49 19.26 10.76
CA ALA F 261 62.57 19.90 11.50
C ALA F 261 63.23 18.97 12.58
N TYR F 262 62.63 17.80 12.88
CA TYR F 262 63.16 16.93 13.95
C TYR F 262 63.09 15.49 13.41
N GLY F 263 62.67 14.52 14.23
CA GLY F 263 62.39 13.20 13.67
C GLY F 263 62.42 12.02 14.62
N VAL F 264 62.50 10.83 14.05
CA VAL F 264 62.50 9.60 14.83
C VAL F 264 63.17 8.53 14.02
N LYS F 265 63.81 7.57 14.69
CA LYS F 265 64.48 6.49 13.97
C LYS F 265 63.40 5.69 13.28
N GLY F 266 63.55 5.52 11.95
CA GLY F 266 62.64 4.62 11.17
C GLY F 266 63.43 3.83 10.12
N PHE F 267 62.71 3.22 9.17
CA PHE F 267 63.37 2.43 8.14
C PHE F 267 62.46 2.40 6.94
N SER F 268 62.96 1.83 5.88
CA SER F 268 62.07 1.58 4.73
C SER F 268 62.81 0.57 3.89
N PHE F 269 62.09 -0.33 3.22
CA PHE F 269 62.73 -1.30 2.37
C PHE F 269 62.49 -0.90 0.88
N LYS F 270 63.57 -0.90 0.09
CA LYS F 270 63.45 -0.62 -1.35
C LYS F 270 63.36 -1.89 -2.22
N TYR F 271 62.31 -1.98 -3.01
CA TYR F 271 62.14 -3.07 -3.96
C TYR F 271 62.02 -2.41 -5.32
N GLY F 272 63.02 -2.57 -6.18
CA GLY F 272 62.94 -1.93 -7.51
C GLY F 272 62.70 -0.45 -7.24
N ASN F 273 61.64 0.17 -7.84
CA ASN F 273 61.34 1.60 -7.59
C ASN F 273 60.28 1.76 -6.54
N GLY F 274 59.96 0.66 -5.88
CA GLY F 274 58.90 0.70 -4.87
C GLY F 274 59.46 0.70 -3.46
N VAL F 275 58.65 1.04 -2.46
CA VAL F 275 59.12 1.13 -1.10
C VAL F 275 58.15 0.63 -0.08
N TRP F 276 58.69 -0.10 0.90
CA TRP F 276 57.88 -0.51 2.01
C TRP F 276 58.29 0.47 3.08
N ILE F 277 57.36 1.38 3.43
CA ILE F 277 57.62 2.46 4.40
C ILE F 277 56.99 2.18 5.73
N GLY F 278 57.77 2.36 6.78
CA GLY F 278 57.25 2.06 8.09
C GLY F 278 57.21 3.37 8.83
N ARG F 279 56.05 3.70 9.39
CA ARG F 279 56.00 4.96 10.10
C ARG F 279 54.93 5.06 11.11
N THR F 280 55.00 6.15 11.85
CA THR F 280 53.99 6.35 12.87
C THR F 280 52.75 6.77 12.11
N LYS F 281 51.61 6.66 12.77
CA LYS F 281 50.40 7.03 12.10
C LYS F 281 50.15 8.51 12.30
N SER F 282 50.58 8.99 13.47
CA SER F 282 50.53 10.41 13.79
C SER F 282 51.57 11.12 12.95
N THR F 283 51.34 12.42 12.71
CA THR F 283 52.23 13.33 11.95
C THR F 283 52.93 14.26 12.96
N ASN F 284 52.54 14.15 14.24
CA ASN F 284 53.15 15.01 15.27
C ASN F 284 53.73 14.23 16.41
N SER F 285 53.13 13.07 16.73
CA SER F 285 53.58 12.26 17.86
C SER F 285 54.10 10.89 17.51
N ARG F 286 54.80 10.27 18.46
CA ARG F 286 55.30 8.97 18.21
C ARG F 286 54.24 7.95 18.68
N SER F 287 53.08 8.02 18.00
CA SER F 287 51.93 7.20 18.32
C SER F 287 51.43 6.43 17.09
N GLY F 288 51.10 5.17 17.29
CA GLY F 288 50.61 4.37 16.20
C GLY F 288 51.74 3.99 15.26
N PHE F 289 51.45 3.00 14.42
CA PHE F 289 52.42 2.56 13.44
C PHE F 289 51.79 1.83 12.30
N GLU F 290 52.43 1.89 11.12
CA GLU F 290 51.90 1.27 9.92
C GLU F 290 52.88 0.99 8.83
N MET F 291 52.73 -0.16 8.18
CA MET F 291 53.52 -0.45 7.00
C MET F 291 52.74 -0.02 5.76
N ILE F 292 53.42 0.68 4.86
CA ILE F 292 52.77 1.15 3.66
C ILE F 292 53.62 0.78 2.43
N TRP F 293 52.98 0.12 1.46
CA TRP F 293 53.70 -0.25 0.26
C TRP F 293 53.42 0.73 -0.89
N ASP F 294 54.40 1.52 -1.35
CA ASP F 294 54.16 2.50 -2.49
C ASP F 294 55.03 2.03 -3.59
N PRO F 295 54.43 1.32 -4.56
CA PRO F 295 55.21 0.82 -5.69
C PRO F 295 55.67 2.06 -6.36
N ASN F 296 56.79 2.03 -7.02
CA ASN F 296 57.24 3.26 -7.74
C ASN F 296 56.87 4.42 -6.80
N GLY F 297 57.61 4.39 -5.69
CA GLY F 297 57.50 5.39 -4.63
C GLY F 297 58.89 5.74 -4.06
N TRP F 298 59.92 5.04 -4.53
CA TRP F 298 61.22 5.32 -4.01
C TRP F 298 61.80 6.42 -4.90
N THR F 299 61.22 6.57 -6.08
CA THR F 299 61.78 7.50 -7.07
C THR F 299 60.80 8.55 -7.54
N GLU F 300 59.55 8.22 -7.28
CA GLU F 300 58.49 9.03 -7.77
C GLU F 300 57.84 9.84 -6.65
N THR F 301 57.15 10.92 -7.01
CA THR F 301 56.53 11.80 -6.04
C THR F 301 55.05 11.63 -6.07
N ASP F 302 54.46 11.05 -5.03
CA ASP F 302 53.01 10.84 -5.00
C ASP F 302 52.44 11.12 -3.63
N SER F 303 51.42 10.33 -3.28
CA SER F 303 50.66 10.34 -2.03
C SER F 303 49.96 9.03 -2.17
N SER F 304 49.89 8.51 -3.41
CA SER F 304 49.22 7.25 -3.65
C SER F 304 50.20 6.08 -3.59
N PHE F 305 49.69 5.03 -2.94
CA PHE F 305 50.38 3.77 -2.72
C PHE F 305 49.23 2.75 -2.82
N SER F 306 49.57 1.44 -2.76
CA SER F 306 48.57 0.34 -2.88
C SER F 306 48.22 -0.44 -1.62
N VAL F 307 49.09 -0.47 -0.64
CA VAL F 307 48.76 -1.23 0.57
C VAL F 307 49.24 -0.52 1.83
N LYS F 308 48.31 -0.81 2.85
CA LYS F 308 48.52 -0.25 4.16
C LYS F 308 48.20 -1.26 5.21
N GLN F 309 49.15 -1.55 6.07
CA GLN F 309 48.93 -2.56 7.10
C GLN F 309 49.13 -1.99 8.50
N ASP F 310 48.04 -1.84 9.22
CA ASP F 310 48.16 -1.31 10.54
C ASP F 310 48.99 -2.25 11.43
N ILE F 311 49.79 -1.64 12.32
CA ILE F 311 50.56 -2.34 13.28
C ILE F 311 50.30 -1.88 14.67
N VAL F 312 50.18 -0.57 14.83
CA VAL F 312 49.86 0.00 16.14
C VAL F 312 48.88 1.12 15.86
N ALA F 313 47.80 1.13 16.64
CA ALA F 313 46.80 2.18 16.53
C ALA F 313 47.36 3.53 16.98
N ILE F 314 46.81 4.57 16.37
CA ILE F 314 47.21 5.92 16.62
C ILE F 314 46.83 6.27 18.02
N THR F 315 46.02 5.46 18.69
CA THR F 315 45.64 5.81 20.06
C THR F 315 46.64 5.30 21.04
N ASP F 316 47.66 4.62 20.52
CA ASP F 316 48.75 4.04 21.31
C ASP F 316 50.14 4.56 21.00
N TRP F 317 51.06 4.45 21.95
CA TRP F 317 52.39 4.96 21.78
C TRP F 317 53.29 4.04 20.99
N SER F 318 54.00 4.59 20.04
CA SER F 318 55.00 3.80 19.37
C SER F 318 56.36 4.42 19.68
N GLY F 319 57.22 4.47 18.66
CA GLY F 319 58.57 5.02 18.80
C GLY F 319 59.52 4.64 17.68
N TYR F 320 60.78 4.68 18.02
CA TYR F 320 61.85 4.23 17.15
C TYR F 320 61.47 2.88 16.56
N SER F 321 61.86 2.67 15.32
CA SER F 321 61.55 1.41 14.65
C SER F 321 62.78 1.17 13.82
N GLY F 322 63.04 -0.10 13.53
CA GLY F 322 64.24 -0.40 12.79
C GLY F 322 64.19 -1.68 12.02
N SER F 323 65.01 -1.73 10.99
CA SER F 323 64.97 -2.89 10.10
C SER F 323 65.89 -3.98 10.62
N PHE F 324 65.58 -5.23 10.27
CA PHE F 324 66.55 -6.25 10.59
C PHE F 324 66.40 -7.36 9.65
N VAL F 325 67.54 -8.01 9.48
CA VAL F 325 67.63 -9.12 8.53
C VAL F 325 67.35 -10.48 9.21
N GLN F 326 66.77 -11.37 8.15
CA GLN F 326 67.01 -12.77 8.43
C GLN F 326 67.66 -13.41 7.21
N HIS F 327 68.98 -13.64 7.31
CA HIS F 327 69.79 -14.25 6.22
C HIS F 327 69.43 -15.63 5.92
N PRO F 328 69.63 -16.05 4.67
CA PRO F 328 69.35 -17.40 4.29
C PRO F 328 70.19 -18.45 5.04
N GLU F 329 71.32 -18.12 5.68
CA GLU F 329 72.12 -19.16 6.40
C GLU F 329 71.42 -19.54 7.70
N LEU F 330 70.44 -18.70 8.04
CA LEU F 330 69.59 -18.85 9.20
C LEU F 330 68.23 -19.40 8.80
N THR F 331 67.68 -18.94 7.69
CA THR F 331 66.37 -19.38 7.26
C THR F 331 66.27 -20.66 6.38
N GLY F 332 67.20 -20.88 5.44
CA GLY F 332 67.10 -22.02 4.50
C GLY F 332 66.44 -21.45 3.25
N LEU F 333 65.96 -20.19 3.36
CA LEU F 333 65.50 -19.42 2.21
C LEU F 333 66.65 -19.17 1.27
N ASP F 334 66.27 -18.77 0.08
CA ASP F 334 67.23 -18.51 -0.96
C ASP F 334 67.33 -16.98 -1.15
N CYS F 335 66.68 -16.24 -0.25
CA CYS F 335 66.73 -14.78 -0.23
C CYS F 335 66.98 -14.24 1.24
N ILE F 336 66.97 -12.92 1.40
CA ILE F 336 67.15 -12.31 2.68
C ILE F 336 65.83 -11.84 3.19
N ARG F 337 65.46 -12.33 4.38
CA ARG F 337 64.20 -11.91 5.03
C ARG F 337 64.18 -10.49 5.57
N PRO F 338 63.32 -9.63 5.03
CA PRO F 338 63.25 -8.27 5.57
C PRO F 338 62.33 -8.29 6.78
N CYS F 339 62.81 -7.90 7.96
CA CYS F 339 61.98 -7.87 9.17
C CYS F 339 62.14 -6.51 9.81
N PHE F 340 61.32 -6.22 10.81
CA PHE F 340 61.43 -4.89 11.43
C PHE F 340 60.89 -4.93 12.87
N TRP F 341 61.45 -4.06 13.71
CA TRP F 341 61.05 -3.96 15.11
C TRP F 341 60.50 -2.60 15.39
N VAL F 342 59.62 -2.52 16.37
CA VAL F 342 59.03 -1.26 16.68
C VAL F 342 59.13 -1.12 18.17
N GLU F 343 59.65 0.04 18.60
CA GLU F 343 59.80 0.35 20.01
C GLU F 343 58.60 1.17 20.45
N LEU F 344 57.94 0.69 21.48
CA LEU F 344 56.77 1.37 22.01
C LEU F 344 57.16 2.10 23.27
N ILE F 345 57.43 3.37 23.09
CA ILE F 345 57.86 4.23 24.17
C ILE F 345 56.77 4.62 25.15
N ARG F 346 57.01 4.35 26.42
CA ARG F 346 56.08 4.81 27.43
C ARG F 346 56.70 5.74 28.48
N GLY F 347 55.94 6.74 28.93
CA GLY F 347 56.48 7.61 29.95
C GLY F 347 56.65 9.02 29.50
N ARG F 348 57.79 9.59 29.87
CA ARG F 348 58.14 10.93 29.46
C ARG F 348 58.55 10.96 27.99
N PRO F 349 58.26 12.07 27.33
CA PRO F 349 57.67 13.29 27.89
C PRO F 349 56.19 13.33 27.70
N LYS F 350 55.68 12.41 26.89
CA LYS F 350 54.24 12.29 26.69
C LYS F 350 53.38 11.83 27.89
N GLU F 351 53.95 11.18 28.89
CA GLU F 351 53.10 10.74 30.02
C GLU F 351 53.61 11.24 31.38
N SER F 352 52.63 11.44 32.45
CA SER F 352 53.04 11.99 33.72
C SER F 352 53.70 10.94 34.60
N THR F 353 54.92 10.55 34.25
CA THR F 353 55.71 9.63 35.07
C THR F 353 57.07 10.22 35.26
N ILE F 354 57.93 9.55 36.03
CA ILE F 354 59.30 10.05 36.19
C ILE F 354 60.30 9.39 35.28
N TRP F 355 59.87 8.31 34.61
CA TRP F 355 60.76 7.55 33.74
C TRP F 355 60.40 7.55 32.28
N THR F 356 61.24 6.84 31.53
CA THR F 356 60.97 6.63 30.11
C THR F 356 61.55 5.28 29.74
N SER F 357 60.72 4.36 29.22
CA SER F 357 61.18 3.04 28.78
C SER F 357 60.40 2.54 27.61
N GLY F 358 60.71 1.35 27.12
CA GLY F 358 59.96 0.89 25.95
C GLY F 358 59.82 -0.56 25.65
N SER F 359 58.63 -0.99 25.21
CA SER F 359 58.40 -2.41 24.77
C SER F 359 58.81 -2.59 23.35
N SER F 360 58.87 -3.82 22.89
CA SER F 360 59.20 -4.03 21.52
C SER F 360 58.30 -5.02 20.85
N ILE F 361 58.01 -4.79 19.57
CA ILE F 361 57.24 -5.72 18.75
C ILE F 361 58.02 -5.82 17.46
N SER F 362 58.05 -7.01 16.87
CA SER F 362 58.75 -7.19 15.57
C SER F 362 57.93 -8.02 14.60
N PHE F 363 58.22 -7.90 13.29
CA PHE F 363 57.46 -8.55 12.23
C PHE F 363 58.49 -8.95 11.24
N CYS F 364 58.07 -9.86 10.36
CA CYS F 364 58.96 -10.31 9.34
C CYS F 364 58.28 -10.32 7.97
N GLY F 365 59.09 -10.35 6.93
CA GLY F 365 58.64 -10.55 5.55
C GLY F 365 57.39 -11.32 5.27
N VAL F 366 57.52 -12.56 4.79
CA VAL F 366 56.34 -13.42 4.50
C VAL F 366 55.63 -13.26 3.13
N ASN F 367 55.51 -14.38 2.41
CA ASN F 367 54.79 -14.44 1.12
C ASN F 367 53.35 -14.53 1.41
N SER F 368 52.99 -15.48 2.29
CA SER F 368 51.58 -15.63 2.77
C SER F 368 50.92 -14.33 3.26
N ASP F 369 49.68 -14.41 3.68
CA ASP F 369 49.12 -13.16 4.04
C ASP F 369 48.95 -12.90 5.51
N THR F 370 48.94 -11.61 5.85
CA THR F 370 48.71 -11.22 7.22
C THR F 370 47.46 -10.46 7.45
N VAL F 371 47.40 -9.71 8.54
CA VAL F 371 46.28 -8.88 8.89
C VAL F 371 46.80 -7.70 9.70
N GLY F 372 46.15 -6.55 9.52
CA GLY F 372 46.51 -5.40 10.30
C GLY F 372 45.79 -5.50 11.62
N TRP F 373 46.34 -4.88 12.64
CA TRP F 373 45.74 -4.91 13.93
C TRP F 373 46.49 -3.90 14.76
N SER F 374 46.51 -4.04 16.11
CA SER F 374 47.26 -3.15 17.01
C SER F 374 47.83 -3.99 18.07
N TRP F 375 49.14 -4.02 18.11
CA TRP F 375 49.82 -4.72 19.15
C TRP F 375 50.54 -3.67 19.97
N PRO F 376 49.78 -2.84 20.71
CA PRO F 376 50.32 -1.80 21.60
C PRO F 376 51.15 -2.31 22.80
N ASP F 377 51.80 -1.39 23.50
CA ASP F 377 52.52 -1.76 24.68
C ASP F 377 51.58 -2.36 25.75
N GLY F 378 50.42 -1.72 26.02
CA GLY F 378 49.52 -2.22 27.05
C GLY F 378 49.84 -2.05 28.52
N ALA F 379 50.86 -1.27 28.88
CA ALA F 379 51.03 -0.99 30.32
C ALA F 379 50.09 0.06 30.89
N GLU F 380 49.75 -0.04 32.17
CA GLU F 380 48.96 0.99 32.83
C GLU F 380 49.83 2.00 33.53
N LEU F 381 49.82 3.25 33.09
CA LEU F 381 50.61 4.27 33.76
C LEU F 381 49.68 5.20 34.46
N PRO F 382 50.18 5.93 35.46
CA PRO F 382 51.52 5.88 36.09
C PRO F 382 51.81 4.55 36.84
N PHE F 383 53.06 4.31 37.20
CA PHE F 383 53.46 3.11 37.95
C PHE F 383 53.52 3.46 39.43
N THR F 384 53.91 2.56 40.29
CA THR F 384 53.93 2.88 41.72
C THR F 384 54.95 4.01 41.84
N ILE F 385 55.66 4.28 40.72
CA ILE F 385 56.57 5.45 40.53
C ILE F 385 57.93 4.98 41.04
N VAL G 1 93.44 -27.21 25.62
CA VAL G 1 94.93 -26.94 25.54
C VAL G 1 95.41 -25.87 26.51
N LYS G 2 96.40 -26.24 27.33
CA LYS G 2 97.10 -25.32 28.25
C LYS G 2 97.45 -24.00 27.57
N LEU G 3 97.26 -22.94 28.37
CA LEU G 3 97.48 -21.53 28.04
C LEU G 3 98.95 -21.22 28.16
N ALA G 4 99.52 -20.67 27.11
CA ALA G 4 100.93 -20.39 27.20
C ALA G 4 101.06 -18.92 27.55
N GLY G 5 102.02 -18.63 28.40
CA GLY G 5 102.17 -17.23 28.77
C GLY G 5 103.49 -16.73 28.28
N ASN G 6 103.90 -17.18 27.08
CA ASN G 6 105.20 -16.85 26.58
C ASN G 6 105.34 -15.48 25.91
N SER G 7 104.23 -14.93 25.44
CA SER G 7 104.23 -13.65 24.72
C SER G 7 104.36 -12.50 25.72
N SER G 8 104.50 -11.30 25.24
CA SER G 8 104.70 -10.16 26.16
C SER G 8 103.47 -9.31 26.25
N LEU G 9 103.47 -8.34 27.18
CA LEU G 9 102.29 -7.44 27.26
C LEU G 9 102.26 -6.73 25.93
N CYS G 10 101.09 -6.57 25.35
CA CYS G 10 100.91 -5.79 24.16
C CYS G 10 101.20 -4.34 24.39
N PRO G 11 101.74 -3.66 23.35
CA PRO G 11 102.06 -2.21 23.44
C PRO G 11 100.72 -1.44 23.36
N ILE G 12 100.57 -0.38 24.16
CA ILE G 12 99.28 0.35 24.25
C ILE G 12 99.53 1.84 24.39
N ASN G 13 98.44 2.58 24.16
CA ASN G 13 98.41 4.05 24.30
C ASN G 13 97.37 4.58 25.28
N GLY G 14 96.35 3.77 25.59
CA GLY G 14 95.23 4.26 26.40
C GLY G 14 94.42 3.09 26.94
N TRP G 15 93.25 3.35 27.51
CA TRP G 15 92.42 2.25 27.93
C TRP G 15 90.99 2.45 27.48
N ALA G 16 90.38 1.41 26.91
CA ALA G 16 89.06 1.52 26.42
C ALA G 16 88.05 0.90 27.39
N VAL G 17 86.94 1.58 27.66
CA VAL G 17 85.95 0.99 28.56
C VAL G 17 85.53 -0.39 28.10
N TYR G 18 85.54 -1.37 29.02
CA TYR G 18 85.18 -2.69 28.61
C TYR G 18 83.89 -3.08 29.28
N SER G 19 83.72 -2.75 30.58
CA SER G 19 82.43 -3.07 31.18
C SER G 19 82.13 -2.21 32.38
N LYS G 20 80.88 -2.34 32.81
CA LYS G 20 80.30 -1.60 33.89
C LYS G 20 79.08 -2.37 34.30
N ASP G 21 79.03 -2.81 35.55
CA ASP G 21 77.92 -3.71 35.98
C ASP G 21 76.68 -2.96 36.47
N ASN G 22 76.85 -1.87 37.17
CA ASN G 22 75.68 -1.10 37.63
C ASN G 22 74.98 -1.81 38.76
N SER G 23 75.72 -2.75 39.29
CA SER G 23 75.15 -3.62 40.23
C SER G 23 74.37 -2.90 41.32
N ILE G 24 74.94 -1.86 41.89
CA ILE G 24 74.28 -1.25 43.05
C ILE G 24 73.01 -0.54 42.68
N ARG G 25 73.08 0.21 41.56
CA ARG G 25 71.89 0.86 40.99
C ARG G 25 70.77 -0.14 40.68
N ILE G 26 71.14 -1.33 40.19
CA ILE G 26 70.18 -2.38 39.86
C ILE G 26 69.71 -3.08 41.12
N GLY G 27 70.63 -3.27 42.03
CA GLY G 27 70.29 -3.94 43.28
C GLY G 27 69.38 -3.14 44.16
N SER G 28 69.06 -1.94 43.78
CA SER G 28 68.16 -1.13 44.56
C SER G 28 66.84 -1.87 44.54
N LYS G 29 66.48 -2.50 43.42
CA LYS G 29 65.21 -3.21 43.35
C LYS G 29 65.45 -4.68 43.08
N GLY G 30 66.26 -4.95 42.08
CA GLY G 30 66.69 -6.32 41.82
C GLY G 30 67.43 -6.97 42.96
N ASP G 31 67.57 -8.30 42.85
CA ASP G 31 68.12 -9.18 43.86
C ASP G 31 69.58 -9.33 43.49
N VAL G 32 70.38 -8.34 43.89
CA VAL G 32 71.78 -8.31 43.60
C VAL G 32 72.59 -8.47 44.89
N PHE G 33 73.67 -9.25 44.81
CA PHE G 33 74.46 -9.55 45.96
C PHE G 33 75.12 -8.27 46.43
N VAL G 34 75.29 -8.15 47.74
CA VAL G 34 76.13 -7.06 48.24
C VAL G 34 77.47 -7.73 48.20
N ILE G 35 78.45 -7.12 47.60
CA ILE G 35 79.75 -7.77 47.43
C ILE G 35 80.96 -6.83 47.70
N ARG G 36 82.17 -7.38 47.50
CA ARG G 36 83.45 -6.71 47.70
C ARG G 36 84.43 -7.38 46.74
N GLU G 37 85.36 -6.61 46.18
CA GLU G 37 86.41 -7.13 45.32
C GLU G 37 86.04 -7.98 44.17
N PRO G 38 85.36 -7.36 43.25
CA PRO G 38 84.88 -7.98 42.08
C PRO G 38 86.00 -8.09 41.05
N PHE G 39 86.92 -9.03 41.22
CA PHE G 39 88.01 -9.05 40.23
C PHE G 39 87.63 -9.79 38.97
N ILE G 40 88.12 -9.37 37.83
CA ILE G 40 87.88 -10.09 36.64
C ILE G 40 89.04 -11.03 36.33
N SER G 41 88.70 -12.13 35.67
CA SER G 41 89.67 -13.11 35.20
C SER G 41 89.08 -13.83 34.00
N CYS G 42 89.92 -14.18 33.00
CA CYS G 42 89.37 -14.82 31.82
C CYS G 42 89.92 -16.17 31.47
N SER G 43 89.18 -16.89 30.61
CA SER G 43 89.52 -18.27 30.18
C SER G 43 89.97 -18.17 28.74
N HIS G 44 89.92 -19.27 27.99
CA HIS G 44 90.31 -19.18 26.57
C HIS G 44 89.00 -18.98 25.82
N LEU G 45 87.96 -18.72 26.58
CA LEU G 45 86.68 -18.59 25.97
C LEU G 45 85.87 -17.41 26.43
N GLU G 46 85.92 -17.12 27.74
CA GLU G 46 85.17 -16.00 28.30
C GLU G 46 85.87 -15.28 29.43
N CYS G 47 85.15 -14.34 29.99
CA CYS G 47 85.63 -13.52 31.08
C CYS G 47 84.53 -13.48 32.08
N ARG G 48 84.91 -13.68 33.33
CA ARG G 48 83.89 -13.68 34.38
C ARG G 48 84.33 -12.73 35.47
N THR G 49 83.39 -12.31 36.30
CA THR G 49 83.68 -11.41 37.42
C THR G 49 83.55 -12.29 38.65
N PHE G 50 84.60 -12.33 39.47
CA PHE G 50 84.54 -13.12 40.70
C PHE G 50 84.31 -12.12 41.77
N PHE G 51 83.75 -12.56 42.88
CA PHE G 51 83.51 -11.57 43.92
C PHE G 51 83.24 -12.27 45.23
N LEU G 52 83.39 -11.56 46.35
CA LEU G 52 83.05 -12.13 47.65
C LEU G 52 81.76 -11.56 48.14
N THR G 53 80.88 -12.35 48.75
CA THR G 53 79.63 -11.84 49.22
C THR G 53 79.46 -12.32 50.62
N GLN G 54 78.65 -11.59 51.38
CA GLN G 54 78.36 -11.92 52.77
C GLN G 54 77.09 -12.80 52.76
N GLY G 55 76.70 -13.23 51.57
CA GLY G 55 75.47 -13.96 51.41
C GLY G 55 74.25 -13.20 51.82
N ALA G 56 74.13 -12.00 51.28
CA ALA G 56 73.05 -11.08 51.53
C ALA G 56 72.69 -10.31 50.27
N LEU G 57 71.49 -9.81 50.15
CA LEU G 57 71.24 -8.98 48.99
C LEU G 57 71.11 -7.52 49.37
N LEU G 58 71.33 -6.67 48.42
CA LEU G 58 71.20 -5.23 48.64
C LEU G 58 69.79 -4.85 49.02
N ASN G 59 69.68 -3.87 49.93
CA ASN G 59 68.38 -3.40 50.37
C ASN G 59 67.66 -4.41 51.24
N ASP G 60 68.35 -5.41 51.77
CA ASP G 60 67.76 -6.37 52.71
C ASP G 60 68.43 -6.21 54.05
N LYS G 61 67.73 -6.54 55.14
CA LYS G 61 68.36 -6.39 56.47
C LYS G 61 69.68 -7.15 56.70
N HIS G 62 69.95 -8.20 55.91
CA HIS G 62 71.14 -9.02 56.12
C HIS G 62 72.45 -8.34 55.70
N SER G 63 72.30 -7.27 54.90
CA SER G 63 73.45 -6.50 54.44
C SER G 63 73.92 -5.64 55.59
N ASN G 64 73.49 -5.96 56.79
CA ASN G 64 73.79 -5.19 57.93
C ASN G 64 75.30 -4.93 58.05
N GLY G 65 76.14 -5.70 57.36
CA GLY G 65 77.59 -5.33 57.23
C GLY G 65 78.40 -5.04 58.53
N THR G 66 77.76 -4.94 59.72
CA THR G 66 78.50 -4.65 61.04
C THR G 66 79.34 -5.91 61.45
N VAL G 67 79.13 -6.97 60.61
CA VAL G 67 79.75 -8.29 60.66
C VAL G 67 81.24 -8.17 60.29
N LYS G 68 82.05 -8.95 60.99
CA LYS G 68 83.49 -8.98 60.73
C LYS G 68 83.67 -9.19 59.21
N ASP G 69 84.68 -8.51 58.59
CA ASP G 69 85.02 -8.82 57.20
C ASP G 69 85.18 -10.31 56.90
N ARG G 70 85.89 -10.99 57.78
CA ARG G 70 86.10 -12.39 57.59
C ARG G 70 85.05 -13.23 58.35
N SER G 71 83.89 -13.42 57.69
CA SER G 71 82.80 -14.23 58.23
C SER G 71 82.59 -15.55 57.52
N PRO G 72 82.00 -16.54 58.23
CA PRO G 72 81.69 -17.90 57.69
C PRO G 72 80.63 -17.85 56.67
N HIS G 73 80.22 -16.64 56.31
CA HIS G 73 79.18 -16.56 55.32
C HIS G 73 79.76 -16.05 54.02
N ARG G 74 80.97 -15.53 54.10
CA ARG G 74 81.62 -14.99 52.90
C ARG G 74 81.89 -16.12 51.93
N THR G 75 81.44 -15.94 50.70
CA THR G 75 81.71 -16.93 49.66
C THR G 75 82.14 -16.34 48.32
N LEU G 76 83.00 -17.07 47.62
CA LEU G 76 83.49 -16.68 46.34
C LEU G 76 82.49 -17.15 45.31
N MET G 77 82.04 -16.28 44.44
CA MET G 77 81.08 -16.65 43.39
C MET G 77 81.47 -15.87 42.17
N SER G 78 80.90 -16.16 41.03
CA SER G 78 81.28 -15.46 39.80
C SER G 78 80.10 -15.47 38.82
N CYS G 79 80.15 -14.63 37.82
CA CYS G 79 79.06 -14.50 36.86
C CYS G 79 79.70 -13.88 35.64
N PRO G 80 79.04 -13.95 34.49
CA PRO G 80 79.61 -13.22 33.31
C PRO G 80 79.82 -11.71 33.50
N VAL G 81 80.97 -11.23 33.01
CA VAL G 81 81.36 -9.82 33.08
C VAL G 81 80.22 -8.91 32.60
N GLY G 82 80.00 -7.82 33.34
CA GLY G 82 78.98 -6.87 32.95
C GLY G 82 77.67 -7.08 33.63
N GLU G 83 77.43 -8.28 34.12
CA GLU G 83 76.16 -8.52 34.67
C GLU G 83 76.12 -8.24 36.12
N ALA G 84 74.96 -7.90 36.66
CA ALA G 84 74.95 -7.58 38.09
C ALA G 84 75.01 -8.93 38.79
N PRO G 85 75.84 -9.10 39.84
CA PRO G 85 75.94 -10.42 40.51
C PRO G 85 74.79 -10.72 41.39
N SER G 86 74.02 -11.75 41.10
CA SER G 86 72.80 -12.08 41.86
C SER G 86 72.73 -13.61 42.06
N PRO G 87 71.87 -14.05 43.00
CA PRO G 87 71.71 -15.50 43.15
C PRO G 87 71.12 -16.21 41.90
N TYR G 88 70.61 -15.49 40.91
CA TYR G 88 69.97 -16.19 39.81
C TYR G 88 70.89 -16.30 38.64
N ASN G 89 72.03 -15.67 38.73
CA ASN G 89 72.95 -15.70 37.58
C ASN G 89 74.43 -15.94 37.98
N SER G 90 74.71 -16.06 39.27
CA SER G 90 76.04 -16.29 39.75
C SER G 90 76.33 -17.73 40.09
N ARG G 91 77.50 -18.21 39.76
CA ARG G 91 77.86 -19.60 39.98
C ARG G 91 78.58 -19.58 41.33
N PHE G 92 78.48 -20.67 42.05
CA PHE G 92 79.13 -20.75 43.32
C PHE G 92 80.54 -21.25 43.10
N GLU G 93 81.50 -20.63 43.80
CA GLU G 93 82.86 -21.03 43.64
C GLU G 93 83.47 -21.61 44.90
N SER G 94 83.44 -20.85 45.98
CA SER G 94 84.08 -21.35 47.21
C SER G 94 83.62 -20.64 48.48
N VAL G 95 83.82 -21.27 49.64
CA VAL G 95 83.47 -20.59 50.85
C VAL G 95 84.75 -19.90 51.17
N ALA G 96 84.72 -18.58 51.26
CA ALA G 96 85.94 -17.90 51.55
C ALA G 96 85.81 -16.40 51.84
N TRP G 97 86.67 -15.87 52.73
CA TRP G 97 86.66 -14.45 52.94
C TRP G 97 87.90 -13.85 52.39
N SER G 98 88.53 -14.58 51.49
CA SER G 98 89.77 -14.12 50.79
C SER G 98 90.03 -15.13 49.69
N ALA G 99 90.26 -14.64 48.47
CA ALA G 99 90.28 -15.59 47.34
C ALA G 99 91.05 -15.04 46.14
N SER G 100 91.16 -15.87 45.11
CA SER G 100 91.79 -15.54 43.85
C SER G 100 91.32 -16.71 43.02
N ALA G 101 91.54 -16.64 41.72
CA ALA G 101 91.09 -17.63 40.77
C ALA G 101 91.71 -17.27 39.39
N CYS G 102 91.89 -18.28 38.54
CA CYS G 102 92.51 -18.09 37.24
C CYS G 102 92.28 -19.35 36.45
N HIS G 103 92.15 -19.20 35.13
CA HIS G 103 91.91 -20.33 34.23
C HIS G 103 93.28 -20.68 33.65
N ASP G 104 93.71 -21.95 33.60
CA ASP G 104 94.99 -22.24 33.00
C ASP G 104 94.84 -22.60 31.50
N GLY G 105 93.64 -22.34 30.96
CA GLY G 105 93.33 -22.66 29.57
C GLY G 105 92.53 -23.94 29.39
N THR G 106 92.66 -24.82 30.38
CA THR G 106 91.85 -26.02 30.48
C THR G 106 90.65 -25.85 31.43
N SER G 107 90.89 -25.60 32.71
CA SER G 107 89.83 -25.43 33.70
C SER G 107 90.10 -24.29 34.66
N TRP G 108 89.07 -23.97 35.45
CA TRP G 108 89.22 -22.91 36.45
C TRP G 108 89.92 -23.39 37.75
N LEU G 109 90.74 -22.54 38.36
CA LEU G 109 91.38 -22.84 39.60
C LEU G 109 90.87 -21.74 40.47
N THR G 110 90.26 -22.11 41.60
CA THR G 110 89.76 -21.10 42.50
C THR G 110 90.44 -21.37 43.84
N ILE G 111 90.67 -20.32 44.63
CA ILE G 111 91.36 -20.47 45.90
C ILE G 111 90.54 -19.72 46.92
N GLY G 112 89.91 -20.45 47.85
CA GLY G 112 89.04 -19.88 48.87
C GLY G 112 89.68 -20.04 50.27
N ILE G 113 89.88 -18.95 50.98
CA ILE G 113 90.41 -19.04 52.32
C ILE G 113 89.29 -18.81 53.33
N SER G 114 89.11 -19.71 54.25
CA SER G 114 88.09 -19.47 55.22
C SER G 114 88.60 -20.07 56.54
N GLY G 115 87.77 -20.14 57.60
CA GLY G 115 88.31 -20.60 58.87
C GLY G 115 88.65 -19.46 59.81
N PRO G 116 89.13 -19.80 60.99
CA PRO G 116 89.49 -18.74 61.92
C PRO G 116 90.77 -17.97 61.54
N ASP G 117 90.97 -16.86 62.24
CA ASP G 117 92.11 -16.02 61.99
C ASP G 117 93.36 -16.72 62.45
N ASN G 118 93.24 -17.70 63.36
CA ASN G 118 94.49 -18.37 63.88
C ASN G 118 94.79 -19.70 63.23
N GLY G 119 94.19 -19.89 62.07
CA GLY G 119 94.33 -21.16 61.39
C GLY G 119 93.55 -21.15 60.11
N ALA G 120 93.45 -19.99 59.43
CA ALA G 120 92.73 -20.01 58.19
C ALA G 120 93.28 -21.13 57.29
N VAL G 121 92.43 -21.59 56.37
CA VAL G 121 92.87 -22.59 55.43
C VAL G 121 92.37 -22.32 54.05
N ALA G 122 93.30 -22.33 53.10
CA ALA G 122 92.98 -22.12 51.70
C ALA G 122 92.57 -23.42 51.06
N VAL G 123 91.48 -23.34 50.33
CA VAL G 123 90.98 -24.54 49.66
C VAL G 123 91.10 -24.34 48.17
N LEU G 124 91.92 -25.13 47.51
CA LEU G 124 92.11 -24.98 46.05
C LEU G 124 91.21 -25.98 45.33
N LYS G 125 90.39 -25.47 44.44
CA LYS G 125 89.53 -26.31 43.62
C LYS G 125 89.87 -26.12 42.17
N TYR G 126 89.94 -27.24 41.47
CA TYR G 126 90.23 -27.30 40.03
C TYR G 126 88.99 -27.86 39.38
N ASN G 127 88.40 -27.09 38.49
CA ASN G 127 87.17 -27.55 37.85
C ASN G 127 86.12 -27.78 38.91
N GLY G 128 86.09 -26.97 39.92
CA GLY G 128 85.10 -27.17 40.94
C GLY G 128 85.42 -28.23 42.01
N ILE G 129 86.44 -29.09 41.80
CA ILE G 129 86.67 -30.13 42.80
C ILE G 129 87.93 -29.83 43.65
N ILE G 130 87.83 -29.98 44.96
CA ILE G 130 88.91 -29.64 45.82
C ILE G 130 90.16 -30.43 45.43
N THR G 131 91.28 -29.75 45.13
CA THR G 131 92.50 -30.46 44.73
C THR G 131 93.68 -30.32 45.72
N ASP G 132 93.58 -29.36 46.66
CA ASP G 132 94.64 -29.19 47.65
C ASP G 132 94.22 -28.26 48.74
N THR G 133 95.11 -28.06 49.69
CA THR G 133 94.80 -27.23 50.83
C THR G 133 96.02 -26.60 51.41
N ILE G 134 95.97 -25.35 51.86
CA ILE G 134 97.10 -24.71 52.49
C ILE G 134 96.64 -24.11 53.82
N LYS G 135 97.31 -24.47 54.88
CA LYS G 135 96.93 -23.99 56.23
C LYS G 135 97.83 -22.85 56.55
N SER G 136 97.31 -21.85 57.27
CA SER G 136 98.08 -20.68 57.71
C SER G 136 99.38 -21.18 58.35
N TRP G 137 100.54 -20.62 58.04
CA TRP G 137 101.78 -21.08 58.69
C TRP G 137 102.23 -20.06 59.71
N ARG G 138 101.45 -19.02 59.91
CA ARG G 138 101.75 -18.07 60.99
C ARG G 138 100.59 -17.87 61.97
N ASN G 139 99.46 -18.47 61.62
CA ASN G 139 98.25 -18.37 62.39
C ASN G 139 97.88 -16.94 62.61
N ASN G 140 97.94 -16.12 61.56
CA ASN G 140 97.52 -14.71 61.70
C ASN G 140 96.91 -14.20 60.38
N ILE G 141 95.69 -14.68 60.08
CA ILE G 141 94.88 -14.22 58.94
C ILE G 141 95.48 -14.48 57.57
N LEU G 142 95.67 -15.76 57.27
CA LEU G 142 96.21 -16.08 55.96
C LEU G 142 95.29 -15.44 54.90
N ARG G 143 95.83 -14.76 53.90
CA ARG G 143 95.09 -14.08 52.90
C ARG G 143 95.79 -14.08 51.57
N THR G 144 95.06 -13.68 50.51
CA THR G 144 95.63 -13.75 49.20
C THR G 144 95.27 -12.61 48.35
N GLN G 145 95.47 -12.76 47.05
CA GLN G 145 95.25 -11.67 46.07
C GLN G 145 94.01 -10.86 46.06
N GLU G 146 92.84 -11.48 46.04
CA GLU G 146 91.57 -10.77 45.81
C GLU G 146 91.47 -10.35 44.40
N SER G 147 92.15 -11.05 43.50
CA SER G 147 92.19 -10.81 42.09
C SER G 147 92.77 -12.02 41.40
N GLU G 148 92.68 -12.02 40.09
CA GLU G 148 93.13 -13.11 39.21
C GLU G 148 94.54 -13.57 39.60
N CYS G 149 94.77 -14.89 39.70
CA CYS G 149 96.12 -15.42 39.82
C CYS G 149 96.64 -15.39 38.40
N ALA G 150 97.83 -15.92 38.13
CA ALA G 150 98.39 -15.89 36.83
C ALA G 150 98.90 -17.25 36.43
N CYS G 151 98.62 -17.66 35.20
CA CYS G 151 99.07 -18.94 34.70
C CYS G 151 99.94 -18.85 33.50
N VAL G 152 100.86 -19.78 33.37
CA VAL G 152 101.82 -19.83 32.28
C VAL G 152 102.29 -21.29 32.06
N ASN G 153 102.21 -21.80 30.80
CA ASN G 153 102.76 -23.15 30.43
C ASN G 153 102.15 -24.19 31.36
N GLY G 154 100.87 -24.03 31.67
CA GLY G 154 100.14 -25.05 32.43
C GLY G 154 100.31 -24.96 33.89
N SER G 155 100.95 -23.90 34.37
CA SER G 155 101.26 -23.69 35.81
C SER G 155 100.62 -22.38 36.23
N CYS G 156 100.00 -22.37 37.40
CA CYS G 156 99.39 -21.15 37.85
C CYS G 156 100.05 -20.73 39.14
N PHE G 157 100.22 -19.42 39.28
CA PHE G 157 100.89 -18.94 40.44
C PHE G 157 100.07 -17.95 41.27
N THR G 158 100.35 -17.92 42.55
CA THR G 158 99.74 -16.94 43.39
C THR G 158 100.63 -16.54 44.59
N VAL G 159 100.22 -15.49 45.29
CA VAL G 159 101.00 -15.06 46.42
C VAL G 159 100.11 -14.97 47.64
N MET G 160 100.57 -15.44 48.78
CA MET G 160 99.71 -15.44 49.94
C MET G 160 100.52 -14.86 51.06
N THR G 161 99.81 -14.26 52.00
CA THR G 161 100.51 -13.59 53.14
C THR G 161 99.97 -14.11 54.49
N ASP G 162 100.79 -14.25 55.51
CA ASP G 162 100.31 -14.74 56.79
C ASP G 162 101.07 -13.94 57.84
N GLY G 163 100.41 -13.18 58.72
CA GLY G 163 101.20 -12.36 59.68
C GLY G 163 100.53 -11.01 59.79
N PRO G 164 101.08 -10.10 60.58
CA PRO G 164 100.42 -8.85 60.85
C PRO G 164 100.19 -7.96 59.66
N SER G 165 99.29 -7.01 59.83
CA SER G 165 99.00 -6.19 58.69
C SER G 165 99.66 -4.86 59.02
N ASN G 166 100.37 -4.81 60.15
CA ASN G 166 101.27 -3.70 60.51
C ASN G 166 102.67 -4.27 60.23
N GLY G 167 103.59 -4.20 61.18
CA GLY G 167 104.99 -4.81 60.94
C GLY G 167 105.26 -6.01 60.01
N GLN G 168 106.54 -6.43 59.94
CA GLN G 168 106.92 -7.63 59.24
C GLN G 168 105.85 -8.72 59.25
N ALA G 169 105.53 -9.18 58.04
CA ALA G 169 104.66 -10.27 57.90
C ALA G 169 105.46 -11.33 57.10
N SER G 170 104.84 -12.47 56.81
CA SER G 170 105.51 -13.45 56.02
C SER G 170 104.83 -13.65 54.68
N TYR G 171 105.57 -13.83 53.61
CA TYR G 171 104.92 -13.90 52.26
C TYR G 171 105.48 -15.05 51.49
N LYS G 172 104.58 -15.81 50.88
CA LYS G 172 104.94 -16.96 50.09
C LYS G 172 104.37 -16.89 48.71
N ILE G 173 105.12 -17.42 47.74
CA ILE G 173 104.70 -17.53 46.36
C ILE G 173 104.37 -18.99 46.16
N PHE G 174 103.29 -19.28 45.45
CA PHE G 174 102.95 -20.67 45.19
C PHE G 174 102.87 -20.99 43.71
N LYS G 175 103.27 -22.21 43.37
CA LYS G 175 103.19 -22.74 42.02
C LYS G 175 102.29 -23.93 42.09
N MET G 176 101.30 -23.92 41.20
CA MET G 176 100.33 -25.00 41.15
C MET G 176 99.88 -25.48 39.78
N GLU G 177 99.75 -26.78 39.69
CA GLU G 177 99.35 -27.46 38.46
C GLU G 177 98.20 -28.33 38.82
N LYS G 178 97.11 -28.19 38.07
CA LYS G 178 95.83 -28.87 38.35
C LYS G 178 95.38 -28.68 39.76
N GLY G 179 95.53 -27.47 40.22
CA GLY G 179 95.04 -27.13 41.52
C GLY G 179 95.92 -27.64 42.64
N LYS G 180 97.12 -28.12 42.31
CA LYS G 180 97.88 -28.74 43.37
C LYS G 180 99.16 -28.00 43.53
N VAL G 181 99.51 -27.68 44.76
CA VAL G 181 100.75 -26.98 45.00
C VAL G 181 101.90 -28.00 44.72
N VAL G 182 102.80 -27.68 43.79
CA VAL G 182 104.01 -28.48 43.47
C VAL G 182 105.26 -27.74 44.01
N LYS G 183 105.08 -26.50 44.44
CA LYS G 183 106.25 -25.67 44.97
C LYS G 183 105.86 -24.33 45.63
N SER G 184 106.52 -24.08 46.75
CA SER G 184 106.31 -22.85 47.47
C SER G 184 107.66 -22.25 47.89
N VAL G 185 107.72 -20.92 48.03
CA VAL G 185 108.92 -20.22 48.44
C VAL G 185 108.52 -19.04 49.29
N GLU G 186 109.11 -18.91 50.44
CA GLU G 186 108.86 -17.76 51.30
C GLU G 186 109.80 -16.67 50.85
N LEU G 187 109.28 -15.45 50.62
CA LEU G 187 110.16 -14.32 50.21
C LEU G 187 111.02 -13.93 51.39
N ASP G 188 112.29 -13.66 51.14
CA ASP G 188 113.16 -13.09 52.18
C ASP G 188 113.03 -11.58 51.95
N ALA G 189 111.95 -10.99 52.48
CA ALA G 189 111.69 -9.59 52.24
C ALA G 189 111.69 -8.72 53.47
N PRO G 190 112.80 -8.72 54.21
CA PRO G 190 112.77 -7.95 55.48
C PRO G 190 112.51 -6.45 55.19
N ASN G 191 111.63 -5.86 56.02
CA ASN G 191 111.15 -4.48 55.84
C ASN G 191 110.16 -4.29 54.72
N TYR G 192 109.86 -5.36 53.97
CA TYR G 192 108.86 -5.32 52.88
C TYR G 192 107.50 -5.71 53.43
N HIS G 193 106.44 -5.29 52.74
CA HIS G 193 105.14 -5.70 53.14
C HIS G 193 104.28 -5.98 51.93
N TYR G 194 103.81 -7.25 51.80
CA TYR G 194 102.96 -7.67 50.65
C TYR G 194 101.51 -8.03 50.99
N GLU G 195 100.55 -7.49 50.28
CA GLU G 195 99.18 -7.86 50.46
C GLU G 195 98.43 -7.64 49.19
N GLU G 196 97.41 -8.45 48.98
CA GLU G 196 96.50 -8.28 47.84
C GLU G 196 97.26 -8.01 46.54
N CYS G 197 98.12 -8.94 46.18
CA CYS G 197 98.90 -8.75 44.97
C CYS G 197 98.10 -8.85 43.69
N SER G 198 98.42 -8.02 42.71
CA SER G 198 97.83 -8.05 41.37
C SER G 198 98.97 -8.60 40.47
N CYS G 199 98.88 -9.88 40.12
CA CYS G 199 99.91 -10.52 39.33
C CYS G 199 99.42 -10.66 37.91
N TYR G 200 100.35 -10.69 36.98
CA TYR G 200 100.02 -10.91 35.58
C TYR G 200 101.22 -11.61 34.92
N PRO G 201 101.01 -12.42 33.87
CA PRO G 201 102.09 -13.12 33.19
C PRO G 201 102.64 -12.27 32.12
N ASN G 202 103.92 -12.44 31.84
CA ASN G 202 104.62 -11.61 30.84
C ASN G 202 105.87 -12.38 30.42
N ALA G 203 105.95 -12.70 29.14
CA ALA G 203 107.15 -13.40 28.61
C ALA G 203 107.57 -14.58 29.54
N GLY G 204 106.58 -15.33 30.02
CA GLY G 204 106.90 -16.52 30.79
C GLY G 204 107.16 -16.28 32.26
N GLU G 205 107.00 -15.04 32.74
CA GLU G 205 107.31 -14.80 34.13
C GLU G 205 106.16 -14.05 34.72
N ILE G 206 106.02 -14.11 36.04
CA ILE G 206 105.01 -13.37 36.71
C ILE G 206 105.48 -12.10 37.39
N THR G 207 104.65 -11.09 37.29
CA THR G 207 104.97 -9.83 37.91
C THR G 207 103.79 -9.51 38.79
N CYS G 208 104.06 -9.26 40.06
CA CYS G 208 102.97 -8.92 40.98
C CYS G 208 103.22 -7.51 41.54
N VAL G 209 102.20 -6.64 41.39
CA VAL G 209 102.26 -5.33 42.02
C VAL G 209 101.27 -5.41 43.20
N CYS G 210 101.64 -5.02 44.43
CA CYS G 210 100.74 -5.24 45.54
C CYS G 210 100.49 -4.00 46.40
N ARG G 211 100.13 -4.24 47.67
CA ARG G 211 99.77 -3.28 48.65
C ARG G 211 100.63 -3.45 49.91
N ASP G 212 101.31 -2.36 50.25
CA ASP G 212 102.05 -2.32 51.50
C ASP G 212 101.17 -1.61 52.50
N ASN G 213 100.60 -2.36 53.42
CA ASN G 213 99.69 -1.82 54.37
C ASN G 213 100.39 -1.38 55.65
N TRP G 214 101.68 -1.67 55.72
CA TRP G 214 102.43 -1.45 56.95
C TRP G 214 103.12 -0.05 56.94
N HIS G 215 103.89 0.23 55.89
CA HIS G 215 104.57 1.47 55.80
C HIS G 215 105.05 1.81 54.39
N GLY G 216 104.18 1.69 53.39
CA GLY G 216 104.50 2.10 52.07
C GLY G 216 103.40 2.73 51.29
N SER G 217 103.66 3.93 50.77
CA SER G 217 102.78 4.59 49.90
C SER G 217 103.00 4.18 48.45
N ASN G 218 104.22 3.74 48.10
CA ASN G 218 104.52 3.28 46.77
C ASN G 218 104.26 1.81 46.85
N ARG G 219 103.84 1.14 45.75
CA ARG G 219 103.51 -0.28 45.87
C ARG G 219 104.73 -1.20 45.78
N PRO G 220 104.74 -2.24 46.60
CA PRO G 220 105.88 -3.18 46.46
C PRO G 220 105.55 -4.09 45.24
N TRP G 221 106.52 -4.85 44.80
CA TRP G 221 106.35 -5.74 43.71
C TRP G 221 107.24 -6.99 43.84
N VAL G 222 106.82 -8.06 43.21
CA VAL G 222 107.64 -9.28 43.19
C VAL G 222 107.53 -9.83 41.80
N SER G 223 108.63 -10.35 41.32
CA SER G 223 108.57 -10.98 40.03
C SER G 223 109.29 -12.28 40.16
N PHE G 224 108.79 -13.26 39.43
CA PHE G 224 109.41 -14.59 39.55
C PHE G 224 109.27 -15.47 38.34
N ASN G 225 110.20 -16.41 38.23
CA ASN G 225 110.17 -17.40 37.14
C ASN G 225 109.11 -18.49 37.41
N GLN G 226 109.22 -19.58 36.50
CA GLN G 226 108.25 -20.67 36.79
C GLN G 226 108.82 -21.56 37.85
N ASN G 227 110.09 -21.31 38.17
CA ASN G 227 110.72 -22.08 39.20
C ASN G 227 110.72 -21.38 40.53
N LEU G 228 109.95 -20.29 40.62
CA LEU G 228 109.83 -19.55 41.85
C LEU G 228 111.12 -18.80 42.29
N GLU G 229 112.03 -18.53 41.32
CA GLU G 229 113.23 -17.71 41.62
C GLU G 229 112.70 -16.35 41.40
N TYR G 230 112.89 -15.51 42.42
CA TYR G 230 112.28 -14.16 42.39
C TYR G 230 113.20 -12.94 42.63
N GLN G 231 112.61 -11.78 42.36
CA GLN G 231 113.16 -10.46 42.69
C GLN G 231 112.05 -9.65 43.36
N ILE G 232 112.47 -8.69 44.18
CA ILE G 232 111.58 -7.85 44.89
C ILE G 232 112.04 -6.39 45.00
N GLY G 233 111.08 -5.49 45.15
CA GLY G 233 111.42 -4.12 45.21
C GLY G 233 110.14 -3.36 45.26
N TYR G 234 110.24 -2.05 45.28
CA TYR G 234 109.05 -1.22 45.25
C TYR G 234 109.18 -0.37 44.00
N ILE G 235 108.01 0.02 43.55
CA ILE G 235 107.95 0.83 42.35
C ILE G 235 108.59 2.19 42.70
N CYS G 236 109.56 2.61 41.92
CA CYS G 236 110.33 3.76 42.30
C CYS G 236 109.68 5.11 41.94
N SER G 237 108.73 5.16 41.00
CA SER G 237 108.08 6.41 40.58
C SER G 237 107.66 7.19 41.81
N GLY G 238 107.79 8.49 41.62
CA GLY G 238 107.39 9.47 42.58
C GLY G 238 105.90 9.67 42.44
N VAL G 239 105.24 8.99 41.48
CA VAL G 239 103.79 9.07 41.35
C VAL G 239 103.37 7.93 42.22
N PHE G 240 103.17 8.16 43.52
CA PHE G 240 102.83 7.13 44.43
C PHE G 240 101.53 6.45 44.05
N GLY G 241 101.54 5.10 44.08
CA GLY G 241 100.35 4.36 43.65
C GLY G 241 99.37 3.97 44.72
N ASP G 242 99.82 3.87 45.95
CA ASP G 242 98.94 3.41 47.09
C ASP G 242 98.03 4.54 47.52
N ASN G 243 97.07 4.17 48.37
CA ASN G 243 96.13 5.12 48.94
C ASN G 243 95.84 4.68 50.38
N PRO G 244 96.02 5.54 51.38
CA PRO G 244 96.51 6.88 51.28
C PRO G 244 97.96 6.93 50.75
N ARG G 245 98.47 8.15 50.64
CA ARG G 245 99.74 8.44 50.02
C ARG G 245 99.96 9.95 50.20
N PRO G 246 101.23 10.40 50.09
CA PRO G 246 101.62 11.79 50.20
C PRO G 246 101.53 12.34 48.77
N ASN G 247 101.63 13.65 48.56
CA ASN G 247 101.51 14.25 47.20
C ASN G 247 102.72 13.80 46.46
N ASP G 248 102.70 13.84 45.12
CA ASP G 248 103.73 13.24 44.36
C ASP G 248 105.02 14.06 44.59
N GLY G 249 105.96 13.49 45.33
CA GLY G 249 107.20 14.17 45.55
C GLY G 249 108.28 13.26 44.96
N THR G 250 109.31 12.92 45.74
CA THR G 250 110.40 12.13 45.32
C THR G 250 110.21 10.73 45.94
N GLY G 251 110.14 9.70 45.11
CA GLY G 251 109.84 8.43 45.67
C GLY G 251 111.06 7.61 45.91
N SER G 252 110.98 6.21 46.24
CA SER G 252 112.18 5.50 46.49
C SER G 252 111.89 4.10 46.02
N CYS G 253 112.91 3.25 46.00
CA CYS G 253 112.58 1.90 45.59
C CYS G 253 112.33 1.04 46.84
N GLY G 254 112.37 1.71 47.96
CA GLY G 254 112.16 1.11 49.27
C GLY G 254 110.99 1.85 49.96
N PRO G 255 109.95 1.13 50.37
CA PRO G 255 108.73 1.61 50.98
C PRO G 255 108.79 3.06 51.52
N VAL G 256 108.05 3.95 50.89
CA VAL G 256 108.02 5.29 51.35
C VAL G 256 107.09 5.20 52.52
N SER G 257 107.54 5.61 53.69
CA SER G 257 106.67 5.51 54.85
C SER G 257 105.77 6.68 55.10
N SER G 258 106.12 7.83 54.51
CA SER G 258 105.12 8.95 54.59
C SER G 258 103.81 8.65 53.93
N ASN G 259 102.83 8.59 54.82
CA ASN G 259 101.44 8.44 54.53
C ASN G 259 101.13 7.01 54.12
N GLY G 260 102.11 6.16 53.92
CA GLY G 260 101.77 4.89 53.37
C GLY G 260 101.79 3.97 54.56
N ALA G 261 100.92 4.23 55.51
CA ALA G 261 100.84 3.37 56.63
C ALA G 261 99.47 2.78 56.68
N TYR G 262 98.77 2.62 55.55
CA TYR G 262 97.58 1.73 55.47
C TYR G 262 97.58 1.30 54.02
N GLY G 263 96.48 1.39 53.27
CA GLY G 263 96.47 1.03 51.81
C GLY G 263 95.18 0.65 51.10
N VAL G 264 95.33 0.32 49.81
CA VAL G 264 94.16 -0.18 49.01
C VAL G 264 94.69 -1.13 47.95
N LYS G 265 93.92 -2.16 47.58
CA LYS G 265 94.37 -3.14 46.55
C LYS G 265 94.53 -2.31 45.31
N GLY G 266 95.62 -2.54 44.62
CA GLY G 266 95.83 -1.83 43.38
C GLY G 266 96.74 -2.62 42.45
N PHE G 267 97.20 -1.98 41.38
CA PHE G 267 98.00 -2.76 40.35
C PHE G 267 98.90 -1.85 39.52
N SER G 268 99.79 -2.41 38.69
CA SER G 268 100.64 -1.55 37.79
C SER G 268 101.15 -2.45 36.68
N PHE G 269 101.20 -1.98 35.43
CA PHE G 269 101.89 -2.78 34.40
C PHE G 269 103.27 -2.24 34.06
N LYS G 270 104.26 -3.12 34.13
CA LYS G 270 105.62 -2.71 33.83
C LYS G 270 105.99 -2.91 32.38
N TYR G 271 106.40 -1.85 31.70
CA TYR G 271 106.86 -1.90 30.31
C TYR G 271 108.30 -1.35 30.29
N GLY G 272 109.29 -2.24 30.24
CA GLY G 272 110.69 -1.76 30.23
C GLY G 272 110.88 -1.03 31.54
N ASN G 273 111.36 0.22 31.51
CA ASN G 273 111.49 1.04 32.70
C ASN G 273 110.28 1.85 32.97
N GLY G 274 109.27 1.73 32.12
CA GLY G 274 108.03 2.45 32.35
C GLY G 274 106.94 1.72 33.10
N VAL G 275 106.02 2.48 33.71
CA VAL G 275 104.86 1.87 34.39
C VAL G 275 103.60 2.59 34.07
N TRP G 276 102.51 1.82 33.94
CA TRP G 276 101.20 2.33 33.80
C TRP G 276 100.73 2.14 35.21
N ILE G 277 100.51 3.24 35.88
CA ILE G 277 100.01 3.14 37.27
C ILE G 277 98.53 3.50 37.37
N GLY G 278 97.74 2.65 38.01
CA GLY G 278 96.34 2.92 38.21
C GLY G 278 96.27 3.36 39.67
N ARG G 279 95.51 4.41 39.98
CA ARG G 279 95.47 4.81 41.41
C ARG G 279 94.30 5.72 41.58
N THR G 280 93.87 5.86 42.83
CA THR G 280 92.80 6.80 43.16
C THR G 280 93.30 8.19 42.79
N LYS G 281 92.34 9.10 42.73
CA LYS G 281 92.67 10.49 42.47
C LYS G 281 93.02 11.19 43.78
N SER G 282 92.23 10.90 44.82
CA SER G 282 92.43 11.48 46.13
C SER G 282 93.64 10.89 46.81
N THR G 283 94.31 11.67 47.62
CA THR G 283 95.41 11.06 48.30
C THR G 283 95.08 10.54 49.68
N ASN G 284 93.84 10.79 50.15
CA ASN G 284 93.43 10.30 51.50
C ASN G 284 92.29 9.32 51.49
N SER G 285 91.38 9.56 50.56
CA SER G 285 90.20 8.70 50.39
C SER G 285 90.28 7.72 49.23
N ARG G 286 89.40 6.72 49.20
CA ARG G 286 89.40 5.86 48.03
C ARG G 286 88.50 6.51 47.01
N SER G 287 88.83 7.68 46.56
CA SER G 287 87.96 8.36 45.63
C SER G 287 88.68 8.76 44.36
N GLY G 288 87.95 8.63 43.25
CA GLY G 288 88.49 8.87 41.92
C GLY G 288 89.47 7.79 41.47
N PHE G 289 89.77 7.79 40.16
CA PHE G 289 90.67 6.85 39.62
C PHE G 289 91.27 7.41 38.39
N GLU G 290 92.56 7.17 38.20
CA GLU G 290 93.25 7.59 36.97
C GLU G 290 94.33 6.59 36.55
N MET G 291 94.63 6.56 35.27
CA MET G 291 95.71 5.73 34.70
C MET G 291 96.78 6.69 34.32
N ILE G 292 97.97 6.45 34.79
CA ILE G 292 99.06 7.38 34.52
C ILE G 292 100.23 6.59 33.91
N TRP G 293 100.83 7.14 32.87
CA TRP G 293 101.93 6.41 32.22
C TRP G 293 103.18 7.25 32.53
N ASP G 294 104.09 6.64 33.34
CA ASP G 294 105.38 7.23 33.65
C ASP G 294 106.40 6.35 33.03
N PRO G 295 106.91 6.73 31.88
CA PRO G 295 107.98 5.91 31.24
C PRO G 295 109.13 6.06 32.19
N ASN G 296 110.13 5.19 32.13
CA ASN G 296 111.32 5.31 33.06
C ASN G 296 110.85 5.75 34.43
N GLY G 297 109.99 4.95 35.09
CA GLY G 297 109.36 5.26 36.38
C GLY G 297 109.25 4.02 37.23
N TRP G 298 109.74 2.92 36.66
CA TRP G 298 109.71 1.66 37.33
C TRP G 298 111.05 1.58 38.05
N THR G 299 112.03 2.24 37.48
CA THR G 299 113.32 2.19 38.14
C THR G 299 113.75 3.60 38.47
N GLU G 300 112.94 4.62 38.11
CA GLU G 300 113.30 6.00 38.44
C GLU G 300 112.33 6.78 39.28
N THR G 301 112.88 7.56 40.20
CA THR G 301 112.09 8.38 41.09
C THR G 301 111.80 9.76 40.52
N ASP G 302 110.57 10.13 40.23
CA ASP G 302 110.32 11.45 39.68
C ASP G 302 109.02 11.88 40.20
N SER G 303 108.33 12.77 39.50
CA SER G 303 106.94 13.04 39.81
C SER G 303 106.38 13.08 38.43
N SER G 304 107.31 13.27 37.51
CA SER G 304 107.01 13.39 36.11
C SER G 304 106.60 12.09 35.48
N PHE G 305 105.65 12.20 34.59
CA PHE G 305 105.12 11.11 33.79
C PHE G 305 104.64 11.82 32.51
N SER G 306 104.26 11.12 31.44
CA SER G 306 103.80 11.79 30.23
C SER G 306 102.32 11.73 29.98
N VAL G 307 101.65 10.67 30.42
CA VAL G 307 100.20 10.61 30.14
C VAL G 307 99.32 10.48 31.37
N LYS G 308 98.02 11.19 31.41
CA LYS G 308 97.18 10.84 32.54
C LYS G 308 95.82 10.56 31.93
N GLN G 309 95.22 9.39 32.13
CA GLN G 309 93.87 9.17 31.61
C GLN G 309 92.88 9.07 32.77
N ASP G 310 91.78 9.82 32.68
CA ASP G 310 90.78 9.90 33.73
C ASP G 310 89.81 8.74 33.65
N ILE G 311 89.47 8.15 34.80
CA ILE G 311 88.54 7.05 34.86
C ILE G 311 87.36 7.34 35.78
N VAL G 312 87.67 7.83 36.98
CA VAL G 312 86.60 8.17 37.90
C VAL G 312 86.96 9.52 38.51
N ALA G 313 86.03 10.51 38.54
CA ALA G 313 86.33 11.86 39.06
C ALA G 313 86.67 11.80 40.55
N ILE G 314 87.49 12.73 41.10
CA ILE G 314 87.80 12.77 42.56
C ILE G 314 86.47 12.89 43.29
N THR G 315 85.43 13.31 42.57
CA THR G 315 84.23 13.58 43.30
C THR G 315 83.41 12.34 43.50
N ASP G 316 83.80 11.23 42.87
CA ASP G 316 83.05 9.92 43.01
C ASP G 316 83.90 8.82 43.65
N TRP G 317 83.25 7.91 44.36
CA TRP G 317 83.99 6.89 45.12
C TRP G 317 84.61 5.85 44.22
N SER G 318 85.67 5.25 44.70
CA SER G 318 86.27 4.20 43.96
C SER G 318 86.63 3.10 44.91
N GLY G 319 87.82 2.56 44.75
CA GLY G 319 88.22 1.56 45.69
C GLY G 319 89.27 0.63 45.16
N TYR G 320 89.18 -0.63 45.57
CA TYR G 320 90.05 -1.69 45.10
C TYR G 320 90.07 -1.67 43.62
N SER G 321 91.20 -2.09 43.08
CA SER G 321 91.38 -2.22 41.63
C SER G 321 92.38 -3.30 41.37
N GLY G 322 92.31 -3.93 40.21
CA GLY G 322 93.22 -5.02 39.99
C GLY G 322 93.40 -5.25 38.53
N SER G 323 94.49 -5.97 38.26
CA SER G 323 94.81 -6.22 36.87
C SER G 323 94.26 -7.55 36.35
N PHE G 324 93.93 -7.65 35.05
CA PHE G 324 93.58 -8.96 34.49
C PHE G 324 94.03 -9.07 33.07
N VAL G 325 94.26 -10.36 32.69
CA VAL G 325 94.85 -10.68 31.36
C VAL G 325 93.93 -11.36 30.35
N GLN G 326 94.03 -10.65 29.11
CA GLN G 326 93.45 -11.41 28.00
C GLN G 326 94.67 -12.10 27.40
N HIS G 327 94.75 -13.41 27.45
CA HIS G 327 95.79 -14.17 26.78
C HIS G 327 95.54 -14.35 25.30
N PRO G 328 96.63 -14.34 24.54
CA PRO G 328 96.42 -14.50 23.11
C PRO G 328 95.70 -15.73 22.79
N GLU G 329 95.53 -16.72 23.72
CA GLU G 329 94.62 -17.87 23.35
C GLU G 329 93.14 -17.47 23.23
N LEU G 330 92.77 -16.30 23.72
CA LEU G 330 91.40 -15.78 23.75
C LEU G 330 91.11 -14.82 22.69
N THR G 331 92.13 -14.00 22.50
CA THR G 331 92.07 -12.84 21.65
C THR G 331 92.45 -13.09 20.19
N GLY G 332 93.48 -13.90 19.97
CA GLY G 332 94.04 -14.09 18.65
C GLY G 332 95.17 -13.14 18.45
N LEU G 333 95.37 -12.25 19.42
CA LEU G 333 96.50 -11.31 19.34
C LEU G 333 97.79 -12.12 19.50
N ASP G 334 98.95 -11.53 19.20
CA ASP G 334 100.23 -12.20 19.39
C ASP G 334 100.91 -11.67 20.63
N CYS G 335 100.17 -10.98 21.51
CA CYS G 335 100.68 -10.58 22.83
C CYS G 335 99.66 -10.71 23.96
N ILE G 336 100.08 -10.52 25.19
CA ILE G 336 99.17 -10.57 26.31
C ILE G 336 98.48 -9.22 26.55
N ARG G 337 97.16 -9.22 26.43
CA ARG G 337 96.32 -8.05 26.69
C ARG G 337 96.23 -7.57 28.12
N PRO G 338 96.75 -6.39 28.40
CA PRO G 338 96.54 -5.87 29.76
C PRO G 338 95.17 -5.17 29.93
N CYS G 339 94.50 -5.44 31.03
CA CYS G 339 93.18 -4.89 31.34
C CYS G 339 93.19 -4.64 32.84
N PHE G 340 92.13 -4.03 33.34
CA PHE G 340 92.06 -3.83 34.78
C PHE G 340 90.64 -3.54 35.20
N TRP G 341 90.38 -3.65 36.47
CA TRP G 341 89.01 -3.43 36.95
C TRP G 341 89.12 -2.56 38.17
N VAL G 342 88.03 -1.90 38.42
CA VAL G 342 87.98 -1.02 39.54
C VAL G 342 86.73 -1.25 40.34
N GLU G 343 86.84 -1.30 41.63
CA GLU G 343 85.67 -1.55 42.50
C GLU G 343 85.16 -0.18 42.92
N LEU G 344 83.90 0.12 42.62
CA LEU G 344 83.29 1.32 43.15
C LEU G 344 82.54 1.01 44.44
N ILE G 345 83.17 1.30 45.55
CA ILE G 345 82.61 1.07 46.85
C ILE G 345 81.65 2.10 47.29
N ARG G 346 80.49 1.63 47.75
CA ARG G 346 79.45 2.52 48.25
C ARG G 346 79.03 2.05 49.59
N GLY G 347 78.62 2.98 50.41
CA GLY G 347 78.19 2.60 51.74
C GLY G 347 79.15 3.01 52.79
N ARG G 348 79.22 2.23 53.86
CA ARG G 348 80.21 2.50 54.94
C ARG G 348 81.64 2.24 54.46
N PRO G 349 82.62 2.84 55.10
CA PRO G 349 82.58 3.82 56.17
C PRO G 349 82.38 5.30 55.73
N LYS G 350 82.29 5.56 54.41
CA LYS G 350 82.26 6.94 53.91
C LYS G 350 80.85 7.49 53.88
N GLU G 351 79.88 6.62 53.62
CA GLU G 351 78.52 7.09 53.47
C GLU G 351 77.64 6.66 54.62
N SER G 352 76.51 7.37 54.90
CA SER G 352 75.66 7.03 56.03
C SER G 352 74.62 5.93 55.65
N THR G 353 75.06 4.67 55.60
CA THR G 353 74.17 3.52 55.31
C THR G 353 74.58 2.47 56.30
N ILE G 354 73.95 1.29 56.23
CA ILE G 354 74.32 0.24 57.16
C ILE G 354 75.05 -0.90 56.43
N TRP G 355 75.27 -0.72 55.14
CA TRP G 355 75.98 -1.71 54.32
C TRP G 355 77.13 -1.16 53.51
N THR G 356 77.85 -2.07 52.87
CA THR G 356 78.99 -1.68 52.02
C THR G 356 78.99 -2.61 50.83
N SER G 357 79.10 -2.06 49.64
CA SER G 357 79.15 -2.95 48.50
C SER G 357 79.77 -2.23 47.34
N GLY G 358 80.25 -2.98 46.35
CA GLY G 358 80.84 -2.30 45.20
C GLY G 358 80.34 -2.70 43.83
N SER G 359 80.24 -1.72 42.93
CA SER G 359 79.97 -1.99 41.52
C SER G 359 81.33 -2.16 40.87
N SER G 360 81.35 -2.43 39.58
CA SER G 360 82.61 -2.62 38.90
C SER G 360 82.60 -2.06 37.50
N ILE G 361 83.75 -1.55 37.11
CA ILE G 361 84.00 -1.13 35.73
C ILE G 361 85.33 -1.76 35.39
N SER G 362 85.60 -1.89 34.10
CA SER G 362 86.92 -2.41 33.65
C SER G 362 87.24 -1.77 32.36
N PHE G 363 88.46 -1.97 31.97
CA PHE G 363 89.03 -1.36 30.76
C PHE G 363 90.09 -2.36 30.24
N CYS G 364 90.51 -2.19 28.99
CA CYS G 364 91.53 -3.08 28.46
C CYS G 364 92.58 -2.26 27.65
N GLY G 365 93.77 -2.81 27.49
CA GLY G 365 94.91 -2.14 26.84
C GLY G 365 94.54 -1.31 25.65
N VAL G 366 94.65 -1.83 24.40
CA VAL G 366 94.29 -1.00 23.19
C VAL G 366 95.37 -0.02 22.61
N ASN G 367 95.62 -0.17 21.32
CA ASN G 367 96.56 0.62 20.53
C ASN G 367 95.87 1.85 20.03
N SER G 368 94.65 1.72 19.48
CA SER G 368 93.89 2.88 18.99
C SER G 368 93.74 3.88 20.12
N ASP G 369 92.97 4.95 19.92
CA ASP G 369 92.99 5.84 21.04
C ASP G 369 91.74 5.86 21.91
N THR G 370 91.83 6.46 23.11
CA THR G 370 90.68 6.56 23.96
C THR G 370 90.30 7.95 24.36
N VAL G 371 89.68 7.99 25.54
CA VAL G 371 89.25 9.20 26.15
C VAL G 371 89.28 8.98 27.64
N GLY G 372 89.60 10.04 28.38
CA GLY G 372 89.39 10.02 29.82
C GLY G 372 87.95 10.44 30.07
N TRP G 373 87.40 10.10 31.24
CA TRP G 373 86.01 10.43 31.60
C TRP G 373 85.75 9.91 33.02
N SER G 374 84.50 9.91 33.48
CA SER G 374 84.17 9.40 34.79
C SER G 374 83.03 8.46 34.65
N TRP G 375 83.28 7.20 34.98
CA TRP G 375 82.27 6.14 34.96
C TRP G 375 82.10 5.66 36.38
N PRO G 376 81.51 6.48 37.21
CA PRO G 376 81.22 6.13 38.62
C PRO G 376 80.10 5.13 38.79
N ASP G 377 79.83 4.84 40.04
CA ASP G 377 78.74 3.91 40.41
C ASP G 377 77.35 4.50 40.01
N GLY G 378 77.11 5.75 40.40
CA GLY G 378 75.87 6.43 40.09
C GLY G 378 74.60 5.97 40.81
N ALA G 379 74.75 5.20 41.90
CA ALA G 379 73.63 4.87 42.75
C ALA G 379 73.37 6.04 43.69
N GLU G 380 72.10 6.21 44.06
CA GLU G 380 71.73 7.26 44.94
C GLU G 380 71.60 6.70 46.30
N LEU G 381 72.37 7.20 47.24
CA LEU G 381 72.26 6.69 48.60
C LEU G 381 71.68 7.79 49.45
N PRO G 382 71.11 7.46 50.64
CA PRO G 382 70.97 6.06 51.18
C PRO G 382 69.83 5.29 50.49
N PHE G 383 69.88 3.95 50.62
CA PHE G 383 68.85 3.06 50.08
C PHE G 383 67.63 2.93 51.02
N THR G 384 66.57 2.24 50.55
CA THR G 384 65.43 1.98 51.45
C THR G 384 65.93 1.45 52.83
N ILE G 385 67.22 1.16 52.92
CA ILE G 385 67.96 0.77 54.09
C ILE G 385 67.62 -0.65 54.20
N VAL H 1 67.28 -36.27 13.08
CA VAL H 1 66.48 -37.47 12.60
C VAL H 1 65.01 -37.37 13.00
N LYS H 2 64.16 -37.29 11.98
CA LYS H 2 62.70 -37.26 12.21
C LYS H 2 62.07 -38.32 13.16
N LEU H 3 61.07 -37.85 13.94
CA LEU H 3 60.31 -38.68 14.90
C LEU H 3 59.36 -39.57 14.14
N ALA H 4 59.44 -40.88 14.39
CA ALA H 4 58.66 -41.77 13.58
C ALA H 4 57.45 -42.11 14.42
N GLY H 5 56.24 -42.02 13.87
CA GLY H 5 55.10 -42.32 14.78
C GLY H 5 54.50 -43.68 14.48
N ASN H 6 55.34 -44.65 14.13
CA ASN H 6 54.88 -45.94 13.63
C ASN H 6 54.39 -46.88 14.75
N SER H 7 54.96 -46.79 15.94
CA SER H 7 54.56 -47.73 17.03
C SER H 7 53.18 -47.42 17.62
N SER H 8 52.72 -48.26 18.56
CA SER H 8 51.35 -48.10 19.08
C SER H 8 51.37 -47.61 20.53
N LEU H 9 50.30 -46.98 21.01
CA LEU H 9 50.27 -46.55 22.38
C LEU H 9 50.66 -47.68 23.27
N CYS H 10 51.53 -47.42 24.23
CA CYS H 10 51.92 -48.43 25.21
C CYS H 10 50.77 -48.87 26.07
N PRO H 11 50.75 -50.15 26.41
CA PRO H 11 49.72 -50.63 27.31
C PRO H 11 50.01 -50.06 28.70
N ILE H 12 48.96 -49.74 29.45
CA ILE H 12 49.13 -49.15 30.77
C ILE H 12 48.08 -49.65 31.74
N ASN H 13 48.35 -49.50 33.02
CA ASN H 13 47.37 -49.87 34.07
C ASN H 13 46.82 -48.68 34.86
N GLY H 14 47.69 -47.68 35.03
CA GLY H 14 47.37 -46.48 35.82
C GLY H 14 48.22 -45.31 35.40
N TRP H 15 48.25 -44.24 36.17
CA TRP H 15 48.99 -43.08 35.78
C TRP H 15 49.87 -42.67 36.90
N ALA H 16 51.10 -42.28 36.64
CA ALA H 16 52.01 -41.82 37.68
C ALA H 16 52.23 -40.31 37.60
N VAL H 17 52.45 -39.65 38.75
CA VAL H 17 52.74 -38.21 38.83
C VAL H 17 54.06 -37.93 38.14
N TYR H 18 54.04 -37.04 37.17
CA TYR H 18 55.23 -36.69 36.41
C TYR H 18 55.69 -35.34 36.86
N SER H 19 54.80 -34.32 36.83
CA SER H 19 55.18 -32.99 37.20
C SER H 19 54.10 -32.22 37.94
N LYS H 20 54.54 -31.14 38.59
CA LYS H 20 53.71 -30.18 39.28
C LYS H 20 54.52 -28.88 39.47
N ASP H 21 54.08 -27.81 38.82
CA ASP H 21 54.79 -26.55 38.81
C ASP H 21 54.62 -25.68 40.04
N ASN H 22 53.53 -25.90 40.78
CA ASN H 22 53.16 -25.10 41.95
C ASN H 22 53.22 -23.63 41.62
N SER H 23 53.05 -23.28 40.35
CA SER H 23 53.23 -21.92 39.94
C SER H 23 52.51 -20.82 40.68
N ILE H 24 51.21 -20.97 40.88
CA ILE H 24 50.47 -19.96 41.55
C ILE H 24 50.90 -19.84 42.99
N ARG H 25 51.34 -20.92 43.63
CA ARG H 25 51.79 -20.83 45.03
C ARG H 25 53.05 -19.94 45.03
N ILE H 26 53.95 -20.24 44.07
CA ILE H 26 55.24 -19.63 43.95
C ILE H 26 55.04 -18.16 43.64
N GLY H 27 54.14 -17.85 42.72
CA GLY H 27 53.89 -16.51 42.31
C GLY H 27 53.31 -15.55 43.33
N SER H 28 52.95 -16.05 44.50
CA SER H 28 52.56 -15.17 45.58
C SER H 28 53.69 -14.18 45.81
N LYS H 29 54.93 -14.64 45.70
CA LYS H 29 56.01 -13.73 45.90
C LYS H 29 56.91 -13.65 44.71
N GLY H 30 57.12 -14.77 44.01
CA GLY H 30 58.07 -14.85 42.87
C GLY H 30 57.54 -14.16 41.66
N ASP H 31 58.37 -13.96 40.63
CA ASP H 31 57.86 -13.29 39.40
C ASP H 31 57.41 -14.33 38.40
N VAL H 32 56.20 -14.85 38.62
CA VAL H 32 55.59 -15.89 37.77
C VAL H 32 54.51 -15.30 36.90
N PHE H 33 54.47 -15.73 35.64
CA PHE H 33 53.47 -15.31 34.70
C PHE H 33 52.10 -15.87 35.06
N VAL H 34 51.11 -15.08 34.78
CA VAL H 34 49.72 -15.48 34.91
C VAL H 34 49.52 -16.18 33.59
N ILE H 35 49.05 -17.42 33.64
CA ILE H 35 48.96 -18.19 32.43
C ILE H 35 47.70 -18.98 32.31
N ARG H 36 47.46 -19.38 31.07
CA ARG H 36 46.34 -20.30 30.77
C ARG H 36 46.85 -21.39 29.84
N GLU H 37 46.15 -22.51 29.81
CA GLU H 37 46.46 -23.61 28.93
C GLU H 37 47.89 -23.94 28.81
N PRO H 38 48.48 -24.41 29.91
CA PRO H 38 49.88 -24.73 29.98
C PRO H 38 50.09 -26.16 29.47
N PHE H 39 49.84 -26.40 28.20
CA PHE H 39 50.10 -27.73 27.71
C PHE H 39 51.60 -28.14 27.63
N ILE H 40 51.90 -29.42 27.87
CA ILE H 40 53.23 -29.97 27.77
C ILE H 40 53.43 -30.57 26.38
N SER H 41 54.67 -30.59 25.89
CA SER H 41 54.96 -31.28 24.63
C SER H 41 56.44 -31.64 24.68
N CYS H 42 56.76 -32.78 24.08
CA CYS H 42 58.17 -33.26 24.21
C CYS H 42 58.92 -33.36 22.94
N SER H 43 60.25 -33.36 23.03
CA SER H 43 61.10 -33.43 21.83
C SER H 43 61.79 -34.72 22.03
N HIS H 44 62.83 -34.95 21.27
CA HIS H 44 63.56 -36.20 21.33
C HIS H 44 64.60 -36.11 22.45
N LEU H 45 64.45 -35.12 23.34
CA LEU H 45 65.41 -34.91 24.42
C LEU H 45 64.84 -34.40 25.74
N GLU H 46 63.85 -33.52 25.61
CA GLU H 46 63.25 -32.91 26.77
C GLU H 46 61.78 -32.68 26.57
N CYS H 47 61.12 -32.40 27.68
CA CYS H 47 59.74 -32.08 27.63
C CYS H 47 59.64 -30.65 28.09
N ARG H 48 58.74 -29.90 27.46
CA ARG H 48 58.59 -28.49 27.85
C ARG H 48 57.16 -28.15 28.14
N THR H 49 56.87 -27.04 28.80
CA THR H 49 55.52 -26.59 29.11
C THR H 49 55.31 -25.32 28.36
N PHE H 50 54.40 -25.37 27.37
CA PHE H 50 54.05 -24.16 26.62
C PHE H 50 52.87 -23.56 27.32
N PHE H 51 52.66 -22.29 27.08
CA PHE H 51 51.54 -21.60 27.66
C PHE H 51 51.35 -20.24 27.10
N LEU H 52 50.18 -19.68 27.37
CA LEU H 52 49.83 -18.35 26.95
C LEU H 52 49.87 -17.44 28.14
N THR H 53 50.37 -16.25 27.97
CA THR H 53 50.45 -15.29 29.05
C THR H 53 49.84 -14.01 28.53
N GLN H 54 49.13 -13.32 29.41
CA GLN H 54 48.61 -11.97 29.15
C GLN H 54 49.73 -10.99 29.17
N GLY H 55 50.89 -11.44 29.56
CA GLY H 55 52.01 -10.55 29.64
C GLY H 55 51.98 -9.77 30.91
N ALA H 56 51.62 -10.46 31.97
CA ALA H 56 51.61 -9.95 33.34
C ALA H 56 52.06 -11.03 34.31
N LEU H 57 52.39 -10.59 35.51
CA LEU H 57 52.73 -11.51 36.56
C LEU H 57 51.68 -11.53 37.69
N LEU H 58 51.64 -12.62 38.43
CA LEU H 58 50.70 -12.81 39.52
C LEU H 58 50.99 -11.81 40.56
N ASN H 59 49.95 -11.36 41.20
CA ASN H 59 50.09 -10.27 42.15
C ASN H 59 50.56 -8.91 41.64
N ASP H 60 50.33 -8.59 40.37
CA ASP H 60 50.64 -7.28 39.86
C ASP H 60 49.37 -6.74 39.19
N LYS H 61 49.18 -5.41 39.23
CA LYS H 61 48.01 -4.81 38.66
C LYS H 61 47.66 -5.31 37.27
N HIS H 62 48.67 -5.65 36.49
CA HIS H 62 48.42 -6.13 35.16
C HIS H 62 47.71 -7.50 35.00
N SER H 63 47.49 -8.21 36.11
CA SER H 63 46.79 -9.47 36.01
C SER H 63 45.31 -9.16 36.07
N ASN H 64 44.95 -7.86 35.97
CA ASN H 64 43.54 -7.41 36.09
C ASN H 64 42.56 -8.28 35.31
N GLY H 65 43.02 -8.94 34.26
CA GLY H 65 42.29 -10.11 33.69
C GLY H 65 40.89 -9.82 33.19
N THR H 66 40.33 -8.64 33.44
CA THR H 66 39.03 -8.22 32.80
C THR H 66 39.16 -8.03 31.24
N VAL H 67 40.43 -7.89 30.80
CA VAL H 67 40.79 -7.89 29.38
C VAL H 67 40.12 -9.09 28.58
N LYS H 68 39.69 -8.78 27.33
CA LYS H 68 39.31 -9.82 26.35
C LYS H 68 40.36 -10.99 26.35
N ASP H 69 39.90 -12.27 26.41
CA ASP H 69 40.74 -13.47 26.31
C ASP H 69 41.73 -13.44 25.14
N ARG H 70 41.27 -12.85 24.04
CA ARG H 70 42.08 -12.74 22.86
C ARG H 70 42.72 -11.34 22.71
N SER H 71 43.67 -10.99 23.60
CA SER H 71 44.23 -9.64 23.52
C SER H 71 45.49 -9.62 22.70
N PRO H 72 45.97 -8.41 22.39
CA PRO H 72 47.24 -8.44 21.67
C PRO H 72 48.44 -8.73 22.53
N HIS H 73 48.27 -8.87 23.84
CA HIS H 73 49.40 -9.09 24.74
C HIS H 73 49.57 -10.54 25.10
N ARG H 74 48.70 -11.39 24.55
CA ARG H 74 48.76 -12.84 24.75
C ARG H 74 49.94 -13.36 23.91
N THR H 75 50.87 -14.06 24.56
CA THR H 75 51.92 -14.63 23.83
C THR H 75 52.17 -16.04 24.22
N LEU H 76 52.69 -16.81 23.26
CA LEU H 76 53.05 -18.18 23.58
C LEU H 76 54.49 -18.31 24.00
N MET H 77 54.66 -18.98 25.12
CA MET H 77 55.95 -19.11 25.70
C MET H 77 56.11 -20.50 26.25
N SER H 78 57.37 -20.83 26.50
CA SER H 78 57.68 -22.13 27.11
C SER H 78 58.81 -22.15 28.10
N CYS H 79 58.74 -23.13 28.99
CA CYS H 79 59.80 -23.37 29.90
C CYS H 79 59.85 -24.84 30.21
N PRO H 80 60.91 -25.31 30.86
CA PRO H 80 61.04 -26.73 31.21
C PRO H 80 59.95 -27.21 32.16
N VAL H 81 59.36 -28.38 31.89
CA VAL H 81 58.29 -28.96 32.75
C VAL H 81 58.55 -28.94 34.23
N GLY H 82 57.52 -28.62 34.99
CA GLY H 82 57.66 -28.64 36.44
C GLY H 82 58.26 -27.36 37.01
N GLU H 83 58.77 -26.46 36.17
CA GLU H 83 59.31 -25.24 36.68
C GLU H 83 58.22 -24.19 36.60
N ALA H 84 58.27 -23.18 37.49
CA ALA H 84 57.24 -22.15 37.49
C ALA H 84 57.48 -21.25 36.27
N PRO H 85 56.46 -21.00 35.44
CA PRO H 85 56.76 -20.20 34.27
C PRO H 85 57.03 -18.71 34.61
N SER H 86 58.23 -18.23 34.31
CA SER H 86 58.55 -16.89 34.73
C SER H 86 59.32 -16.20 33.63
N PRO H 87 59.33 -14.86 33.63
CA PRO H 87 60.10 -14.25 32.57
C PRO H 87 61.61 -14.59 32.64
N TYR H 88 62.07 -15.28 33.67
CA TYR H 88 63.51 -15.56 33.80
C TYR H 88 63.87 -16.96 33.42
N ASN H 89 62.88 -17.79 33.22
CA ASN H 89 63.14 -19.18 32.80
C ASN H 89 62.28 -19.56 31.59
N SER H 90 61.53 -18.59 31.05
CA SER H 90 60.71 -18.80 29.92
C SER H 90 61.27 -18.26 28.66
N ARG H 91 61.26 -19.16 27.68
CA ARG H 91 61.55 -18.89 26.30
C ARG H 91 60.33 -18.34 25.55
N PHE H 92 60.58 -17.38 24.67
CA PHE H 92 59.46 -16.78 23.89
C PHE H 92 59.15 -17.64 22.67
N GLU H 93 57.89 -17.79 22.37
CA GLU H 93 57.53 -18.61 21.23
C GLU H 93 56.83 -17.81 20.16
N SER H 94 55.77 -17.13 20.54
CA SER H 94 55.05 -16.43 19.54
C SER H 94 54.01 -15.46 20.14
N VAL H 95 53.49 -14.59 19.28
CA VAL H 95 52.44 -13.74 19.70
C VAL H 95 51.15 -14.48 19.39
N ALA H 96 50.41 -14.87 20.41
CA ALA H 96 49.19 -15.59 20.11
C ALA H 96 48.22 -15.69 21.28
N TRP H 97 46.94 -15.83 20.97
CA TRP H 97 45.87 -16.03 21.98
C TRP H 97 45.19 -17.39 21.83
N SER H 98 45.84 -18.22 21.02
CA SER H 98 45.44 -19.57 20.79
C SER H 98 46.68 -20.18 20.17
N ALA H 99 47.06 -21.37 20.59
CA ALA H 99 48.19 -21.96 19.97
C ALA H 99 48.31 -23.45 20.05
N SER H 100 49.42 -23.94 19.50
CA SER H 100 49.83 -25.32 19.66
C SER H 100 51.26 -25.44 19.22
N ALA H 101 51.89 -26.53 19.59
CA ALA H 101 53.28 -26.79 19.30
C ALA H 101 53.62 -28.27 19.29
N CYS H 102 54.70 -28.61 18.58
CA CYS H 102 55.12 -29.99 18.53
C CYS H 102 56.47 -30.10 17.86
N HIS H 103 57.25 -31.10 18.27
CA HIS H 103 58.62 -31.27 17.77
C HIS H 103 58.66 -32.43 16.81
N ASP H 104 59.36 -32.29 15.69
CA ASP H 104 59.34 -33.40 14.75
C ASP H 104 60.55 -34.29 14.80
N GLY H 105 61.40 -34.12 15.82
CA GLY H 105 62.63 -34.92 15.92
C GLY H 105 63.81 -34.02 15.58
N THR H 106 63.49 -32.95 14.81
CA THR H 106 64.52 -31.99 14.41
C THR H 106 64.41 -30.63 15.05
N SER H 107 63.27 -29.99 14.86
CA SER H 107 63.05 -28.65 15.39
C SER H 107 61.62 -28.53 15.94
N TRP H 108 61.33 -27.42 16.60
CA TRP H 108 60.04 -27.20 17.23
C TRP H 108 59.17 -26.42 16.28
N LEU H 109 57.92 -26.83 16.16
CA LEU H 109 56.99 -26.16 15.33
C LEU H 109 56.08 -25.53 16.32
N THR H 110 55.84 -24.24 16.14
CA THR H 110 54.92 -23.54 17.01
C THR H 110 53.86 -22.87 16.14
N ILE H 111 52.60 -22.92 16.57
CA ILE H 111 51.57 -22.29 15.80
C ILE H 111 50.96 -21.24 16.71
N GLY H 112 51.15 -19.94 16.43
CA GLY H 112 50.46 -18.93 17.22
C GLY H 112 49.44 -18.15 16.42
N ILE H 113 48.24 -17.96 16.96
CA ILE H 113 47.20 -17.24 16.29
C ILE H 113 47.01 -15.89 16.96
N SER H 114 47.05 -14.81 16.21
CA SER H 114 46.84 -13.52 16.75
C SER H 114 46.03 -12.79 15.71
N GLY H 115 45.67 -11.52 15.98
CA GLY H 115 44.91 -10.69 15.01
C GLY H 115 43.48 -10.48 15.54
N PRO H 116 42.64 -9.76 14.76
CA PRO H 116 41.27 -9.54 15.20
C PRO H 116 40.45 -10.81 15.12
N ASP H 117 39.23 -10.76 15.68
CA ASP H 117 38.30 -11.88 15.60
C ASP H 117 37.87 -12.17 14.17
N ASN H 118 37.84 -11.13 13.34
CA ASN H 118 37.27 -11.26 12.03
C ASN H 118 38.29 -11.54 10.98
N GLY H 119 39.51 -11.80 11.41
CA GLY H 119 40.57 -11.93 10.42
C GLY H 119 41.85 -12.54 10.97
N ALA H 120 41.80 -13.34 12.01
CA ALA H 120 43.05 -13.70 12.64
C ALA H 120 43.91 -14.48 11.70
N VAL H 121 45.17 -14.57 12.09
CA VAL H 121 46.15 -15.33 11.39
C VAL H 121 47.07 -16.13 12.37
N ALA H 122 47.36 -17.37 11.94
CA ALA H 122 48.26 -18.28 12.58
C ALA H 122 49.59 -18.13 11.91
N VAL H 123 50.58 -17.85 12.74
CA VAL H 123 51.92 -17.72 12.28
C VAL H 123 52.57 -19.05 12.68
N LEU H 124 53.16 -19.73 11.70
CA LEU H 124 53.76 -21.01 11.99
C LEU H 124 55.24 -20.81 11.99
N LYS H 125 55.91 -21.38 13.00
CA LYS H 125 57.36 -21.22 13.13
C LYS H 125 57.99 -22.59 13.27
N TYR H 126 59.16 -22.69 12.72
CA TYR H 126 59.84 -23.94 12.86
C TYR H 126 61.25 -23.51 13.31
N ASN H 127 61.69 -24.00 14.47
CA ASN H 127 62.95 -23.52 15.06
C ASN H 127 62.94 -22.00 15.25
N GLY H 128 61.77 -21.42 15.57
CA GLY H 128 61.66 -20.00 15.83
C GLY H 128 61.68 -19.09 14.59
N ILE H 129 61.68 -19.62 13.38
CA ILE H 129 61.52 -18.66 12.26
C ILE H 129 60.20 -18.96 11.52
N ILE H 130 59.45 -17.94 11.11
CA ILE H 130 58.20 -18.12 10.37
C ILE H 130 58.39 -18.89 9.10
N THR H 131 57.54 -19.90 8.91
CA THR H 131 57.61 -20.79 7.73
C THR H 131 56.28 -20.86 7.00
N ASP H 132 55.23 -20.24 7.58
CA ASP H 132 53.99 -20.20 6.89
C ASP H 132 52.99 -19.34 7.60
N THR H 133 51.86 -19.07 6.97
CA THR H 133 50.80 -18.30 7.59
C THR H 133 49.48 -18.87 7.16
N ILE H 134 48.54 -18.97 8.10
CA ILE H 134 47.15 -19.39 7.81
C ILE H 134 46.11 -18.35 8.28
N LYS H 135 45.42 -17.75 7.30
CA LYS H 135 44.39 -16.72 7.57
C LYS H 135 43.13 -17.43 7.93
N SER H 136 42.33 -16.75 8.74
CA SER H 136 40.94 -17.19 9.03
C SER H 136 40.18 -17.30 7.71
N TRP H 137 39.43 -18.39 7.52
CA TRP H 137 38.66 -18.66 6.27
C TRP H 137 37.18 -18.46 6.41
N ARG H 138 36.79 -18.26 7.65
CA ARG H 138 35.42 -17.89 7.96
C ARG H 138 35.30 -16.52 8.61
N ASN H 139 36.41 -15.86 8.93
CA ASN H 139 36.35 -14.56 9.62
C ASN H 139 35.59 -14.59 10.95
N ASN H 140 35.83 -15.62 11.75
CA ASN H 140 35.20 -15.69 13.03
C ASN H 140 35.99 -16.49 14.07
N ILE H 141 36.96 -15.80 14.65
CA ILE H 141 37.84 -16.34 15.70
C ILE H 141 38.52 -17.64 15.31
N LEU H 142 39.46 -17.56 14.36
CA LEU H 142 40.19 -18.75 13.97
C LEU H 142 40.87 -19.25 15.25
N ARG H 143 40.89 -20.57 15.50
CA ARG H 143 41.47 -21.06 16.73
C ARG H 143 41.93 -22.47 16.60
N THR H 144 42.65 -22.95 17.63
CA THR H 144 43.30 -24.25 17.48
C THR H 144 43.37 -25.08 18.79
N GLN H 145 44.19 -26.12 18.77
CA GLN H 145 44.28 -27.04 19.89
C GLN H 145 44.50 -26.55 21.33
N GLU H 146 45.38 -25.60 21.57
CA GLU H 146 45.71 -25.21 22.94
C GLU H 146 46.35 -26.41 23.63
N SER H 147 46.90 -27.28 22.80
CA SER H 147 47.65 -28.44 23.22
C SER H 147 48.62 -28.89 22.09
N GLU H 148 49.54 -29.76 22.46
CA GLU H 148 50.45 -30.39 21.56
C GLU H 148 49.84 -30.96 20.30
N CYS H 149 50.43 -30.65 19.17
CA CYS H 149 50.00 -31.24 17.95
C CYS H 149 50.71 -32.55 17.78
N ALA H 150 50.60 -33.17 16.61
CA ALA H 150 51.19 -34.52 16.51
C ALA H 150 51.91 -34.71 15.20
N CYS H 151 53.03 -35.43 15.30
CA CYS H 151 53.97 -35.52 14.16
C CYS H 151 54.25 -36.96 13.85
N VAL H 152 54.29 -37.26 12.56
CA VAL H 152 54.54 -38.64 12.18
C VAL H 152 55.31 -38.67 10.90
N ASN H 153 56.37 -39.45 10.86
CA ASN H 153 57.15 -39.59 9.65
C ASN H 153 57.59 -38.22 9.13
N GLY H 154 57.87 -37.30 10.06
CA GLY H 154 58.39 -35.98 9.71
C GLY H 154 57.36 -34.99 9.24
N SER H 155 56.07 -35.23 9.55
CA SER H 155 54.96 -34.37 9.15
C SER H 155 54.18 -34.12 10.39
N CYS H 156 53.85 -32.88 10.64
CA CYS H 156 53.09 -32.63 11.84
C CYS H 156 51.69 -32.26 11.48
N PHE H 157 50.76 -32.58 12.34
CA PHE H 157 49.37 -32.27 12.03
C PHE H 157 48.69 -31.62 13.21
N THR H 158 47.75 -30.76 12.87
CA THR H 158 46.94 -30.09 13.80
C THR H 158 45.54 -29.83 13.29
N VAL H 159 44.70 -29.34 14.20
CA VAL H 159 43.32 -29.07 13.86
C VAL H 159 42.96 -27.67 14.23
N MET H 160 42.36 -26.99 13.29
CA MET H 160 41.84 -25.65 13.57
C MET H 160 40.35 -25.54 13.30
N THR H 161 39.72 -24.59 13.99
CA THR H 161 38.32 -24.37 13.84
C THR H 161 38.07 -22.89 13.52
N ASP H 162 37.10 -22.66 12.65
CA ASP H 162 36.76 -21.30 12.30
C ASP H 162 35.24 -21.27 12.23
N GLY H 163 34.62 -20.27 12.85
CA GLY H 163 33.14 -20.20 12.82
C GLY H 163 32.59 -20.12 14.22
N PRO H 164 31.27 -20.13 14.33
CA PRO H 164 30.63 -19.90 15.62
C PRO H 164 30.93 -20.99 16.71
N SER H 165 30.79 -20.63 17.98
CA SER H 165 31.19 -21.52 19.08
C SER H 165 29.91 -22.18 19.60
N ASN H 166 28.82 -21.79 18.91
CA ASN H 166 27.40 -22.25 19.04
C ASN H 166 27.18 -23.27 17.93
N GLY H 167 26.26 -22.99 17.01
CA GLY H 167 26.00 -23.93 15.90
C GLY H 167 27.15 -24.28 14.96
N GLN H 168 26.83 -24.91 13.84
CA GLN H 168 27.83 -25.29 12.87
C GLN H 168 29.02 -24.35 12.76
N ALA H 169 30.21 -24.92 12.75
CA ALA H 169 31.40 -24.16 12.48
C ALA H 169 32.21 -24.97 11.51
N SER H 170 33.42 -24.50 11.21
CA SER H 170 34.15 -25.19 10.23
C SER H 170 35.45 -25.78 10.81
N TYR H 171 35.77 -26.99 10.41
CA TYR H 171 36.89 -27.69 10.95
C TYR H 171 37.84 -28.11 9.85
N LYS H 172 39.11 -27.69 9.99
CA LYS H 172 40.18 -28.10 9.07
C LYS H 172 41.30 -28.85 9.77
N ILE H 173 41.92 -29.71 9.00
CA ILE H 173 42.98 -30.55 9.47
C ILE H 173 44.28 -30.16 8.68
N PHE H 174 45.43 -30.00 9.32
CA PHE H 174 46.48 -29.43 8.54
C PHE H 174 47.61 -30.39 8.64
N LYS H 175 48.40 -30.48 7.56
CA LYS H 175 49.57 -31.36 7.52
C LYS H 175 50.69 -30.47 7.12
N MET H 176 51.71 -30.42 7.98
CA MET H 176 52.84 -29.55 7.73
C MET H 176 54.14 -30.26 7.89
N GLU H 177 55.12 -29.80 7.13
CA GLU H 177 56.44 -30.37 7.15
C GLU H 177 57.36 -29.17 7.15
N LYS H 178 58.12 -29.07 8.22
CA LYS H 178 59.11 -27.98 8.38
C LYS H 178 58.28 -26.73 8.54
N GLY H 179 57.25 -26.83 9.36
CA GLY H 179 56.39 -25.70 9.58
C GLY H 179 55.73 -25.10 8.34
N LYS H 180 55.71 -25.81 7.21
CA LYS H 180 54.93 -25.32 6.05
C LYS H 180 53.72 -26.24 5.81
N VAL H 181 52.62 -25.63 5.33
CA VAL H 181 51.42 -26.40 5.13
C VAL H 181 51.60 -27.09 3.81
N VAL H 182 51.58 -28.42 3.81
CA VAL H 182 51.78 -29.12 2.56
C VAL H 182 50.40 -29.57 2.05
N LYS H 183 49.38 -29.62 2.90
CA LYS H 183 48.06 -30.17 2.49
C LYS H 183 47.03 -29.88 3.61
N SER H 184 45.78 -29.52 3.28
CA SER H 184 44.76 -29.31 4.35
C SER H 184 43.44 -29.85 3.89
N VAL H 185 42.54 -30.16 4.83
CA VAL H 185 41.21 -30.69 4.49
C VAL H 185 40.15 -30.24 5.46
N GLU H 186 39.02 -29.81 4.92
CA GLU H 186 37.89 -29.42 5.75
C GLU H 186 37.02 -30.61 5.99
N LEU H 187 36.93 -30.93 7.26
CA LEU H 187 36.08 -32.03 7.70
C LEU H 187 34.64 -31.78 7.33
N ASP H 188 34.03 -32.80 6.76
CA ASP H 188 32.65 -32.69 6.31
C ASP H 188 31.79 -33.31 7.42
N ALA H 189 31.74 -32.57 8.55
CA ALA H 189 31.12 -33.01 9.81
C ALA H 189 29.83 -32.22 10.17
N PRO H 190 28.79 -32.30 9.34
CA PRO H 190 27.57 -31.60 9.71
C PRO H 190 26.97 -32.17 11.01
N ASN H 191 26.47 -31.26 11.85
CA ASN H 191 25.96 -31.52 13.18
C ASN H 191 27.04 -31.83 14.27
N TYR H 192 28.34 -31.84 13.90
CA TYR H 192 29.48 -32.06 14.79
C TYR H 192 30.04 -30.73 15.22
N HIS H 193 30.82 -30.73 16.29
CA HIS H 193 31.48 -29.50 16.72
C HIS H 193 32.79 -29.78 17.38
N TYR H 194 33.88 -29.37 16.75
CA TYR H 194 35.21 -29.62 17.23
C TYR H 194 35.97 -28.39 17.76
N GLU H 195 36.48 -28.51 18.98
CA GLU H 195 37.27 -27.40 19.47
C GLU H 195 38.33 -27.87 20.39
N GLU H 196 39.44 -27.13 20.51
CA GLU H 196 40.57 -27.51 21.35
C GLU H 196 40.89 -28.98 21.29
N CYS H 197 41.09 -29.52 20.10
CA CYS H 197 41.44 -30.94 19.97
C CYS H 197 42.69 -31.37 20.70
N SER H 198 42.61 -32.45 21.45
CA SER H 198 43.86 -33.02 21.97
C SER H 198 44.23 -34.18 21.04
N CYS H 199 45.22 -34.01 20.16
CA CYS H 199 45.66 -35.05 19.24
C CYS H 199 46.90 -35.83 19.68
N TYR H 200 47.04 -37.04 19.18
CA TYR H 200 48.23 -37.81 19.46
C TYR H 200 48.42 -38.75 18.28
N PRO H 201 49.67 -39.17 18.03
CA PRO H 201 50.07 -40.10 17.00
C PRO H 201 49.88 -41.56 17.45
N ASN H 202 49.45 -42.43 16.54
CA ASN H 202 49.27 -43.84 16.93
C ASN H 202 49.39 -44.74 15.70
N ALA H 203 50.41 -45.59 15.70
CA ALA H 203 50.68 -46.48 14.59
C ALA H 203 50.54 -45.71 13.31
N GLY H 204 51.27 -44.63 13.13
CA GLY H 204 51.18 -43.95 11.84
C GLY H 204 50.00 -43.06 11.59
N GLU H 205 49.09 -42.97 12.56
CA GLU H 205 47.86 -42.16 12.34
C GLU H 205 47.57 -41.27 13.53
N ILE H 206 46.84 -40.17 13.28
CA ILE H 206 46.44 -39.27 14.34
C ILE H 206 45.05 -39.49 14.83
N THR H 207 44.88 -39.34 16.15
CA THR H 207 43.56 -39.38 16.76
C THR H 207 43.41 -38.20 17.65
N CYS H 208 42.37 -37.45 17.43
CA CYS H 208 42.05 -36.29 18.23
C CYS H 208 40.68 -36.41 18.95
N VAL H 209 40.68 -36.23 20.25
CA VAL H 209 39.48 -36.19 21.04
C VAL H 209 39.30 -34.69 21.28
N CYS H 210 38.20 -34.08 20.92
CA CYS H 210 38.06 -32.67 21.17
C CYS H 210 36.93 -32.22 22.11
N ARG H 211 36.39 -31.05 21.82
CA ARG H 211 35.43 -30.43 22.66
C ARG H 211 34.27 -29.88 21.84
N ASP H 212 33.09 -30.42 22.06
CA ASP H 212 31.91 -29.93 21.42
C ASP H 212 31.26 -28.97 22.35
N ASN H 213 31.27 -27.72 21.95
CA ASN H 213 30.84 -26.62 22.78
C ASN H 213 29.48 -26.15 22.33
N TRP H 214 29.08 -26.67 21.17
CA TRP H 214 27.73 -26.52 20.60
C TRP H 214 26.66 -27.32 21.38
N HIS H 215 26.78 -28.67 21.34
CA HIS H 215 25.71 -29.48 21.88
C HIS H 215 26.11 -30.93 22.13
N GLY H 216 27.25 -31.09 22.77
CA GLY H 216 27.77 -32.42 23.02
C GLY H 216 28.41 -32.54 24.41
N SER H 217 27.89 -33.47 25.22
CA SER H 217 28.42 -33.67 26.55
C SER H 217 29.43 -34.78 26.46
N ASN H 218 29.38 -35.47 25.33
CA ASN H 218 30.32 -36.53 25.09
C ASN H 218 31.36 -35.88 24.12
N ARG H 219 32.59 -36.37 24.13
CA ARG H 219 33.63 -35.75 23.31
C ARG H 219 33.64 -36.28 21.88
N PRO H 220 33.69 -35.38 20.88
CA PRO H 220 33.80 -35.72 19.44
C PRO H 220 35.23 -36.08 19.06
N TRP H 221 35.44 -36.85 18.01
CA TRP H 221 36.81 -37.17 17.62
C TRP H 221 37.09 -37.18 16.14
N VAL H 222 38.36 -37.07 15.76
CA VAL H 222 38.77 -37.15 14.38
C VAL H 222 40.04 -37.96 14.29
N SER H 223 40.06 -39.01 13.47
CA SER H 223 41.32 -39.75 13.27
C SER H 223 41.56 -39.61 11.80
N PHE H 224 42.84 -39.69 11.42
CA PHE H 224 43.12 -39.54 10.04
C PHE H 224 44.51 -40.03 9.67
N ASN H 225 44.67 -40.56 8.45
CA ASN H 225 45.97 -40.98 8.04
C ASN H 225 46.92 -39.73 7.92
N GLN H 226 48.18 -39.95 6.99
CA GLN H 226 49.16 -38.95 6.74
C GLN H 226 48.71 -38.23 5.49
N ASN H 227 47.67 -38.73 4.83
CA ASN H 227 47.17 -38.06 3.64
C ASN H 227 45.88 -37.36 3.88
N LEU H 228 45.58 -37.24 5.16
CA LEU H 228 44.39 -36.52 5.60
C LEU H 228 43.03 -37.16 5.19
N GLU H 229 42.97 -38.49 5.20
CA GLU H 229 41.73 -39.13 4.83
C GLU H 229 41.25 -39.43 6.22
N TYR H 230 40.03 -39.06 6.58
CA TYR H 230 39.64 -39.11 7.99
C TYR H 230 38.34 -39.88 8.22
N GLN H 231 38.07 -40.03 9.52
CA GLN H 231 36.88 -40.60 10.15
C GLN H 231 36.48 -39.77 11.35
N ILE H 232 35.20 -39.57 11.56
CA ILE H 232 34.72 -38.72 12.65
C ILE H 232 33.72 -39.48 13.46
N GLY H 233 33.32 -38.90 14.59
CA GLY H 233 32.39 -39.55 15.50
C GLY H 233 32.49 -38.95 16.89
N TYR H 234 31.85 -39.58 17.86
CA TYR H 234 31.94 -39.14 19.24
C TYR H 234 32.10 -40.39 20.03
N ILE H 235 32.77 -40.26 21.17
CA ILE H 235 32.92 -41.32 22.12
C ILE H 235 31.50 -41.71 22.52
N CYS H 236 31.22 -43.00 22.54
CA CYS H 236 29.89 -43.41 22.85
C CYS H 236 29.72 -43.74 24.31
N SER H 237 30.78 -43.78 25.08
CA SER H 237 30.61 -44.19 26.46
C SER H 237 29.54 -43.38 27.14
N GLY H 238 29.04 -43.93 28.24
CA GLY H 238 28.02 -43.27 28.98
C GLY H 238 28.71 -42.45 30.02
N VAL H 239 29.99 -42.75 30.22
CA VAL H 239 30.85 -41.96 31.09
C VAL H 239 31.25 -40.76 30.30
N PHE H 240 30.43 -39.73 30.37
CA PHE H 240 30.59 -38.55 29.59
C PHE H 240 31.83 -37.84 30.01
N GLY H 241 32.62 -37.38 29.01
CA GLY H 241 33.91 -36.74 29.26
C GLY H 241 34.05 -35.23 29.30
N ASP H 242 33.02 -34.53 28.84
CA ASP H 242 32.98 -33.08 28.80
C ASP H 242 32.55 -32.52 30.16
N ASN H 243 32.51 -31.20 30.21
CA ASN H 243 32.09 -30.47 31.35
C ASN H 243 31.75 -29.09 30.85
N PRO H 244 30.49 -28.69 31.04
CA PRO H 244 29.45 -29.38 31.75
C PRO H 244 29.00 -30.69 31.05
N ARG H 245 28.35 -31.55 31.85
CA ARG H 245 27.73 -32.81 31.36
C ARG H 245 26.63 -33.34 32.30
N PRO H 246 25.82 -34.26 31.80
CA PRO H 246 24.83 -34.89 32.65
C PRO H 246 25.46 -36.03 33.43
N ASN H 247 24.72 -36.62 34.36
CA ASN H 247 25.30 -37.73 35.13
C ASN H 247 25.44 -38.91 34.16
N ASP H 248 26.27 -39.89 34.53
CA ASP H 248 26.59 -40.96 33.64
C ASP H 248 25.41 -41.88 33.44
N GLY H 249 24.58 -41.62 32.42
CA GLY H 249 23.46 -42.49 32.04
C GLY H 249 23.77 -43.27 30.77
N THR H 250 23.07 -42.99 29.69
CA THR H 250 23.28 -43.75 28.48
C THR H 250 23.75 -42.87 27.38
N GLY H 251 24.87 -43.27 26.78
CA GLY H 251 25.44 -42.44 25.73
C GLY H 251 24.97 -42.85 24.38
N SER H 252 25.77 -42.12 23.38
CA SER H 252 25.56 -42.36 21.96
C SER H 252 26.78 -41.93 21.31
N CYS H 253 26.84 -42.14 20.02
CA CYS H 253 27.99 -41.69 19.31
C CYS H 253 27.59 -40.51 18.47
N GLY H 254 26.57 -39.76 18.90
CA GLY H 254 26.08 -38.59 18.24
C GLY H 254 25.86 -37.66 19.42
N PRO H 255 26.55 -36.54 19.46
CA PRO H 255 26.50 -35.55 20.49
C PRO H 255 25.29 -35.66 21.37
N VAL H 256 25.59 -35.97 22.61
CA VAL H 256 24.59 -36.06 23.60
C VAL H 256 24.21 -34.62 23.92
N SER H 257 22.95 -34.19 23.71
CA SER H 257 22.61 -32.74 23.86
C SER H 257 22.46 -32.21 25.32
N SER H 258 21.95 -33.07 26.20
CA SER H 258 21.60 -32.59 27.53
C SER H 258 22.78 -32.20 28.40
N ASN H 259 22.91 -30.87 28.51
CA ASN H 259 23.87 -30.26 29.40
C ASN H 259 25.21 -30.12 28.73
N GLY H 260 25.31 -30.65 27.53
CA GLY H 260 26.57 -30.52 26.81
C GLY H 260 26.66 -29.32 25.88
N ALA H 261 26.13 -28.19 26.30
CA ALA H 261 26.05 -27.00 25.42
C ALA H 261 27.10 -25.95 25.70
N TYR H 262 28.11 -26.35 26.46
CA TYR H 262 29.31 -25.56 26.58
C TYR H 262 30.35 -26.67 26.64
N GLY H 263 31.36 -26.52 27.45
CA GLY H 263 32.41 -27.55 27.62
C GLY H 263 33.80 -27.15 28.14
N VAL H 264 34.78 -28.04 28.00
CA VAL H 264 36.11 -27.77 28.52
C VAL H 264 37.12 -28.58 27.73
N LYS H 265 38.26 -28.00 27.37
CA LYS H 265 39.28 -28.77 26.68
C LYS H 265 39.56 -30.05 27.47
N GLY H 266 39.55 -31.20 26.81
CA GLY H 266 39.90 -32.43 27.50
C GLY H 266 40.56 -33.38 26.54
N PHE H 267 40.84 -34.62 26.97
CA PHE H 267 41.38 -35.62 26.09
C PHE H 267 40.80 -37.00 26.34
N SER H 268 41.36 -37.99 25.64
CA SER H 268 41.02 -39.42 25.82
C SER H 268 41.96 -40.27 25.02
N PHE H 269 42.32 -41.41 25.52
CA PHE H 269 43.18 -42.27 24.78
C PHE H 269 42.49 -43.55 24.37
N LYS H 270 42.29 -43.73 23.07
CA LYS H 270 41.63 -44.90 22.57
C LYS H 270 42.55 -46.09 22.45
N TYR H 271 42.14 -47.20 23.04
CA TYR H 271 42.83 -48.47 23.00
C TYR H 271 41.85 -49.57 22.58
N GLY H 272 41.87 -49.93 21.30
CA GLY H 272 40.91 -50.95 20.78
C GLY H 272 39.54 -50.33 20.83
N ASN H 273 38.67 -50.93 21.65
CA ASN H 273 37.29 -50.41 21.82
C ASN H 273 37.20 -49.72 23.13
N GLY H 274 38.21 -49.91 23.96
CA GLY H 274 38.25 -49.22 25.25
C GLY H 274 38.68 -47.75 25.20
N VAL H 275 38.58 -47.03 26.32
CA VAL H 275 39.00 -45.66 26.36
C VAL H 275 39.48 -45.26 27.69
N TRP H 276 40.48 -44.42 27.73
CA TRP H 276 40.90 -43.88 28.99
C TRP H 276 40.37 -42.47 28.94
N ILE H 277 39.35 -42.18 29.73
CA ILE H 277 38.74 -40.87 29.67
C ILE H 277 39.21 -40.06 30.84
N GLY H 278 39.53 -38.81 30.59
CA GLY H 278 39.95 -37.98 31.66
C GLY H 278 38.90 -36.89 31.70
N ARG H 279 38.46 -36.57 32.92
CA ARG H 279 37.43 -35.58 33.08
C ARG H 279 37.38 -34.97 34.47
N THR H 280 36.55 -33.93 34.61
CA THR H 280 36.37 -33.24 35.88
C THR H 280 35.60 -34.22 36.68
N LYS H 281 35.59 -34.09 38.01
CA LYS H 281 34.81 -34.95 38.89
C LYS H 281 33.39 -34.38 39.02
N SER H 282 33.27 -33.05 38.98
CA SER H 282 32.02 -32.36 39.00
C SER H 282 31.45 -32.40 37.61
N THR H 283 30.13 -32.26 37.54
CA THR H 283 29.48 -32.23 36.22
C THR H 283 29.05 -30.82 35.82
N ASN H 284 29.15 -29.85 36.73
CA ASN H 284 28.83 -28.45 36.44
C ASN H 284 30.06 -27.56 36.47
N SER H 285 31.00 -27.89 37.38
CA SER H 285 32.24 -27.11 37.55
C SER H 285 33.49 -27.75 37.08
N ARG H 286 34.43 -26.89 36.73
CA ARG H 286 35.71 -27.40 36.36
C ARG H 286 36.49 -27.83 37.64
N SER H 287 35.91 -28.68 38.47
CA SER H 287 36.55 -29.09 39.73
C SER H 287 36.82 -30.59 39.75
N GLY H 288 37.89 -30.98 40.44
CA GLY H 288 38.31 -32.38 40.47
C GLY H 288 38.72 -32.90 39.12
N PHE H 289 39.32 -34.08 39.14
CA PHE H 289 39.77 -34.67 37.89
C PHE H 289 39.98 -36.13 38.14
N GLU H 290 39.65 -36.97 37.16
CA GLU H 290 39.86 -38.36 37.33
C GLU H 290 40.12 -38.95 35.97
N MET H 291 40.68 -40.13 36.05
CA MET H 291 41.00 -40.91 34.92
C MET H 291 40.15 -42.20 34.98
N ILE H 292 39.41 -42.50 33.91
CA ILE H 292 38.55 -43.69 33.90
C ILE H 292 38.82 -44.56 32.73
N TRP H 293 38.98 -45.82 33.01
CA TRP H 293 39.16 -46.79 31.97
C TRP H 293 37.89 -47.58 31.71
N ASP H 294 37.20 -47.37 30.59
CA ASP H 294 35.95 -48.04 30.24
C ASP H 294 36.34 -48.84 29.04
N PRO H 295 36.74 -50.11 29.26
CA PRO H 295 37.13 -51.01 28.15
C PRO H 295 35.92 -51.09 27.26
N ASN H 296 36.07 -51.28 25.96
CA ASN H 296 34.79 -51.30 25.19
C ASN H 296 33.80 -50.16 25.60
N GLY H 297 34.32 -48.92 25.56
CA GLY H 297 33.58 -47.73 25.88
C GLY H 297 33.76 -46.66 24.79
N TRP H 298 34.54 -46.98 23.75
CA TRP H 298 34.70 -46.05 22.64
C TRP H 298 33.58 -46.29 21.66
N THR H 299 33.20 -47.54 21.45
CA THR H 299 32.10 -47.84 20.56
C THR H 299 30.79 -48.21 21.26
N GLU H 300 30.82 -48.58 22.53
CA GLU H 300 29.63 -49.03 23.25
C GLU H 300 29.04 -48.01 24.24
N THR H 301 27.74 -47.96 24.34
CA THR H 301 27.16 -47.04 25.31
C THR H 301 26.91 -47.71 26.64
N ASP H 302 27.48 -47.19 27.71
CA ASP H 302 27.43 -47.84 29.04
C ASP H 302 27.49 -46.74 30.06
N SER H 303 27.84 -47.10 31.28
CA SER H 303 27.96 -46.18 32.39
C SER H 303 29.00 -46.89 33.19
N SER H 304 29.30 -48.13 32.77
CA SER H 304 30.19 -48.92 33.54
C SER H 304 31.55 -49.04 32.86
N PHE H 305 32.54 -49.11 33.75
CA PHE H 305 33.94 -49.07 33.45
C PHE H 305 34.63 -49.90 34.53
N SER H 306 35.91 -50.26 34.39
CA SER H 306 36.56 -51.02 35.47
C SER H 306 37.53 -50.26 36.36
N VAL H 307 38.11 -49.17 35.88
CA VAL H 307 39.05 -48.45 36.73
C VAL H 307 38.87 -46.98 36.69
N LYS H 308 38.83 -46.39 37.91
CA LYS H 308 38.81 -44.93 38.16
C LYS H 308 40.01 -44.59 39.00
N GLN H 309 40.87 -43.70 38.52
CA GLN H 309 41.99 -43.25 39.36
C GLN H 309 41.75 -41.76 39.63
N ASP H 310 41.61 -41.44 40.92
CA ASP H 310 41.46 -40.06 41.39
C ASP H 310 42.76 -39.29 41.14
N ILE H 311 42.65 -38.11 40.52
CA ILE H 311 43.78 -37.25 40.27
C ILE H 311 43.63 -35.95 41.00
N VAL H 312 42.46 -35.35 40.90
CA VAL H 312 42.18 -34.19 41.74
C VAL H 312 40.84 -34.28 42.49
N ALA H 313 40.81 -34.02 43.79
CA ALA H 313 39.52 -34.09 44.51
C ALA H 313 38.43 -33.20 43.95
N ILE H 314 37.15 -33.53 44.22
CA ILE H 314 35.96 -32.77 43.75
C ILE H 314 35.98 -31.40 44.44
N THR H 315 36.59 -31.36 45.63
CA THR H 315 36.68 -30.16 46.39
C THR H 315 37.75 -29.18 45.87
N ASP H 316 38.56 -29.55 44.88
CA ASP H 316 39.60 -28.64 44.40
C ASP H 316 39.45 -28.31 42.92
N TRP H 317 39.89 -27.13 42.51
CA TRP H 317 39.69 -26.73 41.14
C TRP H 317 40.71 -27.34 40.17
N SER H 318 40.19 -27.65 39.00
CA SER H 318 40.89 -28.24 37.92
C SER H 318 40.63 -27.34 36.72
N GLY H 319 40.47 -27.87 35.51
CA GLY H 319 40.33 -26.95 34.39
C GLY H 319 40.63 -27.64 33.11
N TYR H 320 41.36 -27.01 32.23
CA TYR H 320 41.67 -27.68 30.99
C TYR H 320 42.60 -28.82 31.18
N SER H 321 42.55 -29.74 30.24
CA SER H 321 43.38 -30.94 30.31
C SER H 321 43.71 -31.39 28.92
N GLY H 322 44.93 -31.89 28.72
CA GLY H 322 45.36 -32.21 27.38
C GLY H 322 46.23 -33.44 27.35
N SER H 323 46.24 -34.04 26.18
CA SER H 323 47.11 -35.18 26.03
C SER H 323 48.50 -34.77 25.55
N PHE H 324 49.53 -35.50 25.97
CA PHE H 324 50.85 -35.35 25.34
C PHE H 324 51.59 -36.67 25.31
N VAL H 325 52.46 -36.83 24.32
CA VAL H 325 53.12 -38.10 24.13
C VAL H 325 54.62 -38.07 24.45
N GLN H 326 55.15 -39.25 24.79
CA GLN H 326 56.57 -39.49 24.87
C GLN H 326 56.85 -40.55 23.83
N HIS H 327 57.41 -40.09 22.70
CA HIS H 327 57.82 -40.98 21.64
C HIS H 327 58.96 -41.88 21.97
N PRO H 328 59.03 -43.03 21.30
CA PRO H 328 60.10 -43.96 21.56
C PRO H 328 61.48 -43.39 21.21
N GLU H 329 61.52 -42.27 20.53
CA GLU H 329 62.84 -41.69 20.23
C GLU H 329 63.40 -40.95 21.46
N LEU H 330 62.68 -40.97 22.57
CA LEU H 330 63.00 -40.22 23.76
C LEU H 330 63.18 -41.09 24.98
N THR H 331 62.31 -42.09 25.05
CA THR H 331 62.21 -43.05 26.12
C THR H 331 63.05 -44.25 25.94
N GLY H 332 63.24 -44.65 24.69
CA GLY H 332 63.97 -45.88 24.38
C GLY H 332 63.05 -47.06 24.47
N LEU H 333 61.75 -46.74 24.56
CA LEU H 333 60.64 -47.67 24.74
C LEU H 333 60.29 -48.08 23.29
N ASP H 334 59.63 -49.21 23.08
CA ASP H 334 59.23 -49.68 21.75
C ASP H 334 57.85 -49.27 21.34
N CYS H 335 57.23 -48.38 22.14
CA CYS H 335 55.86 -47.86 21.89
C CYS H 335 55.78 -46.38 22.28
N ILE H 336 54.69 -45.72 21.95
CA ILE H 336 54.46 -44.35 22.28
C ILE H 336 53.78 -44.21 23.64
N ARG H 337 54.38 -43.47 24.56
CA ARG H 337 53.91 -43.24 25.96
C ARG H 337 52.76 -42.26 26.12
N PRO H 338 51.62 -42.72 26.57
CA PRO H 338 50.55 -41.71 26.69
C PRO H 338 50.70 -41.03 28.04
N CYS H 339 50.66 -39.71 27.99
CA CYS H 339 50.73 -38.92 29.20
C CYS H 339 49.67 -37.84 29.06
N PHE H 340 49.43 -37.15 30.15
CA PHE H 340 48.49 -36.03 30.10
C PHE H 340 48.81 -35.02 31.20
N TRP H 341 48.31 -33.82 31.01
CA TRP H 341 48.48 -32.68 31.91
C TRP H 341 47.15 -32.03 32.27
N VAL H 342 47.08 -31.52 33.48
CA VAL H 342 45.81 -30.95 33.89
C VAL H 342 46.06 -29.53 34.31
N GLU H 343 45.25 -28.61 33.84
CA GLU H 343 45.37 -27.23 34.21
C GLU H 343 44.60 -26.99 35.51
N LEU H 344 45.24 -26.46 36.52
CA LEU H 344 44.58 -26.17 37.71
C LEU H 344 44.27 -24.71 37.79
N ILE H 345 43.07 -24.33 37.36
CA ILE H 345 42.65 -22.94 37.37
C ILE H 345 42.22 -22.28 38.70
N ARG H 346 42.78 -21.12 39.02
CA ARG H 346 42.45 -20.39 40.23
C ARG H 346 42.04 -18.98 39.86
N GLY H 347 41.17 -18.40 40.65
CA GLY H 347 40.76 -17.06 40.38
C GLY H 347 39.37 -16.95 39.77
N ARG H 348 39.18 -15.94 38.96
CA ARG H 348 37.92 -15.78 38.29
C ARG H 348 37.68 -16.91 37.26
N PRO H 349 36.40 -17.22 36.96
CA PRO H 349 35.19 -16.60 37.58
C PRO H 349 34.72 -17.26 38.88
N LYS H 350 35.35 -18.35 39.30
CA LYS H 350 34.88 -19.06 40.51
C LYS H 350 35.42 -18.56 41.86
N GLU H 351 36.42 -17.69 41.83
CA GLU H 351 36.99 -17.17 43.07
C GLU H 351 37.06 -15.64 43.06
N SER H 352 36.67 -15.02 44.29
CA SER H 352 36.65 -13.56 44.39
C SER H 352 38.05 -12.89 44.22
N THR H 353 38.58 -13.01 43.00
CA THR H 353 39.91 -12.44 42.69
C THR H 353 39.77 -11.55 41.50
N ILE H 354 40.77 -10.73 41.23
CA ILE H 354 40.66 -9.89 40.01
C ILE H 354 41.29 -10.63 38.80
N TRP H 355 41.96 -11.75 39.09
CA TRP H 355 42.78 -12.44 38.12
C TRP H 355 42.39 -13.92 37.91
N THR H 356 42.97 -14.51 36.88
CA THR H 356 42.73 -15.93 36.52
C THR H 356 44.07 -16.46 35.99
N SER H 357 44.51 -17.61 36.49
CA SER H 357 45.75 -18.23 36.01
C SER H 357 45.67 -19.66 36.45
N GLY H 358 46.50 -20.55 35.91
CA GLY H 358 46.54 -21.90 36.45
C GLY H 358 47.86 -22.61 36.63
N SER H 359 47.90 -23.51 37.57
CA SER H 359 49.03 -24.38 37.75
C SER H 359 48.86 -25.54 36.81
N SER H 360 49.67 -26.57 36.97
CA SER H 360 49.63 -27.69 36.09
C SER H 360 50.28 -28.86 36.81
N ILE H 361 49.80 -30.05 36.42
CA ILE H 361 50.26 -31.32 36.89
C ILE H 361 50.26 -32.17 35.65
N SER H 362 51.08 -33.21 35.67
CA SER H 362 51.07 -34.14 34.58
C SER H 362 51.33 -35.52 35.07
N PHE H 363 50.82 -36.50 34.30
CA PHE H 363 50.99 -37.92 34.61
C PHE H 363 51.33 -38.61 33.35
N CYS H 364 51.89 -39.79 33.54
CA CYS H 364 52.21 -40.65 32.40
C CYS H 364 51.74 -42.11 32.47
N GLY H 365 51.64 -42.76 31.30
CA GLY H 365 51.23 -44.14 31.13
C GLY H 365 51.58 -45.09 32.23
N VAL H 366 52.63 -45.87 32.02
CA VAL H 366 53.01 -46.80 33.09
C VAL H 366 52.36 -48.16 33.25
N ASN H 367 53.22 -49.17 33.22
CA ASN H 367 52.87 -50.59 33.36
C ASN H 367 52.69 -50.90 34.80
N SER H 368 53.66 -50.52 35.65
CA SER H 368 53.60 -50.79 37.09
C SER H 368 52.38 -50.12 37.66
N ASP H 369 52.25 -50.10 39.00
CA ASP H 369 50.96 -49.61 39.41
C ASP H 369 51.11 -48.26 40.04
N THR H 370 49.96 -47.59 40.19
CA THR H 370 49.99 -46.33 40.84
C THR H 370 49.07 -46.27 42.01
N VAL H 371 48.58 -45.06 42.23
CA VAL H 371 47.71 -44.73 43.37
C VAL H 371 46.95 -43.48 43.06
N GLY H 372 45.69 -43.45 43.46
CA GLY H 372 44.84 -42.30 43.21
C GLY H 372 45.13 -41.41 44.36
N TRP H 373 44.74 -40.14 44.21
CA TRP H 373 44.99 -39.09 45.18
C TRP H 373 44.49 -37.77 44.70
N SER H 374 44.91 -36.69 45.36
CA SER H 374 44.56 -35.36 44.95
C SER H 374 45.87 -34.53 44.95
N TRP H 375 46.18 -33.86 43.83
CA TRP H 375 47.38 -33.09 43.65
C TRP H 375 46.82 -31.75 43.23
N PRO H 376 46.11 -31.07 44.14
CA PRO H 376 45.55 -29.73 43.90
C PRO H 376 46.59 -28.59 43.71
N ASP H 377 46.14 -27.43 43.22
CA ASP H 377 46.98 -26.26 43.08
C ASP H 377 47.63 -25.92 44.43
N GLY H 378 46.81 -25.69 45.42
CA GLY H 378 47.28 -25.47 46.73
C GLY H 378 47.59 -24.04 47.08
N ALA H 379 47.19 -23.07 46.30
CA ALA H 379 47.40 -21.68 46.73
C ALA H 379 46.23 -21.11 47.52
N GLU H 380 46.56 -20.16 48.38
CA GLU H 380 45.57 -19.61 49.29
C GLU H 380 45.08 -18.31 48.67
N LEU H 381 43.85 -18.26 48.21
CA LEU H 381 43.33 -17.04 47.66
C LEU H 381 42.44 -16.39 48.71
N PRO H 382 42.18 -15.07 48.58
CA PRO H 382 42.73 -14.12 47.57
C PRO H 382 44.18 -13.78 47.82
N PHE H 383 44.86 -13.26 46.79
CA PHE H 383 46.24 -12.74 46.91
C PHE H 383 46.28 -11.29 47.33
N THR H 384 47.49 -10.69 47.46
CA THR H 384 47.63 -9.24 47.81
C THR H 384 46.85 -8.39 46.80
N ILE H 385 46.22 -9.09 45.85
CA ILE H 385 45.39 -8.54 44.81
C ILE H 385 46.33 -7.84 43.81
C1 G39 I . -57.72 6.57 -6.32
O1A G39 I . -57.60 6.15 -5.12
O1B G39 I . -58.64 7.38 -6.63
C2 G39 I . -56.77 6.10 -7.35
C3 G39 I . -57.14 5.98 -8.86
C4 G39 I . -55.94 6.24 -9.80
C5 G39 I . -54.74 5.34 -9.40
N5 G39 I . -53.64 5.48 -10.36
C10 G39 I . -52.88 4.46 -10.71
O10 G39 I . -53.27 3.31 -10.76
C11 G39 I . -51.48 4.78 -11.05
C6 G39 I . -54.33 5.72 -7.95
C7 G39 I . -55.52 5.75 -6.97
O7 G39 I . -53.29 4.88 -7.39
C8 G39 I . -52.12 5.63 -7.09
C9 G39 I . -52.40 6.44 -5.84
C81 G39 I . -50.96 4.63 -6.91
C82 G39 I . -51.01 3.37 -7.76
C91 G39 I . -52.70 5.52 -4.67
N4 G39 I . -56.24 6.14 -11.24
#